data_7YWQ
#
_entry.id   7YWQ
#
_entity_poly.entity_id   1
_entity_poly.type   'polypeptide(L)'
_entity_poly.pdbx_seq_one_letter_code
;VSKETATKTRQPRVQMPNGLVLMRMMGILWHAVAGTARNPVLKAFWNSVPLKQATAALRKIKRTVSALMVGLQKRGKRR
;
_entity_poly.pdbx_strand_id   A,B
#
# COMPACT_ATOMS: atom_id res chain seq x y z
N VAL A 1 1.15 -4.20 -18.96
CA VAL A 1 2.02 -3.06 -19.23
C VAL A 1 2.04 -2.12 -18.03
N SER A 2 3.05 -2.28 -17.18
CA SER A 2 3.20 -1.44 -15.99
C SER A 2 3.31 0.03 -16.36
N LYS A 3 3.94 0.30 -17.49
CA LYS A 3 4.13 1.67 -17.97
C LYS A 3 2.78 2.32 -18.27
N GLU A 4 1.81 1.52 -18.68
CA GLU A 4 0.47 2.01 -19.00
C GLU A 4 -0.33 2.28 -17.74
N THR A 5 -0.21 1.36 -16.78
CA THR A 5 -0.94 1.49 -15.52
C THR A 5 -0.36 2.60 -14.65
N ALA A 6 0.95 2.80 -14.77
CA ALA A 6 1.66 3.81 -13.99
C ALA A 6 1.06 5.21 -14.16
N THR A 7 0.81 5.60 -15.41
CA THR A 7 0.25 6.92 -15.71
C THR A 7 -1.25 7.00 -15.42
N LYS A 8 -1.83 5.88 -14.97
CA LYS A 8 -3.25 5.85 -14.67
C LYS A 8 -3.48 5.99 -13.16
N THR A 9 -2.44 5.74 -12.38
CA THR A 9 -2.52 5.83 -10.94
C THR A 9 -2.68 7.27 -10.49
N ARG A 10 -3.72 7.54 -9.69
CA ARG A 10 -3.99 8.88 -9.16
C ARG A 10 -4.32 9.86 -10.30
N GLN A 11 -4.86 9.31 -11.37
CA GLN A 11 -5.22 10.11 -12.53
C GLN A 11 -6.74 10.17 -12.66
N PRO A 12 -7.28 11.35 -13.02
CA PRO A 12 -8.72 11.54 -13.19
C PRO A 12 -9.34 10.52 -14.13
N ARG A 13 -10.65 10.27 -13.97
CA ARG A 13 -11.37 9.30 -14.78
C ARG A 13 -10.74 7.92 -14.62
N VAL A 14 -10.40 7.58 -13.38
CA VAL A 14 -9.80 6.30 -13.08
C VAL A 14 -10.85 5.19 -12.96
N GLN A 15 -11.68 5.07 -14.00
CA GLN A 15 -12.71 4.05 -14.03
C GLN A 15 -12.13 2.74 -14.55
N MET A 16 -11.29 2.13 -13.73
CA MET A 16 -10.63 0.87 -14.07
C MET A 16 -11.49 -0.31 -13.64
N PRO A 17 -11.16 -1.53 -14.13
CA PRO A 17 -11.88 -2.75 -13.76
C PRO A 17 -11.93 -2.94 -12.25
N ASN A 18 -12.84 -3.79 -11.79
CA ASN A 18 -13.02 -4.06 -10.36
C ASN A 18 -11.71 -4.33 -9.63
N GLY A 19 -11.01 -5.38 -10.05
CA GLY A 19 -9.75 -5.74 -9.41
C GLY A 19 -8.66 -4.69 -9.57
N LEU A 20 -8.74 -3.90 -10.63
CA LEU A 20 -7.74 -2.87 -10.89
C LEU A 20 -8.00 -1.62 -10.03
N VAL A 21 -9.25 -1.19 -9.98
CA VAL A 21 -9.60 -0.01 -9.20
C VAL A 21 -9.39 -0.23 -7.70
N LEU A 22 -9.62 -1.46 -7.25
CA LEU A 22 -9.44 -1.82 -5.85
C LEU A 22 -7.97 -1.71 -5.46
N MET A 23 -7.09 -2.07 -6.40
CA MET A 23 -5.65 -1.99 -6.17
C MET A 23 -5.22 -0.54 -5.97
N ARG A 24 -5.87 0.35 -6.70
CA ARG A 24 -5.58 1.77 -6.61
C ARG A 24 -6.12 2.34 -5.31
N MET A 25 -7.29 1.87 -4.92
CA MET A 25 -7.93 2.31 -3.68
C MET A 25 -7.11 1.84 -2.48
N MET A 26 -6.46 0.70 -2.63
CA MET A 26 -5.64 0.14 -1.56
C MET A 26 -4.22 0.72 -1.61
N GLY A 27 -4.06 1.83 -2.29
CA GLY A 27 -2.77 2.46 -2.39
C GLY A 27 -2.83 3.95 -2.13
N ILE A 28 -3.68 4.64 -2.89
CA ILE A 28 -3.83 6.09 -2.76
C ILE A 28 -4.46 6.47 -1.43
N LEU A 29 -5.40 5.63 -0.97
CA LEU A 29 -6.09 5.88 0.30
C LEU A 29 -5.10 5.90 1.46
N TRP A 30 -4.04 5.11 1.33
CA TRP A 30 -3.01 5.04 2.35
C TRP A 30 -2.15 6.30 2.32
N HIS A 31 -1.84 6.76 1.11
CA HIS A 31 -1.03 7.95 0.93
C HIS A 31 -1.80 9.20 1.37
N ALA A 32 -3.12 9.17 1.20
CA ALA A 32 -3.96 10.28 1.58
C ALA A 32 -3.88 10.55 3.09
N VAL A 33 -3.57 9.50 3.84
CA VAL A 33 -3.45 9.61 5.30
C VAL A 33 -2.00 9.92 5.67
N ALA A 34 -1.07 9.33 4.92
CA ALA A 34 0.36 9.52 5.18
C ALA A 34 0.96 10.51 4.20
N GLY A 35 0.20 11.55 3.87
CA GLY A 35 0.68 12.55 2.95
C GLY A 35 -0.43 13.38 2.36
N THR A 36 -0.81 13.07 1.13
CA THR A 36 -1.86 13.81 0.45
C THR A 36 -2.42 12.98 -0.72
N ALA A 37 -3.03 13.66 -1.70
CA ALA A 37 -3.62 13.02 -2.89
C ALA A 37 -5.01 12.47 -2.61
N ARG A 38 -6.01 13.33 -2.74
CA ARG A 38 -7.39 12.95 -2.50
C ARG A 38 -8.29 13.38 -3.66
N ASN A 39 -8.47 12.49 -4.62
CA ASN A 39 -9.30 12.79 -5.78
C ASN A 39 -10.76 12.42 -5.52
N PRO A 40 -11.70 13.28 -5.96
CA PRO A 40 -13.15 13.07 -5.77
C PRO A 40 -13.62 11.72 -6.33
N VAL A 41 -13.00 11.28 -7.41
CA VAL A 41 -13.34 10.00 -8.05
C VAL A 41 -13.15 8.85 -7.06
N LEU A 42 -12.04 8.89 -6.33
CA LEU A 42 -11.74 7.84 -5.36
C LEU A 42 -12.61 8.00 -4.12
N LYS A 43 -12.87 9.25 -3.75
CA LYS A 43 -13.70 9.55 -2.58
C LYS A 43 -15.11 9.00 -2.78
N ALA A 44 -15.64 9.19 -3.98
CA ALA A 44 -16.98 8.72 -4.31
C ALA A 44 -17.02 7.20 -4.33
N PHE A 45 -16.00 6.59 -4.92
CA PHE A 45 -15.91 5.13 -5.00
C PHE A 45 -15.80 4.53 -3.61
N TRP A 46 -15.04 5.18 -2.73
CA TRP A 46 -14.85 4.72 -1.36
C TRP A 46 -16.12 4.91 -0.54
N ASN A 47 -16.88 5.95 -0.88
CA ASN A 47 -18.13 6.24 -0.19
C ASN A 47 -19.14 5.13 -0.43
N SER A 48 -19.18 4.65 -1.66
CA SER A 48 -20.11 3.58 -2.03
C SER A 48 -19.42 2.21 -2.00
N VAL A 49 -18.24 2.15 -1.41
CA VAL A 49 -17.49 0.90 -1.33
C VAL A 49 -18.11 -0.02 -0.27
N PRO A 50 -18.19 -1.33 -0.56
CA PRO A 50 -18.74 -2.31 0.39
C PRO A 50 -17.88 -2.43 1.64
N LEU A 51 -18.43 -3.00 2.69
CA LEU A 51 -17.71 -3.15 3.94
C LEU A 51 -17.26 -4.58 4.19
N LYS A 52 -18.21 -5.48 4.38
CA LYS A 52 -17.92 -6.88 4.65
C LYS A 52 -17.26 -7.55 3.45
N GLN A 53 -17.72 -7.19 2.25
CA GLN A 53 -17.20 -7.77 1.02
C GLN A 53 -15.80 -7.23 0.70
N ALA A 54 -15.49 -6.06 1.23
CA ALA A 54 -14.20 -5.43 1.00
C ALA A 54 -13.07 -6.20 1.68
N THR A 55 -13.24 -6.48 2.96
CA THR A 55 -12.24 -7.21 3.72
C THR A 55 -11.84 -8.53 3.04
N ALA A 56 -12.83 -9.24 2.53
CA ALA A 56 -12.60 -10.51 1.85
C ALA A 56 -11.75 -10.33 0.60
N ALA A 57 -12.14 -9.39 -0.24
CA ALA A 57 -11.42 -9.12 -1.48
C ALA A 57 -10.01 -8.62 -1.20
N LEU A 58 -9.87 -7.74 -0.22
CA LEU A 58 -8.58 -7.19 0.15
C LEU A 58 -7.64 -8.26 0.68
N ARG A 59 -8.17 -9.12 1.55
CA ARG A 59 -7.37 -10.21 2.13
C ARG A 59 -6.87 -11.15 1.02
N LYS A 60 -7.70 -11.32 0.00
CA LYS A 60 -7.36 -12.18 -1.13
C LYS A 60 -6.11 -11.68 -1.85
N ILE A 61 -6.05 -10.36 -2.05
CA ILE A 61 -4.90 -9.75 -2.71
C ILE A 61 -3.71 -9.68 -1.77
N LYS A 62 -3.98 -9.47 -0.48
CA LYS A 62 -2.94 -9.38 0.53
C LYS A 62 -2.10 -10.66 0.57
N ARG A 63 -2.75 -11.77 0.26
CA ARG A 63 -2.08 -13.07 0.22
C ARG A 63 -1.12 -13.14 -0.96
N THR A 64 -1.60 -12.73 -2.13
CA THR A 64 -0.81 -12.77 -3.36
C THR A 64 0.50 -11.98 -3.24
N VAL A 65 0.39 -10.72 -2.79
CA VAL A 65 1.57 -9.87 -2.64
C VAL A 65 2.59 -10.46 -1.67
N SER A 66 2.09 -11.10 -0.63
CA SER A 66 2.98 -11.71 0.36
C SER A 66 3.58 -13.01 -0.17
N ALA A 67 2.80 -13.75 -0.96
CA ALA A 67 3.24 -15.00 -1.55
C ALA A 67 4.36 -14.74 -2.56
N LEU A 68 4.30 -13.58 -3.21
CA LEU A 68 5.30 -13.20 -4.19
C LEU A 68 6.67 -13.03 -3.50
N MET A 69 6.65 -12.42 -2.32
CA MET A 69 7.87 -12.18 -1.56
C MET A 69 8.52 -13.51 -1.18
N VAL A 70 7.70 -14.47 -0.78
CA VAL A 70 8.20 -15.78 -0.39
C VAL A 70 8.67 -16.56 -1.62
N GLY A 71 7.97 -16.35 -2.73
CA GLY A 71 8.32 -17.02 -3.96
C GLY A 71 9.68 -16.59 -4.48
N LEU A 72 10.00 -15.31 -4.29
CA LEU A 72 11.29 -14.77 -4.72
C LEU A 72 12.41 -15.36 -3.90
N GLN A 73 12.11 -15.69 -2.64
CA GLN A 73 13.10 -16.26 -1.73
C GLN A 73 13.60 -17.60 -2.23
N LYS A 74 12.74 -18.32 -2.95
CA LYS A 74 13.09 -19.63 -3.50
C LYS A 74 14.00 -19.51 -4.71
N ARG A 75 14.17 -18.29 -5.19
CA ARG A 75 15.01 -18.04 -6.35
C ARG A 75 16.11 -17.03 -6.03
N GLY A 76 16.31 -16.77 -4.75
CA GLY A 76 17.32 -15.82 -4.33
C GLY A 76 18.72 -16.37 -4.50
N LYS A 77 18.85 -17.68 -4.34
CA LYS A 77 20.14 -18.36 -4.48
C LYS A 77 20.15 -19.17 -5.77
N ARG A 78 20.75 -18.62 -6.80
CA ARG A 78 20.83 -19.29 -8.09
C ARG A 78 22.16 -20.01 -8.25
N ARG A 79 22.07 -21.34 -8.38
CA ARG A 79 23.25 -22.19 -8.55
C ARG A 79 24.29 -21.97 -7.45
N VAL B 1 3.84 10.85 16.65
CA VAL B 1 3.05 11.95 16.10
C VAL B 1 2.61 11.62 14.67
N SER B 2 1.30 11.48 14.47
CA SER B 2 0.76 11.17 13.16
C SER B 2 1.17 12.21 12.13
N LYS B 3 1.21 13.48 12.57
CA LYS B 3 1.61 14.57 11.70
C LYS B 3 3.04 14.38 11.23
N GLU B 4 3.86 13.80 12.09
CA GLU B 4 5.26 13.54 11.76
C GLU B 4 5.37 12.35 10.82
N THR B 5 4.63 11.29 11.12
CA THR B 5 4.66 10.08 10.30
C THR B 5 4.25 10.40 8.86
N ALA B 6 3.27 11.29 8.72
CA ALA B 6 2.79 11.70 7.40
C ALA B 6 3.86 12.46 6.62
N THR B 7 4.71 13.19 7.34
CA THR B 7 5.78 13.96 6.71
C THR B 7 6.98 13.08 6.42
N LYS B 8 7.23 12.10 7.28
CA LYS B 8 8.36 11.20 7.12
C LYS B 8 8.12 10.21 5.99
N THR B 9 6.85 9.98 5.66
CA THR B 9 6.50 9.07 4.59
C THR B 9 6.90 9.72 3.26
N ARG B 10 7.75 9.01 2.50
CA ARG B 10 8.23 9.48 1.20
C ARG B 10 9.15 10.70 1.37
N GLN B 11 10.04 10.61 2.36
CA GLN B 11 10.98 11.68 2.64
C GLN B 11 12.40 11.12 2.66
N PRO B 12 13.38 11.85 2.11
CA PRO B 12 14.79 11.43 2.07
C PRO B 12 15.30 11.06 3.46
N ARG B 13 16.19 10.08 3.52
CA ARG B 13 16.78 9.61 4.77
C ARG B 13 15.69 9.03 5.67
N VAL B 14 14.98 8.04 5.16
CA VAL B 14 13.91 7.39 5.90
C VAL B 14 14.48 6.31 6.83
N GLN B 15 15.68 6.55 7.32
CA GLN B 15 16.36 5.62 8.22
C GLN B 15 15.74 5.69 9.62
N MET B 16 14.77 4.82 9.85
CA MET B 16 14.08 4.75 11.13
C MET B 16 14.00 3.30 11.58
N PRO B 17 13.53 3.03 12.82
CA PRO B 17 13.41 1.66 13.36
C PRO B 17 12.84 0.66 12.35
N ASN B 18 13.37 -0.56 12.38
CA ASN B 18 12.94 -1.63 11.46
C ASN B 18 11.43 -1.81 11.43
N GLY B 19 10.81 -1.76 12.59
CA GLY B 19 9.37 -1.93 12.67
C GLY B 19 8.60 -0.79 12.04
N LEU B 20 9.27 0.32 11.81
CA LEU B 20 8.64 1.50 11.22
C LEU B 20 8.92 1.54 9.72
N VAL B 21 10.17 1.31 9.34
CA VAL B 21 10.56 1.34 7.93
C VAL B 21 9.85 0.24 7.13
N LEU B 22 9.67 -0.92 7.74
CA LEU B 22 9.01 -2.05 7.08
C LEU B 22 7.51 -1.81 6.97
N MET B 23 7.05 -0.73 7.56
CA MET B 23 5.64 -0.38 7.53
C MET B 23 5.40 0.70 6.47
N ARG B 24 6.47 1.09 5.78
CA ARG B 24 6.37 2.09 4.73
C ARG B 24 6.97 1.59 3.42
N MET B 25 7.90 0.65 3.53
CA MET B 25 8.59 0.09 2.38
C MET B 25 7.63 -0.43 1.31
N MET B 26 6.66 -1.25 1.71
CA MET B 26 5.69 -1.80 0.77
C MET B 26 4.76 -0.70 0.27
N GLY B 27 4.51 0.29 1.11
CA GLY B 27 3.64 1.39 0.72
C GLY B 27 4.24 2.19 -0.42
N ILE B 28 5.55 2.44 -0.32
CA ILE B 28 6.25 3.18 -1.36
C ILE B 28 6.32 2.34 -2.63
N LEU B 29 6.63 1.06 -2.45
CA LEU B 29 6.74 0.12 -3.58
C LEU B 29 5.42 0.03 -4.34
N TRP B 30 4.31 0.15 -3.59
CA TRP B 30 2.97 0.08 -4.17
C TRP B 30 2.80 1.13 -5.27
N HIS B 31 3.34 2.32 -5.05
CA HIS B 31 3.26 3.39 -6.02
C HIS B 31 4.48 3.41 -6.93
N ALA B 32 5.59 2.88 -6.43
CA ALA B 32 6.83 2.83 -7.19
C ALA B 32 6.70 1.94 -8.42
N VAL B 33 6.01 0.82 -8.27
CA VAL B 33 5.82 -0.11 -9.38
C VAL B 33 4.92 0.48 -10.45
N ALA B 34 3.83 1.10 -10.03
CA ALA B 34 2.88 1.70 -10.97
C ALA B 34 2.60 3.14 -10.59
N GLY B 35 3.55 4.02 -10.89
CA GLY B 35 3.37 5.42 -10.58
C GLY B 35 4.67 6.21 -10.70
N THR B 36 5.37 6.36 -9.58
CA THR B 36 6.62 7.11 -9.55
C THR B 36 7.33 6.91 -8.20
N ALA B 37 8.29 7.79 -7.89
CA ALA B 37 9.05 7.76 -6.64
C ALA B 37 10.13 6.67 -6.62
N ARG B 38 11.39 7.12 -6.68
CA ARG B 38 12.53 6.22 -6.65
C ARG B 38 13.76 6.94 -6.10
N ASN B 39 13.85 7.01 -4.78
CA ASN B 39 14.97 7.68 -4.12
C ASN B 39 16.19 6.76 -4.04
N PRO B 40 17.39 7.30 -4.31
CA PRO B 40 18.65 6.53 -4.27
C PRO B 40 18.90 5.82 -2.94
N VAL B 41 18.79 6.56 -1.84
CA VAL B 41 19.02 5.98 -0.52
C VAL B 41 17.90 5.00 -0.16
N LEU B 42 16.72 5.27 -0.68
CA LEU B 42 15.57 4.40 -0.43
C LEU B 42 15.77 3.07 -1.15
N LYS B 43 16.24 3.14 -2.38
CA LYS B 43 16.50 1.96 -3.19
C LYS B 43 17.56 1.08 -2.54
N ALA B 44 18.59 1.71 -1.98
CA ALA B 44 19.67 0.98 -1.33
C ALA B 44 19.16 0.17 -0.15
N PHE B 45 18.32 0.79 0.66
CA PHE B 45 17.75 0.11 1.82
C PHE B 45 16.78 -0.98 1.39
N TRP B 46 16.05 -0.72 0.31
CA TRP B 46 15.09 -1.69 -0.22
C TRP B 46 15.82 -2.93 -0.72
N ASN B 47 17.00 -2.72 -1.31
CA ASN B 47 17.80 -3.80 -1.83
C ASN B 47 18.47 -4.56 -0.69
N SER B 48 18.35 -4.05 0.52
CA SER B 48 18.94 -4.67 1.68
C SER B 48 17.87 -5.24 2.62
N VAL B 49 16.62 -5.27 2.14
CA VAL B 49 15.50 -5.78 2.93
C VAL B 49 15.60 -7.31 3.07
N PRO B 50 15.56 -7.80 4.33
CA PRO B 50 15.63 -9.24 4.62
C PRO B 50 14.46 -10.01 3.99
N LEU B 51 14.63 -11.31 3.84
CA LEU B 51 13.60 -12.15 3.24
C LEU B 51 12.54 -12.59 4.25
N LYS B 52 12.94 -13.45 5.17
CA LYS B 52 12.04 -13.99 6.17
C LYS B 52 11.40 -12.88 7.04
N GLN B 53 12.21 -11.90 7.41
CA GLN B 53 11.72 -10.80 8.24
C GLN B 53 10.67 -9.96 7.53
N ALA B 54 10.72 -9.94 6.20
CA ALA B 54 9.77 -9.17 5.41
C ALA B 54 8.40 -9.85 5.42
N THR B 55 8.40 -11.16 5.19
CA THR B 55 7.16 -11.94 5.18
C THR B 55 6.51 -11.92 6.57
N ALA B 56 7.33 -11.84 7.61
CA ALA B 56 6.86 -11.80 8.98
C ALA B 56 6.01 -10.55 9.22
N ALA B 57 6.39 -9.47 8.54
CA ALA B 57 5.67 -8.21 8.68
C ALA B 57 4.45 -8.21 7.75
N LEU B 58 4.60 -8.84 6.58
CA LEU B 58 3.53 -8.91 5.60
C LEU B 58 2.31 -9.60 6.15
N ARG B 59 2.51 -10.68 6.89
CA ARG B 59 1.41 -11.44 7.44
C ARG B 59 0.93 -10.89 8.80
N LYS B 60 1.52 -9.79 9.24
CA LYS B 60 1.15 -9.20 10.52
C LYS B 60 0.43 -7.86 10.36
N ILE B 61 1.11 -6.91 9.71
CA ILE B 61 0.56 -5.57 9.51
C ILE B 61 -0.74 -5.60 8.72
N LYS B 62 -0.75 -6.40 7.65
CA LYS B 62 -1.93 -6.52 6.80
C LYS B 62 -3.15 -7.03 7.56
N ARG B 63 -2.91 -7.85 8.57
CA ARG B 63 -4.00 -8.39 9.37
C ARG B 63 -4.64 -7.29 10.20
N THR B 64 -3.82 -6.39 10.72
CA THR B 64 -4.29 -5.28 11.52
C THR B 64 -5.20 -4.38 10.70
N VAL B 65 -4.82 -4.15 9.45
CA VAL B 65 -5.61 -3.31 8.55
C VAL B 65 -6.98 -3.94 8.31
N SER B 66 -7.00 -5.26 8.23
CA SER B 66 -8.24 -5.99 8.02
C SER B 66 -9.09 -5.94 9.29
N ALA B 67 -8.42 -6.07 10.44
CA ALA B 67 -9.08 -6.06 11.73
C ALA B 67 -9.77 -4.72 11.98
N LEU B 68 -9.09 -3.64 11.64
CA LEU B 68 -9.64 -2.30 11.82
C LEU B 68 -10.81 -2.08 10.87
N MET B 69 -10.68 -2.61 9.65
CA MET B 69 -11.73 -2.48 8.64
C MET B 69 -13.05 -3.05 9.15
N VAL B 70 -13.00 -4.26 9.69
CA VAL B 70 -14.18 -4.92 10.21
C VAL B 70 -14.55 -4.34 11.59
N GLY B 71 -13.54 -3.85 12.29
CA GLY B 71 -13.74 -3.27 13.60
C GLY B 71 -14.59 -2.01 13.55
N LEU B 72 -14.34 -1.18 12.54
CA LEU B 72 -15.10 0.05 12.37
C LEU B 72 -16.54 -0.26 11.98
N GLN B 73 -16.73 -1.40 11.33
CA GLN B 73 -18.06 -1.82 10.90
C GLN B 73 -18.91 -2.17 12.11
N LYS B 74 -18.26 -2.57 13.19
CA LYS B 74 -18.95 -2.93 14.42
C LYS B 74 -19.52 -1.68 15.10
N ARG B 75 -18.92 -0.55 14.81
CA ARG B 75 -19.35 0.71 15.41
C ARG B 75 -19.99 1.62 14.36
N GLY B 76 -20.40 1.01 13.25
CA GLY B 76 -21.02 1.77 12.19
C GLY B 76 -22.41 2.25 12.58
N LYS B 77 -23.11 1.43 13.35
CA LYS B 77 -24.46 1.78 13.79
C LYS B 77 -24.48 2.06 15.29
N ARG B 78 -24.52 3.34 15.63
CA ARG B 78 -24.56 3.76 17.02
C ARG B 78 -25.95 4.23 17.38
N ARG B 79 -26.27 4.20 18.67
CA ARG B 79 -27.59 4.62 19.18
C ARG B 79 -28.71 3.79 18.58
N VAL A 1 -3.05 -0.19 -20.89
CA VAL A 1 -4.01 0.24 -19.88
C VAL A 1 -3.35 0.27 -18.49
N SER A 2 -2.16 -0.32 -18.41
CA SER A 2 -1.42 -0.38 -17.16
C SER A 2 -0.91 1.01 -16.75
N LYS A 3 -0.42 1.75 -17.72
CA LYS A 3 0.09 3.09 -17.46
C LYS A 3 -1.06 4.07 -17.20
N GLU A 4 -2.18 3.83 -17.87
CA GLU A 4 -3.35 4.68 -17.74
C GLU A 4 -3.99 4.54 -16.37
N THR A 5 -4.05 3.31 -15.87
CA THR A 5 -4.65 3.05 -14.56
C THR A 5 -3.81 3.71 -13.47
N ALA A 6 -2.50 3.75 -13.69
CA ALA A 6 -1.58 4.37 -12.74
C ALA A 6 -1.83 5.87 -12.65
N THR A 7 -1.99 6.52 -13.80
CA THR A 7 -2.25 7.95 -13.85
C THR A 7 -3.60 8.29 -13.20
N LYS A 8 -4.57 7.42 -13.40
CA LYS A 8 -5.91 7.60 -12.86
C LYS A 8 -5.96 7.39 -11.35
N THR A 9 -4.91 6.82 -10.78
CA THR A 9 -4.87 6.55 -9.35
C THR A 9 -4.86 7.87 -8.54
N ARG A 10 -4.18 8.87 -9.06
CA ARG A 10 -4.09 10.17 -8.38
C ARG A 10 -4.91 11.21 -9.14
N GLN A 11 -5.72 10.73 -10.08
CA GLN A 11 -6.55 11.60 -10.89
C GLN A 11 -7.86 11.88 -10.17
N PRO A 12 -8.28 13.15 -10.09
CA PRO A 12 -9.54 13.54 -9.43
C PRO A 12 -10.72 12.74 -9.97
N ARG A 13 -11.46 12.11 -9.06
CA ARG A 13 -12.62 11.29 -9.42
C ARG A 13 -12.17 10.03 -10.15
N VAL A 14 -11.77 9.02 -9.38
CA VAL A 14 -11.31 7.76 -9.95
C VAL A 14 -12.50 6.88 -10.31
N GLN A 15 -12.95 7.01 -11.55
CA GLN A 15 -14.08 6.22 -12.04
C GLN A 15 -13.57 5.06 -12.90
N MET A 16 -13.56 3.87 -12.31
CA MET A 16 -13.09 2.67 -13.00
C MET A 16 -13.85 1.45 -12.48
N PRO A 17 -13.79 0.31 -13.20
CA PRO A 17 -14.46 -0.94 -12.79
C PRO A 17 -14.01 -1.38 -11.40
N ASN A 18 -14.83 -2.19 -10.76
CA ASN A 18 -14.55 -2.67 -9.40
C ASN A 18 -13.14 -3.25 -9.25
N GLY A 19 -12.78 -4.15 -10.15
CA GLY A 19 -11.48 -4.79 -10.08
C GLY A 19 -10.31 -3.83 -10.30
N LEU A 20 -10.60 -2.64 -10.80
CA LEU A 20 -9.57 -1.65 -11.06
C LEU A 20 -9.55 -0.59 -9.96
N VAL A 21 -10.72 -0.07 -9.61
CA VAL A 21 -10.84 0.97 -8.60
C VAL A 21 -10.44 0.46 -7.20
N LEU A 22 -10.71 -0.80 -6.92
CA LEU A 22 -10.37 -1.37 -5.62
C LEU A 22 -8.86 -1.38 -5.40
N MET A 23 -8.12 -1.65 -6.47
CA MET A 23 -6.65 -1.67 -6.40
C MET A 23 -6.14 -0.25 -6.19
N ARG A 24 -6.84 0.70 -6.79
CA ARG A 24 -6.48 2.10 -6.68
C ARG A 24 -6.74 2.62 -5.27
N MET A 25 -7.94 2.33 -4.77
CA MET A 25 -8.35 2.75 -3.44
C MET A 25 -7.43 2.18 -2.36
N MET A 26 -7.14 0.89 -2.44
CA MET A 26 -6.26 0.25 -1.47
C MET A 26 -4.85 0.84 -1.52
N GLY A 27 -4.48 1.36 -2.69
CA GLY A 27 -3.17 1.94 -2.86
C GLY A 27 -3.05 3.29 -2.20
N ILE A 28 -4.00 4.16 -2.48
CA ILE A 28 -4.02 5.50 -1.91
C ILE A 28 -4.16 5.45 -0.39
N LEU A 29 -5.02 4.56 0.08
CA LEU A 29 -5.26 4.41 1.51
C LEU A 29 -4.03 3.82 2.21
N TRP A 30 -3.18 3.16 1.46
CA TRP A 30 -1.98 2.56 2.01
C TRP A 30 -0.83 3.55 2.03
N HIS A 31 -0.75 4.37 0.99
CA HIS A 31 0.31 5.35 0.87
C HIS A 31 0.17 6.45 1.91
N ALA A 32 -1.07 6.81 2.24
CA ALA A 32 -1.36 7.86 3.23
C ALA A 32 -0.83 7.51 4.63
N VAL A 33 -0.45 6.25 4.83
CA VAL A 33 0.05 5.82 6.12
C VAL A 33 1.53 6.17 6.27
N ALA A 34 2.28 6.15 5.17
CA ALA A 34 3.70 6.44 5.20
C ALA A 34 4.06 7.72 4.46
N GLY A 35 3.42 7.95 3.32
CA GLY A 35 3.71 9.13 2.52
C GLY A 35 2.62 10.18 2.57
N THR A 36 1.67 10.10 1.65
CA THR A 36 0.60 11.08 1.60
C THR A 36 -0.56 10.59 0.71
N ALA A 37 -1.43 11.52 0.31
CA ALA A 37 -2.59 11.24 -0.54
C ALA A 37 -3.79 10.76 0.27
N ARG A 38 -4.69 11.68 0.59
CA ARG A 38 -5.88 11.38 1.36
C ARG A 38 -7.09 12.01 0.68
N ASN A 39 -7.14 11.85 -0.64
CA ASN A 39 -8.23 12.40 -1.44
C ASN A 39 -9.61 11.96 -0.99
N PRO A 40 -10.44 12.92 -0.51
CA PRO A 40 -11.79 12.63 -0.03
C PRO A 40 -12.69 12.10 -1.15
N VAL A 41 -12.34 12.43 -2.39
CA VAL A 41 -13.10 11.98 -3.55
C VAL A 41 -13.09 10.43 -3.62
N LEU A 42 -12.08 9.83 -3.02
CA LEU A 42 -11.96 8.38 -3.00
C LEU A 42 -12.72 7.82 -1.81
N LYS A 43 -12.63 8.52 -0.68
CA LYS A 43 -13.33 8.09 0.53
C LYS A 43 -14.83 8.11 0.31
N ALA A 44 -15.31 9.14 -0.36
CA ALA A 44 -16.73 9.27 -0.66
C ALA A 44 -17.17 8.17 -1.63
N PHE A 45 -16.28 7.85 -2.58
CA PHE A 45 -16.56 6.81 -3.55
C PHE A 45 -16.62 5.45 -2.86
N TRP A 46 -15.75 5.27 -1.87
CA TRP A 46 -15.68 4.03 -1.10
C TRP A 46 -17.01 3.72 -0.41
N ASN A 47 -17.70 4.78 0.03
CA ASN A 47 -18.99 4.62 0.70
C ASN A 47 -20.03 4.00 -0.24
N SER A 48 -19.92 4.34 -1.52
CA SER A 48 -20.84 3.83 -2.52
C SER A 48 -20.38 2.46 -3.07
N VAL A 49 -19.12 2.15 -2.84
CA VAL A 49 -18.54 0.90 -3.31
C VAL A 49 -19.01 -0.26 -2.42
N PRO A 50 -19.47 -1.35 -3.05
CA PRO A 50 -19.95 -2.55 -2.33
C PRO A 50 -18.89 -3.06 -1.37
N LEU A 51 -19.06 -2.74 -0.09
CA LEU A 51 -18.11 -3.14 0.95
C LEU A 51 -18.08 -4.65 1.16
N LYS A 52 -19.24 -5.28 1.03
CA LYS A 52 -19.36 -6.72 1.22
C LYS A 52 -18.37 -7.50 0.35
N GLN A 53 -18.36 -7.21 -0.95
CA GLN A 53 -17.48 -7.88 -1.88
C GLN A 53 -16.10 -7.23 -1.94
N ALA A 54 -15.99 -6.01 -1.42
CA ALA A 54 -14.73 -5.29 -1.41
C ALA A 54 -13.68 -6.00 -0.57
N THR A 55 -14.07 -6.37 0.64
CA THR A 55 -13.18 -7.07 1.57
C THR A 55 -12.71 -8.39 0.97
N ALA A 56 -13.59 -9.03 0.21
CA ALA A 56 -13.27 -10.30 -0.41
C ALA A 56 -12.38 -10.11 -1.65
N ALA A 57 -12.54 -8.99 -2.31
CA ALA A 57 -11.75 -8.68 -3.51
C ALA A 57 -10.29 -8.46 -3.16
N LEU A 58 -10.04 -7.54 -2.22
CA LEU A 58 -8.68 -7.22 -1.81
C LEU A 58 -8.02 -8.40 -1.09
N ARG A 59 -8.85 -9.30 -0.57
CA ARG A 59 -8.37 -10.49 0.12
C ARG A 59 -7.51 -11.34 -0.81
N LYS A 60 -7.95 -11.45 -2.07
CA LYS A 60 -7.22 -12.22 -3.06
C LYS A 60 -5.85 -11.59 -3.32
N ILE A 61 -5.84 -10.27 -3.41
CA ILE A 61 -4.62 -9.52 -3.67
C ILE A 61 -3.65 -9.68 -2.49
N LYS A 62 -4.21 -9.69 -1.27
CA LYS A 62 -3.40 -9.84 -0.06
C LYS A 62 -2.55 -11.11 -0.15
N ARG A 63 -3.17 -12.21 -0.54
CA ARG A 63 -2.48 -13.48 -0.67
C ARG A 63 -1.51 -13.46 -1.84
N THR A 64 -1.92 -12.82 -2.94
CA THR A 64 -1.09 -12.72 -4.14
C THR A 64 0.25 -12.05 -3.83
N VAL A 65 0.20 -10.93 -3.12
CA VAL A 65 1.41 -10.19 -2.75
C VAL A 65 2.27 -11.03 -1.81
N SER A 66 1.63 -11.78 -0.93
CA SER A 66 2.34 -12.62 0.03
C SER A 66 3.05 -13.77 -0.69
N ALA A 67 2.38 -14.36 -1.67
CA ALA A 67 2.92 -15.47 -2.43
C ALA A 67 4.22 -15.08 -3.14
N LEU A 68 4.24 -13.87 -3.69
CA LEU A 68 5.42 -13.37 -4.39
C LEU A 68 6.54 -13.09 -3.40
N MET A 69 6.18 -12.47 -2.28
CA MET A 69 7.15 -12.12 -1.23
C MET A 69 7.83 -13.37 -0.65
N VAL A 70 7.03 -14.32 -0.21
CA VAL A 70 7.55 -15.55 0.38
C VAL A 70 8.26 -16.39 -0.68
N GLY A 71 7.74 -16.36 -1.89
CA GLY A 71 8.35 -17.13 -2.98
C GLY A 71 9.76 -16.66 -3.30
N LEU A 72 10.03 -15.39 -3.02
CA LEU A 72 11.35 -14.83 -3.28
C LEU A 72 12.35 -15.34 -2.27
N GLN A 73 11.86 -15.69 -1.09
CA GLN A 73 12.72 -16.20 -0.02
C GLN A 73 13.23 -17.59 -0.38
N LYS A 74 12.35 -18.39 -0.99
CA LYS A 74 12.70 -19.74 -1.39
C LYS A 74 13.73 -19.72 -2.53
N ARG A 75 13.70 -18.65 -3.31
CA ARG A 75 14.62 -18.50 -4.42
C ARG A 75 15.92 -17.85 -3.96
N GLY A 76 15.82 -17.04 -2.92
CA GLY A 76 16.99 -16.37 -2.39
C GLY A 76 17.85 -17.31 -1.56
N LYS A 77 17.20 -18.19 -0.82
CA LYS A 77 17.92 -19.15 0.01
C LYS A 77 17.87 -20.54 -0.62
N ARG A 78 18.72 -20.75 -1.61
CA ARG A 78 18.80 -22.02 -2.31
C ARG A 78 20.09 -22.75 -2.00
N ARG A 79 20.80 -22.23 -0.99
CA ARG A 79 22.08 -22.80 -0.55
C ARG A 79 23.11 -22.79 -1.68
N VAL B 1 7.98 14.96 13.45
CA VAL B 1 7.71 13.97 14.47
C VAL B 1 6.67 12.95 13.99
N SER B 2 5.92 13.33 12.99
CA SER B 2 4.90 12.45 12.42
C SER B 2 4.71 12.73 10.93
N LYS B 3 4.22 13.92 10.61
CA LYS B 3 3.99 14.28 9.22
C LYS B 3 5.29 14.66 8.51
N GLU B 4 6.25 15.16 9.28
CA GLU B 4 7.54 15.57 8.71
C GLU B 4 8.33 14.38 8.22
N THR B 5 8.12 13.22 8.85
CA THR B 5 8.81 12.01 8.47
C THR B 5 8.20 11.43 7.20
N ALA B 6 7.00 11.90 6.87
CA ALA B 6 6.32 11.44 5.66
C ALA B 6 6.94 12.11 4.44
N THR B 7 7.48 13.30 4.64
CA THR B 7 8.12 14.05 3.58
C THR B 7 9.44 13.37 3.20
N LYS B 8 10.02 12.64 4.16
CA LYS B 8 11.28 11.94 3.94
C LYS B 8 11.07 10.70 3.09
N THR B 9 9.81 10.34 2.88
CA THR B 9 9.46 9.18 2.06
C THR B 9 9.71 9.47 0.58
N ARG B 10 9.63 10.75 0.22
CA ARG B 10 9.85 11.16 -1.16
C ARG B 10 11.31 11.57 -1.37
N GLN B 11 11.95 12.02 -0.31
CA GLN B 11 13.33 12.45 -0.36
C GLN B 11 14.28 11.28 -0.64
N PRO B 12 15.26 11.48 -1.54
CA PRO B 12 16.23 10.44 -1.87
C PRO B 12 17.02 9.98 -0.64
N ARG B 13 17.25 8.67 -0.54
CA ARG B 13 17.97 8.10 0.59
C ARG B 13 17.14 8.23 1.87
N VAL B 14 16.15 7.37 1.99
CA VAL B 14 15.26 7.40 3.14
C VAL B 14 15.89 6.71 4.35
N GLN B 15 16.77 7.41 5.04
CA GLN B 15 17.42 6.87 6.23
C GLN B 15 16.52 7.09 7.44
N MET B 16 15.78 6.06 7.80
CA MET B 16 14.87 6.13 8.94
C MET B 16 14.97 4.87 9.78
N PRO B 17 14.50 4.90 11.04
CA PRO B 17 14.53 3.74 11.94
C PRO B 17 13.85 2.53 11.30
N ASN B 18 14.26 1.33 11.72
CA ASN B 18 13.74 0.07 11.19
C ASN B 18 12.22 0.06 10.99
N GLY B 19 11.48 0.17 12.09
CA GLY B 19 10.02 0.13 12.02
C GLY B 19 9.42 1.24 11.17
N LEU B 20 10.09 2.38 11.12
CA LEU B 20 9.58 3.52 10.37
C LEU B 20 9.90 3.41 8.88
N VAL B 21 11.13 3.03 8.55
CA VAL B 21 11.57 2.91 7.16
C VAL B 21 10.86 1.76 6.44
N LEU B 22 10.58 0.69 7.17
CA LEU B 22 9.90 -0.46 6.59
C LEU B 22 8.50 -0.10 6.08
N MET B 23 7.86 0.84 6.76
CA MET B 23 6.53 1.30 6.36
C MET B 23 6.64 2.13 5.08
N ARG B 24 7.76 2.81 4.93
CA ARG B 24 8.01 3.64 3.76
C ARG B 24 8.26 2.76 2.54
N MET B 25 9.03 1.71 2.73
CA MET B 25 9.35 0.78 1.66
C MET B 25 8.09 0.16 1.06
N MET B 26 7.19 -0.28 1.92
CA MET B 26 5.94 -0.89 1.45
C MET B 26 5.04 0.15 0.77
N GLY B 27 5.09 1.39 1.25
CA GLY B 27 4.29 2.44 0.68
C GLY B 27 4.75 2.77 -0.72
N ILE B 28 6.06 2.88 -0.89
CA ILE B 28 6.65 3.19 -2.19
C ILE B 28 6.31 2.08 -3.18
N LEU B 29 6.44 0.84 -2.72
CA LEU B 29 6.16 -0.32 -3.55
C LEU B 29 4.70 -0.36 -4.00
N TRP B 30 3.84 0.26 -3.20
CA TRP B 30 2.43 0.29 -3.49
C TRP B 30 2.10 1.32 -4.56
N HIS B 31 2.75 2.49 -4.50
CA HIS B 31 2.51 3.55 -5.47
C HIS B 31 3.32 3.34 -6.75
N ALA B 32 4.32 2.48 -6.68
CA ALA B 32 5.17 2.19 -7.83
C ALA B 32 4.36 1.85 -9.09
N VAL B 33 3.33 1.04 -8.93
CA VAL B 33 2.47 0.66 -10.05
C VAL B 33 1.13 1.37 -9.95
N ALA B 34 1.05 2.35 -9.08
CA ALA B 34 -0.18 3.10 -8.88
C ALA B 34 0.09 4.60 -9.01
N GLY B 35 1.11 4.95 -9.75
CA GLY B 35 1.44 6.34 -9.94
C GLY B 35 2.90 6.58 -10.24
N THR B 36 3.71 6.64 -9.20
CA THR B 36 5.14 6.87 -9.36
C THR B 36 5.89 6.50 -8.07
N ALA B 37 7.16 6.92 -7.99
CA ALA B 37 8.01 6.65 -6.83
C ALA B 37 8.51 5.21 -6.83
N ARG B 38 9.69 5.00 -7.36
CA ARG B 38 10.29 3.69 -7.45
C ARG B 38 11.81 3.81 -7.39
N ASN B 39 12.27 4.81 -6.64
CA ASN B 39 13.71 5.08 -6.47
C ASN B 39 14.52 3.82 -6.18
N PRO B 40 15.50 3.51 -7.04
CA PRO B 40 16.34 2.32 -6.90
C PRO B 40 17.15 2.34 -5.60
N VAL B 41 17.35 3.53 -5.04
CA VAL B 41 18.10 3.67 -3.79
C VAL B 41 17.38 2.92 -2.67
N LEU B 42 16.06 2.82 -2.79
CA LEU B 42 15.25 2.12 -1.80
C LEU B 42 15.41 0.62 -1.97
N LYS B 43 15.42 0.18 -3.23
CA LYS B 43 15.58 -1.25 -3.53
C LYS B 43 16.95 -1.73 -3.08
N ALA B 44 17.95 -0.86 -3.22
CA ALA B 44 19.31 -1.18 -2.81
C ALA B 44 19.38 -1.29 -1.29
N PHE B 45 18.60 -0.46 -0.59
CA PHE B 45 18.57 -0.48 0.86
C PHE B 45 17.81 -1.71 1.35
N TRP B 46 16.77 -2.09 0.61
CA TRP B 46 15.95 -3.25 0.94
C TRP B 46 16.77 -4.54 0.93
N ASN B 47 17.84 -4.54 0.14
CA ASN B 47 18.71 -5.72 0.06
C ASN B 47 19.56 -5.86 1.32
N SER B 48 19.88 -4.74 1.95
CA SER B 48 20.70 -4.75 3.16
C SER B 48 19.85 -4.93 4.42
N VAL B 49 18.52 -4.95 4.25
CA VAL B 49 17.61 -5.11 5.36
C VAL B 49 17.29 -6.59 5.58
N PRO B 50 17.36 -7.07 6.84
CA PRO B 50 17.07 -8.47 7.18
C PRO B 50 15.63 -8.83 6.80
N LEU B 51 15.50 -9.51 5.66
CA LEU B 51 14.20 -9.91 5.15
C LEU B 51 13.42 -10.78 6.13
N LYS B 52 14.13 -11.58 6.91
CA LYS B 52 13.52 -12.47 7.89
C LYS B 52 12.60 -11.71 8.84
N GLN B 53 13.15 -10.70 9.50
CA GLN B 53 12.39 -9.90 10.45
C GLN B 53 11.48 -8.92 9.72
N ALA B 54 11.89 -8.49 8.54
CA ALA B 54 11.12 -7.54 7.73
C ALA B 54 9.80 -8.16 7.28
N THR B 55 9.82 -9.46 7.02
CA THR B 55 8.63 -10.18 6.57
C THR B 55 7.50 -10.04 7.59
N ALA B 56 7.77 -10.40 8.83
CA ALA B 56 6.77 -10.33 9.90
C ALA B 56 6.50 -8.90 10.30
N ALA B 57 7.45 -8.01 10.05
CA ALA B 57 7.31 -6.60 10.40
C ALA B 57 6.18 -5.94 9.61
N LEU B 58 6.20 -6.13 8.29
CA LEU B 58 5.16 -5.54 7.44
C LEU B 58 3.88 -6.35 7.50
N ARG B 59 4.01 -7.66 7.69
CA ARG B 59 2.85 -8.54 7.78
C ARG B 59 1.97 -8.17 8.96
N LYS B 60 2.61 -7.71 10.03
CA LYS B 60 1.89 -7.31 11.23
C LYS B 60 1.00 -6.10 10.93
N ILE B 61 1.53 -5.17 10.13
CA ILE B 61 0.80 -3.97 9.75
C ILE B 61 -0.39 -4.35 8.85
N LYS B 62 -0.16 -5.32 7.97
CA LYS B 62 -1.20 -5.80 7.06
C LYS B 62 -2.39 -6.29 7.88
N ARG B 63 -2.08 -6.97 8.98
CA ARG B 63 -3.11 -7.49 9.88
C ARG B 63 -3.89 -6.36 10.54
N THR B 64 -3.17 -5.32 10.97
CA THR B 64 -3.78 -4.17 11.61
C THR B 64 -4.80 -3.52 10.69
N VAL B 65 -4.40 -3.27 9.45
CA VAL B 65 -5.28 -2.65 8.46
C VAL B 65 -6.51 -3.52 8.18
N SER B 66 -6.30 -4.83 8.20
CA SER B 66 -7.37 -5.78 7.96
C SER B 66 -8.40 -5.73 9.10
N ALA B 67 -7.89 -5.66 10.32
CA ALA B 67 -8.74 -5.62 11.51
C ALA B 67 -9.54 -4.32 11.57
N LEU B 68 -8.93 -3.23 11.08
CA LEU B 68 -9.59 -1.93 11.08
C LEU B 68 -10.88 -1.98 10.27
N MET B 69 -10.79 -2.58 9.08
CA MET B 69 -11.96 -2.70 8.20
C MET B 69 -13.05 -3.55 8.84
N VAL B 70 -12.64 -4.66 9.45
CA VAL B 70 -13.59 -5.56 10.10
C VAL B 70 -14.36 -4.85 11.21
N GLY B 71 -13.66 -4.00 11.95
CA GLY B 71 -14.30 -3.25 13.02
C GLY B 71 -15.36 -2.31 12.48
N LEU B 72 -15.02 -1.62 11.39
CA LEU B 72 -15.94 -0.69 10.76
C LEU B 72 -17.17 -1.43 10.22
N GLN B 73 -16.91 -2.58 9.62
CA GLN B 73 -17.98 -3.41 9.05
C GLN B 73 -18.95 -3.90 10.12
N LYS B 74 -18.42 -4.19 11.30
CA LYS B 74 -19.22 -4.66 12.41
C LYS B 74 -20.13 -3.57 12.94
N ARG B 75 -19.61 -2.35 13.02
CA ARG B 75 -20.39 -1.21 13.51
C ARG B 75 -21.46 -0.79 12.52
N GLY B 76 -21.22 -1.08 11.25
CA GLY B 76 -22.18 -0.74 10.21
C GLY B 76 -23.34 -1.71 10.19
N LYS B 77 -23.18 -2.84 10.86
CA LYS B 77 -24.22 -3.86 10.91
C LYS B 77 -24.90 -3.85 12.28
N ARG B 78 -25.49 -2.71 12.61
CA ARG B 78 -26.17 -2.55 13.88
C ARG B 78 -27.65 -2.87 13.79
N ARG B 79 -27.99 -3.76 12.86
CA ARG B 79 -29.38 -4.19 12.64
C ARG B 79 -30.26 -3.03 12.20
N VAL A 1 0.81 12.82 -16.57
CA VAL A 1 0.01 11.91 -17.36
C VAL A 1 0.88 11.16 -18.35
N SER A 2 1.24 9.93 -18.01
CA SER A 2 2.07 9.11 -18.87
C SER A 2 1.23 8.03 -19.56
N LYS A 3 1.43 6.78 -19.17
CA LYS A 3 0.71 5.65 -19.77
C LYS A 3 0.58 4.50 -18.77
N GLU A 4 0.05 3.38 -19.25
CA GLU A 4 -0.14 2.18 -18.42
C GLU A 4 -1.15 2.40 -17.30
N THR A 5 -1.28 1.41 -16.44
CA THR A 5 -2.20 1.46 -15.33
C THR A 5 -1.71 2.44 -14.24
N ALA A 6 -0.40 2.63 -14.18
CA ALA A 6 0.19 3.54 -13.19
C ALA A 6 -0.41 4.94 -13.31
N THR A 7 -0.48 5.45 -14.53
CA THR A 7 -1.05 6.77 -14.75
C THR A 7 -2.56 6.77 -14.51
N LYS A 8 -3.22 5.67 -14.90
CA LYS A 8 -4.66 5.54 -14.72
C LYS A 8 -5.05 5.53 -13.25
N THR A 9 -4.13 5.10 -12.39
CA THR A 9 -4.39 5.05 -10.96
C THR A 9 -4.51 6.47 -10.39
N ARG A 10 -3.83 7.42 -11.02
CA ARG A 10 -3.86 8.80 -10.58
C ARG A 10 -4.72 9.64 -11.54
N GLN A 11 -5.28 8.99 -12.54
CA GLN A 11 -6.13 9.65 -13.52
C GLN A 11 -7.58 9.60 -13.09
N PRO A 12 -8.30 10.74 -13.22
CA PRO A 12 -9.72 10.83 -12.84
C PRO A 12 -10.59 9.81 -13.59
N ARG A 13 -11.77 9.55 -13.03
CA ARG A 13 -12.70 8.58 -13.63
C ARG A 13 -12.07 7.19 -13.64
N VAL A 14 -11.73 6.71 -12.46
CA VAL A 14 -11.10 5.40 -12.32
C VAL A 14 -12.16 4.29 -12.22
N GLN A 15 -13.17 4.35 -13.06
CA GLN A 15 -14.23 3.36 -13.06
C GLN A 15 -13.77 2.11 -13.81
N MET A 16 -12.91 1.35 -13.16
CA MET A 16 -12.37 0.12 -13.74
C MET A 16 -13.08 -1.08 -13.13
N PRO A 17 -12.93 -2.28 -13.74
CA PRO A 17 -13.55 -3.52 -13.23
C PRO A 17 -13.26 -3.75 -11.75
N ASN A 18 -14.16 -4.46 -11.06
CA ASN A 18 -14.03 -4.75 -9.64
C ASN A 18 -12.64 -5.24 -9.24
N GLY A 19 -12.12 -6.20 -9.99
CA GLY A 19 -10.81 -6.76 -9.68
C GLY A 19 -9.68 -5.77 -9.85
N LEU A 20 -9.92 -4.72 -10.63
CA LEU A 20 -8.90 -3.71 -10.88
C LEU A 20 -9.09 -2.48 -9.98
N VAL A 21 -10.34 -2.04 -9.85
CA VAL A 21 -10.64 -0.87 -9.03
C VAL A 21 -10.24 -1.09 -7.57
N LEU A 22 -10.42 -2.31 -7.08
CA LEU A 22 -10.06 -2.64 -5.70
C LEU A 22 -8.55 -2.56 -5.49
N MET A 23 -7.79 -3.05 -6.48
CA MET A 23 -6.33 -3.05 -6.39
C MET A 23 -5.76 -1.65 -6.59
N ARG A 24 -6.60 -0.72 -7.05
CA ARG A 24 -6.16 0.66 -7.26
C ARG A 24 -6.60 1.54 -6.11
N MET A 25 -7.81 1.30 -5.61
CA MET A 25 -8.35 2.06 -4.48
C MET A 25 -7.48 1.89 -3.26
N MET A 26 -6.97 0.68 -3.06
CA MET A 26 -6.10 0.38 -1.93
C MET A 26 -4.75 1.07 -2.07
N GLY A 27 -4.45 1.50 -3.28
CA GLY A 27 -3.20 2.20 -3.54
C GLY A 27 -3.32 3.66 -3.21
N ILE A 28 -4.48 4.22 -3.50
CA ILE A 28 -4.75 5.62 -3.23
C ILE A 28 -4.68 5.90 -1.74
N LEU A 29 -5.12 4.92 -0.95
CA LEU A 29 -5.10 5.03 0.51
C LEU A 29 -3.69 5.28 1.03
N TRP A 30 -2.71 4.68 0.37
CA TRP A 30 -1.32 4.84 0.78
C TRP A 30 -0.73 6.11 0.19
N HIS A 31 -1.03 6.36 -1.09
CA HIS A 31 -0.54 7.53 -1.78
C HIS A 31 -1.05 8.83 -1.14
N ALA A 32 -2.30 8.83 -0.72
CA ALA A 32 -2.91 9.99 -0.09
C ALA A 32 -2.24 10.33 1.23
N VAL A 33 -1.81 9.30 1.95
CA VAL A 33 -1.16 9.50 3.24
C VAL A 33 0.31 9.88 3.06
N ALA A 34 1.02 9.12 2.25
CA ALA A 34 2.44 9.37 2.01
C ALA A 34 2.66 10.70 1.28
N GLY A 35 1.88 10.94 0.24
CA GLY A 35 2.01 12.15 -0.52
C GLY A 35 0.77 13.00 -0.44
N THR A 36 0.06 13.13 -1.55
CA THR A 36 -1.17 13.91 -1.59
C THR A 36 -2.08 13.45 -2.72
N ALA A 37 -3.33 13.21 -2.40
CA ALA A 37 -4.32 12.77 -3.37
C ALA A 37 -5.70 13.24 -2.93
N ARG A 38 -6.31 12.44 -2.03
CA ARG A 38 -7.64 12.73 -1.47
C ARG A 38 -8.63 13.30 -2.47
N ASN A 39 -8.75 12.63 -3.62
CA ASN A 39 -9.66 13.05 -4.67
C ASN A 39 -11.10 12.82 -4.23
N PRO A 40 -11.95 13.87 -4.31
CA PRO A 40 -13.36 13.79 -3.91
C PRO A 40 -14.09 12.62 -4.58
N VAL A 41 -13.98 12.52 -5.89
CA VAL A 41 -14.63 11.44 -6.64
C VAL A 41 -14.12 10.06 -6.22
N LEU A 42 -12.85 10.00 -5.85
CA LEU A 42 -12.24 8.73 -5.44
C LEU A 42 -12.71 8.34 -4.05
N LYS A 43 -12.69 9.29 -3.12
CA LYS A 43 -13.13 9.05 -1.75
C LYS A 43 -14.61 8.67 -1.70
N ALA A 44 -15.37 9.23 -2.63
CA ALA A 44 -16.79 8.95 -2.72
C ALA A 44 -17.04 7.49 -3.08
N PHE A 45 -16.21 6.97 -3.98
CA PHE A 45 -16.33 5.59 -4.41
C PHE A 45 -16.08 4.63 -3.25
N TRP A 46 -15.06 4.91 -2.45
CA TRP A 46 -14.71 4.06 -1.32
C TRP A 46 -15.86 3.94 -0.31
N ASN A 47 -16.65 4.99 -0.19
CA ASN A 47 -17.79 4.98 0.74
C ASN A 47 -19.03 4.36 0.10
N SER A 48 -18.97 4.16 -1.21
CA SER A 48 -20.09 3.60 -1.95
C SER A 48 -19.90 2.11 -2.22
N VAL A 49 -18.74 1.56 -1.85
CA VAL A 49 -18.47 0.16 -2.07
C VAL A 49 -19.27 -0.73 -1.10
N PRO A 50 -19.53 -1.99 -1.50
CA PRO A 50 -20.28 -2.94 -0.67
C PRO A 50 -19.56 -3.23 0.64
N LEU A 51 -20.31 -3.67 1.64
CA LEU A 51 -19.75 -3.96 2.94
C LEU A 51 -18.98 -5.29 2.95
N LYS A 52 -19.68 -6.37 2.67
CA LYS A 52 -19.06 -7.70 2.68
C LYS A 52 -18.14 -7.94 1.50
N GLN A 53 -18.56 -7.50 0.31
CA GLN A 53 -17.78 -7.68 -0.91
C GLN A 53 -16.41 -7.01 -0.84
N ALA A 54 -16.35 -5.84 -0.21
CA ALA A 54 -15.09 -5.10 -0.09
C ALA A 54 -14.04 -5.91 0.67
N THR A 55 -14.40 -6.35 1.87
CA THR A 55 -13.49 -7.13 2.71
C THR A 55 -13.10 -8.44 2.04
N ALA A 56 -14.08 -9.07 1.39
CA ALA A 56 -13.85 -10.35 0.71
C ALA A 56 -12.83 -10.20 -0.42
N ALA A 57 -12.96 -9.12 -1.19
CA ALA A 57 -12.06 -8.87 -2.31
C ALA A 57 -10.67 -8.46 -1.83
N LEU A 58 -10.63 -7.51 -0.89
CA LEU A 58 -9.37 -7.03 -0.34
C LEU A 58 -8.56 -8.14 0.29
N ARG A 59 -9.24 -9.07 0.98
CA ARG A 59 -8.55 -10.17 1.63
C ARG A 59 -7.97 -11.17 0.63
N LYS A 60 -8.47 -11.13 -0.60
CA LYS A 60 -7.99 -12.04 -1.63
C LYS A 60 -6.78 -11.46 -2.35
N ILE A 61 -6.88 -10.21 -2.77
CA ILE A 61 -5.79 -9.54 -3.49
C ILE A 61 -4.54 -9.39 -2.61
N LYS A 62 -4.74 -9.12 -1.32
CA LYS A 62 -3.62 -8.96 -0.40
C LYS A 62 -2.88 -10.28 -0.20
N ARG A 63 -3.59 -11.39 -0.39
CA ARG A 63 -2.99 -12.72 -0.25
C ARG A 63 -2.01 -12.95 -1.39
N THR A 64 -2.36 -12.44 -2.57
CA THR A 64 -1.52 -12.58 -3.75
C THR A 64 -0.26 -11.73 -3.58
N VAL A 65 -0.42 -10.56 -2.98
CA VAL A 65 0.69 -9.65 -2.75
C VAL A 65 1.72 -10.31 -1.84
N SER A 66 1.23 -10.91 -0.75
CA SER A 66 2.10 -11.58 0.20
C SER A 66 2.82 -12.76 -0.46
N ALA A 67 2.11 -13.46 -1.35
CA ALA A 67 2.68 -14.60 -2.05
C ALA A 67 3.91 -14.21 -2.85
N LEU A 68 3.79 -13.11 -3.60
CA LEU A 68 4.89 -12.61 -4.42
C LEU A 68 6.03 -12.07 -3.53
N MET A 69 5.66 -11.40 -2.44
CA MET A 69 6.63 -10.84 -1.52
C MET A 69 7.48 -11.91 -0.84
N VAL A 70 6.82 -12.99 -0.41
CA VAL A 70 7.51 -14.08 0.25
C VAL A 70 8.23 -14.95 -0.80
N GLY A 71 7.67 -15.00 -2.00
CA GLY A 71 8.26 -15.79 -3.07
C GLY A 71 9.69 -15.43 -3.35
N LEU A 72 9.98 -14.12 -3.41
CA LEU A 72 11.33 -13.64 -3.66
C LEU A 72 12.30 -14.10 -2.58
N GLN A 73 11.78 -14.21 -1.36
CA GLN A 73 12.59 -14.63 -0.22
C GLN A 73 12.96 -16.10 -0.37
N LYS A 74 12.06 -16.86 -1.00
CA LYS A 74 12.29 -18.28 -1.22
C LYS A 74 13.29 -18.47 -2.36
N ARG A 75 13.40 -17.45 -3.21
CA ARG A 75 14.32 -17.48 -4.34
C ARG A 75 15.73 -17.14 -3.87
N GLY A 76 15.83 -16.02 -3.15
CA GLY A 76 17.12 -15.58 -2.64
C GLY A 76 17.58 -14.29 -3.28
N LYS A 77 16.80 -13.82 -4.26
CA LYS A 77 17.11 -12.58 -4.96
C LYS A 77 15.83 -11.89 -5.41
N ARG A 78 15.93 -10.59 -5.67
CA ARG A 78 14.76 -9.82 -6.09
C ARG A 78 15.07 -9.00 -7.33
N ARG A 79 14.04 -8.32 -7.84
CA ARG A 79 14.19 -7.47 -9.02
C ARG A 79 13.59 -6.10 -8.75
N VAL B 1 5.37 18.36 1.79
CA VAL B 1 6.11 17.87 2.94
C VAL B 1 5.31 18.11 4.22
N SER B 2 4.80 17.02 4.79
CA SER B 2 4.02 17.08 6.01
C SER B 2 4.81 16.54 7.19
N LYS B 3 4.11 15.96 8.17
CA LYS B 3 4.75 15.39 9.35
C LYS B 3 4.43 13.90 9.49
N GLU B 4 4.70 13.36 10.68
CA GLU B 4 4.44 11.95 10.98
C GLU B 4 5.27 11.02 10.11
N THR B 5 4.86 9.76 10.06
CA THR B 5 5.55 8.77 9.24
C THR B 5 4.98 8.80 7.83
N ALA B 6 4.01 9.68 7.62
CA ALA B 6 3.35 9.84 6.33
C ALA B 6 4.35 10.26 5.26
N THR B 7 4.88 11.46 5.37
CA THR B 7 5.85 11.98 4.41
C THR B 7 7.19 11.26 4.53
N LYS B 8 7.41 10.61 5.68
CA LYS B 8 8.64 9.87 5.91
C LYS B 8 8.82 8.76 4.88
N THR B 9 7.70 8.26 4.37
CA THR B 9 7.72 7.20 3.36
C THR B 9 8.33 7.69 2.05
N ARG B 10 8.40 9.01 1.89
CA ARG B 10 8.97 9.62 0.69
C ARG B 10 10.14 10.53 1.07
N GLN B 11 10.58 10.41 2.31
CA GLN B 11 11.67 11.24 2.80
C GLN B 11 12.97 10.43 2.82
N PRO B 12 14.06 11.01 2.29
CA PRO B 12 15.38 10.37 2.25
C PRO B 12 15.83 9.87 3.63
N ARG B 13 16.82 8.97 3.63
CA ARG B 13 17.33 8.39 4.85
C ARG B 13 16.23 7.65 5.60
N VAL B 14 15.73 6.59 4.99
CA VAL B 14 14.64 5.80 5.57
C VAL B 14 15.20 4.72 6.52
N GLN B 15 16.27 5.06 7.22
CA GLN B 15 16.89 4.14 8.16
C GLN B 15 16.11 4.11 9.47
N MET B 16 14.95 3.49 9.40
CA MET B 16 14.06 3.38 10.55
C MET B 16 14.22 2.01 11.21
N PRO B 17 13.71 1.83 12.44
CA PRO B 17 13.79 0.55 13.17
C PRO B 17 13.20 -0.61 12.35
N ASN B 18 13.64 -1.82 12.69
CA ASN B 18 13.23 -3.05 12.01
C ASN B 18 11.74 -3.11 11.67
N GLY B 19 10.89 -3.02 12.68
CA GLY B 19 9.45 -3.10 12.48
C GLY B 19 8.86 -1.89 11.76
N LEU B 20 9.55 -0.76 11.82
CA LEU B 20 9.05 0.45 11.19
C LEU B 20 9.40 0.49 9.71
N VAL B 21 10.68 0.23 9.40
CA VAL B 21 11.14 0.25 8.02
C VAL B 21 10.45 -0.82 7.18
N LEU B 22 10.17 -1.97 7.78
CA LEU B 22 9.50 -3.07 7.08
C LEU B 22 8.11 -2.66 6.62
N MET B 23 7.43 -1.86 7.42
CA MET B 23 6.08 -1.40 7.07
C MET B 23 6.13 -0.35 5.97
N ARG B 24 7.06 0.59 6.11
CA ARG B 24 7.21 1.67 5.13
C ARG B 24 7.78 1.15 3.81
N MET B 25 8.55 0.05 3.88
CA MET B 25 9.16 -0.54 2.71
C MET B 25 8.15 -0.86 1.60
N MET B 26 7.00 -1.42 1.98
CA MET B 26 5.97 -1.76 1.01
C MET B 26 5.31 -0.50 0.46
N GLY B 27 5.44 0.60 1.18
CA GLY B 27 4.87 1.85 0.75
C GLY B 27 5.66 2.47 -0.38
N ILE B 28 6.94 2.17 -0.43
CA ILE B 28 7.83 2.69 -1.47
C ILE B 28 7.41 2.16 -2.83
N LEU B 29 7.15 0.87 -2.88
CA LEU B 29 6.73 0.22 -4.12
C LEU B 29 5.30 0.62 -4.48
N TRP B 30 4.45 0.71 -3.46
CA TRP B 30 3.05 1.07 -3.64
C TRP B 30 2.89 2.51 -4.13
N HIS B 31 3.74 3.40 -3.62
CA HIS B 31 3.71 4.80 -4.01
C HIS B 31 4.07 4.96 -5.48
N ALA B 32 4.94 4.08 -5.96
CA ALA B 32 5.38 4.11 -7.35
C ALA B 32 4.31 3.61 -8.31
N VAL B 33 3.18 3.17 -7.75
CA VAL B 33 2.08 2.66 -8.56
C VAL B 33 1.01 3.74 -8.75
N ALA B 34 0.73 4.47 -7.68
CA ALA B 34 -0.28 5.52 -7.73
C ALA B 34 0.32 6.89 -8.05
N GLY B 35 1.64 6.93 -8.14
CA GLY B 35 2.31 8.18 -8.44
C GLY B 35 3.74 7.97 -8.90
N THR B 36 4.69 8.44 -8.10
CA THR B 36 6.10 8.30 -8.43
C THR B 36 6.93 8.39 -7.16
N ALA B 37 7.96 7.55 -7.07
CA ALA B 37 8.84 7.53 -5.91
C ALA B 37 10.20 6.94 -6.28
N ARG B 38 10.41 5.66 -5.93
CA ARG B 38 11.65 4.93 -6.21
C ARG B 38 12.92 5.75 -5.97
N ASN B 39 13.06 6.28 -4.76
CA ASN B 39 14.23 7.07 -4.40
C ASN B 39 15.46 6.18 -4.33
N PRO B 40 16.62 6.68 -4.81
CA PRO B 40 17.89 5.93 -4.81
C PRO B 40 18.19 5.23 -3.48
N VAL B 41 18.27 5.99 -2.40
CA VAL B 41 18.56 5.42 -1.09
C VAL B 41 17.44 4.51 -0.59
N LEU B 42 16.22 4.75 -1.05
CA LEU B 42 15.07 3.94 -0.66
C LEU B 42 15.13 2.59 -1.37
N LYS B 43 15.66 2.60 -2.59
CA LYS B 43 15.80 1.39 -3.38
C LYS B 43 16.92 0.53 -2.82
N ALA B 44 17.93 1.18 -2.22
CA ALA B 44 19.05 0.49 -1.63
C ALA B 44 18.61 -0.34 -0.43
N PHE B 45 17.67 0.21 0.35
CA PHE B 45 17.15 -0.49 1.52
C PHE B 45 16.30 -1.70 1.11
N TRP B 46 15.66 -1.59 -0.04
CA TRP B 46 14.83 -2.67 -0.57
C TRP B 46 15.67 -3.92 -0.83
N ASN B 47 16.95 -3.70 -1.09
CA ASN B 47 17.88 -4.80 -1.36
C ASN B 47 18.74 -5.06 -0.13
N SER B 48 18.37 -4.48 0.99
CA SER B 48 19.11 -4.64 2.24
C SER B 48 18.17 -4.92 3.42
N VAL B 49 17.20 -5.80 3.19
CA VAL B 49 16.23 -6.15 4.23
C VAL B 49 16.44 -7.59 4.68
N PRO B 50 15.95 -7.93 5.89
CA PRO B 50 16.07 -9.29 6.43
C PRO B 50 15.27 -10.31 5.62
N LEU B 51 15.52 -11.59 5.88
CA LEU B 51 14.82 -12.65 5.18
C LEU B 51 13.64 -13.17 6.01
N LYS B 52 13.92 -14.10 6.91
CA LYS B 52 12.88 -14.70 7.75
C LYS B 52 12.27 -13.68 8.71
N GLN B 53 13.09 -12.75 9.19
CA GLN B 53 12.63 -11.73 10.10
C GLN B 53 11.65 -10.80 9.41
N ALA B 54 11.80 -10.70 8.09
CA ALA B 54 10.92 -9.85 7.30
C ALA B 54 9.59 -10.55 7.07
N THR B 55 9.64 -11.87 6.88
CA THR B 55 8.44 -12.66 6.67
C THR B 55 7.48 -12.49 7.85
N ALA B 56 8.04 -12.48 9.06
CA ALA B 56 7.26 -12.31 10.27
C ALA B 56 6.67 -10.90 10.33
N ALA B 57 7.47 -9.91 9.93
CA ALA B 57 7.02 -8.52 9.95
C ALA B 57 5.90 -8.30 8.94
N LEU B 58 6.05 -8.91 7.76
CA LEU B 58 5.05 -8.79 6.70
C LEU B 58 3.69 -9.33 7.17
N ARG B 59 3.73 -10.36 7.99
CA ARG B 59 2.51 -10.97 8.53
C ARG B 59 1.83 -10.05 9.53
N LYS B 60 2.63 -9.25 10.22
CA LYS B 60 2.11 -8.32 11.23
C LYS B 60 1.64 -7.00 10.63
N ILE B 61 2.39 -6.47 9.68
CA ILE B 61 2.04 -5.19 9.06
C ILE B 61 0.70 -5.25 8.31
N LYS B 62 0.35 -6.41 7.79
CA LYS B 62 -0.91 -6.57 7.07
C LYS B 62 -2.01 -7.02 8.02
N ARG B 63 -1.61 -7.37 9.24
CA ARG B 63 -2.54 -7.84 10.25
C ARG B 63 -3.34 -6.68 10.81
N THR B 64 -2.64 -5.62 11.19
CA THR B 64 -3.25 -4.44 11.77
C THR B 64 -4.23 -3.78 10.80
N VAL B 65 -3.85 -3.72 9.53
CA VAL B 65 -4.68 -3.13 8.50
C VAL B 65 -6.02 -3.86 8.36
N SER B 66 -5.95 -5.19 8.28
CA SER B 66 -7.14 -6.01 8.15
C SER B 66 -8.01 -5.94 9.40
N ALA B 67 -7.36 -5.99 10.56
CA ALA B 67 -8.08 -5.93 11.84
C ALA B 67 -8.79 -4.60 12.01
N LEU B 68 -8.16 -3.53 11.54
CA LEU B 68 -8.73 -2.20 11.65
C LEU B 68 -9.91 -2.05 10.71
N MET B 69 -9.78 -2.59 9.50
CA MET B 69 -10.84 -2.52 8.50
C MET B 69 -12.10 -3.20 9.00
N VAL B 70 -11.97 -4.46 9.39
CA VAL B 70 -13.11 -5.23 9.90
C VAL B 70 -13.64 -4.61 11.18
N GLY B 71 -12.72 -4.09 12.00
CA GLY B 71 -13.09 -3.47 13.25
C GLY B 71 -14.05 -2.31 13.05
N LEU B 72 -13.79 -1.50 12.03
CA LEU B 72 -14.63 -0.36 11.72
C LEU B 72 -15.97 -0.82 11.16
N GLN B 73 -15.94 -1.88 10.37
CA GLN B 73 -17.14 -2.44 9.77
C GLN B 73 -18.06 -3.01 10.84
N LYS B 74 -17.48 -3.44 11.95
CA LYS B 74 -18.25 -3.98 13.06
C LYS B 74 -19.06 -2.88 13.72
N ARG B 75 -18.45 -1.71 13.87
CA ARG B 75 -19.10 -0.56 14.47
C ARG B 75 -20.07 0.06 13.48
N GLY B 76 -19.67 0.07 12.21
CA GLY B 76 -20.51 0.62 11.16
C GLY B 76 -20.21 2.07 10.88
N LYS B 77 -19.06 2.54 11.34
CA LYS B 77 -18.65 3.92 11.14
C LYS B 77 -17.15 4.10 11.30
N ARG B 78 -16.61 5.07 10.60
CA ARG B 78 -15.18 5.36 10.66
C ARG B 78 -14.97 6.87 10.64
N ARG B 79 -13.74 7.31 10.84
CA ARG B 79 -13.44 8.73 10.83
C ARG B 79 -12.12 9.03 10.13
N VAL A 1 -5.35 7.94 -24.33
CA VAL A 1 -4.19 7.51 -25.09
C VAL A 1 -3.10 7.03 -24.14
N SER A 2 -2.45 7.97 -23.46
CA SER A 2 -1.40 7.64 -22.52
C SER A 2 -1.96 7.69 -21.10
N LYS A 3 -2.93 6.82 -20.84
CA LYS A 3 -3.57 6.77 -19.53
C LYS A 3 -2.62 6.20 -18.49
N GLU A 4 -2.14 4.98 -18.73
CA GLU A 4 -1.21 4.30 -17.83
C GLU A 4 -1.85 4.03 -16.46
N THR A 5 -1.02 3.66 -15.50
CA THR A 5 -1.49 3.39 -14.15
C THR A 5 -1.29 4.61 -13.26
N ALA A 6 -0.34 5.45 -13.64
CA ALA A 6 -0.04 6.67 -12.90
C ALA A 6 -1.17 7.69 -13.04
N THR A 7 -1.57 7.96 -14.26
CA THR A 7 -2.63 8.92 -14.53
C THR A 7 -4.02 8.29 -14.34
N LYS A 8 -4.29 7.87 -13.12
CA LYS A 8 -5.57 7.26 -12.76
C LYS A 8 -5.64 7.09 -11.25
N THR A 9 -4.52 6.70 -10.66
CA THR A 9 -4.43 6.50 -9.22
C THR A 9 -4.48 7.86 -8.51
N ARG A 10 -5.45 8.01 -7.61
CA ARG A 10 -5.63 9.25 -6.85
C ARG A 10 -6.05 10.40 -7.76
N GLN A 11 -6.77 10.08 -8.82
CA GLN A 11 -7.24 11.06 -9.77
C GLN A 11 -8.75 10.95 -9.96
N PRO A 12 -9.46 12.08 -10.10
CA PRO A 12 -10.91 12.11 -10.30
C PRO A 12 -11.36 11.22 -11.47
N ARG A 13 -12.55 10.67 -11.34
CA ARG A 13 -13.13 9.78 -12.34
C ARG A 13 -12.32 8.49 -12.46
N VAL A 14 -12.08 7.87 -11.31
CA VAL A 14 -11.32 6.63 -11.24
C VAL A 14 -12.26 5.43 -11.34
N GLN A 15 -13.36 5.61 -12.06
CA GLN A 15 -14.35 4.56 -12.25
C GLN A 15 -13.80 3.39 -13.07
N MET A 16 -13.39 2.35 -12.36
CA MET A 16 -12.82 1.16 -12.99
C MET A 16 -13.48 -0.08 -12.39
N PRO A 17 -13.22 -1.28 -12.93
CA PRO A 17 -13.79 -2.53 -12.39
C PRO A 17 -13.57 -2.63 -10.88
N ASN A 18 -14.51 -3.29 -10.21
CA ASN A 18 -14.46 -3.45 -8.75
C ASN A 18 -13.12 -3.99 -8.25
N GLY A 19 -12.53 -4.90 -9.03
CA GLY A 19 -11.25 -5.49 -8.64
C GLY A 19 -10.13 -4.48 -8.65
N LEU A 20 -10.21 -3.49 -9.54
CA LEU A 20 -9.19 -2.47 -9.64
C LEU A 20 -9.38 -1.40 -8.58
N VAL A 21 -10.63 -0.98 -8.37
CA VAL A 21 -10.96 0.04 -7.39
C VAL A 21 -10.56 -0.41 -5.98
N LEU A 22 -10.88 -1.64 -5.63
CA LEU A 22 -10.55 -2.18 -4.31
C LEU A 22 -9.05 -2.33 -4.14
N MET A 23 -8.35 -2.66 -5.22
CA MET A 23 -6.91 -2.83 -5.17
C MET A 23 -6.23 -1.47 -5.01
N ARG A 24 -6.68 -0.49 -5.78
CA ARG A 24 -6.11 0.84 -5.74
C ARG A 24 -6.42 1.56 -4.43
N MET A 25 -7.43 1.07 -3.72
CA MET A 25 -7.84 1.65 -2.45
C MET A 25 -6.71 1.72 -1.43
N MET A 26 -5.83 0.71 -1.44
CA MET A 26 -4.71 0.67 -0.50
C MET A 26 -3.78 1.86 -0.69
N GLY A 27 -3.73 2.37 -1.93
CA GLY A 27 -2.88 3.50 -2.23
C GLY A 27 -3.48 4.79 -1.71
N ILE A 28 -4.80 4.89 -1.78
CA ILE A 28 -5.51 6.08 -1.33
C ILE A 28 -5.45 6.18 0.20
N LEU A 29 -5.52 5.03 0.85
CA LEU A 29 -5.47 4.97 2.30
C LEU A 29 -4.07 5.28 2.80
N TRP A 30 -3.07 4.80 2.07
CA TRP A 30 -1.68 5.04 2.44
C TRP A 30 -1.27 6.48 2.14
N HIS A 31 -1.64 6.95 0.95
CA HIS A 31 -1.31 8.32 0.52
C HIS A 31 -1.91 9.34 1.48
N ALA A 32 -3.03 8.98 2.09
CA ALA A 32 -3.70 9.86 3.05
C ALA A 32 -2.78 10.22 4.22
N VAL A 33 -1.92 9.28 4.59
CA VAL A 33 -0.98 9.49 5.69
C VAL A 33 0.44 9.61 5.15
N ALA A 34 0.56 9.75 3.84
CA ALA A 34 1.85 9.88 3.19
C ALA A 34 2.02 11.26 2.57
N GLY A 35 0.91 11.86 2.16
CA GLY A 35 0.94 13.18 1.57
C GLY A 35 -0.45 13.78 1.54
N THR A 36 -1.16 13.55 0.45
CA THR A 36 -2.51 14.07 0.29
C THR A 36 -3.31 13.21 -0.69
N ALA A 37 -4.42 12.67 -0.21
CA ALA A 37 -5.27 11.83 -1.03
C ALA A 37 -6.74 12.12 -0.74
N ARG A 38 -7.61 11.25 -1.25
CA ARG A 38 -9.06 11.37 -1.07
C ARG A 38 -9.61 12.63 -1.72
N ASN A 39 -9.90 12.54 -3.00
CA ASN A 39 -10.45 13.65 -3.76
C ASN A 39 -11.98 13.59 -3.71
N PRO A 40 -12.66 14.70 -4.04
CA PRO A 40 -14.13 14.77 -4.04
C PRO A 40 -14.78 13.57 -4.73
N VAL A 41 -14.29 13.23 -5.92
CA VAL A 41 -14.83 12.11 -6.67
C VAL A 41 -14.46 10.79 -6.00
N LEU A 42 -13.27 10.73 -5.44
CA LEU A 42 -12.78 9.52 -4.76
C LEU A 42 -13.61 9.26 -3.50
N LYS A 43 -14.11 10.33 -2.89
CA LYS A 43 -14.94 10.22 -1.69
C LYS A 43 -16.32 9.66 -2.04
N ALA A 44 -16.75 9.90 -3.26
CA ALA A 44 -18.05 9.43 -3.73
C ALA A 44 -18.05 7.91 -3.81
N PHE A 45 -16.93 7.34 -4.23
CA PHE A 45 -16.81 5.89 -4.35
C PHE A 45 -16.55 5.25 -3.00
N TRP A 46 -16.28 6.08 -2.00
CA TRP A 46 -16.03 5.61 -0.65
C TRP A 46 -17.35 5.46 0.10
N ASN A 47 -18.24 6.43 -0.11
CA ASN A 47 -19.54 6.42 0.54
C ASN A 47 -20.40 5.32 -0.04
N SER A 48 -20.46 5.25 -1.36
CA SER A 48 -21.24 4.24 -2.06
C SER A 48 -20.38 3.04 -2.44
N VAL A 49 -20.35 2.05 -1.58
CA VAL A 49 -19.58 0.85 -1.82
C VAL A 49 -19.99 -0.28 -0.88
N PRO A 50 -20.27 -1.48 -1.42
CA PRO A 50 -20.68 -2.64 -0.63
C PRO A 50 -19.60 -3.09 0.34
N LEU A 51 -20.02 -3.62 1.48
CA LEU A 51 -19.09 -4.09 2.51
C LEU A 51 -18.86 -5.60 2.37
N LYS A 52 -19.91 -6.33 2.06
CA LYS A 52 -19.83 -7.78 1.92
C LYS A 52 -18.83 -8.19 0.85
N GLN A 53 -18.84 -7.49 -0.28
CA GLN A 53 -17.93 -7.78 -1.37
C GLN A 53 -16.51 -7.35 -1.02
N ALA A 54 -16.39 -6.27 -0.26
CA ALA A 54 -15.09 -5.74 0.14
C ALA A 54 -14.31 -6.77 0.95
N THR A 55 -14.99 -7.48 1.84
CA THR A 55 -14.35 -8.50 2.68
C THR A 55 -13.66 -9.56 1.82
N ALA A 56 -14.40 -10.09 0.85
CA ALA A 56 -13.87 -11.12 -0.05
C ALA A 56 -12.75 -10.56 -0.91
N ALA A 57 -12.92 -9.33 -1.38
CA ALA A 57 -11.92 -8.68 -2.22
C ALA A 57 -10.63 -8.43 -1.45
N LEU A 58 -10.77 -8.00 -0.21
CA LEU A 58 -9.62 -7.70 0.64
C LEU A 58 -8.95 -8.98 1.12
N ARG A 59 -9.71 -10.06 1.21
CA ARG A 59 -9.16 -11.34 1.65
C ARG A 59 -8.21 -11.93 0.62
N LYS A 60 -8.56 -11.75 -0.65
CA LYS A 60 -7.76 -12.25 -1.74
C LYS A 60 -6.39 -11.57 -1.78
N ILE A 61 -6.39 -10.26 -1.54
CA ILE A 61 -5.15 -9.48 -1.54
C ILE A 61 -4.17 -10.04 -0.51
N LYS A 62 -4.71 -10.49 0.63
CA LYS A 62 -3.90 -11.04 1.71
C LYS A 62 -3.14 -12.27 1.23
N ARG A 63 -3.75 -13.01 0.31
CA ARG A 63 -3.13 -14.21 -0.22
C ARG A 63 -2.09 -13.86 -1.26
N THR A 64 -2.43 -12.94 -2.17
CA THR A 64 -1.53 -12.51 -3.23
C THR A 64 -0.20 -11.99 -2.67
N VAL A 65 -0.27 -11.23 -1.59
CA VAL A 65 0.93 -10.67 -0.97
C VAL A 65 1.80 -11.78 -0.37
N SER A 66 1.19 -12.70 0.36
CA SER A 66 1.93 -13.79 0.99
C SER A 66 2.44 -14.80 -0.03
N ALA A 67 1.63 -15.06 -1.06
CA ALA A 67 1.99 -16.00 -2.10
C ALA A 67 3.25 -15.55 -2.83
N LEU A 68 3.36 -14.25 -3.07
CA LEU A 68 4.52 -13.70 -3.73
C LEU A 68 5.69 -13.60 -2.75
N MET A 69 5.36 -13.34 -1.49
CA MET A 69 6.36 -13.23 -0.43
C MET A 69 7.17 -14.51 -0.29
N VAL A 70 6.47 -15.63 -0.16
CA VAL A 70 7.14 -16.92 -0.02
C VAL A 70 7.82 -17.32 -1.32
N GLY A 71 7.30 -16.82 -2.43
CA GLY A 71 7.88 -17.12 -3.73
C GLY A 71 9.20 -16.41 -3.91
N LEU A 72 9.25 -15.15 -3.48
CA LEU A 72 10.45 -14.35 -3.58
C LEU A 72 11.60 -14.99 -2.80
N GLN A 73 11.26 -15.55 -1.64
CA GLN A 73 12.26 -16.19 -0.80
C GLN A 73 12.78 -17.48 -1.42
N LYS A 74 12.04 -18.02 -2.38
CA LYS A 74 12.44 -19.24 -3.07
C LYS A 74 13.33 -18.88 -4.26
N ARG A 75 13.12 -17.70 -4.81
CA ARG A 75 13.91 -17.24 -5.96
C ARG A 75 15.20 -16.59 -5.48
N GLY A 76 15.06 -15.69 -4.51
CA GLY A 76 16.20 -14.99 -3.97
C GLY A 76 15.96 -13.50 -3.93
N LYS A 77 17.00 -12.72 -3.68
CA LYS A 77 16.87 -11.27 -3.65
C LYS A 77 16.68 -10.74 -5.07
N ARG A 78 15.49 -10.24 -5.35
CA ARG A 78 15.18 -9.71 -6.66
C ARG A 78 14.18 -8.56 -6.56
N ARG A 79 14.43 -7.51 -7.33
CA ARG A 79 13.57 -6.33 -7.36
C ARG A 79 13.45 -5.70 -5.97
N VAL B 1 12.33 19.33 11.54
CA VAL B 1 11.47 19.85 12.59
C VAL B 1 10.00 19.62 12.24
N SER B 2 9.61 20.07 11.06
CA SER B 2 8.25 19.89 10.59
C SER B 2 8.23 18.82 9.49
N LYS B 3 9.08 17.82 9.64
CA LYS B 3 9.18 16.74 8.67
C LYS B 3 7.92 15.87 8.64
N GLU B 4 7.46 15.46 9.81
CA GLU B 4 6.29 14.60 9.93
C GLU B 4 6.51 13.30 9.17
N THR B 5 5.43 12.62 8.81
CA THR B 5 5.52 11.37 8.08
C THR B 5 5.51 11.63 6.58
N ALA B 6 4.83 12.72 6.19
CA ALA B 6 4.71 13.08 4.78
C ALA B 6 6.06 13.39 4.12
N THR B 7 6.78 14.33 4.70
CA THR B 7 8.08 14.73 4.16
C THR B 7 9.15 13.64 4.33
N LYS B 8 8.80 12.55 5.01
CA LYS B 8 9.73 11.46 5.22
C LYS B 8 9.37 10.27 4.32
N THR B 9 8.42 10.49 3.42
CA THR B 9 7.99 9.45 2.49
C THR B 9 8.70 9.58 1.14
N ARG B 10 9.44 8.53 0.77
CA ARG B 10 10.18 8.49 -0.49
C ARG B 10 11.29 9.53 -0.53
N GLN B 11 11.65 10.05 0.63
CA GLN B 11 12.69 11.05 0.75
C GLN B 11 14.01 10.42 1.12
N PRO B 12 15.12 10.84 0.48
CA PRO B 12 16.46 10.32 0.77
C PRO B 12 16.80 10.45 2.24
N ARG B 13 17.77 9.64 2.69
CA ARG B 13 18.18 9.63 4.09
C ARG B 13 16.98 9.25 4.96
N VAL B 14 16.27 8.21 4.54
CA VAL B 14 15.09 7.73 5.24
C VAL B 14 15.47 6.85 6.44
N GLN B 15 16.44 7.32 7.21
CA GLN B 15 16.92 6.61 8.39
C GLN B 15 15.89 6.70 9.52
N MET B 16 15.22 5.59 9.78
CA MET B 16 14.20 5.52 10.81
C MET B 16 14.12 4.10 11.37
N PRO B 17 13.38 3.89 12.48
CA PRO B 17 13.20 2.56 13.09
C PRO B 17 12.89 1.47 12.07
N ASN B 18 13.41 0.26 12.33
CA ASN B 18 13.22 -0.88 11.44
C ASN B 18 11.76 -1.16 11.13
N GLY B 19 10.91 -1.08 12.14
CA GLY B 19 9.50 -1.34 11.95
C GLY B 19 8.88 -0.38 10.94
N LEU B 20 9.29 0.88 11.01
CA LEU B 20 8.78 1.90 10.12
C LEU B 20 9.34 1.71 8.71
N VAL B 21 10.59 1.27 8.63
CA VAL B 21 11.25 1.05 7.34
C VAL B 21 10.50 0.01 6.51
N LEU B 22 10.15 -1.10 7.15
CA LEU B 22 9.44 -2.18 6.46
C LEU B 22 7.98 -1.80 6.19
N MET B 23 7.38 -1.07 7.13
CA MET B 23 5.99 -0.64 7.00
C MET B 23 5.81 0.38 5.88
N ARG B 24 6.69 1.37 5.85
CA ARG B 24 6.61 2.43 4.84
C ARG B 24 6.96 1.92 3.44
N MET B 25 7.73 0.83 3.40
CA MET B 25 8.14 0.25 2.12
C MET B 25 6.96 -0.26 1.30
N MET B 26 5.88 -0.64 1.99
CA MET B 26 4.69 -1.15 1.31
C MET B 26 4.08 -0.07 0.41
N GLY B 27 4.24 1.19 0.81
CA GLY B 27 3.71 2.28 0.04
C GLY B 27 4.62 2.66 -1.11
N ILE B 28 5.90 2.33 -0.98
CA ILE B 28 6.90 2.63 -2.00
C ILE B 28 6.66 1.74 -3.22
N LEU B 29 6.43 0.46 -2.97
CA LEU B 29 6.20 -0.51 -4.04
C LEU B 29 4.91 -0.19 -4.80
N TRP B 30 4.00 0.52 -4.13
CA TRP B 30 2.74 0.90 -4.71
C TRP B 30 2.89 2.17 -5.52
N HIS B 31 3.57 3.15 -4.94
CA HIS B 31 3.78 4.44 -5.59
C HIS B 31 4.64 4.30 -6.85
N ALA B 32 5.44 3.24 -6.90
CA ALA B 32 6.31 2.97 -8.03
C ALA B 32 5.48 2.75 -9.30
N VAL B 33 4.35 2.09 -9.15
CA VAL B 33 3.47 1.80 -10.28
C VAL B 33 2.48 2.95 -10.48
N ALA B 34 2.24 3.70 -9.40
CA ALA B 34 1.32 4.83 -9.45
C ALA B 34 2.01 6.11 -9.90
N GLY B 35 3.29 6.01 -10.23
CA GLY B 35 4.03 7.17 -10.68
C GLY B 35 5.52 6.93 -10.68
N THR B 36 6.17 7.24 -9.56
CA THR B 36 7.61 7.07 -9.44
C THR B 36 7.99 6.92 -7.97
N ALA B 37 8.87 5.96 -7.71
CA ALA B 37 9.32 5.69 -6.35
C ALA B 37 10.64 4.93 -6.38
N ARG B 38 11.10 4.52 -5.19
CA ARG B 38 12.36 3.79 -5.05
C ARG B 38 13.57 4.64 -5.44
N ASN B 39 13.94 5.54 -4.55
CA ASN B 39 15.07 6.42 -4.77
C ASN B 39 16.37 5.69 -4.38
N PRO B 40 17.53 6.17 -4.87
CA PRO B 40 18.84 5.56 -4.57
C PRO B 40 19.01 5.12 -3.12
N VAL B 41 18.73 6.03 -2.18
CA VAL B 41 18.86 5.71 -0.76
C VAL B 41 17.89 4.61 -0.35
N LEU B 42 16.67 4.69 -0.87
CA LEU B 42 15.64 3.71 -0.55
C LEU B 42 16.02 2.33 -1.09
N LYS B 43 16.63 2.31 -2.27
CA LYS B 43 17.05 1.07 -2.89
C LYS B 43 18.15 0.41 -2.06
N ALA B 44 19.08 1.22 -1.58
CA ALA B 44 20.19 0.73 -0.77
C ALA B 44 19.68 0.18 0.57
N PHE B 45 18.67 0.85 1.12
CA PHE B 45 18.08 0.43 2.38
C PHE B 45 17.43 -0.95 2.25
N TRP B 46 16.83 -1.20 1.09
CA TRP B 46 16.17 -2.47 0.83
C TRP B 46 17.21 -3.55 0.52
N ASN B 47 18.30 -3.15 -0.11
CA ASN B 47 19.38 -4.08 -0.43
C ASN B 47 20.00 -4.62 0.83
N SER B 48 20.12 -3.77 1.84
CA SER B 48 20.69 -4.16 3.12
C SER B 48 19.59 -4.34 4.17
N VAL B 49 18.42 -4.76 3.72
CA VAL B 49 17.30 -4.98 4.63
C VAL B 49 17.42 -6.36 5.29
N PRO B 50 17.12 -6.44 6.60
CA PRO B 50 17.20 -7.70 7.35
C PRO B 50 16.16 -8.70 6.87
N LEU B 51 16.64 -9.80 6.29
CA LEU B 51 15.76 -10.85 5.76
C LEU B 51 14.90 -11.50 6.85
N LYS B 52 15.55 -11.87 7.95
CA LYS B 52 14.84 -12.51 9.06
C LYS B 52 13.81 -11.56 9.65
N GLN B 53 14.17 -10.28 9.70
CA GLN B 53 13.29 -9.26 10.25
C GLN B 53 12.14 -8.97 9.29
N ALA B 54 12.46 -8.85 8.01
CA ALA B 54 11.47 -8.57 6.97
C ALA B 54 10.42 -9.67 6.90
N THR B 55 10.85 -10.92 7.14
CA THR B 55 9.95 -12.05 7.12
C THR B 55 8.83 -11.86 8.16
N ALA B 56 9.20 -11.43 9.35
CA ALA B 56 8.24 -11.20 10.42
C ALA B 56 7.45 -9.92 10.18
N ALA B 57 8.09 -8.94 9.57
CA ALA B 57 7.46 -7.66 9.28
C ALA B 57 6.35 -7.81 8.25
N LEU B 58 6.62 -8.57 7.20
CA LEU B 58 5.64 -8.80 6.14
C LEU B 58 4.41 -9.52 6.70
N ARG B 59 4.64 -10.40 7.67
CA ARG B 59 3.56 -11.15 8.29
C ARG B 59 2.75 -10.25 9.23
N LYS B 60 3.36 -9.15 9.64
CA LYS B 60 2.70 -8.20 10.53
C LYS B 60 1.75 -7.31 9.73
N ILE B 61 2.19 -6.89 8.55
CA ILE B 61 1.37 -6.06 7.66
C ILE B 61 0.16 -6.87 7.21
N LYS B 62 0.34 -8.18 7.18
CA LYS B 62 -0.72 -9.10 6.78
C LYS B 62 -1.79 -9.20 7.86
N ARG B 63 -1.55 -8.57 9.01
CA ARG B 63 -2.50 -8.58 10.10
C ARG B 63 -3.11 -7.20 10.33
N THR B 64 -2.29 -6.16 10.18
CA THR B 64 -2.74 -4.79 10.38
C THR B 64 -3.88 -4.41 9.42
N VAL B 65 -3.72 -4.78 8.16
CA VAL B 65 -4.73 -4.47 7.15
C VAL B 65 -5.99 -5.30 7.39
N SER B 66 -5.82 -6.52 7.88
CA SER B 66 -6.94 -7.41 8.14
C SER B 66 -7.75 -6.95 9.35
N ALA B 67 -7.07 -6.43 10.36
CA ALA B 67 -7.71 -5.95 11.58
C ALA B 67 -8.73 -4.85 11.27
N LEU B 68 -8.44 -4.03 10.26
CA LEU B 68 -9.33 -2.95 9.89
C LEU B 68 -10.12 -3.29 8.63
N MET B 69 -9.82 -4.46 8.05
CA MET B 69 -10.50 -4.94 6.85
C MET B 69 -12.01 -5.02 7.06
N VAL B 70 -12.41 -5.83 8.04
CA VAL B 70 -13.82 -5.99 8.36
C VAL B 70 -14.20 -5.11 9.55
N GLY B 71 -13.18 -4.50 10.15
CA GLY B 71 -13.41 -3.64 11.30
C GLY B 71 -14.02 -2.31 10.90
N LEU B 72 -13.57 -1.77 9.77
CA LEU B 72 -14.08 -0.50 9.26
C LEU B 72 -15.57 -0.62 8.95
N GLN B 73 -15.96 -1.79 8.45
CA GLN B 73 -17.35 -2.07 8.11
C GLN B 73 -18.23 -2.02 9.36
N LYS B 74 -17.65 -2.42 10.49
CA LYS B 74 -18.38 -2.43 11.75
C LYS B 74 -18.59 -1.02 12.26
N ARG B 75 -17.68 -0.12 11.91
CA ARG B 75 -17.77 1.27 12.33
C ARG B 75 -18.65 2.05 11.35
N GLY B 76 -18.90 1.45 10.19
CA GLY B 76 -19.72 2.09 9.18
C GLY B 76 -18.88 2.63 8.06
N LYS B 77 -18.70 3.94 8.05
CA LYS B 77 -17.91 4.60 7.03
C LYS B 77 -17.05 5.68 7.66
N ARG B 78 -15.76 5.42 7.77
CA ARG B 78 -14.83 6.37 8.36
C ARG B 78 -13.59 6.52 7.49
N ARG B 79 -13.19 7.76 7.26
CA ARG B 79 -12.02 8.08 6.45
C ARG B 79 -12.18 7.62 5.01
N VAL A 1 -5.83 14.14 -21.52
CA VAL A 1 -5.08 14.67 -20.38
C VAL A 1 -4.84 13.58 -19.34
N SER A 2 -5.69 12.57 -19.36
CA SER A 2 -5.57 11.46 -18.42
C SER A 2 -4.63 10.40 -18.95
N LYS A 3 -3.35 10.72 -19.03
CA LYS A 3 -2.36 9.78 -19.52
C LYS A 3 -1.99 8.77 -18.44
N GLU A 4 -2.25 7.50 -18.74
CA GLU A 4 -1.95 6.40 -17.81
C GLU A 4 -2.86 6.42 -16.59
N THR A 5 -3.05 5.25 -15.97
CA THR A 5 -3.88 5.11 -14.79
C THR A 5 -3.30 5.90 -13.62
N ALA A 6 -2.01 6.22 -13.72
CA ALA A 6 -1.32 6.97 -12.69
C ALA A 6 -1.99 8.34 -12.47
N THR A 7 -2.36 8.98 -13.56
CA THR A 7 -3.00 10.28 -13.49
C THR A 7 -4.50 10.15 -13.23
N LYS A 8 -5.04 8.98 -13.55
CA LYS A 8 -6.45 8.72 -13.36
C LYS A 8 -6.77 8.48 -11.87
N THR A 9 -5.82 7.92 -11.16
CA THR A 9 -5.98 7.65 -9.73
C THR A 9 -5.78 8.95 -8.93
N ARG A 10 -6.57 9.11 -7.86
CA ARG A 10 -6.51 10.30 -7.01
C ARG A 10 -6.98 11.54 -7.76
N GLN A 11 -7.77 11.32 -8.80
CA GLN A 11 -8.30 12.39 -9.61
C GLN A 11 -9.79 12.54 -9.33
N PRO A 12 -10.32 13.78 -9.34
CA PRO A 12 -11.75 14.03 -9.08
C PRO A 12 -12.65 13.24 -10.03
N ARG A 13 -13.75 12.74 -9.48
CA ARG A 13 -14.73 11.97 -10.25
C ARG A 13 -14.15 10.66 -10.78
N VAL A 14 -13.33 10.01 -9.96
CA VAL A 14 -12.72 8.74 -10.34
C VAL A 14 -13.66 7.57 -10.05
N GLN A 15 -14.59 7.31 -10.96
CA GLN A 15 -15.53 6.23 -10.78
C GLN A 15 -15.12 5.01 -11.60
N MET A 16 -14.33 4.14 -10.99
CA MET A 16 -13.87 2.93 -11.65
C MET A 16 -14.63 1.73 -11.11
N PRO A 17 -14.62 0.60 -11.84
CA PRO A 17 -15.31 -0.63 -11.42
C PRO A 17 -14.91 -1.05 -10.01
N ASN A 18 -15.79 -1.78 -9.34
CA ASN A 18 -15.58 -2.24 -7.97
C ASN A 18 -14.19 -2.85 -7.74
N GLY A 19 -13.86 -3.84 -8.55
CA GLY A 19 -12.57 -4.51 -8.42
C GLY A 19 -11.38 -3.63 -8.75
N LEU A 20 -11.61 -2.61 -9.56
CA LEU A 20 -10.53 -1.71 -9.96
C LEU A 20 -10.32 -0.59 -8.94
N VAL A 21 -11.42 0.02 -8.50
CA VAL A 21 -11.34 1.11 -7.55
C VAL A 21 -10.82 0.63 -6.20
N LEU A 22 -11.20 -0.59 -5.80
CA LEU A 22 -10.76 -1.15 -4.54
C LEU A 22 -9.26 -1.45 -4.56
N MET A 23 -8.77 -1.83 -5.74
CA MET A 23 -7.35 -2.14 -5.91
C MET A 23 -6.51 -0.88 -5.82
N ARG A 24 -6.93 0.17 -6.52
CA ARG A 24 -6.20 1.43 -6.52
C ARG A 24 -6.35 2.15 -5.19
N MET A 25 -7.41 1.83 -4.45
CA MET A 25 -7.67 2.45 -3.16
C MET A 25 -6.57 2.10 -2.16
N MET A 26 -5.88 0.99 -2.40
CA MET A 26 -4.81 0.54 -1.52
C MET A 26 -3.65 1.54 -1.53
N GLY A 27 -3.55 2.32 -2.60
CA GLY A 27 -2.48 3.28 -2.72
C GLY A 27 -2.84 4.62 -2.11
N ILE A 28 -4.11 4.82 -1.81
CA ILE A 28 -4.59 6.07 -1.24
C ILE A 28 -4.11 6.22 0.20
N LEU A 29 -4.08 5.12 0.93
CA LEU A 29 -3.65 5.13 2.33
C LEU A 29 -2.17 5.46 2.47
N TRP A 30 -1.41 5.28 1.40
CA TRP A 30 0.01 5.57 1.42
C TRP A 30 0.33 6.93 0.82
N HIS A 31 -0.41 7.31 -0.21
CA HIS A 31 -0.20 8.59 -0.88
C HIS A 31 -0.50 9.76 0.03
N ALA A 32 -1.37 9.54 1.01
CA ALA A 32 -1.73 10.59 1.95
C ALA A 32 -0.53 10.99 2.80
N VAL A 33 0.29 10.01 3.16
CA VAL A 33 1.47 10.26 3.97
C VAL A 33 2.66 10.59 3.08
N ALA A 34 2.67 10.03 1.89
CA ALA A 34 3.76 10.25 0.95
C ALA A 34 3.48 11.46 0.06
N GLY A 35 2.64 12.37 0.54
CA GLY A 35 2.30 13.54 -0.21
C GLY A 35 0.96 14.10 0.20
N THR A 36 -0.01 14.03 -0.71
CA THR A 36 -1.35 14.53 -0.43
C THR A 36 -2.39 13.68 -1.17
N ALA A 37 -3.48 13.38 -0.48
CA ALA A 37 -4.55 12.58 -1.05
C ALA A 37 -5.83 12.78 -0.21
N ARG A 38 -6.64 11.72 -0.13
CA ARG A 38 -7.88 11.75 0.64
C ARG A 38 -8.83 12.82 0.13
N ASN A 39 -9.06 12.82 -1.18
CA ASN A 39 -9.96 13.79 -1.81
C ASN A 39 -11.41 13.43 -1.52
N PRO A 40 -12.33 14.42 -1.56
CA PRO A 40 -13.76 14.21 -1.30
C PRO A 40 -14.34 13.03 -2.08
N VAL A 41 -14.04 12.97 -3.38
CA VAL A 41 -14.52 11.89 -4.24
C VAL A 41 -14.01 10.55 -3.75
N LEU A 42 -12.75 10.53 -3.35
CA LEU A 42 -12.12 9.31 -2.84
C LEU A 42 -12.77 8.89 -1.53
N LYS A 43 -13.09 9.88 -0.70
CA LYS A 43 -13.73 9.63 0.59
C LYS A 43 -15.11 9.01 0.38
N ALA A 44 -15.80 9.47 -0.65
CA ALA A 44 -17.13 8.96 -0.98
C ALA A 44 -17.08 7.47 -1.31
N PHE A 45 -16.06 7.07 -2.04
CA PHE A 45 -15.88 5.68 -2.43
C PHE A 45 -15.38 4.85 -1.24
N TRP A 46 -14.76 5.53 -0.28
CA TRP A 46 -14.24 4.87 0.90
C TRP A 46 -15.38 4.39 1.80
N ASN A 47 -16.47 5.15 1.80
CA ASN A 47 -17.63 4.79 2.63
C ASN A 47 -18.69 4.02 1.84
N SER A 48 -18.40 3.73 0.57
CA SER A 48 -19.32 3.01 -0.27
C SER A 48 -18.69 1.75 -0.85
N VAL A 49 -18.52 0.74 -0.01
CA VAL A 49 -17.93 -0.52 -0.43
C VAL A 49 -18.68 -1.70 0.19
N PRO A 50 -18.68 -2.86 -0.51
CA PRO A 50 -19.35 -4.07 -0.01
C PRO A 50 -18.58 -4.63 1.18
N LEU A 51 -19.18 -4.53 2.36
CA LEU A 51 -18.58 -4.99 3.60
C LEU A 51 -18.02 -6.41 3.53
N LYS A 52 -18.85 -7.36 3.09
CA LYS A 52 -18.44 -8.75 3.00
C LYS A 52 -17.36 -8.97 1.93
N GLN A 53 -17.50 -8.32 0.79
CA GLN A 53 -16.54 -8.48 -0.30
C GLN A 53 -15.22 -7.75 -0.01
N ALA A 54 -15.30 -6.66 0.74
CA ALA A 54 -14.12 -5.87 1.08
C ALA A 54 -13.06 -6.70 1.79
N THR A 55 -13.47 -7.46 2.79
CA THR A 55 -12.54 -8.29 3.55
C THR A 55 -12.14 -9.54 2.75
N ALA A 56 -13.04 -9.99 1.87
CA ALA A 56 -12.77 -11.16 1.06
C ALA A 56 -11.75 -10.86 -0.03
N ALA A 57 -11.97 -9.77 -0.76
CA ALA A 57 -11.07 -9.37 -1.83
C ALA A 57 -9.72 -8.97 -1.25
N LEU A 58 -9.76 -8.41 -0.04
CA LEU A 58 -8.55 -8.00 0.65
C LEU A 58 -7.70 -9.21 1.00
N ARG A 59 -8.35 -10.31 1.36
CA ARG A 59 -7.65 -11.54 1.71
C ARG A 59 -6.85 -12.07 0.52
N LYS A 60 -7.39 -11.87 -0.68
CA LYS A 60 -6.73 -12.31 -1.90
C LYS A 60 -5.45 -11.53 -2.11
N ILE A 61 -5.50 -10.22 -1.85
CA ILE A 61 -4.33 -9.36 -2.00
C ILE A 61 -3.30 -9.71 -0.93
N LYS A 62 -3.79 -9.98 0.26
CA LYS A 62 -2.94 -10.35 1.40
C LYS A 62 -2.10 -11.57 1.06
N ARG A 63 -2.66 -12.47 0.25
CA ARG A 63 -1.99 -13.69 -0.17
C ARG A 63 -0.80 -13.38 -1.08
N THR A 64 -1.02 -12.45 -2.01
CA THR A 64 0.03 -12.06 -2.95
C THR A 64 1.25 -11.49 -2.22
N VAL A 65 0.99 -10.70 -1.19
CA VAL A 65 2.06 -10.10 -0.39
C VAL A 65 2.97 -11.17 0.20
N SER A 66 2.38 -12.27 0.63
CA SER A 66 3.13 -13.36 1.20
C SER A 66 3.94 -14.10 0.13
N ALA A 67 3.28 -14.41 -0.98
CA ALA A 67 3.91 -15.13 -2.09
C ALA A 67 5.11 -14.38 -2.66
N LEU A 68 4.98 -13.07 -2.80
CA LEU A 68 6.05 -12.25 -3.35
C LEU A 68 7.29 -12.24 -2.45
N MET A 69 7.08 -12.23 -1.15
CA MET A 69 8.19 -12.21 -0.21
C MET A 69 8.76 -13.61 0.03
N VAL A 70 7.89 -14.59 0.25
CA VAL A 70 8.31 -15.96 0.50
C VAL A 70 8.99 -16.56 -0.73
N GLY A 71 8.46 -16.24 -1.92
CA GLY A 71 9.03 -16.75 -3.15
C GLY A 71 10.47 -16.29 -3.38
N LEU A 72 10.78 -15.10 -2.91
CA LEU A 72 12.12 -14.54 -3.06
C LEU A 72 13.12 -15.26 -2.16
N GLN A 73 12.63 -15.74 -1.03
CA GLN A 73 13.46 -16.45 -0.06
C GLN A 73 13.85 -17.83 -0.59
N LYS A 74 13.06 -18.34 -1.52
CA LYS A 74 13.32 -19.65 -2.11
C LYS A 74 14.35 -19.54 -3.23
N ARG A 75 14.76 -18.32 -3.55
CA ARG A 75 15.73 -18.10 -4.60
C ARG A 75 17.14 -18.27 -4.06
N GLY A 76 17.33 -17.99 -2.79
CA GLY A 76 18.63 -18.12 -2.19
C GLY A 76 19.42 -16.83 -2.28
N LYS A 77 19.16 -15.93 -1.35
CA LYS A 77 19.84 -14.65 -1.32
C LYS A 77 21.15 -14.77 -0.56
N ARG A 78 22.23 -14.97 -1.29
CA ARG A 78 23.54 -15.12 -0.66
C ARG A 78 24.54 -14.14 -1.23
N ARG A 79 25.70 -14.04 -0.60
CA ARG A 79 26.76 -13.12 -1.02
C ARG A 79 26.34 -11.66 -0.87
N VAL B 1 15.30 19.91 4.75
CA VAL B 1 14.36 20.30 3.70
C VAL B 1 13.12 19.40 3.75
N SER B 2 13.30 18.23 4.37
CA SER B 2 12.22 17.26 4.49
C SER B 2 11.17 17.72 5.50
N LYS B 3 9.95 17.97 5.02
CA LYS B 3 8.86 18.38 5.89
C LYS B 3 7.90 17.22 6.10
N GLU B 4 7.56 16.96 7.35
CA GLU B 4 6.66 15.86 7.70
C GLU B 4 7.29 14.53 7.28
N THR B 5 6.46 13.54 7.07
CA THR B 5 6.93 12.23 6.65
C THR B 5 6.88 12.14 5.12
N ALA B 6 6.23 13.11 4.51
CA ALA B 6 6.07 13.15 3.05
C ALA B 6 7.41 13.24 2.33
N THR B 7 8.16 14.30 2.61
CA THR B 7 9.46 14.50 1.97
C THR B 7 10.48 13.44 2.39
N LYS B 8 10.22 12.80 3.53
CA LYS B 8 11.10 11.76 4.04
C LYS B 8 10.89 10.45 3.29
N THR B 9 9.72 10.30 2.69
CA THR B 9 9.40 9.09 1.95
C THR B 9 9.96 9.17 0.53
N ARG B 10 10.64 8.11 0.10
CA ARG B 10 11.23 8.03 -1.23
C ARG B 10 12.44 8.97 -1.38
N GLN B 11 12.93 9.46 -0.25
CA GLN B 11 14.06 10.35 -0.24
C GLN B 11 15.37 9.57 -0.31
N PRO B 12 16.33 10.03 -1.12
CA PRO B 12 17.63 9.37 -1.25
C PRO B 12 18.35 9.31 0.10
N ARG B 13 19.03 8.18 0.35
CA ARG B 13 19.75 7.98 1.62
C ARG B 13 18.79 8.01 2.81
N VAL B 14 17.69 7.28 2.67
CA VAL B 14 16.69 7.22 3.73
C VAL B 14 16.92 6.02 4.66
N GLN B 15 17.90 6.16 5.56
CA GLN B 15 18.23 5.09 6.48
C GLN B 15 17.33 5.17 7.72
N MET B 16 16.16 4.57 7.62
CA MET B 16 15.21 4.55 8.72
C MET B 16 15.20 3.19 9.39
N PRO B 17 14.79 3.11 10.66
CA PRO B 17 14.72 1.83 11.40
C PRO B 17 13.88 0.81 10.64
N ASN B 18 14.29 -0.45 10.72
CA ASN B 18 13.61 -1.56 10.03
C ASN B 18 12.10 -1.51 10.15
N GLY B 19 11.60 -1.33 11.37
CA GLY B 19 10.17 -1.29 11.61
C GLY B 19 9.45 -0.20 10.83
N LEU B 20 10.12 0.93 10.62
CA LEU B 20 9.53 2.04 9.89
C LEU B 20 9.85 1.97 8.40
N VAL B 21 11.05 1.51 8.08
CA VAL B 21 11.48 1.42 6.68
C VAL B 21 10.63 0.41 5.89
N LEU B 22 10.24 -0.68 6.54
CA LEU B 22 9.42 -1.70 5.88
C LEU B 22 8.06 -1.14 5.50
N MET B 23 7.53 -0.28 6.36
CA MET B 23 6.22 0.34 6.13
C MET B 23 6.33 1.36 5.00
N ARG B 24 7.38 2.16 5.04
CA ARG B 24 7.61 3.18 4.03
C ARG B 24 7.95 2.53 2.69
N MET B 25 8.57 1.35 2.75
CA MET B 25 8.96 0.61 1.55
C MET B 25 7.76 0.27 0.68
N MET B 26 6.63 0.00 1.31
CA MET B 26 5.41 -0.33 0.58
C MET B 26 4.95 0.89 -0.22
N GLY B 27 5.27 2.07 0.28
CA GLY B 27 4.90 3.30 -0.40
C GLY B 27 5.84 3.59 -1.55
N ILE B 28 7.01 2.98 -1.52
CA ILE B 28 8.01 3.16 -2.57
C ILE B 28 7.51 2.51 -3.86
N LEU B 29 6.90 1.34 -3.72
CA LEU B 29 6.36 0.63 -4.86
C LEU B 29 5.06 1.30 -5.32
N TRP B 30 4.32 1.85 -4.37
CA TRP B 30 3.07 2.53 -4.66
C TRP B 30 3.30 3.82 -5.44
N HIS B 31 4.33 4.57 -5.04
CA HIS B 31 4.66 5.84 -5.68
C HIS B 31 5.05 5.64 -7.14
N ALA B 32 5.62 4.49 -7.44
CA ALA B 32 6.04 4.17 -8.81
C ALA B 32 4.83 4.03 -9.73
N VAL B 33 3.69 3.70 -9.14
CA VAL B 33 2.46 3.52 -9.90
C VAL B 33 1.68 4.84 -9.98
N ALA B 34 2.26 5.90 -9.41
CA ALA B 34 1.63 7.21 -9.42
C ALA B 34 2.53 8.20 -10.15
N GLY B 35 3.74 8.37 -9.67
CA GLY B 35 4.67 9.28 -10.28
C GLY B 35 5.93 8.56 -10.71
N THR B 36 6.87 8.44 -9.79
CA THR B 36 8.12 7.76 -10.05
C THR B 36 8.76 7.30 -8.75
N ALA B 37 9.71 6.37 -8.86
CA ALA B 37 10.42 5.83 -7.72
C ALA B 37 11.57 4.95 -8.19
N ARG B 38 11.89 3.92 -7.42
CA ARG B 38 12.96 2.97 -7.76
C ARG B 38 14.33 3.64 -7.78
N ASN B 39 14.66 4.37 -6.71
CA ASN B 39 15.95 5.03 -6.60
C ASN B 39 17.04 3.99 -6.29
N PRO B 40 18.30 4.25 -6.68
CA PRO B 40 19.42 3.32 -6.44
C PRO B 40 19.50 2.90 -4.96
N VAL B 41 19.54 3.89 -4.06
CA VAL B 41 19.62 3.63 -2.63
C VAL B 41 18.39 2.83 -2.18
N LEU B 42 17.25 3.13 -2.79
CA LEU B 42 16.00 2.46 -2.45
C LEU B 42 16.06 0.99 -2.88
N LYS B 43 16.68 0.74 -4.03
CA LYS B 43 16.82 -0.62 -4.54
C LYS B 43 17.75 -1.42 -3.61
N ALA B 44 18.79 -0.76 -3.13
CA ALA B 44 19.74 -1.38 -2.22
C ALA B 44 19.04 -1.82 -0.93
N PHE B 45 18.15 -0.97 -0.43
CA PHE B 45 17.39 -1.28 0.77
C PHE B 45 16.41 -2.40 0.51
N TRP B 46 15.88 -2.44 -0.72
CA TRP B 46 14.93 -3.47 -1.12
C TRP B 46 15.54 -4.86 -1.06
N ASN B 47 16.82 -4.97 -1.43
CA ASN B 47 17.49 -6.26 -1.40
C ASN B 47 18.16 -6.51 -0.05
N SER B 48 17.90 -5.62 0.90
CA SER B 48 18.46 -5.74 2.23
C SER B 48 17.37 -6.01 3.26
N VAL B 49 16.25 -6.54 2.76
CA VAL B 49 15.12 -6.86 3.63
C VAL B 49 15.33 -8.19 4.35
N PRO B 50 14.93 -8.26 5.63
CA PRO B 50 15.07 -9.48 6.44
C PRO B 50 14.24 -10.63 5.90
N LEU B 51 14.44 -11.81 6.45
CA LEU B 51 13.72 -13.00 6.00
C LEU B 51 12.42 -13.20 6.77
N LYS B 52 12.52 -13.80 7.96
CA LYS B 52 11.35 -14.08 8.78
C LYS B 52 10.80 -12.80 9.41
N GLN B 53 11.69 -11.89 9.75
CA GLN B 53 11.30 -10.62 10.37
C GLN B 53 10.44 -9.80 9.43
N ALA B 54 10.74 -9.86 8.14
CA ALA B 54 9.99 -9.11 7.13
C ALA B 54 8.64 -9.75 6.87
N THR B 55 8.60 -11.08 6.84
CA THR B 55 7.36 -11.80 6.59
C THR B 55 6.38 -11.61 7.74
N ALA B 56 6.89 -11.74 8.96
CA ALA B 56 6.06 -11.59 10.15
C ALA B 56 5.52 -10.17 10.27
N ALA B 57 6.39 -9.18 10.06
CA ALA B 57 5.99 -7.78 10.15
C ALA B 57 4.87 -7.46 9.15
N LEU B 58 5.06 -7.87 7.89
CA LEU B 58 4.07 -7.62 6.85
C LEU B 58 2.74 -8.31 7.17
N ARG B 59 2.82 -9.51 7.74
CA ARG B 59 1.63 -10.27 8.09
C ARG B 59 0.87 -9.64 9.26
N LYS B 60 1.60 -8.90 10.10
CA LYS B 60 0.98 -8.23 11.25
C LYS B 60 0.22 -7.01 10.77
N ILE B 61 0.71 -6.37 9.73
CA ILE B 61 0.08 -5.19 9.17
C ILE B 61 -1.17 -5.60 8.40
N LYS B 62 -1.06 -6.67 7.61
CA LYS B 62 -2.17 -7.18 6.82
C LYS B 62 -3.36 -7.51 7.72
N ARG B 63 -3.07 -7.95 8.94
CA ARG B 63 -4.10 -8.30 9.90
C ARG B 63 -4.94 -7.08 10.26
N THR B 64 -4.26 -6.00 10.63
CA THR B 64 -4.92 -4.75 11.00
C THR B 64 -5.79 -4.21 9.86
N VAL B 65 -5.29 -4.32 8.63
CA VAL B 65 -6.02 -3.84 7.47
C VAL B 65 -7.35 -4.59 7.31
N SER B 66 -7.30 -5.91 7.41
CA SER B 66 -8.50 -6.72 7.28
C SER B 66 -9.46 -6.52 8.45
N ALA B 67 -8.90 -6.22 9.62
CA ALA B 67 -9.71 -6.00 10.82
C ALA B 67 -10.65 -4.81 10.61
N LEU B 68 -10.17 -3.80 9.91
CA LEU B 68 -10.95 -2.61 9.63
C LEU B 68 -12.10 -2.93 8.68
N MET B 69 -11.81 -3.77 7.68
CA MET B 69 -12.82 -4.17 6.70
C MET B 69 -13.97 -4.92 7.36
N VAL B 70 -13.64 -5.80 8.29
CA VAL B 70 -14.65 -6.58 9.00
C VAL B 70 -15.33 -5.72 10.06
N GLY B 71 -14.57 -4.77 10.62
CA GLY B 71 -15.11 -3.89 11.64
C GLY B 71 -16.15 -2.94 11.08
N LEU B 72 -15.95 -2.52 9.83
CA LEU B 72 -16.88 -1.62 9.18
C LEU B 72 -18.23 -2.30 8.94
N GLN B 73 -18.21 -3.63 8.91
CA GLN B 73 -19.42 -4.41 8.70
C GLN B 73 -20.32 -4.32 9.92
N LYS B 74 -19.73 -3.97 11.07
CA LYS B 74 -20.48 -3.85 12.30
C LYS B 74 -21.18 -2.48 12.38
N ARG B 75 -20.79 -1.58 11.50
CA ARG B 75 -21.38 -0.24 11.48
C ARG B 75 -22.81 -0.27 10.97
N GLY B 76 -22.99 -0.73 9.74
CA GLY B 76 -24.31 -0.79 9.15
C GLY B 76 -24.76 0.58 8.67
N LYS B 77 -24.08 1.07 7.64
CA LYS B 77 -24.39 2.38 7.07
C LYS B 77 -25.75 2.37 6.39
N ARG B 78 -26.71 3.03 7.02
CA ARG B 78 -28.06 3.11 6.49
C ARG B 78 -28.38 4.54 6.10
N ARG B 79 -29.50 4.73 5.41
CA ARG B 79 -29.95 6.06 4.96
C ARG B 79 -28.95 6.67 3.98
N VAL A 1 -7.84 8.90 -21.51
CA VAL A 1 -7.71 7.50 -21.90
C VAL A 1 -6.24 7.11 -22.03
N SER A 2 -5.42 8.09 -22.37
CA SER A 2 -3.99 7.88 -22.54
C SER A 2 -3.28 8.02 -21.20
N LYS A 3 -4.01 8.49 -20.20
CA LYS A 3 -3.46 8.68 -18.85
C LYS A 3 -3.53 7.37 -18.05
N GLU A 4 -4.24 6.39 -18.61
CA GLU A 4 -4.39 5.09 -17.98
C GLU A 4 -4.92 5.19 -16.56
N THR A 5 -4.51 4.25 -15.73
CA THR A 5 -4.93 4.22 -14.33
C THR A 5 -3.88 4.91 -13.46
N ALA A 6 -2.69 5.12 -14.03
CA ALA A 6 -1.60 5.77 -13.31
C ALA A 6 -1.97 7.18 -12.88
N THR A 7 -2.50 7.95 -13.82
CA THR A 7 -2.91 9.33 -13.54
C THR A 7 -4.34 9.37 -13.01
N LYS A 8 -4.94 8.19 -12.87
CA LYS A 8 -6.30 8.08 -12.37
C LYS A 8 -6.31 7.92 -10.86
N THR A 9 -5.22 7.34 -10.34
CA THR A 9 -5.06 7.11 -8.92
C THR A 9 -4.84 8.42 -8.18
N ARG A 10 -5.58 8.61 -7.09
CA ARG A 10 -5.49 9.81 -6.26
C ARG A 10 -5.98 11.06 -7.01
N GLN A 11 -6.87 10.84 -7.96
CA GLN A 11 -7.42 11.93 -8.76
C GLN A 11 -8.95 11.91 -8.67
N PRO A 12 -9.60 13.09 -8.78
CA PRO A 12 -11.06 13.21 -8.73
C PRO A 12 -11.75 12.41 -9.83
N ARG A 13 -12.97 11.96 -9.55
CA ARG A 13 -13.76 11.17 -10.50
C ARG A 13 -13.01 9.91 -10.92
N VAL A 14 -12.60 9.12 -9.93
CA VAL A 14 -11.87 7.90 -10.19
C VAL A 14 -12.81 6.73 -10.48
N GLN A 15 -13.65 6.91 -11.48
CA GLN A 15 -14.60 5.87 -11.89
C GLN A 15 -13.88 4.74 -12.62
N MET A 16 -13.70 3.63 -11.94
CA MET A 16 -13.02 2.48 -12.50
C MET A 16 -13.74 1.21 -12.08
N PRO A 17 -13.41 0.06 -12.71
CA PRO A 17 -14.01 -1.23 -12.37
C PRO A 17 -13.91 -1.53 -10.87
N ASN A 18 -14.91 -2.21 -10.35
CA ASN A 18 -15.01 -2.55 -8.93
C ASN A 18 -13.70 -3.10 -8.36
N GLY A 19 -13.16 -4.13 -9.01
CA GLY A 19 -11.93 -4.75 -8.53
C GLY A 19 -10.75 -3.80 -8.50
N LEU A 20 -10.70 -2.87 -9.44
CA LEU A 20 -9.61 -1.91 -9.52
C LEU A 20 -9.68 -0.90 -8.39
N VAL A 21 -10.89 -0.45 -8.08
CA VAL A 21 -11.10 0.52 -7.01
C VAL A 21 -10.74 -0.06 -5.65
N LEU A 22 -11.12 -1.32 -5.44
CA LEU A 22 -10.87 -2.00 -4.17
C LEU A 22 -9.37 -2.12 -3.87
N MET A 23 -8.58 -2.36 -4.90
CA MET A 23 -7.13 -2.51 -4.73
C MET A 23 -6.43 -1.16 -4.70
N ARG A 24 -7.09 -0.14 -5.22
CA ARG A 24 -6.53 1.20 -5.26
C ARG A 24 -6.76 1.92 -3.93
N MET A 25 -7.85 1.57 -3.26
CA MET A 25 -8.21 2.20 -1.99
C MET A 25 -7.11 2.03 -0.94
N MET A 26 -6.58 0.82 -0.81
CA MET A 26 -5.53 0.55 0.16
C MET A 26 -4.28 1.40 -0.11
N GLY A 27 -4.03 1.67 -1.38
CA GLY A 27 -2.87 2.48 -1.74
C GLY A 27 -3.02 3.93 -1.31
N ILE A 28 -4.25 4.42 -1.39
CA ILE A 28 -4.54 5.80 -1.00
C ILE A 28 -4.35 5.98 0.51
N LEU A 29 -4.87 5.02 1.27
CA LEU A 29 -4.77 5.06 2.72
C LEU A 29 -3.32 5.01 3.17
N TRP A 30 -2.55 4.11 2.59
CA TRP A 30 -1.14 3.97 2.93
C TRP A 30 -0.35 5.21 2.52
N HIS A 31 -0.76 5.83 1.42
CA HIS A 31 -0.10 7.02 0.92
C HIS A 31 -0.40 8.23 1.82
N ALA A 32 -1.57 8.22 2.44
CA ALA A 32 -1.98 9.31 3.31
C ALA A 32 -1.19 9.31 4.62
N VAL A 33 -0.92 8.11 5.13
CA VAL A 33 -0.18 7.97 6.39
C VAL A 33 1.32 8.18 6.18
N ALA A 34 1.77 8.07 4.94
CA ALA A 34 3.18 8.24 4.60
C ALA A 34 3.47 9.66 4.13
N GLY A 35 2.56 10.22 3.34
CA GLY A 35 2.73 11.56 2.84
C GLY A 35 1.47 12.38 2.98
N THR A 36 0.58 12.27 2.00
CA THR A 36 -0.68 13.00 2.03
C THR A 36 -1.59 12.53 0.89
N ALA A 37 -2.87 12.35 1.21
CA ALA A 37 -3.88 11.91 0.25
C ALA A 37 -5.26 11.98 0.86
N ARG A 38 -5.99 13.04 0.56
CA ARG A 38 -7.34 13.22 1.07
C ARG A 38 -8.24 13.85 0.03
N ASN A 39 -8.58 13.07 -0.98
CA ASN A 39 -9.45 13.53 -2.07
C ASN A 39 -10.90 13.52 -1.62
N PRO A 40 -11.64 14.61 -1.87
CA PRO A 40 -13.06 14.72 -1.50
C PRO A 40 -13.90 13.64 -2.18
N VAL A 41 -13.63 13.41 -3.46
CA VAL A 41 -14.35 12.41 -4.24
C VAL A 41 -14.09 11.01 -3.71
N LEU A 42 -12.84 10.76 -3.32
CA LEU A 42 -12.45 9.46 -2.79
C LEU A 42 -13.05 9.21 -1.41
N LYS A 43 -13.33 10.30 -0.70
CA LYS A 43 -13.92 10.21 0.62
C LYS A 43 -15.33 9.66 0.52
N ALA A 44 -16.03 10.05 -0.54
CA ALA A 44 -17.40 9.59 -0.78
C ALA A 44 -17.41 8.10 -1.10
N PHE A 45 -16.36 7.64 -1.78
CA PHE A 45 -16.24 6.24 -2.15
C PHE A 45 -15.95 5.38 -0.92
N TRP A 46 -15.26 5.97 0.05
CA TRP A 46 -14.92 5.26 1.28
C TRP A 46 -16.18 4.95 2.09
N ASN A 47 -17.15 5.84 2.02
CA ASN A 47 -18.41 5.69 2.75
C ASN A 47 -19.45 4.97 1.89
N SER A 48 -19.11 4.68 0.64
CA SER A 48 -20.03 4.00 -0.26
C SER A 48 -19.40 2.73 -0.85
N VAL A 49 -18.33 2.27 -0.25
CA VAL A 49 -17.65 1.06 -0.72
C VAL A 49 -18.35 -0.21 -0.24
N PRO A 50 -18.67 -1.12 -1.18
CA PRO A 50 -19.33 -2.39 -0.87
C PRO A 50 -18.51 -3.22 0.11
N LEU A 51 -19.01 -3.32 1.34
CA LEU A 51 -18.34 -4.05 2.40
C LEU A 51 -18.08 -5.51 2.03
N LYS A 52 -19.07 -6.17 1.44
CA LYS A 52 -18.96 -7.56 1.05
C LYS A 52 -17.80 -7.78 0.08
N GLN A 53 -17.81 -7.03 -1.02
CA GLN A 53 -16.77 -7.14 -2.03
C GLN A 53 -15.39 -6.75 -1.48
N ALA A 54 -15.36 -5.66 -0.72
CA ALA A 54 -14.12 -5.17 -0.15
C ALA A 54 -13.46 -6.21 0.76
N THR A 55 -14.28 -6.94 1.51
CA THR A 55 -13.78 -7.97 2.42
C THR A 55 -13.04 -9.06 1.64
N ALA A 56 -13.63 -9.48 0.52
CA ALA A 56 -13.03 -10.51 -0.31
C ALA A 56 -11.80 -9.99 -1.04
N ALA A 57 -11.86 -8.73 -1.47
CA ALA A 57 -10.77 -8.10 -2.18
C ALA A 57 -9.53 -7.94 -1.29
N LEU A 58 -9.74 -7.45 -0.07
CA LEU A 58 -8.65 -7.25 0.87
C LEU A 58 -7.97 -8.56 1.23
N ARG A 59 -8.70 -9.66 1.17
CA ARG A 59 -8.15 -10.96 1.47
C ARG A 59 -7.24 -11.41 0.33
N LYS A 60 -7.67 -11.13 -0.90
CA LYS A 60 -6.90 -11.47 -2.08
C LYS A 60 -5.55 -10.75 -2.05
N ILE A 61 -5.59 -9.46 -1.77
CA ILE A 61 -4.37 -8.65 -1.71
C ILE A 61 -3.46 -9.18 -0.61
N LYS A 62 -4.04 -9.44 0.55
CA LYS A 62 -3.29 -9.96 1.70
C LYS A 62 -2.51 -11.21 1.34
N ARG A 63 -3.20 -12.18 0.75
CA ARG A 63 -2.56 -13.44 0.37
C ARG A 63 -1.50 -13.24 -0.71
N THR A 64 -1.81 -12.42 -1.71
CA THR A 64 -0.89 -12.15 -2.80
C THR A 64 0.43 -11.56 -2.30
N VAL A 65 0.35 -10.54 -1.45
CA VAL A 65 1.55 -9.90 -0.90
C VAL A 65 2.35 -10.89 -0.07
N SER A 66 1.64 -11.68 0.74
CA SER A 66 2.30 -12.66 1.58
C SER A 66 3.04 -13.69 0.74
N ALA A 67 2.40 -14.17 -0.32
CA ALA A 67 3.00 -15.14 -1.20
C ALA A 67 4.26 -14.58 -1.86
N LEU A 68 4.23 -13.29 -2.18
CA LEU A 68 5.35 -12.63 -2.81
C LEU A 68 6.54 -12.52 -1.85
N MET A 69 6.28 -12.06 -0.63
CA MET A 69 7.35 -11.90 0.35
C MET A 69 7.94 -13.24 0.79
N VAL A 70 7.09 -14.23 1.05
CA VAL A 70 7.57 -15.55 1.46
C VAL A 70 8.37 -16.20 0.33
N GLY A 71 7.94 -15.94 -0.91
CA GLY A 71 8.63 -16.47 -2.06
C GLY A 71 9.98 -15.82 -2.28
N LEU A 72 10.12 -14.59 -1.81
CA LEU A 72 11.37 -13.87 -1.96
C LEU A 72 12.46 -14.46 -1.05
N GLN A 73 12.03 -15.10 0.03
CA GLN A 73 12.96 -15.73 0.97
C GLN A 73 13.78 -16.81 0.28
N LYS A 74 13.19 -17.45 -0.72
CA LYS A 74 13.87 -18.51 -1.47
C LYS A 74 15.05 -17.96 -2.27
N ARG A 75 14.99 -16.66 -2.57
CA ARG A 75 16.05 -16.01 -3.34
C ARG A 75 17.22 -15.68 -2.42
N GLY A 76 16.99 -15.79 -1.12
CA GLY A 76 18.04 -15.52 -0.16
C GLY A 76 18.44 -16.76 0.61
N LYS A 77 17.90 -17.90 0.18
CA LYS A 77 18.20 -19.16 0.82
C LYS A 77 18.36 -20.26 -0.23
N ARG A 78 19.59 -20.43 -0.68
CA ARG A 78 19.91 -21.44 -1.69
C ARG A 78 19.79 -22.83 -1.09
N ARG A 79 18.83 -23.60 -1.60
CA ARG A 79 18.58 -24.97 -1.14
C ARG A 79 18.22 -25.01 0.34
N VAL B 1 16.71 18.15 8.96
CA VAL B 1 16.19 17.19 9.92
C VAL B 1 14.81 17.60 10.43
N SER B 2 14.47 18.87 10.20
CA SER B 2 13.18 19.40 10.64
C SER B 2 12.11 19.13 9.58
N LYS B 3 12.45 18.29 8.61
CA LYS B 3 11.55 17.91 7.53
C LYS B 3 10.65 16.75 7.95
N GLU B 4 10.75 16.36 9.21
CA GLU B 4 9.97 15.26 9.78
C GLU B 4 10.23 13.94 9.07
N THR B 5 9.35 12.97 9.30
CA THR B 5 9.49 11.66 8.69
C THR B 5 8.63 11.53 7.44
N ALA B 6 7.60 12.37 7.33
CA ALA B 6 6.71 12.34 6.19
C ALA B 6 7.43 12.71 4.88
N THR B 7 8.35 13.66 4.96
CA THR B 7 9.10 14.08 3.79
C THR B 7 10.20 13.07 3.42
N LYS B 8 10.36 12.04 4.24
CA LYS B 8 11.36 11.02 3.99
C LYS B 8 10.82 9.99 2.99
N THR B 9 9.50 9.94 2.85
CA THR B 9 8.86 9.03 1.93
C THR B 9 9.21 9.39 0.48
N ARG B 10 9.84 8.46 -0.22
CA ARG B 10 10.25 8.64 -1.60
C ARG B 10 11.32 9.73 -1.71
N GLN B 11 12.23 9.75 -0.75
CA GLN B 11 13.31 10.73 -0.73
C GLN B 11 14.67 10.05 -0.57
N PRO B 12 15.74 10.67 -1.10
CA PRO B 12 17.10 10.12 -1.01
C PRO B 12 17.59 10.02 0.44
N ARG B 13 18.54 9.11 0.67
CA ARG B 13 19.11 8.89 2.00
C ARG B 13 18.01 8.57 3.02
N VAL B 14 17.39 7.42 2.85
CA VAL B 14 16.31 7.00 3.73
C VAL B 14 16.85 6.17 4.91
N GLN B 15 17.41 6.86 5.89
CA GLN B 15 17.94 6.21 7.07
C GLN B 15 16.88 6.20 8.17
N MET B 16 16.16 5.09 8.26
CA MET B 16 15.10 4.93 9.24
C MET B 16 15.19 3.55 9.89
N PRO B 17 14.51 3.33 11.02
CA PRO B 17 14.50 2.03 11.69
C PRO B 17 14.02 0.93 10.74
N ASN B 18 14.56 -0.27 10.90
CA ASN B 18 14.20 -1.41 10.06
C ASN B 18 12.69 -1.63 10.00
N GLY B 19 12.03 -1.49 11.14
CA GLY B 19 10.58 -1.68 11.19
C GLY B 19 9.83 -0.66 10.35
N LEU B 20 10.43 0.51 10.17
CA LEU B 20 9.81 1.57 9.40
C LEU B 20 10.18 1.46 7.93
N VAL B 21 11.40 1.02 7.65
CA VAL B 21 11.87 0.85 6.28
C VAL B 21 11.01 -0.17 5.54
N LEU B 22 10.75 -1.29 6.19
CA LEU B 22 9.94 -2.35 5.60
C LEU B 22 8.49 -1.89 5.44
N MET B 23 8.08 -0.99 6.32
CA MET B 23 6.73 -0.43 6.29
C MET B 23 6.56 0.54 5.14
N ARG B 24 7.60 1.32 4.87
CA ARG B 24 7.56 2.30 3.80
C ARG B 24 7.88 1.66 2.45
N MET B 25 8.72 0.63 2.48
CA MET B 25 9.13 -0.07 1.25
C MET B 25 7.91 -0.61 0.49
N MET B 26 6.94 -1.16 1.22
CA MET B 26 5.74 -1.70 0.60
C MET B 26 4.93 -0.59 -0.08
N GLY B 27 5.09 0.63 0.42
CA GLY B 27 4.39 1.75 -0.15
C GLY B 27 5.01 2.13 -1.48
N ILE B 28 6.34 2.05 -1.54
CA ILE B 28 7.09 2.37 -2.75
C ILE B 28 6.73 1.37 -3.85
N LEU B 29 6.51 0.12 -3.44
CA LEU B 29 6.15 -0.95 -4.36
C LEU B 29 4.77 -0.70 -4.96
N TRP B 30 3.84 -0.26 -4.12
CA TRP B 30 2.47 0.01 -4.55
C TRP B 30 2.41 1.31 -5.35
N HIS B 31 3.20 2.29 -4.95
CA HIS B 31 3.23 3.58 -5.63
C HIS B 31 3.90 3.48 -7.00
N ALA B 32 4.66 2.42 -7.22
CA ALA B 32 5.35 2.21 -8.49
C ALA B 32 4.34 2.11 -9.63
N VAL B 33 3.19 1.51 -9.33
CA VAL B 33 2.15 1.33 -10.33
C VAL B 33 1.09 2.44 -10.21
N ALA B 34 1.12 3.14 -9.09
CA ALA B 34 0.16 4.22 -8.84
C ALA B 34 0.78 5.59 -9.15
N GLY B 35 1.97 5.56 -9.74
CA GLY B 35 2.64 6.80 -10.09
C GLY B 35 4.07 6.57 -10.49
N THR B 36 5.00 6.97 -9.63
CA THR B 36 6.42 6.81 -9.92
C THR B 36 7.24 6.85 -8.62
N ALA B 37 8.13 5.88 -8.47
CA ALA B 37 8.98 5.79 -7.29
C ALA B 37 10.17 4.88 -7.56
N ARG B 38 11.27 5.46 -8.01
CA ARG B 38 12.48 4.69 -8.31
C ARG B 38 13.73 5.46 -7.93
N ASN B 39 14.18 5.27 -6.70
CA ASN B 39 15.38 5.95 -6.19
C ASN B 39 16.50 4.94 -5.98
N PRO B 40 17.71 5.26 -6.45
CA PRO B 40 18.88 4.38 -6.31
C PRO B 40 19.14 3.99 -4.84
N VAL B 41 18.88 4.94 -3.95
CA VAL B 41 19.07 4.71 -2.52
C VAL B 41 18.12 3.63 -2.01
N LEU B 42 16.90 3.64 -2.54
CA LEU B 42 15.89 2.67 -2.14
C LEU B 42 16.14 1.31 -2.79
N LYS B 43 16.70 1.35 -4.00
CA LYS B 43 17.01 0.13 -4.73
C LYS B 43 18.02 -0.71 -3.97
N ALA B 44 18.96 -0.04 -3.31
CA ALA B 44 19.99 -0.71 -2.52
C ALA B 44 19.35 -1.41 -1.31
N PHE B 45 18.45 -0.70 -0.64
CA PHE B 45 17.76 -1.24 0.52
C PHE B 45 16.83 -2.38 0.14
N TRP B 46 16.43 -2.41 -1.13
CA TRP B 46 15.56 -3.46 -1.63
C TRP B 46 16.37 -4.73 -1.87
N ASN B 47 17.64 -4.57 -2.18
CA ASN B 47 18.51 -5.72 -2.40
C ASN B 47 19.03 -6.26 -1.07
N SER B 48 19.52 -5.36 -0.24
CA SER B 48 20.02 -5.74 1.08
C SER B 48 18.90 -5.67 2.11
N VAL B 49 17.80 -6.35 1.81
CA VAL B 49 16.65 -6.37 2.69
C VAL B 49 16.56 -7.70 3.45
N PRO B 50 16.37 -7.64 4.78
CA PRO B 50 16.25 -8.85 5.61
C PRO B 50 14.97 -9.62 5.25
N LEU B 51 15.14 -10.72 4.53
CA LEU B 51 14.01 -11.55 4.09
C LEU B 51 13.13 -12.00 5.25
N LYS B 52 13.74 -12.52 6.30
CA LYS B 52 13.00 -13.02 7.46
C LYS B 52 12.24 -11.90 8.17
N GLN B 53 12.76 -10.69 8.10
CA GLN B 53 12.13 -9.54 8.74
C GLN B 53 11.08 -8.89 7.85
N ALA B 54 11.40 -8.74 6.57
CA ALA B 54 10.50 -8.13 5.61
C ALA B 54 9.16 -8.86 5.55
N THR B 55 9.21 -10.18 5.55
CA THR B 55 7.99 -10.98 5.49
C THR B 55 7.20 -10.86 6.80
N ALA B 56 7.92 -10.75 7.92
CA ALA B 56 7.29 -10.63 9.22
C ALA B 56 6.61 -9.27 9.38
N ALA B 57 7.18 -8.25 8.75
CA ALA B 57 6.62 -6.91 8.81
C ALA B 57 5.35 -6.81 7.98
N LEU B 58 5.42 -7.33 6.76
CA LEU B 58 4.28 -7.30 5.85
C LEU B 58 3.09 -8.08 6.41
N ARG B 59 3.41 -9.16 7.13
CA ARG B 59 2.39 -9.99 7.74
C ARG B 59 1.53 -9.18 8.72
N LYS B 60 2.17 -8.25 9.41
CA LYS B 60 1.51 -7.40 10.38
C LYS B 60 0.67 -6.33 9.67
N ILE B 61 1.29 -5.66 8.71
CA ILE B 61 0.63 -4.59 7.95
C ILE B 61 -0.59 -5.13 7.20
N LYS B 62 -0.42 -6.24 6.48
CA LYS B 62 -1.51 -6.83 5.72
C LYS B 62 -2.67 -7.25 6.62
N ARG B 63 -2.33 -7.75 7.81
CA ARG B 63 -3.32 -8.18 8.77
C ARG B 63 -4.16 -7.01 9.25
N THR B 64 -3.51 -5.85 9.38
CA THR B 64 -4.17 -4.64 9.84
C THR B 64 -5.22 -4.17 8.82
N VAL B 65 -4.89 -4.26 7.53
CA VAL B 65 -5.79 -3.85 6.48
C VAL B 65 -7.07 -4.68 6.49
N SER B 66 -6.90 -5.99 6.57
CA SER B 66 -8.04 -6.90 6.61
C SER B 66 -8.84 -6.75 7.90
N ALA B 67 -8.15 -6.40 8.98
CA ALA B 67 -8.80 -6.20 10.28
C ALA B 67 -9.71 -4.99 10.24
N LEU B 68 -9.24 -3.92 9.58
CA LEU B 68 -10.01 -2.69 9.46
C LEU B 68 -11.27 -2.95 8.65
N MET B 69 -11.19 -3.90 7.73
CA MET B 69 -12.33 -4.26 6.89
C MET B 69 -13.46 -4.82 7.74
N VAL B 70 -13.10 -5.67 8.70
CA VAL B 70 -14.07 -6.27 9.60
C VAL B 70 -14.75 -5.19 10.44
N GLY B 71 -13.99 -4.15 10.76
CA GLY B 71 -14.53 -3.05 11.55
C GLY B 71 -15.48 -2.21 10.70
N LEU B 72 -15.18 -2.13 9.42
CA LEU B 72 -16.02 -1.36 8.49
C LEU B 72 -17.34 -2.06 8.25
N GLN B 73 -17.34 -3.39 8.38
CA GLN B 73 -18.56 -4.18 8.19
C GLN B 73 -19.64 -3.75 9.18
N LYS B 74 -19.21 -3.38 10.39
CA LYS B 74 -20.15 -2.96 11.43
C LYS B 74 -20.74 -1.58 11.12
N ARG B 75 -20.11 -0.86 10.21
CA ARG B 75 -20.58 0.46 9.82
C ARG B 75 -21.77 0.33 8.88
N GLY B 76 -21.87 -0.82 8.22
CA GLY B 76 -22.97 -1.06 7.30
C GLY B 76 -23.82 -2.22 7.73
N LYS B 77 -23.74 -2.58 9.00
CA LYS B 77 -24.52 -3.68 9.54
C LYS B 77 -25.21 -3.27 10.83
N ARG B 78 -26.48 -2.90 10.71
CA ARG B 78 -27.26 -2.47 11.86
C ARG B 78 -28.28 -3.54 12.23
N ARG B 79 -28.38 -3.82 13.53
CA ARG B 79 -29.31 -4.82 14.05
C ARG B 79 -29.06 -6.20 13.44
N VAL A 1 -4.54 7.65 -24.35
CA VAL A 1 -3.34 7.07 -24.95
C VAL A 1 -2.13 7.27 -24.06
N SER A 2 -1.91 8.51 -23.66
CA SER A 2 -0.78 8.84 -22.80
C SER A 2 -1.26 9.23 -21.41
N LYS A 3 -1.37 8.23 -20.54
CA LYS A 3 -1.79 8.45 -19.16
C LYS A 3 -1.63 7.17 -18.33
N GLU A 4 -1.98 6.03 -18.94
CA GLU A 4 -1.89 4.73 -18.27
C GLU A 4 -2.74 4.70 -17.00
N THR A 5 -2.56 3.64 -16.21
CA THR A 5 -3.29 3.50 -14.97
C THR A 5 -2.55 4.22 -13.84
N ALA A 6 -1.30 4.60 -14.13
CA ALA A 6 -0.46 5.30 -13.15
C ALA A 6 -1.00 6.70 -12.87
N THR A 7 -1.56 7.33 -13.89
CA THR A 7 -2.12 8.66 -13.74
C THR A 7 -3.62 8.58 -13.50
N LYS A 8 -4.12 7.36 -13.36
CA LYS A 8 -5.53 7.12 -13.12
C LYS A 8 -5.77 6.84 -11.64
N THR A 9 -4.72 6.40 -10.96
CA THR A 9 -4.79 6.09 -9.55
C THR A 9 -4.76 7.35 -8.72
N ARG A 10 -5.68 7.44 -7.74
CA ARG A 10 -5.78 8.60 -6.85
C ARG A 10 -6.24 9.85 -7.62
N GLN A 11 -6.73 9.62 -8.83
CA GLN A 11 -7.18 10.71 -9.67
C GLN A 11 -8.72 10.75 -9.69
N PRO A 12 -9.30 11.96 -9.86
CA PRO A 12 -10.76 12.12 -9.93
C PRO A 12 -11.35 11.27 -11.04
N ARG A 13 -12.54 10.73 -10.79
CA ARG A 13 -13.22 9.85 -11.74
C ARG A 13 -12.43 8.55 -11.87
N VAL A 14 -12.07 7.98 -10.73
CA VAL A 14 -11.30 6.75 -10.67
C VAL A 14 -12.20 5.52 -10.96
N GLN A 15 -13.09 5.67 -11.93
CA GLN A 15 -13.98 4.60 -12.32
C GLN A 15 -13.22 3.50 -13.04
N MET A 16 -13.21 2.32 -12.42
CA MET A 16 -12.54 1.15 -12.98
C MET A 16 -13.08 -0.13 -12.35
N PRO A 17 -12.82 -1.30 -12.97
CA PRO A 17 -13.28 -2.61 -12.47
C PRO A 17 -13.17 -2.76 -10.96
N ASN A 18 -14.13 -3.46 -10.37
CA ASN A 18 -14.17 -3.67 -8.91
C ASN A 18 -12.87 -4.29 -8.39
N GLY A 19 -12.37 -5.30 -9.09
CA GLY A 19 -11.15 -5.95 -8.68
C GLY A 19 -9.96 -5.01 -8.68
N LEU A 20 -10.01 -4.00 -9.53
CA LEU A 20 -8.94 -3.02 -9.65
C LEU A 20 -9.12 -1.93 -8.60
N VAL A 21 -10.33 -1.37 -8.53
CA VAL A 21 -10.62 -0.31 -7.59
C VAL A 21 -10.45 -0.75 -6.14
N LEU A 22 -10.79 -2.00 -5.85
CA LEU A 22 -10.67 -2.54 -4.49
C LEU A 22 -9.20 -2.70 -4.11
N MET A 23 -8.39 -3.04 -5.10
CA MET A 23 -6.96 -3.24 -4.87
C MET A 23 -6.27 -1.91 -4.61
N ARG A 24 -6.55 -0.93 -5.46
CA ARG A 24 -5.93 0.39 -5.34
C ARG A 24 -6.56 1.23 -4.24
N MET A 25 -7.71 0.79 -3.71
CA MET A 25 -8.41 1.52 -2.66
C MET A 25 -7.57 1.63 -1.40
N MET A 26 -6.72 0.63 -1.16
CA MET A 26 -5.87 0.64 0.01
C MET A 26 -4.79 1.71 -0.14
N GLY A 27 -4.51 2.07 -1.38
CA GLY A 27 -3.51 3.09 -1.66
C GLY A 27 -3.99 4.46 -1.27
N ILE A 28 -5.31 4.64 -1.30
CA ILE A 28 -5.91 5.92 -0.94
C ILE A 28 -5.68 6.18 0.55
N LEU A 29 -5.97 5.18 1.36
CA LEU A 29 -5.79 5.28 2.80
C LEU A 29 -4.31 5.35 3.15
N TRP A 30 -3.51 4.56 2.42
CA TRP A 30 -2.06 4.51 2.63
C TRP A 30 -1.43 5.85 2.30
N HIS A 31 -1.84 6.42 1.16
CA HIS A 31 -1.31 7.70 0.71
C HIS A 31 -1.71 8.82 1.66
N ALA A 32 -2.90 8.72 2.24
CA ALA A 32 -3.38 9.71 3.18
C ALA A 32 -2.51 9.74 4.44
N VAL A 33 -1.93 8.59 4.77
CA VAL A 33 -1.08 8.47 5.94
C VAL A 33 0.33 8.94 5.60
N ALA A 34 0.83 8.51 4.44
CA ALA A 34 2.17 8.87 4.00
C ALA A 34 2.14 10.11 3.10
N GLY A 35 1.26 11.04 3.42
CA GLY A 35 1.15 12.25 2.63
C GLY A 35 -0.23 12.85 2.70
N THR A 36 -0.96 12.78 1.59
CA THR A 36 -2.31 13.32 1.52
C THR A 36 -3.08 12.70 0.34
N ALA A 37 -4.34 12.34 0.59
CA ALA A 37 -5.18 11.75 -0.43
C ALA A 37 -6.64 11.70 0.04
N ARG A 38 -7.40 12.73 -0.31
CA ARG A 38 -8.81 12.80 0.08
C ARG A 38 -9.63 13.48 -1.01
N ASN A 39 -9.43 13.04 -2.25
CA ASN A 39 -10.16 13.58 -3.39
C ASN A 39 -11.65 13.27 -3.26
N PRO A 40 -12.52 14.18 -3.73
CA PRO A 40 -13.98 14.02 -3.65
C PRO A 40 -14.46 12.66 -4.17
N VAL A 41 -13.94 12.26 -5.31
CA VAL A 41 -14.31 10.98 -5.91
C VAL A 41 -13.78 9.81 -5.08
N LEU A 42 -12.62 10.02 -4.48
CA LEU A 42 -12.00 8.99 -3.66
C LEU A 42 -12.84 8.69 -2.43
N LYS A 43 -13.30 9.73 -1.75
CA LYS A 43 -14.13 9.56 -0.55
C LYS A 43 -15.52 9.05 -0.92
N ALA A 44 -15.93 9.29 -2.17
CA ALA A 44 -17.22 8.84 -2.65
C ALA A 44 -17.26 7.32 -2.69
N PHE A 45 -16.19 6.73 -3.22
CA PHE A 45 -16.07 5.28 -3.31
C PHE A 45 -15.84 4.69 -1.92
N TRP A 46 -15.18 5.47 -1.06
CA TRP A 46 -14.87 5.04 0.29
C TRP A 46 -16.12 5.05 1.16
N ASN A 47 -17.04 5.96 0.88
CA ASN A 47 -18.27 6.06 1.66
C ASN A 47 -19.32 5.08 1.14
N SER A 48 -19.26 4.79 -0.15
CA SER A 48 -20.19 3.86 -0.78
C SER A 48 -19.46 2.61 -1.26
N VAL A 49 -18.87 1.88 -0.31
CA VAL A 49 -18.12 0.67 -0.62
C VAL A 49 -18.77 -0.55 0.02
N PRO A 50 -19.08 -1.58 -0.80
CA PRO A 50 -19.70 -2.83 -0.33
C PRO A 50 -18.96 -3.41 0.88
N LEU A 51 -19.73 -3.77 1.90
CA LEU A 51 -19.18 -4.31 3.15
C LEU A 51 -18.42 -5.61 2.97
N LYS A 52 -19.16 -6.69 2.74
CA LYS A 52 -18.57 -8.02 2.59
C LYS A 52 -17.57 -8.10 1.43
N GLN A 53 -17.86 -7.39 0.36
CA GLN A 53 -17.00 -7.39 -0.82
C GLN A 53 -15.59 -6.88 -0.49
N ALA A 54 -15.52 -5.92 0.43
CA ALA A 54 -14.24 -5.35 0.84
C ALA A 54 -13.40 -6.39 1.58
N THR A 55 -14.02 -7.10 2.51
CA THR A 55 -13.32 -8.12 3.30
C THR A 55 -12.72 -9.21 2.41
N ALA A 56 -13.46 -9.58 1.37
CA ALA A 56 -12.99 -10.62 0.45
C ALA A 56 -11.77 -10.14 -0.33
N ALA A 57 -11.78 -8.86 -0.72
CA ALA A 57 -10.69 -8.28 -1.47
C ALA A 57 -9.41 -8.22 -0.64
N LEU A 58 -9.57 -7.86 0.63
CA LEU A 58 -8.44 -7.77 1.55
C LEU A 58 -7.72 -9.12 1.64
N ARG A 59 -8.51 -10.19 1.68
CA ARG A 59 -7.98 -11.53 1.78
C ARG A 59 -7.23 -11.92 0.51
N LYS A 60 -7.69 -11.42 -0.64
CA LYS A 60 -7.05 -11.73 -1.91
C LYS A 60 -5.71 -11.02 -2.01
N ILE A 61 -5.70 -9.72 -1.72
CA ILE A 61 -4.48 -8.91 -1.77
C ILE A 61 -3.45 -9.41 -0.77
N LYS A 62 -3.91 -9.77 0.42
CA LYS A 62 -3.02 -10.27 1.47
C LYS A 62 -2.27 -11.52 1.01
N ARG A 63 -2.95 -12.35 0.23
CA ARG A 63 -2.36 -13.56 -0.29
C ARG A 63 -1.29 -13.24 -1.33
N THR A 64 -1.58 -12.25 -2.19
CA THR A 64 -0.64 -11.83 -3.22
C THR A 64 0.66 -11.35 -2.58
N VAL A 65 0.52 -10.48 -1.60
CA VAL A 65 1.68 -9.92 -0.89
C VAL A 65 2.48 -11.03 -0.22
N SER A 66 1.78 -11.92 0.48
CA SER A 66 2.42 -13.02 1.18
C SER A 66 3.17 -13.96 0.22
N ALA A 67 2.48 -14.42 -0.80
CA ALA A 67 3.05 -15.35 -1.78
C ALA A 67 4.29 -14.77 -2.46
N LEU A 68 4.21 -13.51 -2.88
CA LEU A 68 5.33 -12.86 -3.57
C LEU A 68 6.55 -12.78 -2.67
N MET A 69 6.35 -12.37 -1.42
CA MET A 69 7.46 -12.23 -0.47
C MET A 69 8.07 -13.59 -0.14
N VAL A 70 7.23 -14.61 -0.04
CA VAL A 70 7.69 -15.95 0.26
C VAL A 70 8.45 -16.53 -0.94
N GLY A 71 7.94 -16.25 -2.13
CA GLY A 71 8.58 -16.73 -3.35
C GLY A 71 9.94 -16.09 -3.57
N LEU A 72 10.08 -14.84 -3.14
CA LEU A 72 11.33 -14.11 -3.29
C LEU A 72 12.42 -14.73 -2.42
N GLN A 73 12.00 -15.42 -1.36
CA GLN A 73 12.94 -16.06 -0.45
C GLN A 73 13.59 -17.27 -1.12
N LYS A 74 12.85 -17.90 -2.02
CA LYS A 74 13.35 -19.07 -2.74
C LYS A 74 14.54 -18.68 -3.60
N ARG A 75 14.51 -17.45 -4.11
CA ARG A 75 15.59 -16.95 -4.94
C ARG A 75 16.53 -16.09 -4.11
N GLY A 76 16.36 -16.13 -2.79
CA GLY A 76 17.22 -15.36 -1.91
C GLY A 76 18.59 -16.00 -1.78
N LYS A 77 18.64 -17.30 -1.99
CA LYS A 77 19.89 -18.04 -1.93
C LYS A 77 20.18 -18.70 -3.27
N ARG A 78 20.56 -17.88 -4.24
CA ARG A 78 20.86 -18.35 -5.59
C ARG A 78 22.13 -19.20 -5.61
N ARG A 79 23.06 -18.90 -4.72
CA ARG A 79 24.31 -19.64 -4.64
C ARG A 79 24.91 -19.49 -3.25
N VAL B 1 12.22 19.08 13.23
CA VAL B 1 11.39 20.08 13.86
C VAL B 1 9.98 20.04 13.28
N SER B 2 9.90 20.15 11.96
CA SER B 2 8.63 20.11 11.27
C SER B 2 8.75 19.33 9.96
N LYS B 3 8.23 18.12 9.94
CA LYS B 3 8.29 17.25 8.76
C LYS B 3 7.51 15.95 9.01
N GLU B 4 7.58 15.47 10.24
CA GLU B 4 6.91 14.23 10.64
C GLU B 4 7.39 13.03 9.83
N THR B 5 6.53 12.01 9.72
CA THR B 5 6.89 10.80 9.00
C THR B 5 6.49 10.87 7.53
N ALA B 6 5.36 11.50 7.23
CA ALA B 6 4.86 11.61 5.87
C ALA B 6 5.87 12.28 4.93
N THR B 7 6.40 13.42 5.35
CA THR B 7 7.37 14.15 4.54
C THR B 7 8.73 13.45 4.52
N LYS B 8 8.87 12.40 5.31
CA LYS B 8 10.12 11.64 5.35
C LYS B 8 10.00 10.36 4.53
N THR B 9 8.78 10.05 4.12
CA THR B 9 8.53 8.86 3.32
C THR B 9 8.97 9.09 1.88
N ARG B 10 9.67 8.12 1.31
CA ARG B 10 10.17 8.20 -0.07
C ARG B 10 11.25 9.28 -0.20
N GLN B 11 11.74 9.73 0.94
CA GLN B 11 12.77 10.78 0.98
C GLN B 11 14.12 10.16 1.37
N PRO B 12 15.22 10.75 0.88
CA PRO B 12 16.58 10.27 1.20
C PRO B 12 16.81 10.18 2.71
N ARG B 13 17.74 9.33 3.11
CA ARG B 13 18.05 9.13 4.52
C ARG B 13 16.81 8.63 5.28
N VAL B 14 16.12 7.68 4.68
CA VAL B 14 14.91 7.11 5.25
C VAL B 14 15.26 6.01 6.27
N GLN B 15 16.49 6.05 6.76
CA GLN B 15 16.95 5.06 7.72
C GLN B 15 16.25 5.26 9.06
N MET B 16 15.20 4.49 9.27
CA MET B 16 14.42 4.56 10.50
C MET B 16 14.32 3.15 11.11
N PRO B 17 13.80 3.02 12.35
CA PRO B 17 13.64 1.73 13.03
C PRO B 17 13.09 0.64 12.11
N ASN B 18 13.61 -0.57 12.25
CA ASN B 18 13.20 -1.71 11.42
C ASN B 18 11.70 -1.91 11.41
N GLY B 19 11.07 -1.64 12.54
CA GLY B 19 9.62 -1.79 12.66
C GLY B 19 8.84 -0.87 11.74
N LEU B 20 9.43 0.27 11.40
CA LEU B 20 8.78 1.24 10.54
C LEU B 20 9.35 1.23 9.13
N VAL B 21 10.66 0.99 9.02
CA VAL B 21 11.34 0.95 7.72
C VAL B 21 10.78 -0.14 6.81
N LEU B 22 10.32 -1.24 7.43
CA LEU B 22 9.76 -2.35 6.69
C LEU B 22 8.27 -2.15 6.46
N MET B 23 7.75 -1.03 6.92
CA MET B 23 6.34 -0.72 6.76
C MET B 23 6.15 0.31 5.65
N ARG B 24 6.97 1.36 5.69
CA ARG B 24 6.90 2.42 4.68
C ARG B 24 7.39 1.93 3.32
N MET B 25 8.25 0.93 3.34
CA MET B 25 8.82 0.38 2.11
C MET B 25 7.76 -0.21 1.18
N MET B 26 6.70 -0.79 1.76
CA MET B 26 5.62 -1.38 0.95
C MET B 26 4.91 -0.33 0.14
N GLY B 27 4.97 0.92 0.60
CA GLY B 27 4.32 2.01 -0.09
C GLY B 27 5.12 2.49 -1.28
N ILE B 28 6.41 2.17 -1.29
CA ILE B 28 7.30 2.57 -2.37
C ILE B 28 6.93 1.83 -3.66
N LEU B 29 6.75 0.52 -3.55
CA LEU B 29 6.37 -0.29 -4.70
C LEU B 29 4.94 -0.01 -5.10
N TRP B 30 4.10 0.29 -4.11
CA TRP B 30 2.70 0.58 -4.34
C TRP B 30 2.54 1.90 -5.10
N HIS B 31 3.44 2.84 -4.83
CA HIS B 31 3.40 4.14 -5.47
C HIS B 31 4.13 4.11 -6.81
N ALA B 32 5.01 3.12 -6.98
CA ALA B 32 5.76 2.98 -8.21
C ALA B 32 4.85 2.75 -9.41
N VAL B 33 3.80 1.95 -9.20
CA VAL B 33 2.84 1.65 -10.26
C VAL B 33 1.77 2.75 -10.34
N ALA B 34 1.83 3.69 -9.42
CA ALA B 34 0.88 4.80 -9.38
C ALA B 34 1.59 6.12 -9.63
N GLY B 35 2.79 6.04 -10.17
CA GLY B 35 3.57 7.23 -10.46
C GLY B 35 5.03 6.90 -10.62
N THR B 36 5.83 7.27 -9.64
CA THR B 36 7.26 7.01 -9.67
C THR B 36 7.89 7.11 -8.28
N ALA B 37 8.76 6.16 -7.95
CA ALA B 37 9.42 6.12 -6.66
C ALA B 37 10.73 5.35 -6.74
N ARG B 38 11.79 6.00 -7.19
CA ARG B 38 13.09 5.37 -7.31
C ARG B 38 14.19 6.27 -6.74
N ASN B 39 14.58 6.00 -5.50
CA ASN B 39 15.61 6.80 -4.84
C ASN B 39 16.84 5.93 -4.56
N PRO B 40 18.05 6.47 -4.76
CA PRO B 40 19.32 5.76 -4.54
C PRO B 40 19.42 5.07 -3.18
N VAL B 41 18.95 5.74 -2.13
CA VAL B 41 18.99 5.17 -0.79
C VAL B 41 17.90 4.11 -0.62
N LEU B 42 16.76 4.35 -1.24
CA LEU B 42 15.63 3.44 -1.15
C LEU B 42 15.96 2.08 -1.77
N LYS B 43 16.66 2.11 -2.91
CA LYS B 43 17.03 0.88 -3.60
C LYS B 43 18.01 0.06 -2.77
N ALA B 44 18.82 0.75 -1.96
CA ALA B 44 19.79 0.08 -1.11
C ALA B 44 19.07 -0.73 -0.04
N PHE B 45 17.96 -0.19 0.46
CA PHE B 45 17.16 -0.85 1.48
C PHE B 45 16.43 -2.05 0.89
N TRP B 46 16.12 -1.97 -0.40
CA TRP B 46 15.43 -3.05 -1.09
C TRP B 46 16.38 -4.20 -1.38
N ASN B 47 17.60 -3.86 -1.78
CA ASN B 47 18.61 -4.87 -2.09
C ASN B 47 19.09 -5.55 -0.81
N SER B 48 19.13 -4.79 0.27
CA SER B 48 19.57 -5.33 1.56
C SER B 48 18.38 -5.68 2.44
N VAL B 49 17.23 -5.92 1.82
CA VAL B 49 16.02 -6.28 2.55
C VAL B 49 16.16 -7.69 3.13
N PRO B 50 15.78 -7.89 4.40
CA PRO B 50 15.84 -9.20 5.06
C PRO B 50 14.94 -10.22 4.36
N LEU B 51 15.27 -11.49 4.50
CA LEU B 51 14.49 -12.55 3.89
C LEU B 51 13.24 -12.91 4.68
N LYS B 52 13.43 -13.59 5.80
CA LYS B 52 12.30 -14.02 6.64
C LYS B 52 11.64 -12.85 7.34
N GLN B 53 12.43 -11.84 7.72
CA GLN B 53 11.91 -10.67 8.39
C GLN B 53 10.90 -9.93 7.52
N ALA B 54 11.09 -10.00 6.21
CA ALA B 54 10.20 -9.34 5.26
C ALA B 54 8.80 -9.94 5.30
N THR B 55 8.73 -11.27 5.26
CA THR B 55 7.45 -11.96 5.29
C THR B 55 6.73 -11.74 6.62
N ALA B 56 7.50 -11.69 7.70
CA ALA B 56 6.95 -11.47 9.03
C ALA B 56 6.33 -10.09 9.14
N ALA B 57 7.01 -9.10 8.56
CA ALA B 57 6.52 -7.73 8.59
C ALA B 57 5.26 -7.57 7.74
N LEU B 58 5.35 -7.96 6.48
CA LEU B 58 4.23 -7.84 5.54
C LEU B 58 2.99 -8.60 6.02
N ARG B 59 3.18 -9.77 6.61
CA ARG B 59 2.06 -10.57 7.08
C ARG B 59 1.37 -9.93 8.28
N LYS B 60 2.03 -8.97 8.92
CA LYS B 60 1.46 -8.28 10.06
C LYS B 60 0.88 -6.95 9.62
N ILE B 61 1.65 -6.21 8.83
CA ILE B 61 1.20 -4.90 8.32
C ILE B 61 -0.08 -5.04 7.50
N LYS B 62 -0.07 -5.97 6.56
CA LYS B 62 -1.23 -6.21 5.71
C LYS B 62 -2.39 -6.76 6.54
N ARG B 63 -2.05 -7.40 7.66
CA ARG B 63 -3.04 -7.98 8.55
C ARG B 63 -3.83 -6.87 9.24
N THR B 64 -3.12 -5.89 9.80
CA THR B 64 -3.75 -4.78 10.49
C THR B 64 -4.65 -3.98 9.55
N VAL B 65 -4.20 -3.80 8.32
CA VAL B 65 -4.96 -3.05 7.32
C VAL B 65 -6.26 -3.80 7.00
N SER B 66 -6.16 -5.10 6.78
CA SER B 66 -7.32 -5.91 6.48
C SER B 66 -8.31 -5.90 7.64
N ALA B 67 -7.78 -6.12 8.84
CA ALA B 67 -8.61 -6.15 10.05
C ALA B 67 -9.27 -4.81 10.31
N LEU B 68 -8.64 -3.73 9.83
CA LEU B 68 -9.18 -2.39 10.01
C LEU B 68 -10.50 -2.24 9.26
N MET B 69 -10.52 -2.69 8.01
CA MET B 69 -11.72 -2.61 7.20
C MET B 69 -12.85 -3.47 7.77
N VAL B 70 -12.50 -4.65 8.26
CA VAL B 70 -13.48 -5.56 8.84
C VAL B 70 -14.16 -4.90 10.04
N GLY B 71 -13.38 -4.12 10.80
CA GLY B 71 -13.92 -3.43 11.95
C GLY B 71 -14.75 -2.22 11.55
N LEU B 72 -14.35 -1.59 10.45
CA LEU B 72 -15.06 -0.42 9.93
C LEU B 72 -16.44 -0.79 9.43
N GLN B 73 -16.64 -2.09 9.18
CA GLN B 73 -17.93 -2.59 8.70
C GLN B 73 -19.04 -2.33 9.71
N LYS B 74 -18.68 -2.34 10.99
CA LYS B 74 -19.63 -2.09 12.06
C LYS B 74 -19.94 -0.60 12.15
N ARG B 75 -19.10 0.22 11.55
CA ARG B 75 -19.28 1.66 11.59
C ARG B 75 -19.81 2.19 10.26
N GLY B 76 -20.35 1.30 9.45
CA GLY B 76 -20.90 1.72 8.17
C GLY B 76 -22.35 2.17 8.32
N LYS B 77 -23.13 1.37 9.01
CA LYS B 77 -24.54 1.68 9.25
C LYS B 77 -24.69 2.45 10.55
N ARG B 78 -24.43 3.75 10.49
CA ARG B 78 -24.55 4.61 11.66
C ARG B 78 -26.01 4.93 11.93
N ARG B 79 -26.80 4.91 10.87
CA ARG B 79 -28.23 5.20 10.95
C ARG B 79 -28.97 4.48 9.85
N VAL A 1 -12.95 9.00 -26.11
CA VAL A 1 -12.39 8.05 -27.05
C VAL A 1 -11.15 7.37 -26.45
N SER A 2 -10.12 8.17 -26.19
CA SER A 2 -8.89 7.65 -25.62
C SER A 2 -8.96 7.68 -24.11
N LYS A 3 -9.31 6.54 -23.53
CA LYS A 3 -9.41 6.42 -22.09
C LYS A 3 -8.69 5.17 -21.59
N GLU A 4 -9.07 4.01 -22.14
CA GLU A 4 -8.47 2.74 -21.76
C GLU A 4 -8.58 2.50 -20.27
N THR A 5 -7.74 1.61 -19.74
CA THR A 5 -7.75 1.31 -18.32
C THR A 5 -6.75 2.21 -17.59
N ALA A 6 -5.88 2.85 -18.36
CA ALA A 6 -4.86 3.73 -17.80
C ALA A 6 -5.46 5.04 -17.30
N THR A 7 -6.34 5.63 -18.10
CA THR A 7 -6.97 6.88 -17.72
C THR A 7 -8.14 6.64 -16.77
N LYS A 8 -8.54 5.38 -16.62
CA LYS A 8 -9.64 5.05 -15.73
C LYS A 8 -9.19 5.05 -14.27
N THR A 9 -7.93 4.70 -14.06
CA THR A 9 -7.37 4.68 -12.71
C THR A 9 -7.16 6.11 -12.23
N ARG A 10 -7.64 6.39 -11.02
CA ARG A 10 -7.52 7.73 -10.40
C ARG A 10 -8.43 8.74 -11.10
N GLN A 11 -9.45 8.22 -11.78
CA GLN A 11 -10.39 9.07 -12.51
C GLN A 11 -11.73 9.08 -11.78
N PRO A 12 -12.38 10.25 -11.71
CA PRO A 12 -13.69 10.41 -11.07
C PRO A 12 -14.74 9.54 -11.76
N ARG A 13 -15.71 9.06 -10.97
CA ARG A 13 -16.78 8.21 -11.50
C ARG A 13 -16.24 6.90 -12.08
N VAL A 14 -15.57 6.13 -11.23
CA VAL A 14 -15.01 4.85 -11.63
C VAL A 14 -15.94 3.71 -11.19
N GLN A 15 -17.21 3.88 -11.51
CA GLN A 15 -18.24 2.90 -11.15
C GLN A 15 -18.15 1.64 -12.01
N MET A 16 -17.26 0.75 -11.63
CA MET A 16 -17.06 -0.51 -12.35
C MET A 16 -17.20 -1.67 -11.37
N PRO A 17 -17.17 -2.93 -11.84
CA PRO A 17 -17.28 -4.12 -10.97
C PRO A 17 -16.35 -4.04 -9.76
N ASN A 18 -16.82 -4.60 -8.64
CA ASN A 18 -16.06 -4.59 -7.38
C ASN A 18 -14.63 -5.09 -7.56
N GLY A 19 -14.47 -6.18 -8.30
CA GLY A 19 -13.16 -6.75 -8.53
C GLY A 19 -12.18 -5.77 -9.17
N LEU A 20 -12.70 -4.82 -9.93
CA LEU A 20 -11.87 -3.83 -10.59
C LEU A 20 -11.63 -2.63 -9.67
N VAL A 21 -12.70 -2.19 -8.99
CA VAL A 21 -12.60 -1.05 -8.08
C VAL A 21 -11.71 -1.38 -6.89
N LEU A 22 -11.84 -2.60 -6.37
CA LEU A 22 -11.04 -3.04 -5.23
C LEU A 22 -9.55 -3.01 -5.56
N MET A 23 -9.22 -3.26 -6.82
CA MET A 23 -7.83 -3.24 -7.26
C MET A 23 -7.38 -1.81 -7.54
N ARG A 24 -8.29 -0.99 -8.05
CA ARG A 24 -7.98 0.40 -8.35
C ARG A 24 -7.85 1.22 -7.07
N MET A 25 -8.76 1.00 -6.13
CA MET A 25 -8.75 1.70 -4.87
C MET A 25 -7.52 1.31 -4.06
N MET A 26 -7.03 0.09 -4.29
CA MET A 26 -5.85 -0.41 -3.61
C MET A 26 -4.69 0.56 -3.77
N GLY A 27 -4.43 0.97 -5.01
CA GLY A 27 -3.35 1.90 -5.28
C GLY A 27 -3.60 3.26 -4.68
N ILE A 28 -4.85 3.70 -4.71
CA ILE A 28 -5.23 5.01 -4.17
C ILE A 28 -5.08 5.04 -2.66
N LEU A 29 -5.48 3.96 -2.01
CA LEU A 29 -5.37 3.85 -0.56
C LEU A 29 -3.92 3.69 -0.15
N TRP A 30 -3.17 2.91 -0.93
CA TRP A 30 -1.76 2.68 -0.67
C TRP A 30 -0.95 3.96 -0.85
N HIS A 31 -1.35 4.76 -1.84
CA HIS A 31 -0.69 6.02 -2.13
C HIS A 31 -0.89 7.02 -0.99
N ALA A 32 -1.83 6.73 -0.11
CA ALA A 32 -2.13 7.59 1.02
C ALA A 32 -1.20 7.29 2.21
N VAL A 33 -0.56 6.13 2.17
CA VAL A 33 0.34 5.74 3.24
C VAL A 33 1.56 6.67 3.28
N ALA A 34 2.06 7.02 2.11
CA ALA A 34 3.19 7.93 2.01
C ALA A 34 2.79 9.21 1.28
N GLY A 35 1.48 9.43 1.17
CA GLY A 35 0.96 10.60 0.50
C GLY A 35 -0.47 10.88 0.90
N THR A 36 -1.34 11.08 -0.08
CA THR A 36 -2.75 11.34 0.19
C THR A 36 -3.62 11.01 -1.02
N ALA A 37 -4.92 11.17 -0.87
CA ALA A 37 -5.87 10.89 -1.94
C ALA A 37 -6.64 12.15 -2.32
N ARG A 38 -6.65 12.46 -3.60
CA ARG A 38 -7.34 13.65 -4.10
C ARG A 38 -8.77 13.33 -4.51
N ASN A 39 -8.95 12.18 -5.17
CA ASN A 39 -10.27 11.76 -5.64
C ASN A 39 -11.23 11.50 -4.48
N PRO A 40 -12.25 12.37 -4.32
CA PRO A 40 -13.23 12.24 -3.24
C PRO A 40 -14.23 11.13 -3.53
N VAL A 41 -14.55 10.94 -4.80
CA VAL A 41 -15.51 9.91 -5.22
C VAL A 41 -14.95 8.52 -4.95
N LEU A 42 -13.65 8.35 -5.18
CA LEU A 42 -13.00 7.07 -4.95
C LEU A 42 -13.03 6.70 -3.47
N LYS A 43 -12.99 7.73 -2.62
CA LYS A 43 -13.04 7.53 -1.18
C LYS A 43 -14.46 7.13 -0.76
N ALA A 44 -15.44 7.65 -1.48
CA ALA A 44 -16.83 7.36 -1.19
C ALA A 44 -17.17 5.91 -1.57
N PHE A 45 -16.54 5.42 -2.62
CA PHE A 45 -16.76 4.06 -3.09
C PHE A 45 -16.39 3.04 -2.02
N TRP A 46 -15.44 3.40 -1.16
CA TRP A 46 -15.00 2.52 -0.09
C TRP A 46 -16.11 2.32 0.95
N ASN A 47 -17.03 3.28 1.02
CA ASN A 47 -18.13 3.21 1.97
C ASN A 47 -19.31 2.43 1.38
N SER A 48 -19.24 2.18 0.08
CA SER A 48 -20.29 1.44 -0.60
C SER A 48 -19.92 -0.04 -0.75
N VAL A 49 -18.73 -0.39 -0.32
CA VAL A 49 -18.26 -1.76 -0.40
C VAL A 49 -18.01 -2.34 0.99
N PRO A 50 -18.52 -3.55 1.27
CA PRO A 50 -18.34 -4.21 2.56
C PRO A 50 -16.85 -4.46 2.82
N LEU A 51 -16.35 -3.90 3.91
CA LEU A 51 -14.94 -4.05 4.28
C LEU A 51 -14.52 -5.51 4.37
N LYS A 52 -15.46 -6.36 4.77
CA LYS A 52 -15.19 -7.80 4.90
C LYS A 52 -14.79 -8.41 3.56
N GLN A 53 -15.36 -7.92 2.48
CA GLN A 53 -15.05 -8.43 1.15
C GLN A 53 -13.83 -7.73 0.59
N ALA A 54 -13.74 -6.43 0.85
CA ALA A 54 -12.62 -5.62 0.38
C ALA A 54 -11.29 -6.11 0.97
N THR A 55 -11.28 -6.38 2.27
CA THR A 55 -10.08 -6.85 2.93
C THR A 55 -9.71 -8.27 2.50
N ALA A 56 -10.68 -9.00 1.95
CA ALA A 56 -10.45 -10.36 1.48
C ALA A 56 -9.65 -10.33 0.19
N ALA A 57 -10.07 -9.47 -0.74
CA ALA A 57 -9.39 -9.32 -2.01
C ALA A 57 -7.99 -8.75 -1.80
N LEU A 58 -7.88 -7.82 -0.85
CA LEU A 58 -6.61 -7.19 -0.54
C LEU A 58 -5.62 -8.23 0.01
N ARG A 59 -6.15 -9.19 0.76
CA ARG A 59 -5.33 -10.25 1.33
C ARG A 59 -4.81 -11.18 0.24
N LYS A 60 -5.65 -11.43 -0.76
CA LYS A 60 -5.30 -12.27 -1.89
C LYS A 60 -4.12 -11.68 -2.65
N ILE A 61 -4.23 -10.39 -2.97
CA ILE A 61 -3.17 -9.70 -3.69
C ILE A 61 -1.88 -9.67 -2.87
N LYS A 62 -2.03 -9.56 -1.56
CA LYS A 62 -0.89 -9.52 -0.66
C LYS A 62 -0.24 -10.89 -0.51
N ARG A 63 -0.93 -11.93 -0.95
CA ARG A 63 -0.41 -13.28 -0.85
C ARG A 63 0.34 -13.68 -2.12
N THR A 64 -0.21 -13.27 -3.26
CA THR A 64 0.41 -13.58 -4.55
C THR A 64 1.77 -12.91 -4.68
N VAL A 65 1.84 -11.63 -4.34
CA VAL A 65 3.09 -10.89 -4.42
C VAL A 65 4.15 -11.47 -3.48
N SER A 66 3.71 -12.03 -2.36
CA SER A 66 4.62 -12.63 -1.40
C SER A 66 5.20 -13.94 -1.96
N ALA A 67 4.33 -14.75 -2.56
CA ALA A 67 4.75 -16.03 -3.14
C ALA A 67 5.76 -15.81 -4.26
N LEU A 68 5.56 -14.74 -5.03
CA LEU A 68 6.47 -14.41 -6.13
C LEU A 68 7.85 -14.03 -5.59
N MET A 69 7.86 -13.33 -4.46
CA MET A 69 9.10 -12.90 -3.83
C MET A 69 9.90 -14.10 -3.31
N VAL A 70 9.17 -15.13 -2.88
CA VAL A 70 9.80 -16.35 -2.36
C VAL A 70 10.71 -16.98 -3.41
N GLY A 71 10.18 -17.12 -4.62
CA GLY A 71 10.95 -17.71 -5.71
C GLY A 71 12.13 -16.84 -6.10
N LEU A 72 11.95 -15.53 -6.01
CA LEU A 72 13.00 -14.58 -6.36
C LEU A 72 14.20 -14.74 -5.43
N GLN A 73 13.95 -14.80 -4.12
CA GLN A 73 15.01 -14.95 -3.14
C GLN A 73 15.69 -16.31 -3.28
N LYS A 74 14.93 -17.32 -3.68
CA LYS A 74 15.47 -18.66 -3.87
C LYS A 74 16.40 -18.67 -5.07
N ARG A 75 15.97 -18.01 -6.14
CA ARG A 75 16.77 -17.92 -7.36
C ARG A 75 18.01 -17.07 -7.12
N GLY A 76 17.83 -15.99 -6.38
CA GLY A 76 18.92 -15.09 -6.07
C GLY A 76 19.29 -14.22 -7.27
N LYS A 77 18.27 -13.82 -8.02
CA LYS A 77 18.48 -13.00 -9.20
C LYS A 77 17.69 -11.70 -9.05
N ARG A 78 17.91 -10.77 -9.98
CA ARG A 78 17.20 -9.49 -9.95
C ARG A 78 17.03 -8.93 -11.35
N ARG A 79 18.14 -8.55 -11.97
CA ARG A 79 18.10 -7.99 -13.32
C ARG A 79 18.97 -8.81 -14.27
N VAL B 1 20.27 19.59 11.52
CA VAL B 1 19.61 19.74 12.82
C VAL B 1 18.13 19.38 12.70
N SER B 2 17.51 19.82 11.61
CA SER B 2 16.09 19.56 11.38
C SER B 2 15.90 18.24 10.64
N LYS B 3 15.28 17.28 11.30
CA LYS B 3 15.03 15.98 10.71
C LYS B 3 13.89 15.26 11.43
N GLU B 4 13.90 15.36 12.76
CA GLU B 4 12.90 14.74 13.62
C GLU B 4 12.61 13.29 13.23
N THR B 5 11.42 13.05 12.70
CA THR B 5 11.01 11.72 12.29
C THR B 5 10.39 11.75 10.89
N ALA B 6 9.61 12.79 10.61
CA ALA B 6 8.94 12.93 9.33
C ALA B 6 9.92 13.19 8.19
N THR B 7 11.00 13.91 8.47
CA THR B 7 11.99 14.21 7.45
C THR B 7 12.95 13.04 7.26
N LYS B 8 12.78 12.01 8.09
CA LYS B 8 13.61 10.81 8.01
C LYS B 8 12.93 9.79 7.10
N THR B 9 11.62 9.95 6.92
CA THR B 9 10.85 9.07 6.07
C THR B 9 11.07 9.46 4.60
N ARG B 10 11.21 8.45 3.74
CA ARG B 10 11.44 8.68 2.31
C ARG B 10 12.82 9.31 2.09
N GLN B 11 13.69 9.15 3.07
CA GLN B 11 15.04 9.70 3.01
C GLN B 11 16.05 8.56 2.94
N PRO B 12 17.02 8.65 2.00
CA PRO B 12 18.06 7.62 1.83
C PRO B 12 18.85 7.39 3.12
N ARG B 13 19.35 6.17 3.26
CA ARG B 13 20.13 5.77 4.44
C ARG B 13 19.27 5.77 5.70
N VAL B 14 18.36 4.81 5.77
CA VAL B 14 17.47 4.68 6.91
C VAL B 14 18.03 3.70 7.95
N GLN B 15 18.94 4.19 8.76
CA GLN B 15 19.56 3.37 9.80
C GLN B 15 18.71 3.34 11.05
N MET B 16 17.56 2.70 10.93
CA MET B 16 16.61 2.58 12.04
C MET B 16 16.38 1.09 12.33
N PRO B 17 15.81 0.76 13.49
CA PRO B 17 15.52 -0.64 13.84
C PRO B 17 14.63 -1.32 12.80
N ASN B 18 14.81 -2.63 12.64
CA ASN B 18 14.04 -3.41 11.66
C ASN B 18 12.54 -3.18 11.77
N GLY B 19 12.05 -3.09 13.01
CA GLY B 19 10.62 -2.85 13.25
C GLY B 19 10.13 -1.54 12.65
N LEU B 20 11.00 -0.54 12.63
CA LEU B 20 10.64 0.76 12.09
C LEU B 20 10.90 0.82 10.59
N VAL B 21 11.93 0.12 10.14
CA VAL B 21 12.28 0.09 8.72
C VAL B 21 11.17 -0.55 7.91
N LEU B 22 10.64 -1.68 8.40
CA LEU B 22 9.57 -2.39 7.73
C LEU B 22 8.31 -1.52 7.64
N MET B 23 8.12 -0.68 8.64
CA MET B 23 6.97 0.21 8.68
C MET B 23 7.18 1.38 7.71
N ARG B 24 8.42 1.86 7.65
CA ARG B 24 8.78 2.97 6.77
C ARG B 24 8.75 2.54 5.31
N MET B 25 9.28 1.35 5.04
CA MET B 25 9.32 0.80 3.69
C MET B 25 7.90 0.60 3.17
N MET B 26 6.99 0.28 4.08
CA MET B 26 5.59 0.06 3.72
C MET B 26 5.02 1.27 3.00
N GLY B 27 5.30 2.46 3.51
CA GLY B 27 4.82 3.68 2.89
C GLY B 27 5.38 3.86 1.50
N ILE B 28 6.66 3.55 1.34
CA ILE B 28 7.33 3.69 0.05
C ILE B 28 6.86 2.62 -0.93
N LEU B 29 6.67 1.40 -0.41
CA LEU B 29 6.22 0.29 -1.21
C LEU B 29 4.81 0.55 -1.74
N TRP B 30 3.96 1.10 -0.87
CA TRP B 30 2.60 1.41 -1.24
C TRP B 30 2.55 2.65 -2.14
N HIS B 31 3.49 3.55 -1.93
CA HIS B 31 3.57 4.77 -2.73
C HIS B 31 3.90 4.43 -4.18
N ALA B 32 4.60 3.30 -4.36
CA ALA B 32 4.98 2.85 -5.69
C ALA B 32 3.82 2.14 -6.39
N VAL B 33 2.76 1.82 -5.64
CA VAL B 33 1.60 1.15 -6.21
C VAL B 33 0.86 2.08 -7.17
N ALA B 34 0.55 3.28 -6.70
CA ALA B 34 -0.15 4.27 -7.51
C ALA B 34 0.82 5.32 -8.04
N GLY B 35 2.06 5.23 -7.61
CA GLY B 35 3.07 6.17 -8.05
C GLY B 35 4.36 5.48 -8.43
N THR B 36 5.45 5.82 -7.75
CA THR B 36 6.75 5.23 -8.03
C THR B 36 7.75 5.61 -6.93
N ALA B 37 8.84 4.86 -6.83
CA ALA B 37 9.86 5.13 -5.83
C ALA B 37 10.96 6.00 -6.41
N ARG B 38 11.56 6.85 -5.59
CA ARG B 38 12.61 7.74 -6.05
C ARG B 38 13.90 7.55 -5.25
N ASN B 39 13.88 6.66 -4.27
CA ASN B 39 15.06 6.40 -3.44
C ASN B 39 15.54 4.96 -3.58
N PRO B 40 16.58 4.74 -4.40
CA PRO B 40 17.15 3.40 -4.63
C PRO B 40 17.72 2.79 -3.35
N VAL B 41 18.24 3.64 -2.47
CA VAL B 41 18.81 3.19 -1.21
C VAL B 41 17.76 2.49 -0.36
N LEU B 42 16.51 2.94 -0.49
CA LEU B 42 15.42 2.36 0.28
C LEU B 42 15.08 0.97 -0.24
N LYS B 43 15.36 0.74 -1.53
CA LYS B 43 15.11 -0.54 -2.15
C LYS B 43 16.19 -1.55 -1.74
N ALA B 44 17.37 -1.04 -1.41
CA ALA B 44 18.49 -1.86 -0.99
C ALA B 44 18.21 -2.53 0.36
N PHE B 45 17.56 -1.78 1.25
CA PHE B 45 17.23 -2.30 2.59
C PHE B 45 16.21 -3.43 2.50
N TRP B 46 15.45 -3.45 1.41
CA TRP B 46 14.43 -4.48 1.19
C TRP B 46 15.09 -5.83 0.93
N ASN B 47 16.30 -5.79 0.38
CA ASN B 47 17.04 -7.01 0.07
C ASN B 47 17.71 -7.57 1.30
N SER B 48 18.00 -6.69 2.25
CA SER B 48 18.64 -7.09 3.48
C SER B 48 17.69 -7.81 4.43
N VAL B 49 16.41 -7.43 4.38
CA VAL B 49 15.42 -8.02 5.26
C VAL B 49 14.70 -9.18 4.58
N PRO B 50 14.63 -10.35 5.25
CA PRO B 50 13.95 -11.53 4.70
C PRO B 50 12.49 -11.23 4.39
N LEU B 51 12.02 -11.73 3.26
CA LEU B 51 10.64 -11.50 2.82
C LEU B 51 9.64 -12.01 3.85
N LYS B 52 9.98 -13.10 4.53
CA LYS B 52 9.09 -13.69 5.52
C LYS B 52 8.87 -12.75 6.71
N GLN B 53 9.86 -11.91 6.98
CA GLN B 53 9.76 -10.95 8.07
C GLN B 53 9.00 -9.72 7.60
N ALA B 54 9.31 -9.27 6.40
CA ALA B 54 8.66 -8.10 5.81
C ALA B 54 7.17 -8.34 5.58
N THR B 55 6.83 -9.49 5.01
CA THR B 55 5.45 -9.81 4.73
C THR B 55 4.63 -9.96 6.03
N ALA B 56 5.31 -10.31 7.12
CA ALA B 56 4.66 -10.47 8.42
C ALA B 56 4.26 -9.11 8.98
N ALA B 57 5.16 -8.14 8.86
CA ALA B 57 4.90 -6.79 9.35
C ALA B 57 3.75 -6.16 8.57
N LEU B 58 3.74 -6.41 7.26
CA LEU B 58 2.70 -5.89 6.38
C LEU B 58 1.34 -6.46 6.77
N ARG B 59 1.28 -7.77 7.02
CA ARG B 59 0.04 -8.43 7.40
C ARG B 59 -0.45 -7.92 8.75
N LYS B 60 0.48 -7.71 9.67
CA LYS B 60 0.17 -7.23 11.01
C LYS B 60 -0.57 -5.90 10.95
N ILE B 61 0.00 -4.94 10.23
CA ILE B 61 -0.60 -3.62 10.09
C ILE B 61 -1.91 -3.71 9.31
N LYS B 62 -1.91 -4.51 8.25
CA LYS B 62 -3.09 -4.68 7.42
C LYS B 62 -4.29 -5.20 8.22
N ARG B 63 -4.05 -6.19 9.07
CA ARG B 63 -5.12 -6.74 9.89
C ARG B 63 -5.60 -5.73 10.92
N THR B 64 -4.66 -5.01 11.50
CA THR B 64 -4.98 -3.99 12.51
C THR B 64 -5.89 -2.90 11.94
N VAL B 65 -5.51 -2.34 10.80
CA VAL B 65 -6.30 -1.28 10.18
C VAL B 65 -7.67 -1.79 9.71
N SER B 66 -7.73 -3.03 9.26
CA SER B 66 -8.98 -3.62 8.80
C SER B 66 -9.93 -3.88 9.97
N ALA B 67 -9.36 -4.32 11.10
CA ALA B 67 -10.15 -4.60 12.29
C ALA B 67 -10.84 -3.33 12.79
N LEU B 68 -10.19 -2.20 12.58
CA LEU B 68 -10.74 -0.91 12.99
C LEU B 68 -11.82 -0.47 12.02
N MET B 69 -11.63 -0.80 10.75
CA MET B 69 -12.60 -0.45 9.70
C MET B 69 -13.93 -1.14 9.98
N VAL B 70 -13.86 -2.32 10.59
CA VAL B 70 -15.05 -3.08 10.95
C VAL B 70 -15.95 -2.25 11.86
N GLY B 71 -15.32 -1.54 12.79
CA GLY B 71 -16.06 -0.70 13.71
C GLY B 71 -16.58 0.55 13.04
N LEU B 72 -15.78 1.09 12.11
CA LEU B 72 -16.16 2.29 11.39
C LEU B 72 -17.42 2.06 10.56
N GLN B 73 -17.46 0.95 9.83
CA GLN B 73 -18.62 0.62 9.02
C GLN B 73 -19.81 0.21 9.89
N LYS B 74 -19.52 -0.22 11.11
CA LYS B 74 -20.56 -0.63 12.05
C LYS B 74 -21.23 0.61 12.67
N ARG B 75 -20.42 1.58 13.04
CA ARG B 75 -20.94 2.81 13.64
C ARG B 75 -21.53 3.70 12.56
N GLY B 76 -20.82 3.83 11.44
CA GLY B 76 -21.29 4.64 10.34
C GLY B 76 -20.96 6.12 10.53
N LYS B 77 -20.05 6.40 11.44
CA LYS B 77 -19.64 7.77 11.71
C LYS B 77 -18.29 8.08 11.09
N ARG B 78 -18.27 9.04 10.18
CA ARG B 78 -17.04 9.43 9.50
C ARG B 78 -16.81 10.94 9.61
N ARG B 79 -17.80 11.71 9.22
CA ARG B 79 -17.71 13.17 9.28
C ARG B 79 -18.58 13.71 10.41
N VAL A 1 -0.82 20.51 -9.61
CA VAL A 1 -0.22 20.94 -10.87
C VAL A 1 0.56 19.81 -11.52
N SER A 2 0.87 18.81 -10.71
CA SER A 2 1.61 17.65 -11.18
C SER A 2 0.70 16.67 -11.88
N LYS A 3 -0.52 16.53 -11.35
CA LYS A 3 -1.53 15.62 -11.91
C LYS A 3 -1.04 14.18 -11.98
N GLU A 4 -0.75 13.71 -13.19
CA GLU A 4 -0.28 12.34 -13.42
C GLU A 4 -1.30 11.33 -12.88
N THR A 5 -0.86 10.12 -12.61
CA THR A 5 -1.74 9.10 -12.07
C THR A 5 -1.74 9.16 -10.54
N ALA A 6 -0.62 9.62 -9.98
CA ALA A 6 -0.47 9.71 -8.52
C ALA A 6 -1.53 10.61 -7.89
N THR A 7 -1.54 11.88 -8.27
CA THR A 7 -2.49 12.83 -7.74
C THR A 7 -3.93 12.47 -8.14
N LYS A 8 -4.07 11.80 -9.27
CA LYS A 8 -5.38 11.39 -9.75
C LYS A 8 -5.97 10.31 -8.85
N THR A 9 -5.12 9.60 -8.15
CA THR A 9 -5.56 8.55 -7.24
C THR A 9 -6.09 9.13 -5.92
N ARG A 10 -5.68 10.36 -5.62
CA ARG A 10 -6.11 11.03 -4.40
C ARG A 10 -7.01 12.23 -4.70
N GLN A 11 -7.58 12.24 -5.89
CA GLN A 11 -8.45 13.33 -6.30
C GLN A 11 -9.91 12.89 -6.21
N PRO A 12 -10.79 13.78 -5.70
CA PRO A 12 -12.23 13.49 -5.58
C PRO A 12 -12.83 13.04 -6.92
N ARG A 13 -13.87 12.22 -6.84
CA ARG A 13 -14.54 11.68 -8.01
C ARG A 13 -13.61 10.76 -8.79
N VAL A 14 -12.77 10.03 -8.06
CA VAL A 14 -11.83 9.09 -8.67
C VAL A 14 -12.56 7.85 -9.21
N GLN A 15 -13.04 7.97 -10.44
CA GLN A 15 -13.76 6.89 -11.09
C GLN A 15 -12.83 5.94 -11.82
N MET A 16 -12.23 5.02 -11.09
CA MET A 16 -11.31 4.05 -11.66
C MET A 16 -11.94 2.66 -11.61
N PRO A 17 -11.45 1.70 -12.41
CA PRO A 17 -11.95 0.32 -12.42
C PRO A 17 -11.94 -0.31 -11.02
N ASN A 18 -12.83 -1.28 -10.80
CA ASN A 18 -12.96 -1.97 -9.51
C ASN A 18 -11.60 -2.43 -8.96
N GLY A 19 -10.87 -3.19 -9.78
CA GLY A 19 -9.58 -3.70 -9.36
C GLY A 19 -8.59 -2.60 -9.02
N LEU A 20 -8.62 -1.53 -9.79
CA LEU A 20 -7.72 -0.41 -9.57
C LEU A 20 -8.01 0.30 -8.26
N VAL A 21 -9.29 0.63 -8.04
CA VAL A 21 -9.69 1.31 -6.81
C VAL A 21 -9.31 0.50 -5.58
N LEU A 22 -9.61 -0.79 -5.61
CA LEU A 22 -9.30 -1.67 -4.50
C LEU A 22 -7.79 -1.82 -4.28
N MET A 23 -7.02 -1.85 -5.36
CA MET A 23 -5.58 -1.98 -5.27
C MET A 23 -4.93 -0.69 -4.76
N ARG A 24 -5.43 0.44 -5.23
CA ARG A 24 -4.90 1.74 -4.82
C ARG A 24 -5.37 2.12 -3.42
N MET A 25 -6.51 1.58 -3.02
CA MET A 25 -7.09 1.85 -1.71
C MET A 25 -6.10 1.62 -0.59
N MET A 26 -5.52 0.42 -0.54
CA MET A 26 -4.54 0.09 0.50
C MET A 26 -3.32 0.99 0.46
N GLY A 27 -2.89 1.36 -0.76
CA GLY A 27 -1.74 2.22 -0.90
C GLY A 27 -1.99 3.58 -0.28
N ILE A 28 -3.12 4.18 -0.62
CA ILE A 28 -3.49 5.48 -0.08
C ILE A 28 -3.76 5.38 1.41
N LEU A 29 -4.43 4.31 1.81
CA LEU A 29 -4.77 4.07 3.21
C LEU A 29 -3.52 4.02 4.07
N TRP A 30 -2.48 3.35 3.58
CA TRP A 30 -1.22 3.24 4.31
C TRP A 30 -0.48 4.57 4.33
N HIS A 31 -0.50 5.28 3.21
CA HIS A 31 0.18 6.57 3.12
C HIS A 31 -0.52 7.65 3.95
N ALA A 32 -1.78 7.40 4.27
CA ALA A 32 -2.56 8.33 5.08
C ALA A 32 -2.02 8.38 6.50
N VAL A 33 -1.51 7.25 6.96
CA VAL A 33 -0.94 7.16 8.30
C VAL A 33 0.48 7.72 8.27
N ALA A 34 1.05 7.79 7.08
CA ALA A 34 2.38 8.31 6.89
C ALA A 34 2.36 9.83 6.86
N GLY A 35 1.42 10.41 6.12
CA GLY A 35 1.33 11.85 6.03
C GLY A 35 -0.07 12.36 5.73
N THR A 36 -0.50 12.22 4.49
CA THR A 36 -1.81 12.72 4.08
C THR A 36 -2.41 11.85 2.95
N ALA A 37 -3.36 12.45 2.21
CA ALA A 37 -4.05 11.80 1.08
C ALA A 37 -5.30 11.04 1.50
N ARG A 38 -5.70 11.21 2.76
CA ARG A 38 -6.88 10.54 3.28
C ARG A 38 -8.15 11.35 3.00
N ASN A 39 -8.56 11.36 1.74
CA ASN A 39 -9.76 12.09 1.34
C ASN A 39 -11.02 11.26 1.59
N PRO A 40 -12.10 11.92 2.03
CA PRO A 40 -13.39 11.26 2.33
C PRO A 40 -13.98 10.52 1.14
N VAL A 41 -13.65 10.97 -0.07
CA VAL A 41 -14.15 10.33 -1.29
C VAL A 41 -13.75 8.86 -1.35
N LEU A 42 -12.57 8.54 -0.84
CA LEU A 42 -12.07 7.18 -0.83
C LEU A 42 -12.82 6.34 0.20
N LYS A 43 -13.16 6.98 1.32
CA LYS A 43 -13.89 6.33 2.39
C LYS A 43 -15.31 6.03 1.93
N ALA A 44 -15.87 6.95 1.15
CA ALA A 44 -17.21 6.81 0.61
C ALA A 44 -17.30 5.62 -0.35
N PHE A 45 -16.25 5.44 -1.15
CA PHE A 45 -16.21 4.35 -2.11
C PHE A 45 -16.16 3.00 -1.41
N TRP A 46 -15.63 2.98 -0.20
CA TRP A 46 -15.53 1.76 0.58
C TRP A 46 -16.90 1.30 1.05
N ASN A 47 -17.86 2.23 1.07
CA ASN A 47 -19.21 1.92 1.49
C ASN A 47 -20.07 1.47 0.32
N SER A 48 -19.84 2.07 -0.84
CA SER A 48 -20.59 1.74 -2.04
C SER A 48 -20.14 0.42 -2.66
N VAL A 49 -18.87 0.09 -2.48
CA VAL A 49 -18.32 -1.15 -3.03
C VAL A 49 -18.84 -2.36 -2.25
N PRO A 50 -19.29 -3.41 -2.96
CA PRO A 50 -19.78 -4.64 -2.34
C PRO A 50 -18.70 -5.26 -1.44
N LEU A 51 -18.92 -5.18 -0.13
CA LEU A 51 -17.97 -5.69 0.86
C LEU A 51 -17.54 -7.13 0.59
N LYS A 52 -18.49 -7.98 0.22
CA LYS A 52 -18.19 -9.38 -0.06
C LYS A 52 -17.18 -9.52 -1.18
N GLN A 53 -17.39 -8.77 -2.26
CA GLN A 53 -16.49 -8.82 -3.41
C GLN A 53 -15.18 -8.11 -3.12
N ALA A 54 -15.26 -7.06 -2.29
CA ALA A 54 -14.10 -6.28 -1.92
C ALA A 54 -13.09 -7.11 -1.13
N THR A 55 -13.54 -7.70 -0.03
CA THR A 55 -12.68 -8.53 0.81
C THR A 55 -12.14 -9.73 0.03
N ALA A 56 -12.94 -10.22 -0.92
CA ALA A 56 -12.54 -11.36 -1.74
C ALA A 56 -11.34 -10.99 -2.62
N ALA A 57 -11.40 -9.79 -3.19
CA ALA A 57 -10.33 -9.29 -4.04
C ALA A 57 -9.05 -9.11 -3.23
N LEU A 58 -9.22 -8.64 -1.99
CA LEU A 58 -8.09 -8.43 -1.09
C LEU A 58 -7.38 -9.75 -0.82
N ARG A 59 -8.18 -10.80 -0.60
CA ARG A 59 -7.66 -12.13 -0.34
C ARG A 59 -6.86 -12.65 -1.54
N LYS A 60 -7.39 -12.38 -2.73
CA LYS A 60 -6.74 -12.82 -3.97
C LYS A 60 -5.37 -12.16 -4.14
N ILE A 61 -5.31 -10.86 -3.94
CA ILE A 61 -4.05 -10.12 -4.06
C ILE A 61 -3.05 -10.55 -3.00
N LYS A 62 -3.53 -10.75 -1.78
CA LYS A 62 -2.67 -11.16 -0.67
C LYS A 62 -1.97 -12.47 -1.00
N ARG A 63 -2.66 -13.36 -1.70
CA ARG A 63 -2.10 -14.65 -2.08
C ARG A 63 -0.90 -14.45 -3.00
N THR A 64 -1.06 -13.57 -3.99
CA THR A 64 0.01 -13.30 -4.95
C THR A 64 1.22 -12.70 -4.25
N VAL A 65 0.97 -11.78 -3.32
CA VAL A 65 2.04 -11.14 -2.56
C VAL A 65 2.83 -12.18 -1.76
N SER A 66 2.11 -13.10 -1.13
CA SER A 66 2.71 -14.14 -0.34
C SER A 66 3.48 -15.13 -1.23
N ALA A 67 2.89 -15.48 -2.36
CA ALA A 67 3.51 -16.40 -3.31
C ALA A 67 4.81 -15.82 -3.88
N LEU A 68 4.79 -14.53 -4.17
CA LEU A 68 5.96 -13.83 -4.71
C LEU A 68 7.10 -13.85 -3.70
N MET A 69 6.75 -13.77 -2.42
CA MET A 69 7.74 -13.80 -1.36
C MET A 69 8.47 -15.13 -1.34
N VAL A 70 7.71 -16.21 -1.55
CA VAL A 70 8.27 -17.55 -1.58
C VAL A 70 9.21 -17.72 -2.78
N GLY A 71 8.78 -17.19 -3.91
CA GLY A 71 9.58 -17.27 -5.13
C GLY A 71 10.93 -16.59 -4.96
N LEU A 72 10.92 -15.44 -4.30
CA LEU A 72 12.14 -14.69 -4.06
C LEU A 72 13.08 -15.45 -3.13
N GLN A 73 12.53 -16.01 -2.06
CA GLN A 73 13.32 -16.76 -1.09
C GLN A 73 13.88 -18.04 -1.71
N LYS A 74 13.12 -18.63 -2.63
CA LYS A 74 13.55 -19.85 -3.30
C LYS A 74 14.79 -19.59 -4.15
N ARG A 75 14.87 -18.38 -4.70
CA ARG A 75 16.01 -17.99 -5.53
C ARG A 75 17.25 -17.77 -4.66
N GLY A 76 17.01 -17.47 -3.38
CA GLY A 76 18.09 -17.23 -2.45
C GLY A 76 18.58 -18.51 -1.81
N LYS A 77 17.65 -19.30 -1.30
CA LYS A 77 17.98 -20.56 -0.65
C LYS A 77 17.10 -21.70 -1.15
N ARG A 78 17.72 -22.70 -1.74
CA ARG A 78 17.00 -23.85 -2.25
C ARG A 78 17.26 -25.04 -1.34
N ARG A 79 16.19 -25.59 -0.77
CA ARG A 79 16.32 -26.73 0.13
C ARG A 79 16.73 -28.00 -0.63
N VAL B 1 13.78 19.94 -5.86
CA VAL B 1 13.36 21.25 -5.37
C VAL B 1 12.18 21.10 -4.43
N SER B 2 11.51 19.96 -4.54
CA SER B 2 10.35 19.66 -3.71
C SER B 2 10.72 19.62 -2.22
N LYS B 3 11.91 19.11 -1.93
CA LYS B 3 12.40 18.99 -0.56
C LYS B 3 11.47 18.13 0.29
N GLU B 4 11.40 18.45 1.57
CA GLU B 4 10.55 17.72 2.51
C GLU B 4 11.00 16.27 2.69
N THR B 5 10.34 15.55 3.58
CA THR B 5 10.68 14.17 3.85
C THR B 5 9.99 13.24 2.85
N ALA B 6 9.08 13.80 2.06
CA ALA B 6 8.34 13.03 1.07
C ALA B 6 9.25 12.64 -0.10
N THR B 7 10.00 13.61 -0.60
CA THR B 7 10.90 13.37 -1.72
C THR B 7 12.14 12.58 -1.27
N LYS B 8 12.46 12.68 0.02
CA LYS B 8 13.61 11.98 0.57
C LYS B 8 13.42 10.48 0.51
N THR B 9 12.17 10.04 0.50
CA THR B 9 11.83 8.63 0.45
C THR B 9 12.30 7.97 -0.86
N ARG B 10 12.40 8.77 -1.91
CA ARG B 10 12.83 8.27 -3.21
C ARG B 10 14.18 8.87 -3.59
N GLN B 11 14.92 9.32 -2.60
CA GLN B 11 16.22 9.91 -2.84
C GLN B 11 17.31 8.88 -2.58
N PRO B 12 18.31 8.80 -3.48
CA PRO B 12 19.44 7.86 -3.36
C PRO B 12 20.05 7.89 -1.96
N ARG B 13 20.42 6.70 -1.47
CA ARG B 13 21.02 6.56 -0.13
C ARG B 13 20.02 7.01 0.94
N VAL B 14 18.79 6.51 0.82
CA VAL B 14 17.74 6.84 1.78
C VAL B 14 17.93 6.08 3.09
N GLN B 15 18.68 6.68 4.01
CA GLN B 15 18.93 6.06 5.30
C GLN B 15 17.90 6.51 6.33
N MET B 16 16.88 5.70 6.51
CA MET B 16 15.81 5.99 7.44
C MET B 16 15.72 4.87 8.48
N PRO B 17 15.03 5.10 9.61
CA PRO B 17 14.85 4.09 10.65
C PRO B 17 14.14 2.86 10.09
N ASN B 18 14.57 1.68 10.51
CA ASN B 18 14.00 0.42 10.04
C ASN B 18 12.48 0.40 10.05
N GLY B 19 11.89 0.87 11.13
CA GLY B 19 10.44 0.90 11.24
C GLY B 19 9.78 1.79 10.21
N LEU B 20 10.45 2.89 9.88
CA LEU B 20 9.92 3.84 8.91
C LEU B 20 10.11 3.31 7.48
N VAL B 21 11.26 2.70 7.25
CA VAL B 21 11.59 2.14 5.93
C VAL B 21 10.53 1.14 5.48
N LEU B 22 10.21 0.19 6.34
CA LEU B 22 9.21 -0.83 6.03
C LEU B 22 7.86 -0.22 5.66
N MET B 23 7.49 0.85 6.35
CA MET B 23 6.22 1.52 6.09
C MET B 23 6.29 2.30 4.79
N ARG B 24 7.44 2.90 4.51
CA ARG B 24 7.63 3.69 3.30
C ARG B 24 7.74 2.81 2.07
N MET B 25 8.46 1.70 2.20
CA MET B 25 8.68 0.76 1.10
C MET B 25 7.37 0.33 0.46
N MET B 26 6.45 -0.18 1.27
CA MET B 26 5.16 -0.64 0.78
C MET B 26 4.35 0.47 0.12
N GLY B 27 4.53 1.70 0.62
CA GLY B 27 3.80 2.83 0.07
C GLY B 27 4.36 3.28 -1.27
N ILE B 28 5.66 3.47 -1.32
CA ILE B 28 6.32 3.92 -2.56
C ILE B 28 6.16 2.89 -3.67
N LEU B 29 6.31 1.61 -3.32
CA LEU B 29 6.18 0.54 -4.29
C LEU B 29 4.77 0.51 -4.90
N TRP B 30 3.79 0.84 -4.06
CA TRP B 30 2.40 0.87 -4.50
C TRP B 30 2.14 2.07 -5.42
N HIS B 31 2.92 3.12 -5.23
CA HIS B 31 2.80 4.34 -6.04
C HIS B 31 3.59 4.23 -7.34
N ALA B 32 4.63 3.40 -7.32
CA ALA B 32 5.48 3.21 -8.49
C ALA B 32 4.69 2.59 -9.65
N VAL B 33 3.75 1.72 -9.31
CA VAL B 33 2.93 1.05 -10.31
C VAL B 33 1.79 1.95 -10.79
N ALA B 34 1.63 3.09 -10.13
CA ALA B 34 0.58 4.03 -10.47
C ALA B 34 1.16 5.43 -10.62
N GLY B 35 2.40 5.50 -11.08
CA GLY B 35 3.03 6.78 -11.26
C GLY B 35 4.53 6.65 -11.44
N THR B 36 5.29 7.17 -10.48
CA THR B 36 6.74 7.14 -10.54
C THR B 36 7.31 6.81 -9.16
N ALA B 37 8.61 7.11 -8.97
CA ALA B 37 9.33 6.88 -7.71
C ALA B 37 9.84 5.45 -7.60
N ARG B 38 9.95 4.76 -8.73
CA ARG B 38 10.43 3.38 -8.75
C ARG B 38 11.97 3.36 -8.77
N ASN B 39 12.56 4.14 -7.87
CA ASN B 39 14.02 4.22 -7.76
C ASN B 39 14.61 2.90 -7.29
N PRO B 40 15.76 2.50 -7.84
CA PRO B 40 16.44 1.25 -7.48
C PRO B 40 16.97 1.26 -6.04
N VAL B 41 17.04 2.45 -5.45
CA VAL B 41 17.51 2.59 -4.08
C VAL B 41 16.63 1.81 -3.09
N LEU B 42 15.36 1.67 -3.42
CA LEU B 42 14.42 0.96 -2.55
C LEU B 42 14.73 -0.54 -2.51
N LYS B 43 14.85 -1.16 -3.68
CA LYS B 43 15.13 -2.59 -3.75
C LYS B 43 16.50 -2.92 -3.13
N ALA B 44 17.38 -1.93 -3.09
CA ALA B 44 18.70 -2.12 -2.49
C ALA B 44 18.58 -2.38 -1.00
N PHE B 45 17.74 -1.59 -0.34
CA PHE B 45 17.52 -1.74 1.09
C PHE B 45 16.60 -2.92 1.38
N TRP B 46 15.65 -3.17 0.48
CA TRP B 46 14.72 -4.29 0.64
C TRP B 46 15.47 -5.61 0.55
N ASN B 47 16.55 -5.62 -0.21
CA ASN B 47 17.38 -6.81 -0.38
C ASN B 47 18.27 -7.02 0.85
N SER B 48 18.43 -5.95 1.62
CA SER B 48 19.27 -6.00 2.81
C SER B 48 18.49 -6.38 4.06
N VAL B 49 17.26 -5.89 4.17
CA VAL B 49 16.40 -6.17 5.31
C VAL B 49 15.95 -7.64 5.34
N PRO B 50 16.05 -8.30 6.50
CA PRO B 50 15.63 -9.70 6.65
C PRO B 50 14.12 -9.83 6.43
N LEU B 51 13.73 -10.70 5.50
CA LEU B 51 12.33 -10.91 5.18
C LEU B 51 11.53 -11.40 6.38
N LYS B 52 12.20 -12.11 7.28
CA LYS B 52 11.55 -12.63 8.49
C LYS B 52 11.03 -11.47 9.35
N GLN B 53 11.75 -10.35 9.31
CA GLN B 53 11.37 -9.18 10.08
C GLN B 53 10.44 -8.29 9.25
N ALA B 54 10.71 -8.23 7.95
CA ALA B 54 9.92 -7.42 7.03
C ALA B 54 8.45 -7.88 7.02
N THR B 55 8.23 -9.14 6.67
CA THR B 55 6.88 -9.69 6.62
C THR B 55 6.21 -9.65 7.98
N ALA B 56 7.00 -9.74 9.04
CA ALA B 56 6.47 -9.71 10.40
C ALA B 56 5.87 -8.33 10.70
N ALA B 57 6.61 -7.29 10.36
CA ALA B 57 6.15 -5.93 10.58
C ALA B 57 5.01 -5.60 9.62
N LEU B 58 5.13 -6.07 8.38
CA LEU B 58 4.12 -5.85 7.37
C LEU B 58 2.78 -6.42 7.82
N ARG B 59 2.83 -7.54 8.52
CA ARG B 59 1.63 -8.20 9.02
C ARG B 59 0.91 -7.31 10.03
N LYS B 60 1.68 -6.66 10.91
CA LYS B 60 1.11 -5.79 11.94
C LYS B 60 0.42 -4.58 11.30
N ILE B 61 1.08 -3.94 10.35
CA ILE B 61 0.52 -2.77 9.69
C ILE B 61 -0.56 -3.15 8.69
N LYS B 62 -0.69 -4.45 8.40
CA LYS B 62 -1.71 -4.93 7.49
C LYS B 62 -2.99 -5.20 8.25
N ARG B 63 -2.83 -5.62 9.50
CA ARG B 63 -3.96 -5.94 10.37
C ARG B 63 -4.78 -4.68 10.67
N THR B 64 -4.09 -3.55 10.75
CA THR B 64 -4.75 -2.27 11.04
C THR B 64 -5.76 -1.94 9.94
N VAL B 65 -5.49 -2.44 8.74
CA VAL B 65 -6.35 -2.22 7.59
C VAL B 65 -7.62 -3.08 7.73
N SER B 66 -7.43 -4.33 8.16
CA SER B 66 -8.55 -5.25 8.34
C SER B 66 -9.46 -4.77 9.48
N ALA B 67 -8.85 -4.20 10.51
CA ALA B 67 -9.59 -3.67 11.65
C ALA B 67 -10.42 -2.47 11.21
N LEU B 68 -9.88 -1.69 10.28
CA LEU B 68 -10.56 -0.52 9.76
C LEU B 68 -11.76 -0.93 8.91
N MET B 69 -11.60 -2.03 8.19
CA MET B 69 -12.66 -2.55 7.34
C MET B 69 -13.92 -2.81 8.15
N VAL B 70 -13.77 -3.60 9.21
CA VAL B 70 -14.89 -3.93 10.09
C VAL B 70 -15.38 -2.69 10.84
N GLY B 71 -14.45 -1.82 11.21
CA GLY B 71 -14.80 -0.60 11.91
C GLY B 71 -15.77 0.26 11.13
N LEU B 72 -15.48 0.44 9.84
CA LEU B 72 -16.34 1.25 8.97
C LEU B 72 -17.69 0.58 8.76
N GLN B 73 -17.69 -0.75 8.71
CA GLN B 73 -18.92 -1.52 8.53
C GLN B 73 -19.81 -1.38 9.75
N LYS B 74 -19.23 -1.61 10.92
CA LYS B 74 -19.94 -1.52 12.18
C LYS B 74 -20.45 -0.10 12.43
N ARG B 75 -19.68 0.89 12.00
CA ARG B 75 -20.06 2.29 12.16
C ARG B 75 -21.27 2.64 11.30
N GLY B 76 -21.48 1.84 10.25
CA GLY B 76 -22.60 2.07 9.36
C GLY B 76 -23.80 1.24 9.73
N LYS B 77 -23.55 0.09 10.36
CA LYS B 77 -24.62 -0.81 10.76
C LYS B 77 -24.13 -1.74 11.87
N ARG B 78 -24.97 -1.95 12.87
CA ARG B 78 -24.64 -2.83 13.98
C ARG B 78 -25.54 -4.06 13.94
N ARG B 79 -25.00 -5.17 13.45
CA ARG B 79 -25.76 -6.40 13.36
C ARG B 79 -25.74 -7.17 14.69
N VAL A 1 -5.48 17.18 -20.21
CA VAL A 1 -4.14 17.33 -19.66
C VAL A 1 -3.49 15.98 -19.40
N SER A 2 -2.20 15.89 -19.65
CA SER A 2 -1.47 14.65 -19.44
C SER A 2 -1.31 14.38 -17.95
N LYS A 3 -1.92 13.30 -17.48
CA LYS A 3 -1.84 12.94 -16.07
C LYS A 3 -1.57 11.45 -15.87
N GLU A 4 -1.95 10.65 -16.87
CA GLU A 4 -1.77 9.20 -16.83
C GLU A 4 -2.38 8.62 -15.55
N THR A 5 -1.68 7.70 -14.92
CA THR A 5 -2.15 7.07 -13.70
C THR A 5 -1.39 7.62 -12.49
N ALA A 6 -0.63 8.69 -12.71
CA ALA A 6 0.14 9.31 -11.66
C ALA A 6 -0.72 10.32 -10.90
N THR A 7 -1.21 11.31 -11.61
CA THR A 7 -2.05 12.35 -11.00
C THR A 7 -3.47 11.81 -10.73
N LYS A 8 -3.71 10.57 -11.15
CA LYS A 8 -5.00 9.93 -10.96
C LYS A 8 -5.11 9.31 -9.56
N THR A 9 -4.09 9.55 -8.73
CA THR A 9 -4.08 9.01 -7.38
C THR A 9 -4.72 10.00 -6.42
N ARG A 10 -5.78 9.55 -5.75
CA ARG A 10 -6.50 10.38 -4.77
C ARG A 10 -7.20 11.56 -5.44
N GLN A 11 -7.31 11.49 -6.75
CA GLN A 11 -7.95 12.55 -7.53
C GLN A 11 -9.40 12.20 -7.83
N PRO A 12 -10.29 13.19 -7.86
CA PRO A 12 -11.72 12.97 -8.16
C PRO A 12 -11.89 12.42 -9.57
N ARG A 13 -13.08 11.90 -9.87
CA ARG A 13 -13.36 11.33 -11.18
C ARG A 13 -12.48 10.09 -11.41
N VAL A 14 -12.35 9.28 -10.37
CA VAL A 14 -11.54 8.07 -10.44
C VAL A 14 -12.39 6.88 -10.90
N GLN A 15 -12.93 7.00 -12.09
CA GLN A 15 -13.76 5.96 -12.67
C GLN A 15 -12.92 4.92 -13.43
N MET A 16 -12.39 3.97 -12.68
CA MET A 16 -11.58 2.90 -13.25
C MET A 16 -12.18 1.54 -12.94
N PRO A 17 -11.72 0.46 -13.62
CA PRO A 17 -12.22 -0.90 -13.40
C PRO A 17 -12.19 -1.32 -11.92
N ASN A 18 -13.02 -2.29 -11.58
CA ASN A 18 -13.15 -2.80 -10.22
C ASN A 18 -11.79 -3.22 -9.63
N GLY A 19 -11.04 -4.01 -10.38
CA GLY A 19 -9.75 -4.47 -9.91
C GLY A 19 -8.73 -3.33 -9.80
N LEU A 20 -8.89 -2.32 -10.64
CA LEU A 20 -7.97 -1.19 -10.65
C LEU A 20 -8.24 -0.25 -9.48
N VAL A 21 -9.50 0.10 -9.28
CA VAL A 21 -9.87 1.01 -8.19
C VAL A 21 -9.59 0.38 -6.83
N LEU A 22 -9.73 -0.94 -6.74
CA LEU A 22 -9.49 -1.65 -5.49
C LEU A 22 -8.04 -1.48 -5.03
N MET A 23 -7.11 -1.68 -5.96
CA MET A 23 -5.69 -1.55 -5.65
C MET A 23 -5.33 -0.08 -5.43
N ARG A 24 -6.00 0.80 -6.17
CA ARG A 24 -5.75 2.23 -6.06
C ARG A 24 -6.18 2.72 -4.68
N MET A 25 -7.31 2.21 -4.19
CA MET A 25 -7.84 2.57 -2.89
C MET A 25 -6.86 2.20 -1.77
N MET A 26 -6.11 1.13 -1.98
CA MET A 26 -5.13 0.69 -1.00
C MET A 26 -3.99 1.69 -0.91
N GLY A 27 -3.65 2.30 -2.03
CA GLY A 27 -2.60 3.29 -2.05
C GLY A 27 -3.04 4.55 -1.35
N ILE A 28 -4.35 4.80 -1.37
CA ILE A 28 -4.92 5.96 -0.72
C ILE A 28 -4.83 5.79 0.79
N LEU A 29 -4.96 4.55 1.24
CA LEU A 29 -4.88 4.21 2.66
C LEU A 29 -3.48 4.46 3.17
N TRP A 30 -2.50 4.24 2.31
CA TRP A 30 -1.09 4.44 2.66
C TRP A 30 -0.75 5.92 2.61
N HIS A 31 -1.31 6.61 1.61
CA HIS A 31 -1.07 8.04 1.44
C HIS A 31 -1.64 8.83 2.62
N ALA A 32 -2.72 8.30 3.21
CA ALA A 32 -3.38 8.93 4.34
C ALA A 32 -2.45 8.99 5.55
N VAL A 33 -1.48 8.07 5.61
CA VAL A 33 -0.53 8.03 6.70
C VAL A 33 0.54 9.09 6.51
N ALA A 34 0.89 9.36 5.26
CA ALA A 34 1.91 10.35 4.93
C ALA A 34 1.36 11.76 5.09
N GLY A 35 0.09 11.93 4.74
CA GLY A 35 -0.56 13.23 4.85
C GLY A 35 -2.03 13.13 5.17
N THR A 36 -2.86 13.28 4.15
CA THR A 36 -4.30 13.20 4.30
C THR A 36 -4.91 12.63 3.02
N ALA A 37 -6.00 11.88 3.17
CA ALA A 37 -6.65 11.28 2.01
C ALA A 37 -8.15 11.07 2.27
N ARG A 38 -8.70 10.04 1.63
CA ARG A 38 -10.13 9.70 1.74
C ARG A 38 -11.01 10.85 1.24
N ASN A 39 -10.94 11.09 -0.05
CA ASN A 39 -11.73 12.14 -0.69
C ASN A 39 -13.18 11.69 -0.78
N PRO A 40 -14.14 12.64 -0.72
CA PRO A 40 -15.58 12.34 -0.79
C PRO A 40 -15.92 11.45 -1.99
N VAL A 41 -15.40 11.80 -3.16
CA VAL A 41 -15.65 11.05 -4.38
C VAL A 41 -15.09 9.62 -4.25
N LEU A 42 -13.89 9.52 -3.70
CA LEU A 42 -13.23 8.22 -3.52
C LEU A 42 -14.01 7.38 -2.51
N LYS A 43 -14.48 8.02 -1.46
CA LYS A 43 -15.25 7.34 -0.42
C LYS A 43 -16.53 6.76 -1.01
N ALA A 44 -17.13 7.50 -1.94
CA ALA A 44 -18.35 7.05 -2.59
C ALA A 44 -18.08 5.77 -3.38
N PHE A 45 -16.98 5.76 -4.13
CA PHE A 45 -16.59 4.60 -4.92
C PHE A 45 -16.31 3.40 -4.02
N TRP A 46 -15.72 3.66 -2.86
CA TRP A 46 -15.41 2.60 -1.91
C TRP A 46 -16.69 1.99 -1.34
N ASN A 47 -17.64 2.83 -0.98
CA ASN A 47 -18.90 2.38 -0.42
C ASN A 47 -19.82 1.78 -1.47
N SER A 48 -19.56 2.07 -2.73
CA SER A 48 -20.38 1.54 -3.82
C SER A 48 -20.10 0.06 -4.08
N VAL A 49 -18.83 -0.32 -4.03
CA VAL A 49 -18.46 -1.72 -4.27
C VAL A 49 -18.81 -2.60 -3.07
N PRO A 50 -19.17 -3.87 -3.32
CA PRO A 50 -19.52 -4.81 -2.26
C PRO A 50 -18.35 -5.04 -1.29
N LEU A 51 -18.62 -4.83 0.00
CA LEU A 51 -17.61 -4.98 1.04
C LEU A 51 -16.98 -6.37 1.00
N LYS A 52 -17.82 -7.40 0.95
CA LYS A 52 -17.35 -8.78 0.92
C LYS A 52 -16.50 -9.05 -0.32
N GLN A 53 -17.01 -8.65 -1.48
CA GLN A 53 -16.31 -8.84 -2.74
C GLN A 53 -14.95 -8.16 -2.72
N ALA A 54 -14.90 -6.97 -2.14
CA ALA A 54 -13.66 -6.21 -2.04
C ALA A 54 -12.67 -6.93 -1.14
N THR A 55 -13.14 -7.37 0.02
CA THR A 55 -12.31 -8.06 0.99
C THR A 55 -11.78 -9.39 0.41
N ALA A 56 -12.64 -10.07 -0.33
CA ALA A 56 -12.28 -11.35 -0.95
C ALA A 56 -11.18 -11.17 -2.00
N ALA A 57 -11.23 -10.05 -2.71
CA ALA A 57 -10.24 -9.77 -3.73
C ALA A 57 -8.92 -9.29 -3.13
N LEU A 58 -9.02 -8.48 -2.09
CA LEU A 58 -7.83 -7.94 -1.41
C LEU A 58 -6.90 -9.04 -0.94
N ARG A 59 -7.48 -10.09 -0.36
CA ARG A 59 -6.68 -11.21 0.14
C ARG A 59 -5.99 -11.97 -0.99
N LYS A 60 -6.64 -12.04 -2.14
CA LYS A 60 -6.08 -12.72 -3.30
C LYS A 60 -4.86 -11.95 -3.81
N ILE A 61 -5.00 -10.63 -3.88
CA ILE A 61 -3.92 -9.77 -4.33
C ILE A 61 -2.73 -9.87 -3.38
N LYS A 62 -3.02 -9.75 -2.09
CA LYS A 62 -1.98 -9.83 -1.06
C LYS A 62 -1.28 -11.19 -1.08
N ARG A 63 -2.06 -12.26 -1.26
CA ARG A 63 -1.51 -13.61 -1.31
C ARG A 63 -0.56 -13.76 -2.48
N THR A 64 -0.92 -13.17 -3.62
CA THR A 64 -0.09 -13.23 -4.81
C THR A 64 1.26 -12.56 -4.57
N VAL A 65 1.23 -11.48 -3.78
CA VAL A 65 2.45 -10.74 -3.45
C VAL A 65 3.31 -11.57 -2.50
N SER A 66 2.68 -12.11 -1.46
CA SER A 66 3.37 -12.94 -0.49
C SER A 66 3.97 -14.19 -1.14
N ALA A 67 3.24 -14.74 -2.11
CA ALA A 67 3.69 -15.92 -2.83
C ALA A 67 5.00 -15.65 -3.56
N LEU A 68 5.05 -14.51 -4.25
CA LEU A 68 6.25 -14.11 -4.98
C LEU A 68 7.40 -13.87 -4.00
N MET A 69 7.06 -13.30 -2.85
CA MET A 69 8.04 -13.00 -1.81
C MET A 69 8.72 -14.28 -1.33
N VAL A 70 7.91 -15.31 -1.08
CA VAL A 70 8.42 -16.60 -0.63
C VAL A 70 9.15 -17.30 -1.78
N GLY A 71 8.64 -17.10 -3.00
CA GLY A 71 9.25 -17.70 -4.17
C GLY A 71 10.66 -17.20 -4.39
N LEU A 72 10.87 -15.92 -4.10
CA LEU A 72 12.19 -15.31 -4.26
C LEU A 72 13.18 -15.91 -3.26
N GLN A 73 12.67 -16.36 -2.13
CA GLN A 73 13.52 -16.97 -1.10
C GLN A 73 13.84 -18.42 -1.46
N LYS A 74 13.17 -18.92 -2.48
CA LYS A 74 13.37 -20.28 -2.94
C LYS A 74 14.20 -20.26 -4.23
N ARG A 75 14.87 -19.14 -4.46
CA ARG A 75 15.71 -18.98 -5.64
C ARG A 75 16.96 -19.84 -5.55
N GLY A 76 17.54 -19.89 -4.36
CA GLY A 76 18.73 -20.66 -4.14
C GLY A 76 19.94 -19.90 -4.65
N LYS A 77 20.28 -18.82 -3.96
CA LYS A 77 21.42 -17.99 -4.33
C LYS A 77 22.74 -18.61 -3.87
N ARG A 78 23.09 -19.72 -4.47
CA ARG A 78 24.31 -20.43 -4.14
C ARG A 78 25.48 -19.89 -4.96
N ARG A 79 25.22 -19.64 -6.22
CA ARG A 79 26.24 -19.13 -7.13
C ARG A 79 25.65 -18.02 -7.99
N VAL B 1 18.44 21.37 5.11
CA VAL B 1 17.40 22.27 4.63
C VAL B 1 16.02 21.73 4.94
N SER B 2 15.00 22.55 4.72
CA SER B 2 13.62 22.15 4.97
C SER B 2 13.13 21.23 3.86
N LYS B 3 13.13 19.93 4.13
CA LYS B 3 12.68 18.96 3.15
C LYS B 3 11.56 18.07 3.68
N GLU B 4 11.44 18.00 5.01
CA GLU B 4 10.42 17.18 5.66
C GLU B 4 10.62 15.71 5.33
N THR B 5 9.62 14.89 5.59
CA THR B 5 9.69 13.46 5.31
C THR B 5 9.16 13.17 3.90
N ALA B 6 8.27 14.05 3.43
CA ALA B 6 7.66 13.90 2.11
C ALA B 6 8.72 13.93 1.01
N THR B 7 9.63 14.88 1.08
CA THR B 7 10.68 15.02 0.07
C THR B 7 11.81 14.02 0.31
N LYS B 8 11.79 13.35 1.46
CA LYS B 8 12.82 12.37 1.79
C LYS B 8 12.38 10.99 1.33
N THR B 9 11.08 10.86 1.05
CA THR B 9 10.52 9.60 0.60
C THR B 9 10.90 9.32 -0.85
N ARG B 10 11.31 8.07 -1.13
CA ARG B 10 11.70 7.63 -2.46
C ARG B 10 13.06 8.20 -2.87
N GLN B 11 13.66 8.96 -1.96
CA GLN B 11 14.95 9.58 -2.21
C GLN B 11 16.07 8.71 -1.64
N PRO B 12 17.27 8.77 -2.22
CA PRO B 12 18.43 7.99 -1.73
C PRO B 12 18.82 8.44 -0.33
N ARG B 13 19.66 7.63 0.33
CA ARG B 13 20.12 7.93 1.68
C ARG B 13 18.93 8.08 2.63
N VAL B 14 18.07 7.09 2.61
CA VAL B 14 16.88 7.09 3.45
C VAL B 14 17.08 6.17 4.66
N GLN B 15 17.98 6.59 5.54
CA GLN B 15 18.30 5.82 6.74
C GLN B 15 17.27 6.09 7.83
N MET B 16 16.21 5.31 7.82
CA MET B 16 15.14 5.45 8.81
C MET B 16 14.96 4.14 9.58
N PRO B 17 14.36 4.22 10.80
CA PRO B 17 14.12 3.05 11.64
C PRO B 17 13.35 1.94 10.91
N ASN B 18 13.55 0.71 11.33
CA ASN B 18 12.89 -0.45 10.73
C ASN B 18 11.39 -0.29 10.67
N GLY B 19 10.79 0.13 11.78
CA GLY B 19 9.35 0.30 11.83
C GLY B 19 8.86 1.37 10.88
N LEU B 20 9.70 2.37 10.65
CA LEU B 20 9.35 3.47 9.76
C LEU B 20 9.50 3.07 8.29
N VAL B 21 10.64 2.46 7.96
CA VAL B 21 10.91 2.05 6.58
C VAL B 21 9.87 1.05 6.09
N LEU B 22 9.40 0.17 6.97
CA LEU B 22 8.40 -0.83 6.62
C LEU B 22 7.06 -0.16 6.30
N MET B 23 6.85 1.03 6.86
CA MET B 23 5.62 1.78 6.64
C MET B 23 5.77 2.74 5.48
N ARG B 24 6.91 2.69 4.82
CA ARG B 24 7.16 3.56 3.68
C ARG B 24 7.47 2.76 2.43
N MET B 25 8.09 1.60 2.61
CA MET B 25 8.44 0.71 1.51
C MET B 25 7.21 0.32 0.68
N MET B 26 6.08 0.13 1.36
CA MET B 26 4.84 -0.24 0.68
C MET B 26 4.38 0.88 -0.25
N GLY B 27 4.65 2.11 0.15
CA GLY B 27 4.28 3.25 -0.68
C GLY B 27 5.16 3.32 -1.91
N ILE B 28 6.41 2.92 -1.74
CA ILE B 28 7.39 2.91 -2.84
C ILE B 28 6.96 1.88 -3.88
N LEU B 29 6.50 0.73 -3.39
CA LEU B 29 6.05 -0.35 -4.25
C LEU B 29 4.86 0.08 -5.10
N TRP B 30 3.95 0.84 -4.49
CA TRP B 30 2.76 1.33 -5.17
C TRP B 30 3.11 2.45 -6.14
N HIS B 31 4.01 3.34 -5.73
CA HIS B 31 4.41 4.46 -6.56
C HIS B 31 5.05 3.96 -7.86
N ALA B 32 5.67 2.79 -7.80
CA ALA B 32 6.30 2.20 -8.97
C ALA B 32 5.26 1.77 -10.00
N VAL B 33 4.08 1.41 -9.53
CA VAL B 33 3.00 0.99 -10.40
C VAL B 33 2.36 2.19 -11.08
N ALA B 34 2.31 3.31 -10.37
CA ALA B 34 1.72 4.52 -10.89
C ALA B 34 2.79 5.43 -11.50
N GLY B 35 3.98 4.86 -11.69
CA GLY B 35 5.07 5.60 -12.28
C GLY B 35 6.35 4.79 -12.28
N THR B 36 7.16 4.95 -11.25
CA THR B 36 8.42 4.22 -11.11
C THR B 36 9.05 4.54 -9.76
N ALA B 37 9.73 3.55 -9.19
CA ALA B 37 10.37 3.70 -7.89
C ALA B 37 11.34 2.56 -7.63
N ARG B 38 11.77 2.43 -6.37
CA ARG B 38 12.70 1.38 -5.95
C ARG B 38 14.08 1.59 -6.57
N ASN B 39 14.77 2.61 -6.09
CA ASN B 39 16.11 2.92 -6.57
C ASN B 39 17.11 1.96 -5.93
N PRO B 40 18.29 1.78 -6.56
CA PRO B 40 19.35 0.88 -6.07
C PRO B 40 19.65 1.09 -4.58
N VAL B 41 19.67 2.35 -4.15
CA VAL B 41 19.95 2.67 -2.75
C VAL B 41 18.87 2.09 -1.84
N LEU B 42 17.61 2.27 -2.22
CA LEU B 42 16.48 1.75 -1.45
C LEU B 42 16.50 0.22 -1.48
N LYS B 43 16.89 -0.33 -2.62
CA LYS B 43 16.94 -1.77 -2.80
C LYS B 43 18.01 -2.38 -1.89
N ALA B 44 19.12 -1.68 -1.74
CA ALA B 44 20.22 -2.14 -0.87
C ALA B 44 19.75 -2.18 0.58
N PHE B 45 18.98 -1.18 0.98
CA PHE B 45 18.44 -1.10 2.33
C PHE B 45 17.43 -2.23 2.54
N TRP B 46 16.65 -2.50 1.50
CA TRP B 46 15.65 -3.55 1.53
C TRP B 46 16.33 -4.91 1.63
N ASN B 47 17.50 -5.02 1.03
CA ASN B 47 18.28 -6.26 1.03
C ASN B 47 19.03 -6.44 2.35
N SER B 48 19.02 -5.40 3.17
CA SER B 48 19.70 -5.43 4.46
C SER B 48 18.79 -5.97 5.57
N VAL B 49 17.48 -5.87 5.36
CA VAL B 49 16.53 -6.35 6.35
C VAL B 49 16.05 -7.76 6.01
N PRO B 50 15.89 -8.62 7.03
CA PRO B 50 15.43 -10.01 6.84
C PRO B 50 14.05 -10.05 6.21
N LEU B 51 13.96 -10.65 5.04
CA LEU B 51 12.71 -10.75 4.31
C LEU B 51 11.61 -11.43 5.14
N LYS B 52 11.99 -12.46 5.91
CA LYS B 52 11.05 -13.19 6.74
C LYS B 52 10.49 -12.29 7.85
N GLN B 53 11.30 -11.35 8.31
CA GLN B 53 10.90 -10.42 9.36
C GLN B 53 10.03 -9.30 8.80
N ALA B 54 10.42 -8.81 7.62
CA ALA B 54 9.70 -7.75 6.95
C ALA B 54 8.29 -8.18 6.53
N THR B 55 8.19 -9.36 5.93
CA THR B 55 6.91 -9.87 5.48
C THR B 55 5.97 -10.14 6.66
N ALA B 56 6.55 -10.41 7.82
CA ALA B 56 5.77 -10.67 9.03
C ALA B 56 5.16 -9.39 9.56
N ALA B 57 5.98 -8.35 9.68
CA ALA B 57 5.52 -7.05 10.18
C ALA B 57 4.52 -6.43 9.20
N LEU B 58 4.65 -6.80 7.93
CA LEU B 58 3.76 -6.29 6.89
C LEU B 58 2.31 -6.70 7.15
N ARG B 59 2.11 -7.96 7.52
CA ARG B 59 0.76 -8.46 7.81
C ARG B 59 0.29 -7.97 9.18
N LYS B 60 1.25 -7.65 10.04
CA LYS B 60 0.94 -7.17 11.37
C LYS B 60 0.18 -5.85 11.29
N ILE B 61 0.67 -4.96 10.46
CA ILE B 61 0.04 -3.66 10.28
C ILE B 61 -1.30 -3.83 9.55
N LYS B 62 -1.33 -4.72 8.56
CA LYS B 62 -2.54 -4.98 7.78
C LYS B 62 -3.69 -5.42 8.69
N ARG B 63 -3.38 -6.25 9.67
CA ARG B 63 -4.38 -6.73 10.60
C ARG B 63 -4.94 -5.60 11.45
N THR B 64 -4.07 -4.69 11.89
CA THR B 64 -4.47 -3.56 12.72
C THR B 64 -5.49 -2.68 11.99
N VAL B 65 -5.20 -2.36 10.74
CA VAL B 65 -6.09 -1.52 9.93
C VAL B 65 -7.41 -2.25 9.65
N SER B 66 -7.31 -3.56 9.44
CA SER B 66 -8.48 -4.38 9.15
C SER B 66 -9.39 -4.49 10.37
N ALA B 67 -8.78 -4.73 11.54
CA ALA B 67 -9.54 -4.85 12.78
C ALA B 67 -10.28 -3.56 13.09
N LEU B 68 -9.61 -2.44 12.86
CA LEU B 68 -10.21 -1.14 13.11
C LEU B 68 -11.42 -0.92 12.20
N MET B 69 -11.25 -1.24 10.93
CA MET B 69 -12.33 -1.09 9.95
C MET B 69 -13.56 -1.89 10.34
N VAL B 70 -13.34 -3.14 10.76
CA VAL B 70 -14.44 -4.00 11.16
C VAL B 70 -15.15 -3.44 12.38
N GLY B 71 -14.37 -3.03 13.38
CA GLY B 71 -14.94 -2.48 14.61
C GLY B 71 -15.75 -1.23 14.34
N LEU B 72 -15.23 -0.38 13.44
CA LEU B 72 -15.89 0.87 13.07
C LEU B 72 -17.22 0.62 12.38
N GLN B 73 -17.34 -0.53 11.72
CA GLN B 73 -18.56 -0.88 11.01
C GLN B 73 -19.52 -1.64 11.92
N LYS B 74 -18.97 -2.35 12.89
CA LYS B 74 -19.77 -3.14 13.82
C LYS B 74 -20.31 -2.28 14.96
N ARG B 75 -20.16 -0.98 14.83
CA ARG B 75 -20.63 -0.05 15.86
C ARG B 75 -22.15 -0.09 15.99
N GLY B 76 -22.83 -0.09 14.85
CA GLY B 76 -24.29 -0.10 14.86
C GLY B 76 -24.83 1.28 15.16
N LYS B 77 -24.46 2.24 14.31
CA LYS B 77 -24.87 3.62 14.49
C LYS B 77 -26.27 3.87 13.93
N ARG B 78 -27.28 3.54 14.72
CA ARG B 78 -28.67 3.74 14.31
C ARG B 78 -29.13 5.11 14.79
N ARG B 79 -28.53 5.57 15.87
CA ARG B 79 -28.86 6.86 16.46
C ARG B 79 -27.68 7.41 17.23
N VAL A 1 -8.09 12.56 -20.04
CA VAL A 1 -8.05 11.25 -20.67
C VAL A 1 -7.39 10.23 -19.75
N SER A 2 -8.18 9.29 -19.26
CA SER A 2 -7.69 8.26 -18.37
C SER A 2 -7.08 7.09 -19.14
N LYS A 3 -6.13 7.41 -20.01
CA LYS A 3 -5.46 6.41 -20.84
C LYS A 3 -4.64 5.45 -19.98
N GLU A 4 -4.90 4.15 -20.15
CA GLU A 4 -4.21 3.10 -19.41
C GLU A 4 -4.62 3.10 -17.94
N THR A 5 -4.38 1.99 -17.26
CA THR A 5 -4.73 1.86 -15.85
C THR A 5 -3.95 2.85 -14.98
N ALA A 6 -2.74 3.20 -15.43
CA ALA A 6 -1.90 4.15 -14.71
C ALA A 6 -2.56 5.51 -14.59
N THR A 7 -3.10 6.01 -15.70
CA THR A 7 -3.75 7.31 -15.70
C THR A 7 -5.23 7.20 -15.31
N LYS A 8 -5.65 5.98 -14.99
CA LYS A 8 -7.03 5.75 -14.57
C LYS A 8 -7.09 5.69 -13.05
N THR A 9 -5.94 5.51 -12.44
CA THR A 9 -5.83 5.44 -11.00
C THR A 9 -5.75 6.86 -10.42
N ARG A 10 -6.56 7.12 -9.38
CA ARG A 10 -6.61 8.43 -8.74
C ARG A 10 -7.09 9.50 -9.73
N GLN A 11 -7.99 9.08 -10.61
CA GLN A 11 -8.54 9.97 -11.62
C GLN A 11 -10.06 10.09 -11.44
N PRO A 12 -10.61 11.31 -11.63
CA PRO A 12 -12.05 11.56 -11.51
C PRO A 12 -12.86 10.58 -12.36
N ARG A 13 -14.03 10.20 -11.85
CA ARG A 13 -14.91 9.26 -12.53
C ARG A 13 -14.20 7.92 -12.71
N VAL A 14 -13.91 7.27 -11.60
CA VAL A 14 -13.21 6.00 -11.60
C VAL A 14 -14.19 4.83 -11.59
N GLN A 15 -15.21 4.90 -12.44
CA GLN A 15 -16.21 3.85 -12.53
C GLN A 15 -15.62 2.59 -13.17
N MET A 16 -15.24 1.65 -12.33
CA MET A 16 -14.65 0.39 -12.77
C MET A 16 -15.27 -0.76 -11.99
N PRO A 17 -15.03 -2.02 -12.43
CA PRO A 17 -15.56 -3.20 -11.72
C PRO A 17 -15.17 -3.18 -10.23
N ASN A 18 -16.04 -3.72 -9.39
CA ASN A 18 -15.82 -3.73 -7.94
C ASN A 18 -14.43 -4.27 -7.56
N GLY A 19 -14.02 -5.37 -8.19
CA GLY A 19 -12.72 -5.95 -7.92
C GLY A 19 -11.58 -4.97 -8.16
N LEU A 20 -11.62 -4.30 -9.30
CA LEU A 20 -10.60 -3.32 -9.66
C LEU A 20 -10.59 -2.15 -8.67
N VAL A 21 -11.78 -1.67 -8.35
CA VAL A 21 -11.92 -0.54 -7.43
C VAL A 21 -11.34 -0.88 -6.06
N LEU A 22 -11.69 -2.05 -5.54
CA LEU A 22 -11.21 -2.50 -4.23
C LEU A 22 -9.70 -2.68 -4.22
N MET A 23 -9.17 -3.31 -5.26
CA MET A 23 -7.74 -3.55 -5.36
C MET A 23 -6.95 -2.25 -5.39
N ARG A 24 -7.41 -1.29 -6.17
CA ARG A 24 -6.73 -0.01 -6.28
C ARG A 24 -7.04 0.92 -5.09
N MET A 25 -8.11 0.62 -4.37
CA MET A 25 -8.51 1.43 -3.22
C MET A 25 -7.42 1.49 -2.16
N MET A 26 -6.93 0.32 -1.76
CA MET A 26 -5.87 0.24 -0.75
C MET A 26 -4.55 0.74 -1.32
N GLY A 27 -4.47 0.85 -2.64
CA GLY A 27 -3.27 1.32 -3.28
C GLY A 27 -3.14 2.83 -3.15
N ILE A 28 -4.29 3.49 -3.05
CA ILE A 28 -4.34 4.94 -2.91
C ILE A 28 -4.11 5.33 -1.45
N LEU A 29 -4.49 4.45 -0.54
CA LEU A 29 -4.35 4.69 0.89
C LEU A 29 -2.91 5.03 1.28
N TRP A 30 -1.98 4.15 0.95
CA TRP A 30 -0.57 4.37 1.28
C TRP A 30 0.02 5.54 0.50
N HIS A 31 -0.47 5.76 -0.72
CA HIS A 31 0.00 6.83 -1.57
C HIS A 31 -0.35 8.20 -0.98
N ALA A 32 -1.48 8.25 -0.27
CA ALA A 32 -1.92 9.50 0.36
C ALA A 32 -1.02 9.87 1.53
N VAL A 33 -0.39 8.86 2.11
CA VAL A 33 0.50 9.07 3.24
C VAL A 33 1.92 9.38 2.75
N ALA A 34 2.34 8.68 1.72
CA ALA A 34 3.66 8.88 1.14
C ALA A 34 3.73 10.21 0.40
N GLY A 35 2.82 10.40 -0.54
CA GLY A 35 2.80 11.62 -1.32
C GLY A 35 1.47 12.35 -1.16
N THR A 36 0.67 12.32 -2.22
CA THR A 36 -0.63 12.98 -2.21
C THR A 36 -1.65 12.17 -3.00
N ALA A 37 -2.79 11.89 -2.37
CA ALA A 37 -3.84 11.12 -3.01
C ALA A 37 -5.19 11.39 -2.36
N ARG A 38 -6.18 10.57 -2.69
CA ARG A 38 -7.53 10.69 -2.17
C ARG A 38 -8.27 11.88 -2.78
N ASN A 39 -8.96 11.62 -3.88
CA ASN A 39 -9.72 12.64 -4.58
C ASN A 39 -11.16 12.63 -4.06
N PRO A 40 -11.91 13.73 -4.25
CA PRO A 40 -13.31 13.84 -3.80
C PRO A 40 -14.15 12.65 -4.27
N VAL A 41 -14.01 12.30 -5.55
CA VAL A 41 -14.76 11.18 -6.12
C VAL A 41 -14.25 9.85 -5.58
N LEU A 42 -12.98 9.79 -5.23
CA LEU A 42 -12.39 8.57 -4.71
C LEU A 42 -12.91 8.28 -3.31
N LYS A 43 -13.13 9.33 -2.53
CA LYS A 43 -13.64 9.19 -1.17
C LYS A 43 -15.06 8.62 -1.19
N ALA A 44 -15.81 8.97 -2.24
CA ALA A 44 -17.17 8.49 -2.39
C ALA A 44 -17.17 6.97 -2.57
N PHE A 45 -16.30 6.48 -3.44
CA PHE A 45 -16.18 5.06 -3.70
C PHE A 45 -15.60 4.34 -2.49
N TRP A 46 -14.75 5.06 -1.75
CA TRP A 46 -14.11 4.55 -0.56
C TRP A 46 -15.12 4.30 0.55
N ASN A 47 -16.12 5.16 0.65
CA ASN A 47 -17.16 5.03 1.66
C ASN A 47 -18.23 4.05 1.22
N SER A 48 -18.44 3.95 -0.09
CA SER A 48 -19.44 3.05 -0.65
C SER A 48 -18.84 1.69 -0.97
N VAL A 49 -18.36 1.02 0.05
CA VAL A 49 -17.75 -0.31 -0.10
C VAL A 49 -18.66 -1.40 0.47
N PRO A 50 -18.53 -2.63 -0.04
CA PRO A 50 -19.33 -3.77 0.43
C PRO A 50 -18.85 -4.27 1.79
N LEU A 51 -19.49 -5.31 2.29
CA LEU A 51 -19.12 -5.88 3.58
C LEU A 51 -18.24 -7.11 3.42
N LYS A 52 -18.86 -8.25 3.14
CA LYS A 52 -18.13 -9.51 2.99
C LYS A 52 -17.26 -9.53 1.73
N GLN A 53 -17.71 -8.85 0.69
CA GLN A 53 -16.97 -8.80 -0.57
C GLN A 53 -15.68 -7.99 -0.41
N ALA A 54 -15.77 -6.90 0.35
CA ALA A 54 -14.63 -6.02 0.57
C ALA A 54 -13.49 -6.73 1.29
N THR A 55 -13.77 -7.22 2.50
CA THR A 55 -12.76 -7.89 3.30
C THR A 55 -12.17 -9.10 2.58
N ALA A 56 -12.99 -9.80 1.79
CA ALA A 56 -12.53 -10.97 1.05
C ALA A 56 -11.53 -10.57 -0.02
N ALA A 57 -11.88 -9.57 -0.81
CA ALA A 57 -10.99 -9.08 -1.87
C ALA A 57 -9.73 -8.48 -1.27
N LEU A 58 -9.89 -7.65 -0.23
CA LEU A 58 -8.78 -7.00 0.43
C LEU A 58 -7.82 -8.01 1.04
N ARG A 59 -8.32 -9.21 1.33
CA ARG A 59 -7.50 -10.25 1.91
C ARG A 59 -6.61 -10.87 0.84
N LYS A 60 -7.18 -11.09 -0.34
CA LYS A 60 -6.47 -11.68 -1.45
C LYS A 60 -5.31 -10.78 -1.88
N ILE A 61 -5.59 -9.49 -2.00
CA ILE A 61 -4.56 -8.51 -2.40
C ILE A 61 -3.40 -8.53 -1.42
N LYS A 62 -3.71 -8.49 -0.12
CA LYS A 62 -2.70 -8.50 0.91
C LYS A 62 -1.91 -9.80 0.90
N ARG A 63 -2.58 -10.88 0.52
CA ARG A 63 -1.95 -12.20 0.45
C ARG A 63 -0.84 -12.21 -0.59
N THR A 64 -1.12 -11.65 -1.76
CA THR A 64 -0.14 -11.59 -2.83
C THR A 64 1.09 -10.76 -2.46
N VAL A 65 0.88 -9.73 -1.64
CA VAL A 65 1.97 -8.86 -1.21
C VAL A 65 2.99 -9.64 -0.39
N SER A 66 2.50 -10.45 0.54
CA SER A 66 3.36 -11.25 1.38
C SER A 66 3.99 -12.39 0.58
N ALA A 67 3.21 -12.95 -0.34
CA ALA A 67 3.69 -14.04 -1.18
C ALA A 67 4.81 -13.57 -2.11
N LEU A 68 4.70 -12.32 -2.56
CA LEU A 68 5.70 -11.74 -3.44
C LEU A 68 7.05 -11.63 -2.73
N MET A 69 7.00 -11.33 -1.44
CA MET A 69 8.21 -11.20 -0.63
C MET A 69 8.98 -12.52 -0.63
N VAL A 70 8.26 -13.61 -0.39
CA VAL A 70 8.86 -14.94 -0.36
C VAL A 70 9.42 -15.32 -1.73
N GLY A 71 8.69 -14.96 -2.77
CA GLY A 71 9.09 -15.29 -4.13
C GLY A 71 10.29 -14.49 -4.62
N LEU A 72 10.30 -13.19 -4.36
CA LEU A 72 11.39 -12.33 -4.82
C LEU A 72 12.67 -12.57 -4.02
N GLN A 73 12.56 -12.66 -2.71
CA GLN A 73 13.74 -12.85 -1.85
C GLN A 73 14.33 -14.26 -1.98
N LYS A 74 13.57 -15.17 -2.58
CA LYS A 74 14.05 -16.53 -2.78
C LYS A 74 15.15 -16.54 -3.84
N ARG A 75 15.09 -15.58 -4.75
CA ARG A 75 16.07 -15.47 -5.81
C ARG A 75 17.03 -14.31 -5.56
N GLY A 76 16.46 -13.14 -5.25
CA GLY A 76 17.27 -11.96 -4.98
C GLY A 76 17.71 -11.23 -6.24
N LYS A 77 17.91 -11.97 -7.32
CA LYS A 77 18.33 -11.38 -8.57
C LYS A 77 17.26 -11.54 -9.64
N ARG A 78 17.27 -10.65 -10.61
CA ARG A 78 16.30 -10.68 -11.69
C ARG A 78 17.01 -10.97 -13.01
N ARG A 79 16.22 -11.17 -14.07
CA ARG A 79 16.76 -11.45 -15.39
C ARG A 79 17.31 -10.18 -16.03
N VAL B 1 18.01 16.15 3.12
CA VAL B 1 17.17 16.80 4.13
C VAL B 1 16.11 15.81 4.62
N SER B 2 16.48 15.02 5.61
CA SER B 2 15.58 14.03 6.18
C SER B 2 14.66 14.66 7.23
N LYS B 3 13.94 15.70 6.85
CA LYS B 3 13.03 16.39 7.75
C LYS B 3 11.79 15.54 8.02
N GLU B 4 11.76 14.94 9.21
CA GLU B 4 10.65 14.09 9.65
C GLU B 4 10.58 12.78 8.86
N THR B 5 9.77 11.85 9.33
CA THR B 5 9.61 10.56 8.67
C THR B 5 9.02 10.71 7.26
N ALA B 6 8.22 11.75 7.07
CA ALA B 6 7.59 12.02 5.79
C ALA B 6 8.64 12.17 4.69
N THR B 7 9.66 12.99 4.95
CA THR B 7 10.73 13.21 3.99
C THR B 7 11.83 12.17 4.12
N LYS B 8 11.86 11.48 5.26
CA LYS B 8 12.83 10.42 5.50
C LYS B 8 12.56 9.25 4.57
N THR B 9 11.30 9.08 4.22
CA THR B 9 10.88 8.02 3.34
C THR B 9 11.26 8.38 1.90
N ARG B 10 11.94 7.45 1.23
CA ARG B 10 12.39 7.65 -0.16
C ARG B 10 13.56 8.63 -0.21
N GLN B 11 14.26 8.73 0.91
CA GLN B 11 15.41 9.62 1.03
C GLN B 11 16.69 8.81 0.98
N PRO B 12 17.72 9.31 0.25
CA PRO B 12 19.01 8.62 0.16
C PRO B 12 19.58 8.33 1.54
N ARG B 13 20.18 7.15 1.70
CA ARG B 13 20.74 6.73 2.98
C ARG B 13 19.59 6.56 3.98
N VAL B 14 18.64 5.71 3.62
CA VAL B 14 17.49 5.45 4.47
C VAL B 14 17.84 4.55 5.66
N GLN B 15 18.31 5.17 6.73
CA GLN B 15 18.67 4.47 7.94
C GLN B 15 17.56 4.60 8.97
N MET B 16 16.84 3.52 9.20
CA MET B 16 15.74 3.51 10.15
C MET B 16 15.70 2.17 10.88
N PRO B 17 14.98 2.09 12.01
CA PRO B 17 14.86 0.84 12.77
C PRO B 17 14.14 -0.23 11.94
N ASN B 18 14.37 -1.49 12.26
CA ASN B 18 13.77 -2.62 11.54
C ASN B 18 12.26 -2.52 11.44
N GLY B 19 11.61 -2.15 12.53
CA GLY B 19 10.16 -2.03 12.53
C GLY B 19 9.66 -0.91 11.64
N LEU B 20 10.45 0.15 11.53
CA LEU B 20 10.08 1.29 10.70
C LEU B 20 10.29 0.96 9.22
N VAL B 21 11.42 0.31 8.92
CA VAL B 21 11.75 -0.07 7.56
C VAL B 21 10.71 -1.02 6.99
N LEU B 22 10.37 -2.06 7.76
CA LEU B 22 9.41 -3.06 7.32
C LEU B 22 7.99 -2.50 7.23
N MET B 23 7.75 -1.37 7.87
CA MET B 23 6.43 -0.75 7.86
C MET B 23 6.22 0.10 6.61
N ARG B 24 7.25 0.87 6.24
CA ARG B 24 7.17 1.75 5.09
C ARG B 24 7.71 1.08 3.83
N MET B 25 8.16 -0.17 3.95
CA MET B 25 8.70 -0.92 2.83
C MET B 25 7.66 -1.07 1.71
N MET B 26 6.46 -1.50 2.09
CA MET B 26 5.38 -1.68 1.13
C MET B 26 4.95 -0.34 0.54
N GLY B 27 5.22 0.73 1.27
CA GLY B 27 4.87 2.05 0.80
C GLY B 27 5.70 2.48 -0.39
N ILE B 28 6.92 1.97 -0.46
CA ILE B 28 7.82 2.28 -1.57
C ILE B 28 7.28 1.67 -2.86
N LEU B 29 6.60 0.54 -2.73
CA LEU B 29 6.01 -0.14 -3.87
C LEU B 29 4.75 0.60 -4.32
N TRP B 30 3.91 0.94 -3.33
CA TRP B 30 2.67 1.64 -3.59
C TRP B 30 2.89 3.00 -4.25
N HIS B 31 3.89 3.73 -3.75
CA HIS B 31 4.23 5.05 -4.27
C HIS B 31 4.75 4.96 -5.70
N ALA B 32 5.23 3.78 -6.08
CA ALA B 32 5.76 3.57 -7.41
C ALA B 32 4.64 3.19 -8.39
N VAL B 33 3.63 2.48 -7.89
CA VAL B 33 2.51 2.06 -8.74
C VAL B 33 1.75 3.28 -9.27
N ALA B 34 1.57 4.27 -8.41
CA ALA B 34 0.86 5.49 -8.81
C ALA B 34 1.84 6.63 -9.06
N GLY B 35 3.07 6.28 -9.41
CA GLY B 35 4.08 7.28 -9.68
C GLY B 35 5.43 6.65 -9.95
N THR B 36 6.36 6.84 -9.01
CA THR B 36 7.70 6.29 -9.13
C THR B 36 8.38 6.27 -7.78
N ALA B 37 9.29 5.32 -7.60
CA ALA B 37 10.03 5.17 -6.35
C ALA B 37 11.19 4.20 -6.56
N ARG B 38 11.66 3.60 -5.46
CA ARG B 38 12.77 2.65 -5.49
C ARG B 38 14.06 3.32 -5.97
N ASN B 39 14.52 4.27 -5.20
CA ASN B 39 15.74 5.02 -5.50
C ASN B 39 16.95 4.10 -5.39
N PRO B 40 18.12 4.51 -5.94
CA PRO B 40 19.36 3.71 -5.92
C PRO B 40 19.68 3.09 -4.57
N VAL B 41 19.66 3.91 -3.51
CA VAL B 41 19.96 3.41 -2.17
C VAL B 41 18.80 2.59 -1.62
N LEU B 42 17.59 2.96 -2.01
CA LEU B 42 16.40 2.27 -1.56
C LEU B 42 16.37 0.84 -2.11
N LYS B 43 16.84 0.67 -3.34
CA LYS B 43 16.87 -0.65 -3.96
C LYS B 43 17.83 -1.58 -3.22
N ALA B 44 18.92 -1.01 -2.73
CA ALA B 44 19.92 -1.78 -2.00
C ALA B 44 19.31 -2.31 -0.70
N PHE B 45 18.67 -1.41 0.05
CA PHE B 45 18.04 -1.78 1.32
C PHE B 45 16.89 -2.76 1.08
N TRP B 46 16.23 -2.62 -0.05
CA TRP B 46 15.10 -3.47 -0.43
C TRP B 46 15.54 -4.93 -0.56
N ASN B 47 16.72 -5.15 -1.13
CA ASN B 47 17.22 -6.50 -1.30
C ASN B 47 18.08 -6.94 -0.11
N SER B 48 17.98 -6.20 0.98
CA SER B 48 18.73 -6.50 2.19
C SER B 48 17.79 -6.65 3.39
N VAL B 49 16.51 -6.81 3.11
CA VAL B 49 15.51 -6.96 4.15
C VAL B 49 15.55 -8.37 4.77
N PRO B 50 15.14 -8.48 6.04
CA PRO B 50 15.12 -9.77 6.74
C PRO B 50 14.14 -10.74 6.10
N LEU B 51 14.61 -11.92 5.78
CA LEU B 51 13.80 -12.95 5.13
C LEU B 51 12.49 -13.26 5.86
N LYS B 52 12.60 -13.81 7.07
CA LYS B 52 11.41 -14.19 7.83
C LYS B 52 10.77 -13.02 8.57
N GLN B 53 11.59 -12.10 9.07
CA GLN B 53 11.09 -10.94 9.81
C GLN B 53 10.12 -10.10 8.99
N ALA B 54 10.43 -9.93 7.70
CA ALA B 54 9.56 -9.16 6.82
C ALA B 54 8.21 -9.84 6.64
N THR B 55 8.24 -11.13 6.38
CA THR B 55 7.01 -11.90 6.20
C THR B 55 6.14 -11.88 7.46
N ALA B 56 6.79 -11.84 8.62
CA ALA B 56 6.08 -11.80 9.89
C ALA B 56 5.42 -10.44 10.06
N ALA B 57 6.14 -9.38 9.69
CA ALA B 57 5.62 -8.02 9.78
C ALA B 57 4.42 -7.87 8.85
N LEU B 58 4.52 -8.49 7.68
CA LEU B 58 3.44 -8.45 6.70
C LEU B 58 2.17 -9.02 7.30
N ARG B 59 2.29 -10.21 7.91
CA ARG B 59 1.17 -10.90 8.52
C ARG B 59 0.50 -10.05 9.60
N LYS B 60 1.33 -9.43 10.44
CA LYS B 60 0.85 -8.59 11.53
C LYS B 60 -0.03 -7.46 11.00
N ILE B 61 0.47 -6.74 10.00
CA ILE B 61 -0.28 -5.62 9.42
C ILE B 61 -1.53 -6.13 8.70
N LYS B 62 -1.41 -7.23 7.99
CA LYS B 62 -2.52 -7.82 7.26
C LYS B 62 -3.71 -8.08 8.19
N ARG B 63 -3.40 -8.57 9.38
CA ARG B 63 -4.42 -8.86 10.38
C ARG B 63 -5.11 -7.58 10.84
N THR B 64 -4.31 -6.58 11.17
CA THR B 64 -4.82 -5.29 11.63
C THR B 64 -5.70 -4.62 10.57
N VAL B 65 -5.25 -4.68 9.32
CA VAL B 65 -6.01 -4.08 8.21
C VAL B 65 -7.36 -4.79 8.03
N SER B 66 -7.33 -6.11 8.05
CA SER B 66 -8.55 -6.90 7.88
C SER B 66 -9.53 -6.66 9.03
N ALA B 67 -8.98 -6.50 10.24
CA ALA B 67 -9.80 -6.26 11.42
C ALA B 67 -10.42 -4.87 11.36
N LEU B 68 -9.64 -3.92 10.88
CA LEU B 68 -10.09 -2.53 10.76
C LEU B 68 -11.21 -2.41 9.73
N MET B 69 -11.05 -3.08 8.59
CA MET B 69 -12.05 -3.04 7.52
C MET B 69 -13.40 -3.51 8.03
N VAL B 70 -13.42 -4.66 8.69
CA VAL B 70 -14.65 -5.22 9.24
C VAL B 70 -15.18 -4.37 10.40
N GLY B 71 -14.27 -3.84 11.22
CA GLY B 71 -14.65 -3.03 12.35
C GLY B 71 -15.28 -1.72 11.92
N LEU B 72 -14.75 -1.11 10.88
CA LEU B 72 -15.27 0.16 10.37
C LEU B 72 -16.65 -0.04 9.80
N GLN B 73 -16.84 -1.14 9.08
CA GLN B 73 -18.12 -1.46 8.45
C GLN B 73 -19.20 -1.77 9.48
N LYS B 74 -18.79 -1.98 10.73
CA LYS B 74 -19.74 -2.25 11.80
C LYS B 74 -20.48 -0.98 12.18
N ARG B 75 -19.83 0.15 11.96
CA ARG B 75 -20.43 1.44 12.27
C ARG B 75 -20.83 2.15 10.98
N GLY B 76 -19.95 2.11 10.00
CA GLY B 76 -20.21 2.76 8.73
C GLY B 76 -19.76 4.21 8.74
N LYS B 77 -20.06 4.90 9.84
CA LYS B 77 -19.68 6.30 9.98
C LYS B 77 -18.72 6.48 11.14
N ARG B 78 -17.71 7.32 10.93
CA ARG B 78 -16.71 7.61 11.96
C ARG B 78 -17.14 8.83 12.77
N ARG B 79 -16.17 9.46 13.43
CA ARG B 79 -16.45 10.65 14.22
C ARG B 79 -16.34 11.89 13.35
N VAL A 1 -6.81 7.96 -20.91
CA VAL A 1 -6.05 6.83 -21.43
C VAL A 1 -4.57 7.16 -21.48
N SER A 2 -4.27 8.41 -21.84
CA SER A 2 -2.90 8.88 -21.94
C SER A 2 -2.20 8.90 -20.57
N LYS A 3 -2.99 9.08 -19.52
CA LYS A 3 -2.45 9.15 -18.17
C LYS A 3 -2.33 7.76 -17.54
N GLU A 4 -2.72 6.73 -18.30
CA GLU A 4 -2.66 5.35 -17.82
C GLU A 4 -3.36 5.22 -16.47
N THR A 5 -2.85 4.34 -15.62
CA THR A 5 -3.39 4.15 -14.30
C THR A 5 -2.41 4.75 -13.27
N ALA A 6 -1.30 5.28 -13.79
CA ALA A 6 -0.28 5.90 -12.97
C ALA A 6 -0.77 7.22 -12.42
N THR A 7 -1.12 8.13 -13.31
CA THR A 7 -1.61 9.45 -12.92
C THR A 7 -2.97 9.36 -12.25
N LYS A 8 -3.65 8.23 -12.44
CA LYS A 8 -4.96 8.02 -11.81
C LYS A 8 -4.80 7.70 -10.33
N THR A 9 -3.55 7.49 -9.92
CA THR A 9 -3.25 7.20 -8.54
C THR A 9 -3.00 8.51 -7.79
N ARG A 10 -3.75 8.73 -6.72
CA ARG A 10 -3.64 9.95 -5.91
C ARG A 10 -4.06 11.17 -6.73
N GLN A 11 -5.14 11.01 -7.49
CA GLN A 11 -5.66 12.08 -8.33
C GLN A 11 -7.17 12.22 -8.14
N PRO A 12 -7.71 13.44 -8.23
CA PRO A 12 -9.16 13.68 -8.10
C PRO A 12 -9.95 12.95 -9.19
N ARG A 13 -11.21 12.65 -8.90
CA ARG A 13 -12.09 11.94 -9.83
C ARG A 13 -11.51 10.57 -10.16
N VAL A 14 -11.44 9.72 -9.15
CA VAL A 14 -10.90 8.38 -9.30
C VAL A 14 -11.98 7.39 -9.78
N GLN A 15 -12.29 7.46 -11.06
CA GLN A 15 -13.30 6.59 -11.65
C GLN A 15 -12.64 5.42 -12.37
N MET A 16 -12.53 4.30 -11.68
CA MET A 16 -11.91 3.10 -12.24
C MET A 16 -12.72 1.88 -11.84
N PRO A 17 -12.50 0.72 -12.50
CA PRO A 17 -13.21 -0.52 -12.19
C PRO A 17 -13.06 -0.90 -10.71
N ASN A 18 -14.04 -1.64 -10.20
CA ASN A 18 -14.05 -2.07 -8.79
C ASN A 18 -12.73 -2.68 -8.35
N GLY A 19 -12.20 -3.59 -9.16
CA GLY A 19 -10.94 -4.23 -8.84
C GLY A 19 -9.80 -3.25 -8.61
N LEU A 20 -9.78 -2.17 -9.38
CA LEU A 20 -8.75 -1.17 -9.27
C LEU A 20 -9.01 -0.23 -8.08
N VAL A 21 -10.28 0.12 -7.89
CA VAL A 21 -10.67 0.99 -6.79
C VAL A 21 -10.33 0.35 -5.45
N LEU A 22 -10.69 -0.91 -5.29
CA LEU A 22 -10.41 -1.63 -4.05
C LEU A 22 -8.92 -1.67 -3.76
N MET A 23 -8.12 -1.81 -4.82
CA MET A 23 -6.67 -1.85 -4.69
C MET A 23 -6.13 -0.48 -4.27
N ARG A 24 -6.58 0.55 -4.97
CA ARG A 24 -6.15 1.91 -4.69
C ARG A 24 -6.57 2.36 -3.29
N MET A 25 -7.74 1.92 -2.88
CA MET A 25 -8.29 2.25 -1.56
C MET A 25 -7.31 1.97 -0.43
N MET A 26 -6.79 0.75 -0.39
CA MET A 26 -5.84 0.35 0.65
C MET A 26 -4.47 0.98 0.45
N GLY A 27 -4.11 1.22 -0.81
CA GLY A 27 -2.81 1.82 -1.10
C GLY A 27 -2.75 3.28 -0.74
N ILE A 28 -3.86 3.99 -0.93
CA ILE A 28 -3.93 5.41 -0.61
C ILE A 28 -3.96 5.62 0.90
N LEU A 29 -4.79 4.83 1.58
CA LEU A 29 -4.93 4.94 3.03
C LEU A 29 -3.61 4.62 3.74
N TRP A 30 -2.84 3.71 3.18
CA TRP A 30 -1.56 3.32 3.77
C TRP A 30 -0.59 4.50 3.77
N HIS A 31 -0.71 5.35 2.76
CA HIS A 31 0.16 6.53 2.64
C HIS A 31 -0.39 7.68 3.47
N ALA A 32 -1.68 7.61 3.80
CA ALA A 32 -2.32 8.64 4.60
C ALA A 32 -1.71 8.68 6.00
N VAL A 33 -1.48 7.50 6.56
CA VAL A 33 -0.89 7.38 7.88
C VAL A 33 0.57 7.83 7.86
N ALA A 34 1.19 7.69 6.69
CA ALA A 34 2.58 8.08 6.51
C ALA A 34 2.70 9.60 6.50
N GLY A 35 1.65 10.26 6.04
CA GLY A 35 1.66 11.71 5.98
C GLY A 35 1.23 12.26 4.63
N THR A 36 0.48 11.47 3.88
CA THR A 36 0.02 11.90 2.56
C THR A 36 -1.50 11.73 2.45
N ALA A 37 -2.00 11.71 1.20
CA ALA A 37 -3.43 11.55 0.91
C ALA A 37 -4.22 12.80 1.28
N ARG A 38 -4.74 13.48 0.27
CA ARG A 38 -5.52 14.70 0.49
C ARG A 38 -6.68 14.81 -0.49
N ASN A 39 -7.06 13.70 -1.11
CA ASN A 39 -8.16 13.71 -2.07
C ASN A 39 -9.47 13.28 -1.42
N PRO A 40 -10.43 14.20 -1.27
CA PRO A 40 -11.74 13.91 -0.67
C PRO A 40 -12.53 12.88 -1.47
N VAL A 41 -12.22 12.78 -2.76
CA VAL A 41 -12.88 11.82 -3.65
C VAL A 41 -12.72 10.40 -3.13
N LEU A 42 -11.52 10.09 -2.64
CA LEU A 42 -11.23 8.76 -2.12
C LEU A 42 -11.93 8.54 -0.79
N LYS A 43 -12.09 9.61 -0.02
CA LYS A 43 -12.77 9.53 1.27
C LYS A 43 -14.25 9.18 1.06
N ALA A 44 -14.80 9.67 -0.04
CA ALA A 44 -16.19 9.40 -0.38
C ALA A 44 -16.37 7.94 -0.72
N PHE A 45 -15.43 7.39 -1.49
CA PHE A 45 -15.46 5.99 -1.89
C PHE A 45 -15.28 5.08 -0.67
N TRP A 46 -14.55 5.58 0.31
CA TRP A 46 -14.30 4.84 1.55
C TRP A 46 -15.60 4.69 2.33
N ASN A 47 -16.51 5.65 2.14
CA ASN A 47 -17.79 5.64 2.81
C ASN A 47 -18.79 4.76 2.07
N SER A 48 -18.65 4.71 0.76
CA SER A 48 -19.53 3.89 -0.07
C SER A 48 -18.84 2.58 -0.44
N VAL A 49 -18.38 1.88 0.57
CA VAL A 49 -17.70 0.61 0.38
C VAL A 49 -18.66 -0.55 0.58
N PRO A 50 -18.67 -1.52 -0.35
CA PRO A 50 -19.54 -2.69 -0.26
C PRO A 50 -19.11 -3.61 0.89
N LEU A 51 -20.07 -4.25 1.51
CA LEU A 51 -19.80 -5.14 2.63
C LEU A 51 -19.24 -6.49 2.17
N LYS A 52 -20.13 -7.36 1.72
CA LYS A 52 -19.75 -8.70 1.28
C LYS A 52 -18.72 -8.65 0.14
N GLN A 53 -18.93 -7.74 -0.80
CA GLN A 53 -18.02 -7.60 -1.95
C GLN A 53 -16.59 -7.35 -1.51
N ALA A 54 -16.40 -6.36 -0.62
CA ALA A 54 -15.06 -6.03 -0.14
C ALA A 54 -14.49 -7.14 0.73
N THR A 55 -15.36 -7.79 1.50
CA THR A 55 -14.94 -8.87 2.36
C THR A 55 -14.34 -10.02 1.54
N ALA A 56 -15.01 -10.35 0.43
CA ALA A 56 -14.54 -11.41 -0.46
C ALA A 56 -13.35 -10.94 -1.27
N ALA A 57 -13.34 -9.66 -1.61
CA ALA A 57 -12.27 -9.06 -2.39
C ALA A 57 -10.95 -9.10 -1.62
N LEU A 58 -11.02 -8.76 -0.34
CA LEU A 58 -9.84 -8.76 0.52
C LEU A 58 -9.25 -10.15 0.65
N ARG A 59 -10.11 -11.16 0.62
CA ARG A 59 -9.68 -12.55 0.73
C ARG A 59 -8.74 -12.91 -0.42
N LYS A 60 -9.04 -12.37 -1.60
CA LYS A 60 -8.21 -12.62 -2.79
C LYS A 60 -6.86 -11.94 -2.65
N ILE A 61 -6.85 -10.77 -2.02
CA ILE A 61 -5.62 -10.02 -1.81
C ILE A 61 -4.68 -10.79 -0.89
N LYS A 62 -5.23 -11.29 0.21
CA LYS A 62 -4.46 -12.05 1.19
C LYS A 62 -3.74 -13.23 0.54
N ARG A 63 -4.46 -13.92 -0.35
CA ARG A 63 -3.88 -15.05 -1.07
C ARG A 63 -2.72 -14.61 -1.95
N THR A 64 -2.92 -13.51 -2.65
CA THR A 64 -1.90 -12.97 -3.55
C THR A 64 -0.66 -12.48 -2.78
N VAL A 65 -0.88 -11.75 -1.70
CA VAL A 65 0.21 -11.22 -0.90
C VAL A 65 1.05 -12.36 -0.32
N SER A 66 0.40 -13.43 0.10
CA SER A 66 1.09 -14.58 0.67
C SER A 66 2.06 -15.18 -0.34
N ALA A 67 1.65 -15.20 -1.61
CA ALA A 67 2.50 -15.73 -2.67
C ALA A 67 3.74 -14.86 -2.84
N LEU A 68 3.55 -13.55 -2.72
CA LEU A 68 4.65 -12.60 -2.85
C LEU A 68 5.62 -12.76 -1.68
N MET A 69 5.08 -13.06 -0.51
CA MET A 69 5.89 -13.25 0.69
C MET A 69 6.88 -14.39 0.47
N VAL A 70 6.40 -15.46 -0.14
CA VAL A 70 7.25 -16.62 -0.42
C VAL A 70 8.22 -16.30 -1.55
N GLY A 71 7.77 -15.50 -2.50
CA GLY A 71 8.59 -15.11 -3.63
C GLY A 71 9.79 -14.28 -3.17
N LEU A 72 9.57 -13.45 -2.15
CA LEU A 72 10.62 -12.62 -1.60
C LEU A 72 11.70 -13.48 -0.97
N GLN A 73 11.28 -14.46 -0.19
CA GLN A 73 12.20 -15.37 0.49
C GLN A 73 12.97 -16.23 -0.49
N LYS A 74 12.37 -16.49 -1.64
CA LYS A 74 12.99 -17.30 -2.69
C LYS A 74 14.30 -16.65 -3.15
N ARG A 75 14.28 -15.34 -3.28
CA ARG A 75 15.46 -14.60 -3.72
C ARG A 75 16.30 -14.16 -2.52
N GLY A 76 15.70 -14.16 -1.34
CA GLY A 76 16.40 -13.78 -0.15
C GLY A 76 17.36 -14.87 0.31
N LYS A 77 16.97 -16.12 0.07
CA LYS A 77 17.81 -17.25 0.44
C LYS A 77 18.91 -17.45 -0.59
N ARG A 78 20.10 -16.94 -0.28
CA ARG A 78 21.23 -17.04 -1.18
C ARG A 78 22.53 -17.23 -0.39
N ARG A 79 23.62 -17.43 -1.12
CA ARG A 79 24.95 -17.63 -0.54
C ARG A 79 25.05 -18.95 0.23
N VAL B 1 14.62 17.81 11.19
CA VAL B 1 13.53 17.38 12.06
C VAL B 1 12.25 18.14 11.68
N SER B 2 12.43 19.29 11.04
CA SER B 2 11.30 20.12 10.62
C SER B 2 10.54 19.43 9.49
N LYS B 3 11.25 18.65 8.69
CA LYS B 3 10.65 17.93 7.58
C LYS B 3 9.98 16.65 8.05
N GLU B 4 10.29 16.25 9.29
CA GLU B 4 9.71 15.05 9.91
C GLU B 4 9.92 13.79 9.06
N THR B 5 9.11 12.77 9.34
CA THR B 5 9.19 11.51 8.60
C THR B 5 8.16 11.48 7.47
N ALA B 6 7.19 12.38 7.53
CA ALA B 6 6.13 12.46 6.53
C ALA B 6 6.67 12.88 5.16
N THR B 7 7.51 13.90 5.16
CA THR B 7 8.09 14.42 3.93
C THR B 7 9.26 13.56 3.43
N LYS B 8 9.54 12.47 4.14
CA LYS B 8 10.61 11.57 3.74
C LYS B 8 10.08 10.48 2.83
N THR B 9 8.77 10.49 2.62
CA THR B 9 8.12 9.53 1.76
C THR B 9 8.46 9.80 0.30
N ARG B 10 9.18 8.86 -0.32
CA ARG B 10 9.59 8.97 -1.72
C ARG B 10 10.59 10.11 -1.90
N GLN B 11 11.41 10.31 -0.88
CA GLN B 11 12.42 11.36 -0.89
C GLN B 11 13.80 10.70 -0.82
N PRO B 12 14.78 11.25 -1.55
CA PRO B 12 16.16 10.72 -1.56
C PRO B 12 16.74 10.62 -0.16
N ARG B 13 17.47 9.52 0.08
CA ARG B 13 18.10 9.26 1.38
C ARG B 13 17.03 9.07 2.45
N VAL B 14 16.18 8.07 2.24
CA VAL B 14 15.10 7.77 3.17
C VAL B 14 15.63 7.08 4.44
N GLN B 15 16.25 7.87 5.29
CA GLN B 15 16.80 7.38 6.54
C GLN B 15 15.68 7.18 7.56
N MET B 16 15.19 5.96 7.63
CA MET B 16 14.11 5.61 8.54
C MET B 16 14.58 4.58 9.55
N PRO B 17 13.89 4.47 10.69
CA PRO B 17 14.20 3.48 11.73
C PRO B 17 14.01 2.06 11.22
N ASN B 18 14.42 1.08 12.03
CA ASN B 18 14.33 -0.33 11.67
C ASN B 18 12.96 -0.73 11.13
N GLY B 19 11.90 -0.32 11.81
CA GLY B 19 10.55 -0.66 11.40
C GLY B 19 10.07 0.13 10.19
N LEU B 20 10.26 1.44 10.22
CA LEU B 20 9.82 2.32 9.13
C LEU B 20 10.46 1.97 7.79
N VAL B 21 11.66 1.41 7.82
CA VAL B 21 12.36 1.01 6.59
C VAL B 21 11.52 -0.01 5.81
N LEU B 22 11.00 -1.00 6.52
CA LEU B 22 10.19 -2.04 5.90
C LEU B 22 8.82 -1.51 5.49
N MET B 23 8.33 -0.53 6.24
CA MET B 23 7.03 0.06 5.97
C MET B 23 7.06 0.89 4.70
N ARG B 24 8.01 1.82 4.62
CA ARG B 24 8.13 2.69 3.45
C ARG B 24 8.43 1.87 2.20
N MET B 25 9.14 0.77 2.37
CA MET B 25 9.49 -0.11 1.26
C MET B 25 8.23 -0.57 0.51
N MET B 26 7.20 -0.96 1.27
CA MET B 26 5.94 -1.40 0.67
C MET B 26 5.23 -0.24 0.01
N GLY B 27 5.24 0.90 0.67
CA GLY B 27 4.59 2.09 0.16
C GLY B 27 5.15 2.52 -1.19
N ILE B 28 6.46 2.43 -1.34
CA ILE B 28 7.11 2.81 -2.58
C ILE B 28 6.91 1.75 -3.65
N LEU B 29 7.00 0.48 -3.25
CA LEU B 29 6.84 -0.64 -4.17
C LEU B 29 5.46 -0.60 -4.82
N TRP B 30 4.46 -0.22 -4.04
CA TRP B 30 3.09 -0.13 -4.53
C TRP B 30 2.98 0.93 -5.62
N HIS B 31 3.65 2.06 -5.40
CA HIS B 31 3.64 3.16 -6.35
C HIS B 31 4.45 2.83 -7.59
N ALA B 32 5.50 2.03 -7.41
CA ALA B 32 6.36 1.63 -8.51
C ALA B 32 5.55 0.90 -9.58
N VAL B 33 4.69 -0.01 -9.15
CA VAL B 33 3.85 -0.77 -10.06
C VAL B 33 2.84 0.15 -10.75
N ALA B 34 2.39 1.17 -10.03
CA ALA B 34 1.43 2.13 -10.57
C ALA B 34 2.09 2.97 -11.67
N GLY B 35 3.26 3.51 -11.37
CA GLY B 35 3.98 4.33 -12.32
C GLY B 35 4.86 5.38 -11.67
N THR B 36 4.52 5.73 -10.44
CA THR B 36 5.27 6.72 -9.69
C THR B 36 6.50 6.12 -9.03
N ALA B 37 7.24 6.95 -8.29
CA ALA B 37 8.45 6.53 -7.57
C ALA B 37 9.62 6.28 -8.51
N ARG B 38 10.58 7.20 -8.46
CA ARG B 38 11.77 7.10 -9.29
C ARG B 38 12.96 7.71 -8.56
N ASN B 39 13.53 6.96 -7.63
CA ASN B 39 14.66 7.43 -6.84
C ASN B 39 15.72 6.34 -6.72
N PRO B 40 16.91 6.56 -7.33
CA PRO B 40 18.01 5.59 -7.30
C PRO B 40 18.47 5.28 -5.87
N VAL B 41 18.45 6.27 -4.99
CA VAL B 41 18.87 6.09 -3.61
C VAL B 41 17.90 5.17 -2.85
N LEU B 42 16.66 5.12 -3.31
CA LEU B 42 15.65 4.26 -2.68
C LEU B 42 15.92 2.81 -3.02
N LYS B 43 16.53 2.60 -4.19
CA LYS B 43 16.86 1.27 -4.68
C LYS B 43 17.93 0.62 -3.79
N ALA B 44 18.81 1.46 -3.23
CA ALA B 44 19.88 0.97 -2.37
C ALA B 44 19.28 0.31 -1.12
N PHE B 45 18.19 0.89 -0.62
CA PHE B 45 17.52 0.38 0.56
C PHE B 45 16.73 -0.88 0.22
N TRP B 46 16.38 -1.02 -1.04
CA TRP B 46 15.63 -2.19 -1.51
C TRP B 46 16.57 -3.37 -1.67
N ASN B 47 17.80 -3.08 -2.07
CA ASN B 47 18.80 -4.13 -2.27
C ASN B 47 19.34 -4.60 -0.91
N SER B 48 19.59 -3.64 -0.03
CA SER B 48 20.13 -3.94 1.30
C SER B 48 19.01 -3.99 2.35
N VAL B 49 17.89 -4.61 1.99
CA VAL B 49 16.76 -4.72 2.90
C VAL B 49 16.83 -6.03 3.70
N PRO B 50 16.58 -5.96 5.03
CA PRO B 50 16.59 -7.14 5.90
C PRO B 50 15.60 -8.19 5.42
N LEU B 51 16.09 -9.40 5.20
CA LEU B 51 15.27 -10.50 4.71
C LEU B 51 14.32 -11.01 5.79
N LYS B 52 14.86 -11.33 6.95
CA LYS B 52 14.07 -11.86 8.06
C LYS B 52 13.04 -10.86 8.55
N GLN B 53 13.45 -9.61 8.70
CA GLN B 53 12.55 -8.55 9.16
C GLN B 53 11.42 -8.28 8.18
N ALA B 54 11.68 -8.55 6.90
CA ALA B 54 10.69 -8.33 5.86
C ALA B 54 9.49 -9.26 6.06
N THR B 55 9.76 -10.52 6.36
CA THR B 55 8.72 -11.50 6.58
C THR B 55 7.90 -11.15 7.82
N ALA B 56 8.59 -10.76 8.88
CA ALA B 56 7.94 -10.40 10.14
C ALA B 56 7.09 -9.14 9.96
N ALA B 57 7.52 -8.29 9.03
CA ALA B 57 6.80 -7.05 8.76
C ALA B 57 5.51 -7.34 8.00
N LEU B 58 5.62 -8.21 6.99
CA LEU B 58 4.48 -8.58 6.17
C LEU B 58 3.37 -9.20 7.03
N ARG B 59 3.79 -9.93 8.05
CA ARG B 59 2.87 -10.58 8.97
C ARG B 59 2.03 -9.55 9.71
N LYS B 60 2.62 -8.41 10.01
CA LYS B 60 1.93 -7.34 10.72
C LYS B 60 0.99 -6.58 9.80
N ILE B 61 1.46 -6.27 8.59
CA ILE B 61 0.67 -5.55 7.61
C ILE B 61 -0.64 -6.27 7.31
N LYS B 62 -0.57 -7.60 7.26
CA LYS B 62 -1.76 -8.40 6.99
C LYS B 62 -2.87 -8.09 7.97
N ARG B 63 -2.51 -7.98 9.24
CA ARG B 63 -3.49 -7.69 10.28
C ARG B 63 -4.00 -6.25 10.18
N THR B 64 -3.13 -5.36 9.73
CA THR B 64 -3.48 -3.95 9.58
C THR B 64 -4.60 -3.79 8.56
N VAL B 65 -4.48 -4.47 7.42
CA VAL B 65 -5.48 -4.40 6.37
C VAL B 65 -6.77 -5.12 6.80
N SER B 66 -6.61 -6.17 7.61
CA SER B 66 -7.76 -6.93 8.10
C SER B 66 -8.64 -6.07 9.01
N ALA B 67 -8.00 -5.22 9.81
CA ALA B 67 -8.71 -4.34 10.73
C ALA B 67 -9.60 -3.35 9.97
N LEU B 68 -9.18 -3.00 8.76
CA LEU B 68 -9.93 -2.07 7.94
C LEU B 68 -11.25 -2.68 7.52
N MET B 69 -11.23 -3.96 7.14
CA MET B 69 -12.42 -4.67 6.71
C MET B 69 -13.46 -4.69 7.83
N VAL B 70 -12.99 -4.97 9.04
CA VAL B 70 -13.88 -5.03 10.21
C VAL B 70 -14.58 -3.69 10.42
N GLY B 71 -13.82 -2.60 10.28
CA GLY B 71 -14.40 -1.27 10.47
C GLY B 71 -15.38 -0.93 9.37
N LEU B 72 -15.03 -1.30 8.15
CA LEU B 72 -15.87 -1.04 6.98
C LEU B 72 -17.22 -1.74 7.07
N GLN B 73 -17.22 -2.98 7.54
CA GLN B 73 -18.45 -3.75 7.67
C GLN B 73 -19.45 -3.05 8.59
N LYS B 74 -18.94 -2.37 9.60
CA LYS B 74 -19.81 -1.66 10.55
C LYS B 74 -20.26 -0.32 9.99
N ARG B 75 -19.35 0.38 9.31
CA ARG B 75 -19.67 1.68 8.72
C ARG B 75 -20.61 1.54 7.53
N GLY B 76 -20.43 0.48 6.76
CA GLY B 76 -21.26 0.23 5.60
C GLY B 76 -22.67 -0.17 5.96
N LYS B 77 -22.88 -0.52 7.21
CA LYS B 77 -24.20 -0.91 7.69
C LYS B 77 -25.06 0.34 7.92
N ARG B 78 -26.02 0.56 7.03
CA ARG B 78 -26.91 1.72 7.15
C ARG B 78 -28.34 1.34 6.78
N ARG B 79 -29.28 2.21 7.13
CA ARG B 79 -30.70 2.00 6.85
C ARG B 79 -31.23 0.73 7.53
N VAL A 1 -4.55 13.06 -13.84
CA VAL A 1 -3.16 12.65 -13.76
C VAL A 1 -2.24 13.85 -13.90
N SER A 2 -1.47 14.11 -12.86
CA SER A 2 -0.52 15.21 -12.86
C SER A 2 0.89 14.69 -13.11
N LYS A 3 1.29 13.68 -12.34
CA LYS A 3 2.61 13.08 -12.47
C LYS A 3 2.66 11.69 -11.84
N GLU A 4 2.53 10.67 -12.68
CA GLU A 4 2.57 9.27 -12.24
C GLU A 4 1.33 8.87 -11.42
N THR A 5 1.13 7.57 -11.31
CA THR A 5 0.02 7.01 -10.57
C THR A 5 0.09 7.35 -9.08
N ALA A 6 1.31 7.53 -8.57
CA ALA A 6 1.52 7.84 -7.16
C ALA A 6 0.77 9.12 -6.75
N THR A 7 0.96 10.17 -7.52
CA THR A 7 0.30 11.43 -7.25
C THR A 7 -1.19 11.35 -7.59
N LYS A 8 -1.54 10.44 -8.49
CA LYS A 8 -2.92 10.27 -8.93
C LYS A 8 -3.75 9.56 -7.86
N THR A 9 -3.07 8.85 -6.96
CA THR A 9 -3.76 8.12 -5.90
C THR A 9 -4.56 9.09 -5.03
N ARG A 10 -3.89 10.11 -4.52
CA ARG A 10 -4.53 11.09 -3.65
C ARG A 10 -4.95 12.33 -4.45
N GLN A 11 -5.17 12.14 -5.74
CA GLN A 11 -5.57 13.23 -6.61
C GLN A 11 -7.09 13.29 -6.72
N PRO A 12 -7.67 14.47 -6.46
CA PRO A 12 -9.13 14.67 -6.54
C PRO A 12 -9.64 14.28 -7.92
N ARG A 13 -10.86 13.72 -7.96
CA ARG A 13 -11.49 13.29 -9.21
C ARG A 13 -10.84 11.99 -9.69
N VAL A 14 -10.48 11.14 -8.73
CA VAL A 14 -9.86 9.87 -9.03
C VAL A 14 -10.90 8.80 -9.37
N GLN A 15 -11.45 8.91 -10.56
CA GLN A 15 -12.47 7.98 -11.04
C GLN A 15 -11.83 6.92 -11.92
N MET A 16 -11.68 5.73 -11.38
CA MET A 16 -11.06 4.61 -12.09
C MET A 16 -11.95 3.36 -11.97
N PRO A 17 -11.63 2.28 -12.72
CA PRO A 17 -12.40 1.02 -12.65
C PRO A 17 -12.47 0.47 -11.23
N ASN A 18 -13.47 -0.36 -10.98
CA ASN A 18 -13.71 -0.97 -9.66
C ASN A 18 -12.46 -1.61 -9.08
N GLY A 19 -11.72 -2.34 -9.90
CA GLY A 19 -10.52 -3.00 -9.44
C GLY A 19 -9.47 -2.00 -8.99
N LEU A 20 -9.27 -0.97 -9.78
CA LEU A 20 -8.28 0.05 -9.46
C LEU A 20 -8.71 0.91 -8.27
N VAL A 21 -10.02 1.13 -8.13
CA VAL A 21 -10.54 1.92 -7.01
C VAL A 21 -10.23 1.20 -5.69
N LEU A 22 -10.49 -0.10 -5.66
CA LEU A 22 -10.24 -0.90 -4.47
C LEU A 22 -8.75 -1.01 -4.19
N MET A 23 -7.94 -0.95 -5.25
CA MET A 23 -6.50 -1.04 -5.12
C MET A 23 -5.91 0.27 -4.61
N ARG A 24 -6.34 1.38 -5.19
CA ARG A 24 -5.87 2.70 -4.81
C ARG A 24 -6.30 3.05 -3.39
N MET A 25 -7.32 2.36 -2.91
CA MET A 25 -7.85 2.58 -1.56
C MET A 25 -6.77 2.37 -0.50
N MET A 26 -5.95 1.34 -0.67
CA MET A 26 -4.88 1.05 0.29
C MET A 26 -3.90 2.22 0.39
N GLY A 27 -3.52 2.76 -0.76
CA GLY A 27 -2.60 3.89 -0.79
C GLY A 27 -3.14 5.08 -0.02
N ILE A 28 -4.44 5.30 -0.12
CA ILE A 28 -5.10 6.41 0.57
C ILE A 28 -5.10 6.19 2.08
N LEU A 29 -5.45 4.99 2.50
CA LEU A 29 -5.50 4.65 3.92
C LEU A 29 -4.12 4.74 4.56
N TRP A 30 -3.09 4.37 3.80
CA TRP A 30 -1.72 4.41 4.27
C TRP A 30 -1.24 5.85 4.38
N HIS A 31 -1.61 6.67 3.40
CA HIS A 31 -1.23 8.07 3.38
C HIS A 31 -1.91 8.82 4.53
N ALA A 32 -3.12 8.41 4.86
CA ALA A 32 -3.89 9.03 5.93
C ALA A 32 -3.18 8.90 7.28
N VAL A 33 -2.22 7.98 7.35
CA VAL A 33 -1.46 7.76 8.58
C VAL A 33 -0.06 8.37 8.47
N ALA A 34 0.52 8.30 7.27
CA ALA A 34 1.86 8.82 7.04
C ALA A 34 1.87 10.33 6.77
N GLY A 35 0.70 10.88 6.49
CA GLY A 35 0.59 12.30 6.21
C GLY A 35 -0.86 12.75 6.20
N THR A 36 -1.21 13.57 5.23
CA THR A 36 -2.57 14.07 5.12
C THR A 36 -3.28 13.51 3.88
N ALA A 37 -4.49 12.99 4.08
CA ALA A 37 -5.27 12.41 3.00
C ALA A 37 -6.73 12.27 3.41
N ARG A 38 -7.47 11.46 2.65
CA ARG A 38 -8.89 11.21 2.90
C ARG A 38 -9.75 12.42 2.60
N ASN A 39 -9.81 12.79 1.33
CA ASN A 39 -10.61 13.93 0.90
C ASN A 39 -12.08 13.55 0.81
N PRO A 40 -12.99 14.49 1.10
CA PRO A 40 -14.44 14.26 1.04
C PRO A 40 -14.88 13.70 -0.32
N VAL A 41 -14.30 14.23 -1.39
CA VAL A 41 -14.64 13.79 -2.74
C VAL A 41 -14.07 12.39 -3.03
N LEU A 42 -13.16 11.94 -2.18
CA LEU A 42 -12.54 10.64 -2.34
C LEU A 42 -13.33 9.58 -1.58
N LYS A 43 -13.86 9.96 -0.42
CA LYS A 43 -14.64 9.03 0.40
C LYS A 43 -15.98 8.71 -0.25
N ALA A 44 -16.37 9.56 -1.21
CA ALA A 44 -17.62 9.38 -1.93
C ALA A 44 -17.61 8.07 -2.72
N PHE A 45 -16.43 7.71 -3.22
CA PHE A 45 -16.28 6.48 -3.98
C PHE A 45 -16.42 5.27 -3.09
N TRP A 46 -15.92 5.40 -1.86
CA TRP A 46 -15.98 4.32 -0.88
C TRP A 46 -17.44 4.09 -0.47
N ASN A 47 -18.23 5.15 -0.49
CA ASN A 47 -19.65 5.06 -0.14
C ASN A 47 -20.44 4.46 -1.29
N SER A 48 -19.99 4.74 -2.51
CA SER A 48 -20.65 4.25 -3.71
C SER A 48 -20.40 2.75 -3.93
N VAL A 49 -19.18 2.30 -3.62
CA VAL A 49 -18.82 0.90 -3.80
C VAL A 49 -19.47 0.01 -2.74
N PRO A 50 -20.13 -1.08 -3.17
CA PRO A 50 -20.80 -2.01 -2.25
C PRO A 50 -19.81 -2.69 -1.31
N LEU A 51 -20.23 -2.88 -0.07
CA LEU A 51 -19.39 -3.51 0.95
C LEU A 51 -18.95 -4.91 0.53
N LYS A 52 -19.82 -5.61 -0.19
CA LYS A 52 -19.53 -6.95 -0.66
C LYS A 52 -18.34 -6.96 -1.63
N GLN A 53 -18.36 -6.04 -2.58
CA GLN A 53 -17.29 -5.93 -3.57
C GLN A 53 -16.00 -5.45 -2.91
N ALA A 54 -16.15 -4.53 -1.97
CA ALA A 54 -15.00 -3.98 -1.26
C ALA A 54 -14.26 -5.08 -0.49
N THR A 55 -15.00 -5.82 0.33
CA THR A 55 -14.42 -6.89 1.13
C THR A 55 -13.80 -7.99 0.25
N ALA A 56 -14.44 -8.28 -0.87
CA ALA A 56 -13.96 -9.30 -1.79
C ALA A 56 -12.57 -8.95 -2.30
N ALA A 57 -12.35 -7.69 -2.61
CA ALA A 57 -11.07 -7.23 -3.11
C ALA A 57 -10.03 -7.17 -2.00
N LEU A 58 -10.45 -6.73 -0.82
CA LEU A 58 -9.55 -6.60 0.33
C LEU A 58 -8.85 -7.93 0.64
N ARG A 59 -9.63 -9.01 0.73
CA ARG A 59 -9.08 -10.32 1.01
C ARG A 59 -8.08 -10.76 -0.07
N LYS A 60 -8.40 -10.48 -1.32
CA LYS A 60 -7.52 -10.87 -2.44
C LYS A 60 -6.16 -10.19 -2.33
N ILE A 61 -6.16 -8.94 -1.88
CA ILE A 61 -4.91 -8.20 -1.72
C ILE A 61 -4.03 -8.86 -0.66
N LYS A 62 -4.67 -9.37 0.37
CA LYS A 62 -3.96 -10.04 1.47
C LYS A 62 -3.22 -11.29 0.98
N ARG A 63 -3.81 -11.96 0.00
CA ARG A 63 -3.22 -13.16 -0.57
C ARG A 63 -1.88 -12.85 -1.22
N THR A 64 -1.85 -11.78 -2.02
CA THR A 64 -0.63 -11.38 -2.71
C THR A 64 0.47 -11.02 -1.71
N VAL A 65 0.10 -10.32 -0.64
CA VAL A 65 1.05 -9.91 0.39
C VAL A 65 1.64 -11.13 1.09
N SER A 66 0.79 -12.10 1.40
CA SER A 66 1.23 -13.32 2.07
C SER A 66 2.20 -14.10 1.19
N ALA A 67 1.97 -14.07 -0.12
CA ALA A 67 2.82 -14.77 -1.07
C ALA A 67 4.14 -14.01 -1.27
N LEU A 68 4.04 -12.69 -1.30
CA LEU A 68 5.20 -11.82 -1.49
C LEU A 68 6.19 -11.95 -0.34
N MET A 69 5.66 -12.01 0.87
CA MET A 69 6.48 -12.11 2.07
C MET A 69 7.46 -13.29 2.00
N VAL A 70 6.94 -14.47 1.68
CA VAL A 70 7.76 -15.67 1.58
C VAL A 70 8.46 -15.75 0.23
N GLY A 71 7.81 -15.21 -0.80
CA GLY A 71 8.39 -15.22 -2.14
C GLY A 71 9.70 -14.46 -2.20
N LEU A 72 9.78 -13.37 -1.46
CA LEU A 72 10.99 -12.57 -1.42
C LEU A 72 12.11 -13.29 -0.67
N GLN A 73 11.73 -14.19 0.22
CA GLN A 73 12.71 -14.96 0.99
C GLN A 73 13.51 -15.87 0.07
N LYS A 74 12.82 -16.46 -0.90
CA LYS A 74 13.44 -17.38 -1.85
C LYS A 74 14.37 -16.65 -2.81
N ARG A 75 14.17 -15.35 -2.96
CA ARG A 75 15.00 -14.56 -3.87
C ARG A 75 16.07 -13.77 -3.10
N GLY A 76 15.86 -13.63 -1.79
CA GLY A 76 16.79 -12.91 -0.96
C GLY A 76 17.96 -13.78 -0.53
N LYS A 77 17.66 -14.99 -0.08
CA LYS A 77 18.71 -15.91 0.36
C LYS A 77 18.64 -17.21 -0.41
N ARG A 78 19.79 -17.67 -0.87
CA ARG A 78 19.89 -18.91 -1.64
C ARG A 78 20.59 -20.00 -0.84
N ARG A 79 21.16 -19.63 0.30
CA ARG A 79 21.87 -20.57 1.16
C ARG A 79 20.92 -21.64 1.70
N VAL B 1 11.71 14.68 1.40
CA VAL B 1 10.27 14.84 1.23
C VAL B 1 9.97 16.02 0.30
N SER B 2 9.63 15.71 -0.94
CA SER B 2 9.28 16.73 -1.90
C SER B 2 7.94 17.37 -1.54
N LYS B 3 6.91 16.53 -1.46
CA LYS B 3 5.56 16.97 -1.12
C LYS B 3 4.71 15.78 -0.74
N GLU B 4 4.56 15.57 0.57
CA GLU B 4 3.78 14.46 1.11
C GLU B 4 4.54 13.15 1.05
N THR B 5 4.15 12.21 1.88
CA THR B 5 4.77 10.89 1.94
C THR B 5 4.52 10.11 0.65
N ALA B 6 3.43 10.45 -0.04
CA ALA B 6 3.05 9.80 -1.29
C ALA B 6 4.15 9.92 -2.34
N THR B 7 4.76 11.09 -2.42
CA THR B 7 5.83 11.33 -3.38
C THR B 7 7.17 10.83 -2.83
N LYS B 8 7.26 10.76 -1.51
CA LYS B 8 8.48 10.30 -0.86
C LYS B 8 8.61 8.78 -0.95
N THR B 9 7.56 8.13 -1.42
CA THR B 9 7.56 6.68 -1.56
C THR B 9 8.53 6.23 -2.66
N ARG B 10 8.57 6.99 -3.76
CA ARG B 10 9.45 6.68 -4.87
C ARG B 10 10.68 7.59 -4.85
N GLN B 11 10.68 8.54 -3.93
CA GLN B 11 11.77 9.50 -3.80
C GLN B 11 13.04 8.79 -3.30
N PRO B 12 14.19 9.07 -3.94
CA PRO B 12 15.48 8.47 -3.55
C PRO B 12 15.94 8.96 -2.18
N ARG B 13 16.99 8.32 -1.66
CA ARG B 13 17.54 8.66 -0.34
C ARG B 13 16.52 8.41 0.76
N VAL B 14 15.85 7.26 0.67
CA VAL B 14 14.83 6.90 1.64
C VAL B 14 15.42 6.12 2.83
N GLN B 15 16.21 6.81 3.63
CA GLN B 15 16.82 6.20 4.79
C GLN B 15 15.94 6.39 6.01
N MET B 16 14.77 5.78 5.96
CA MET B 16 13.79 5.88 7.04
C MET B 16 13.98 4.73 8.03
N PRO B 17 13.31 4.79 9.21
CA PRO B 17 13.41 3.72 10.21
C PRO B 17 12.89 2.39 9.66
N ASN B 18 13.34 1.28 10.25
CA ASN B 18 12.95 -0.07 9.82
C ASN B 18 11.45 -0.21 9.63
N GLY B 19 10.70 0.18 10.66
CA GLY B 19 9.25 0.08 10.61
C GLY B 19 8.64 0.81 9.42
N LEU B 20 9.13 2.03 9.16
CA LEU B 20 8.63 2.83 8.05
C LEU B 20 9.13 2.30 6.71
N VAL B 21 10.34 1.75 6.71
CA VAL B 21 10.93 1.20 5.49
C VAL B 21 10.12 0.02 4.99
N LEU B 22 9.83 -0.93 5.87
CA LEU B 22 9.05 -2.11 5.50
C LEU B 22 7.64 -1.73 5.06
N MET B 23 7.10 -0.69 5.67
CA MET B 23 5.74 -0.23 5.35
C MET B 23 5.72 0.48 4.00
N ARG B 24 6.81 1.15 3.65
CA ARG B 24 6.91 1.85 2.38
C ARG B 24 7.39 0.91 1.29
N MET B 25 8.11 -0.13 1.70
CA MET B 25 8.64 -1.14 0.78
C MET B 25 7.49 -1.82 0.04
N MET B 26 6.42 -2.11 0.76
CA MET B 26 5.25 -2.73 0.16
C MET B 26 4.59 -1.76 -0.80
N GLY B 27 4.88 -0.47 -0.60
CA GLY B 27 4.34 0.57 -1.45
C GLY B 27 5.07 0.64 -2.78
N ILE B 28 6.34 0.20 -2.76
CA ILE B 28 7.15 0.19 -3.96
C ILE B 28 6.55 -0.77 -4.97
N LEU B 29 6.23 -1.97 -4.49
CA LEU B 29 5.63 -3.00 -5.32
C LEU B 29 4.19 -2.64 -5.65
N TRP B 30 3.57 -1.87 -4.75
CA TRP B 30 2.20 -1.42 -4.91
C TRP B 30 2.10 -0.52 -6.14
N HIS B 31 3.10 0.34 -6.30
CA HIS B 31 3.13 1.25 -7.44
C HIS B 31 3.74 0.56 -8.67
N ALA B 32 4.55 -0.46 -8.42
CA ALA B 32 5.21 -1.20 -9.50
C ALA B 32 4.19 -1.80 -10.46
N VAL B 33 3.02 -2.13 -9.94
CA VAL B 33 1.95 -2.71 -10.76
C VAL B 33 1.05 -1.60 -11.30
N ALA B 34 1.00 -0.48 -10.59
CA ALA B 34 0.18 0.65 -11.00
C ALA B 34 0.80 1.37 -12.19
N GLY B 35 2.12 1.44 -12.22
CA GLY B 35 2.82 2.09 -13.30
C GLY B 35 4.25 1.65 -13.41
N THR B 36 5.11 2.26 -12.61
CA THR B 36 6.53 1.93 -12.61
C THR B 36 7.19 2.50 -11.35
N ALA B 37 8.22 1.82 -10.87
CA ALA B 37 8.95 2.24 -9.69
C ALA B 37 10.22 1.41 -9.54
N ARG B 38 10.60 1.13 -8.29
CA ARG B 38 11.80 0.35 -7.99
C ARG B 38 13.07 1.02 -8.49
N ASN B 39 13.43 2.13 -7.87
CA ASN B 39 14.63 2.87 -8.23
C ASN B 39 15.87 2.09 -7.81
N PRO B 40 17.01 2.31 -8.49
CA PRO B 40 18.27 1.62 -8.17
C PRO B 40 18.65 1.72 -6.69
N VAL B 41 18.56 2.93 -6.15
CA VAL B 41 18.89 3.15 -4.75
C VAL B 41 17.79 2.62 -3.82
N LEU B 42 16.58 2.48 -4.35
CA LEU B 42 15.46 1.98 -3.58
C LEU B 42 15.65 0.49 -3.29
N LYS B 43 15.95 -0.27 -4.33
CA LYS B 43 16.17 -1.72 -4.17
C LYS B 43 17.46 -1.98 -3.41
N ALA B 44 18.34 -0.99 -3.36
CA ALA B 44 19.60 -1.11 -2.65
C ALA B 44 19.34 -1.23 -1.16
N PHE B 45 18.44 -0.40 -0.66
CA PHE B 45 18.08 -0.41 0.75
C PHE B 45 17.41 -1.73 1.12
N TRP B 46 16.71 -2.32 0.14
CA TRP B 46 16.04 -3.59 0.35
C TRP B 46 17.07 -4.69 0.62
N ASN B 47 18.17 -4.63 -0.11
CA ASN B 47 19.24 -5.62 0.04
C ASN B 47 20.06 -5.31 1.28
N SER B 48 19.95 -4.08 1.77
CA SER B 48 20.68 -3.65 2.94
C SER B 48 19.99 -4.10 4.22
N VAL B 49 18.66 -4.18 4.18
CA VAL B 49 17.88 -4.61 5.32
C VAL B 49 17.81 -6.14 5.38
N PRO B 50 18.03 -6.72 6.58
CA PRO B 50 17.99 -8.17 6.77
C PRO B 50 16.64 -8.76 6.37
N LEU B 51 16.69 -9.75 5.49
CA LEU B 51 15.49 -10.42 5.00
C LEU B 51 14.66 -10.99 6.15
N LYS B 52 15.35 -11.56 7.14
CA LYS B 52 14.71 -12.14 8.31
C LYS B 52 13.85 -11.10 9.02
N GLN B 53 14.36 -9.88 9.09
CA GLN B 53 13.66 -8.78 9.75
C GLN B 53 12.48 -8.32 8.89
N ALA B 54 12.69 -8.32 7.58
CA ALA B 54 11.67 -7.89 6.62
C ALA B 54 10.45 -8.82 6.67
N THR B 55 10.69 -10.12 6.64
CA THR B 55 9.61 -11.10 6.68
C THR B 55 8.79 -10.97 7.97
N ALA B 56 9.46 -10.66 9.07
CA ALA B 56 8.79 -10.51 10.36
C ALA B 56 7.99 -9.22 10.43
N ALA B 57 8.52 -8.17 9.80
CA ALA B 57 7.87 -6.86 9.81
C ALA B 57 6.61 -6.86 8.95
N LEU B 58 6.71 -7.38 7.72
CA LEU B 58 5.57 -7.43 6.82
C LEU B 58 4.43 -8.24 7.44
N ARG B 59 4.81 -9.30 8.14
CA ARG B 59 3.85 -10.18 8.81
C ARG B 59 3.02 -9.39 9.83
N LYS B 60 3.68 -8.45 10.52
CA LYS B 60 3.00 -7.63 11.52
C LYS B 60 2.09 -6.61 10.86
N ILE B 61 2.55 -6.04 9.74
CA ILE B 61 1.76 -5.05 9.02
C ILE B 61 0.53 -5.71 8.42
N LYS B 62 0.71 -6.91 7.89
CA LYS B 62 -0.36 -7.67 7.28
C LYS B 62 -1.45 -7.98 8.30
N ARG B 63 -1.03 -8.12 9.55
CA ARG B 63 -1.95 -8.43 10.66
C ARG B 63 -2.99 -7.31 10.84
N THR B 64 -2.52 -6.07 10.77
CA THR B 64 -3.39 -4.92 10.94
C THR B 64 -4.44 -4.83 9.82
N VAL B 65 -4.05 -5.23 8.62
CA VAL B 65 -4.95 -5.19 7.46
C VAL B 65 -6.09 -6.19 7.62
N SER B 66 -5.87 -7.25 8.38
CA SER B 66 -6.90 -8.26 8.61
C SER B 66 -8.06 -7.67 9.40
N ALA B 67 -7.75 -7.00 10.49
CA ALA B 67 -8.77 -6.38 11.32
C ALA B 67 -9.46 -5.25 10.58
N LEU B 68 -8.71 -4.60 9.70
CA LEU B 68 -9.22 -3.49 8.91
C LEU B 68 -10.38 -3.95 8.01
N MET B 69 -10.16 -5.05 7.30
CA MET B 69 -11.18 -5.60 6.40
C MET B 69 -12.45 -5.96 7.16
N VAL B 70 -12.29 -6.60 8.31
CA VAL B 70 -13.42 -7.00 9.15
C VAL B 70 -14.12 -5.77 9.75
N GLY B 71 -13.32 -4.82 10.19
CA GLY B 71 -13.84 -3.60 10.79
C GLY B 71 -14.74 -2.83 9.84
N LEU B 72 -14.34 -2.77 8.57
CA LEU B 72 -15.10 -2.06 7.56
C LEU B 72 -16.47 -2.72 7.36
N GLN B 73 -16.53 -4.03 7.52
CA GLN B 73 -17.77 -4.78 7.38
C GLN B 73 -18.71 -4.48 8.55
N LYS B 74 -18.13 -4.45 9.75
CA LYS B 74 -18.88 -4.18 10.96
C LYS B 74 -19.50 -2.78 10.93
N ARG B 75 -18.82 -1.85 10.28
CA ARG B 75 -19.31 -0.48 10.19
C ARG B 75 -20.03 -0.23 8.87
N GLY B 76 -20.13 -1.27 8.05
CA GLY B 76 -20.79 -1.13 6.76
C GLY B 76 -22.30 -1.21 6.87
N LYS B 77 -22.78 -2.13 7.69
CA LYS B 77 -24.21 -2.31 7.90
C LYS B 77 -24.52 -2.42 9.38
N ARG B 78 -25.63 -1.83 9.79
CA ARG B 78 -26.05 -1.86 11.19
C ARG B 78 -27.44 -2.47 11.31
N ARG B 79 -27.52 -3.78 11.13
CA ARG B 79 -28.79 -4.50 11.21
C ARG B 79 -28.55 -5.97 11.52
N VAL A 1 2.88 -0.46 -20.45
CA VAL A 1 3.85 -1.38 -19.87
C VAL A 1 3.77 -1.35 -18.34
N SER A 2 4.02 -0.19 -17.75
CA SER A 2 3.98 -0.04 -16.31
C SER A 2 3.65 1.40 -15.90
N LYS A 3 4.38 2.35 -16.47
CA LYS A 3 4.18 3.78 -16.15
C LYS A 3 2.77 4.24 -16.48
N GLU A 4 2.18 3.68 -17.52
CA GLU A 4 0.83 4.05 -17.93
C GLU A 4 -0.20 3.66 -16.87
N THR A 5 0.07 2.59 -16.13
CA THR A 5 -0.83 2.15 -15.08
C THR A 5 -0.78 3.13 -13.92
N ALA A 6 0.43 3.60 -13.63
CA ALA A 6 0.64 4.55 -12.55
C ALA A 6 -0.07 5.86 -12.87
N THR A 7 -0.16 6.18 -14.16
CA THR A 7 -0.83 7.39 -14.60
C THR A 7 -2.36 7.19 -14.65
N LYS A 8 -2.79 5.94 -14.55
CA LYS A 8 -4.21 5.61 -14.56
C LYS A 8 -4.75 5.53 -13.15
N THR A 9 -4.00 4.87 -12.28
CA THR A 9 -4.39 4.72 -10.89
C THR A 9 -4.11 6.01 -10.12
N ARG A 10 -4.96 6.32 -9.14
CA ARG A 10 -4.81 7.54 -8.33
C ARG A 10 -5.03 8.78 -9.21
N GLN A 11 -5.86 8.61 -10.22
CA GLN A 11 -6.16 9.69 -11.14
C GLN A 11 -7.68 9.85 -11.27
N PRO A 12 -8.16 11.09 -11.51
CA PRO A 12 -9.59 11.35 -11.70
C PRO A 12 -10.17 10.46 -12.79
N ARG A 13 -11.44 10.07 -12.63
CA ARG A 13 -12.10 9.20 -13.58
C ARG A 13 -11.54 7.79 -13.48
N VAL A 14 -11.58 7.26 -12.25
CA VAL A 14 -11.06 5.92 -11.97
C VAL A 14 -12.11 4.85 -12.33
N GLN A 15 -13.05 5.26 -13.17
CA GLN A 15 -14.13 4.40 -13.64
C GLN A 15 -13.55 3.20 -14.39
N MET A 16 -13.51 2.05 -13.71
CA MET A 16 -12.99 0.82 -14.27
C MET A 16 -13.80 -0.34 -13.71
N PRO A 17 -13.61 -1.57 -14.22
CA PRO A 17 -14.32 -2.75 -13.70
C PRO A 17 -14.17 -2.88 -12.19
N ASN A 18 -15.24 -3.31 -11.53
CA ASN A 18 -15.25 -3.47 -10.06
C ASN A 18 -14.04 -4.23 -9.54
N GLY A 19 -13.63 -5.26 -10.26
CA GLY A 19 -12.48 -6.06 -9.84
C GLY A 19 -11.22 -5.22 -9.68
N LEU A 20 -11.06 -4.23 -10.54
CA LEU A 20 -9.90 -3.35 -10.50
C LEU A 20 -10.10 -2.24 -9.48
N VAL A 21 -11.36 -1.82 -9.32
CA VAL A 21 -11.70 -0.78 -8.36
C VAL A 21 -11.40 -1.25 -6.95
N LEU A 22 -11.75 -2.50 -6.66
CA LEU A 22 -11.51 -3.11 -5.35
C LEU A 22 -10.01 -3.10 -5.03
N MET A 23 -9.20 -3.42 -6.04
CA MET A 23 -7.75 -3.45 -5.88
C MET A 23 -7.21 -2.05 -5.60
N ARG A 24 -7.67 -1.09 -6.40
CA ARG A 24 -7.22 0.29 -6.24
C ARG A 24 -7.66 0.87 -4.90
N MET A 25 -8.87 0.54 -4.47
CA MET A 25 -9.40 1.04 -3.21
C MET A 25 -8.51 0.57 -2.06
N MET A 26 -8.07 -0.68 -2.15
CA MET A 26 -7.21 -1.28 -1.15
C MET A 26 -5.89 -0.54 -1.08
N GLY A 27 -5.36 -0.18 -2.26
CA GLY A 27 -4.10 0.52 -2.33
C GLY A 27 -4.17 1.93 -1.79
N ILE A 28 -5.34 2.57 -1.92
CA ILE A 28 -5.53 3.93 -1.44
C ILE A 28 -5.36 4.01 0.08
N LEU A 29 -5.80 2.97 0.77
CA LEU A 29 -5.70 2.91 2.23
C LEU A 29 -4.26 3.04 2.71
N TRP A 30 -3.37 2.27 2.12
CA TRP A 30 -1.97 2.29 2.50
C TRP A 30 -1.25 3.52 1.94
N HIS A 31 -1.66 3.94 0.74
CA HIS A 31 -1.07 5.10 0.08
C HIS A 31 -1.32 6.37 0.88
N ALA A 32 -2.43 6.40 1.60
CA ALA A 32 -2.78 7.56 2.42
C ALA A 32 -1.93 7.61 3.67
N VAL A 33 -1.37 6.48 4.05
CA VAL A 33 -0.51 6.39 5.23
C VAL A 33 0.90 6.84 4.89
N ALA A 34 1.41 6.34 3.78
CA ALA A 34 2.76 6.68 3.34
C ALA A 34 2.72 7.75 2.25
N GLY A 35 1.93 8.78 2.51
CA GLY A 35 1.80 9.87 1.57
C GLY A 35 0.45 10.56 1.69
N THR A 36 -0.34 10.46 0.63
CA THR A 36 -1.67 11.07 0.61
C THR A 36 -2.48 10.53 -0.56
N ALA A 37 -3.76 10.25 -0.30
CA ALA A 37 -4.66 9.72 -1.32
C ALA A 37 -6.12 9.95 -0.91
N ARG A 38 -6.66 11.10 -1.30
CA ARG A 38 -8.03 11.44 -0.96
C ARG A 38 -8.72 12.21 -2.08
N ASN A 39 -8.56 11.72 -3.31
CA ASN A 39 -9.17 12.36 -4.47
C ASN A 39 -10.69 12.29 -4.35
N PRO A 40 -11.38 13.43 -4.58
CA PRO A 40 -12.85 13.50 -4.48
C PRO A 40 -13.56 12.44 -5.32
N VAL A 41 -13.10 12.27 -6.57
CA VAL A 41 -13.70 11.30 -7.48
C VAL A 41 -13.32 9.87 -7.12
N LEU A 42 -12.39 9.71 -6.19
CA LEU A 42 -11.96 8.39 -5.75
C LEU A 42 -12.68 7.99 -4.47
N LYS A 43 -12.92 8.97 -3.62
CA LYS A 43 -13.61 8.76 -2.36
C LYS A 43 -15.08 8.38 -2.61
N ALA A 44 -15.61 8.83 -3.73
CA ALA A 44 -16.99 8.54 -4.10
C ALA A 44 -17.21 7.04 -4.25
N PHE A 45 -16.22 6.36 -4.81
CA PHE A 45 -16.30 4.92 -5.01
C PHE A 45 -16.24 4.16 -3.68
N TRP A 46 -15.58 4.75 -2.70
CA TRP A 46 -15.44 4.13 -1.38
C TRP A 46 -16.79 3.88 -0.74
N ASN A 47 -17.74 4.77 -1.00
CA ASN A 47 -19.08 4.64 -0.45
C ASN A 47 -19.91 3.64 -1.24
N SER A 48 -19.69 3.63 -2.55
CA SER A 48 -20.42 2.74 -3.45
C SER A 48 -19.98 1.29 -3.31
N VAL A 49 -18.71 1.08 -3.01
CA VAL A 49 -18.17 -0.26 -2.85
C VAL A 49 -18.60 -0.89 -1.53
N PRO A 50 -19.25 -2.08 -1.59
CA PRO A 50 -19.71 -2.80 -0.40
C PRO A 50 -18.53 -3.23 0.46
N LEU A 51 -18.53 -2.81 1.73
CA LEU A 51 -17.45 -3.12 2.67
C LEU A 51 -17.18 -4.61 2.78
N LYS A 52 -18.24 -5.42 2.82
CA LYS A 52 -18.09 -6.87 2.94
C LYS A 52 -17.35 -7.47 1.75
N GLN A 53 -17.68 -6.99 0.56
CA GLN A 53 -17.05 -7.47 -0.66
C GLN A 53 -15.63 -6.91 -0.81
N ALA A 54 -15.47 -5.66 -0.40
CA ALA A 54 -14.18 -4.97 -0.50
C ALA A 54 -13.08 -5.72 0.25
N THR A 55 -13.28 -5.92 1.55
CA THR A 55 -12.29 -6.61 2.36
C THR A 55 -12.08 -8.05 1.91
N ALA A 56 -13.14 -8.68 1.43
CA ALA A 56 -13.05 -10.06 0.96
C ALA A 56 -12.20 -10.17 -0.30
N ALA A 57 -12.22 -9.11 -1.11
CA ALA A 57 -11.45 -9.09 -2.34
C ALA A 57 -9.97 -8.83 -2.07
N LEU A 58 -9.70 -7.87 -1.20
CA LEU A 58 -8.31 -7.52 -0.86
C LEU A 58 -7.61 -8.62 -0.07
N ARG A 59 -8.38 -9.40 0.69
CA ARG A 59 -7.83 -10.49 1.49
C ARG A 59 -7.17 -11.52 0.57
N LYS A 60 -7.82 -11.79 -0.56
CA LYS A 60 -7.32 -12.76 -1.52
C LYS A 60 -6.03 -12.25 -2.17
N ILE A 61 -6.00 -10.94 -2.44
CA ILE A 61 -4.84 -10.31 -3.06
C ILE A 61 -3.63 -10.44 -2.13
N LYS A 62 -3.88 -10.22 -0.84
CA LYS A 62 -2.81 -10.30 0.16
C LYS A 62 -2.22 -11.70 0.21
N ARG A 63 -3.07 -12.71 0.15
CA ARG A 63 -2.61 -14.09 0.19
C ARG A 63 -1.75 -14.39 -1.03
N THR A 64 -2.21 -13.93 -2.18
CA THR A 64 -1.49 -14.12 -3.44
C THR A 64 -0.11 -13.48 -3.42
N VAL A 65 -0.04 -12.25 -2.93
CA VAL A 65 1.24 -11.54 -2.87
C VAL A 65 2.15 -12.13 -1.78
N SER A 66 1.55 -12.62 -0.69
CA SER A 66 2.32 -13.21 0.39
C SER A 66 2.99 -14.51 -0.05
N ALA A 67 2.30 -15.27 -0.89
CA ALA A 67 2.82 -16.53 -1.40
C ALA A 67 4.06 -16.27 -2.25
N LEU A 68 4.00 -15.19 -3.05
CA LEU A 68 5.10 -14.83 -3.92
C LEU A 68 6.25 -14.20 -3.14
N MET A 69 5.91 -13.48 -2.07
CA MET A 69 6.90 -12.81 -1.24
C MET A 69 7.99 -13.77 -0.75
N VAL A 70 7.57 -14.93 -0.25
CA VAL A 70 8.53 -15.92 0.23
C VAL A 70 8.94 -16.85 -0.90
N GLY A 71 8.02 -17.11 -1.82
CA GLY A 71 8.30 -18.00 -2.94
C GLY A 71 9.40 -17.47 -3.84
N LEU A 72 9.32 -16.19 -4.17
CA LEU A 72 10.31 -15.56 -5.04
C LEU A 72 11.68 -15.53 -4.37
N GLN A 73 11.69 -15.61 -3.04
CA GLN A 73 12.93 -15.60 -2.29
C GLN A 73 13.62 -16.96 -2.33
N LYS A 74 12.83 -18.02 -2.48
CA LYS A 74 13.38 -19.37 -2.55
C LYS A 74 14.17 -19.55 -3.85
N ARG A 75 13.74 -18.83 -4.87
CA ARG A 75 14.40 -18.90 -6.18
C ARG A 75 15.07 -17.58 -6.51
N GLY A 76 15.34 -16.77 -5.49
CA GLY A 76 15.99 -15.49 -5.69
C GLY A 76 17.38 -15.65 -6.27
N LYS A 77 18.08 -16.69 -5.84
CA LYS A 77 19.42 -16.96 -6.33
C LYS A 77 19.65 -18.46 -6.42
N ARG A 78 20.37 -18.88 -7.45
CA ARG A 78 20.68 -20.28 -7.65
C ARG A 78 22.11 -20.44 -8.10
N ARG A 79 22.78 -21.49 -7.63
CA ARG A 79 24.18 -21.75 -7.97
C ARG A 79 25.09 -20.61 -7.53
N VAL B 1 -1.16 17.91 11.74
CA VAL B 1 -1.67 16.77 12.50
C VAL B 1 -1.23 15.46 11.86
N SER B 2 -1.40 15.37 10.55
CA SER B 2 -1.03 14.19 9.81
C SER B 2 -0.17 14.57 8.59
N LYS B 3 0.52 15.68 8.69
CA LYS B 3 1.36 16.15 7.59
C LYS B 3 2.83 15.97 7.89
N GLU B 4 3.16 15.81 9.16
CA GLU B 4 4.55 15.64 9.58
C GLU B 4 5.11 14.34 9.01
N THR B 5 4.42 13.24 9.28
CA THR B 5 4.83 11.93 8.80
C THR B 5 4.77 11.87 7.28
N ALA B 6 3.79 12.56 6.70
CA ALA B 6 3.64 12.60 5.26
C ALA B 6 4.86 13.24 4.60
N THR B 7 5.45 14.20 5.29
CA THR B 7 6.64 14.88 4.78
C THR B 7 7.87 14.00 4.97
N LYS B 8 7.84 13.14 5.98
CA LYS B 8 8.93 12.24 6.27
C LYS B 8 8.96 11.08 5.28
N THR B 9 7.79 10.64 4.85
CA THR B 9 7.69 9.55 3.89
C THR B 9 8.17 9.99 2.51
N ARG B 10 8.97 9.14 1.86
CA ARG B 10 9.51 9.41 0.54
C ARG B 10 10.43 10.63 0.56
N GLN B 11 11.13 10.80 1.66
CA GLN B 11 12.04 11.92 1.83
C GLN B 11 13.42 11.39 2.20
N PRO B 12 14.50 12.05 1.73
CA PRO B 12 15.87 11.64 2.05
C PRO B 12 16.07 11.54 3.56
N ARG B 13 17.08 10.78 3.98
CA ARG B 13 17.36 10.58 5.40
C ARG B 13 16.17 9.86 6.05
N VAL B 14 15.75 8.76 5.42
CA VAL B 14 14.63 7.97 5.89
C VAL B 14 15.05 7.03 7.02
N GLN B 15 16.20 7.32 7.62
CA GLN B 15 16.75 6.54 8.72
C GLN B 15 15.77 6.51 9.88
N MET B 16 15.29 5.31 10.19
CA MET B 16 14.33 5.11 11.27
C MET B 16 14.58 3.75 11.92
N PRO B 17 13.91 3.44 13.04
CA PRO B 17 14.05 2.16 13.73
C PRO B 17 13.76 0.97 12.81
N ASN B 18 14.28 -0.19 13.19
CA ASN B 18 14.12 -1.42 12.40
C ASN B 18 12.69 -1.66 11.95
N GLY B 19 11.75 -1.65 12.89
CA GLY B 19 10.36 -1.89 12.58
C GLY B 19 9.74 -0.81 11.71
N LEU B 20 10.12 0.44 11.97
CA LEU B 20 9.59 1.57 11.22
C LEU B 20 10.03 1.51 9.75
N VAL B 21 11.29 1.13 9.53
CA VAL B 21 11.83 1.03 8.18
C VAL B 21 11.03 0.01 7.37
N LEU B 22 10.64 -1.08 8.02
CA LEU B 22 9.88 -2.14 7.37
C LEU B 22 8.51 -1.63 6.91
N MET B 23 7.98 -0.64 7.64
CA MET B 23 6.68 -0.07 7.30
C MET B 23 6.84 0.95 6.18
N ARG B 24 7.90 1.75 6.26
CA ARG B 24 8.18 2.78 5.26
C ARG B 24 8.57 2.17 3.93
N MET B 25 9.35 1.09 3.97
CA MET B 25 9.81 0.40 2.77
C MET B 25 8.60 0.00 1.91
N MET B 26 7.58 -0.51 2.57
CA MET B 26 6.36 -0.95 1.90
C MET B 26 5.63 0.25 1.29
N GLY B 27 5.80 1.41 1.90
CA GLY B 27 5.16 2.61 1.42
C GLY B 27 5.88 3.18 0.21
N ILE B 28 7.19 3.00 0.17
CA ILE B 28 8.00 3.49 -0.94
C ILE B 28 7.77 2.62 -2.16
N LEU B 29 7.71 1.31 -1.93
CA LEU B 29 7.50 0.35 -3.00
C LEU B 29 6.10 0.52 -3.61
N TRP B 30 5.15 0.87 -2.77
CA TRP B 30 3.77 1.06 -3.20
C TRP B 30 3.56 2.41 -3.89
N HIS B 31 4.27 3.44 -3.40
CA HIS B 31 4.15 4.77 -3.97
C HIS B 31 4.53 4.77 -5.45
N ALA B 32 5.55 3.99 -5.79
CA ALA B 32 6.03 3.89 -7.16
C ALA B 32 5.02 3.17 -8.06
N VAL B 33 4.13 2.40 -7.46
CA VAL B 33 3.14 1.66 -8.23
C VAL B 33 2.08 2.60 -8.82
N ALA B 34 1.72 3.63 -8.07
CA ALA B 34 0.71 4.59 -8.53
C ALA B 34 1.34 5.95 -8.82
N GLY B 35 2.65 5.96 -8.98
CA GLY B 35 3.36 7.19 -9.26
C GLY B 35 4.82 6.94 -9.53
N THR B 36 5.67 7.44 -8.65
CA THR B 36 7.11 7.28 -8.79
C THR B 36 7.80 7.45 -7.44
N ALA B 37 8.76 6.58 -7.17
CA ALA B 37 9.49 6.62 -5.92
C ALA B 37 10.83 5.91 -6.07
N ARG B 38 11.89 6.70 -6.25
CA ARG B 38 13.22 6.14 -6.42
C ARG B 38 14.31 7.13 -5.97
N ASN B 39 14.68 7.05 -4.69
CA ASN B 39 15.71 7.90 -4.12
C ASN B 39 16.92 7.04 -3.76
N PRO B 40 18.13 7.48 -4.14
CA PRO B 40 19.38 6.74 -3.88
C PRO B 40 19.56 6.40 -2.40
N VAL B 41 19.14 7.31 -1.53
CA VAL B 41 19.26 7.11 -0.09
C VAL B 41 18.30 6.02 0.37
N LEU B 42 17.08 6.05 -0.16
CA LEU B 42 16.05 5.07 0.21
C LEU B 42 16.35 3.70 -0.40
N LYS B 43 17.02 3.72 -1.56
CA LYS B 43 17.39 2.50 -2.25
C LYS B 43 18.42 1.72 -1.44
N ALA B 44 19.27 2.45 -0.73
CA ALA B 44 20.30 1.84 0.11
C ALA B 44 19.67 0.98 1.19
N PHE B 45 18.54 1.43 1.71
CA PHE B 45 17.82 0.70 2.75
C PHE B 45 17.25 -0.59 2.20
N TRP B 46 16.67 -0.51 1.00
CA TRP B 46 16.08 -1.66 0.33
C TRP B 46 17.11 -2.75 0.06
N ASN B 47 18.31 -2.33 -0.35
CA ASN B 47 19.38 -3.26 -0.65
C ASN B 47 20.01 -3.85 0.61
N SER B 48 19.88 -3.15 1.73
CA SER B 48 20.46 -3.62 2.98
C SER B 48 19.40 -3.97 4.02
N VAL B 49 18.23 -4.41 3.55
CA VAL B 49 17.16 -4.78 4.46
C VAL B 49 16.73 -6.23 4.20
N PRO B 50 16.70 -7.07 5.24
CA PRO B 50 16.30 -8.48 5.11
C PRO B 50 14.83 -8.60 4.72
N LEU B 51 14.59 -8.85 3.44
CA LEU B 51 13.24 -8.98 2.91
C LEU B 51 12.47 -10.09 3.61
N LYS B 52 13.19 -11.12 4.06
CA LYS B 52 12.57 -12.23 4.76
C LYS B 52 11.88 -11.76 6.03
N GLN B 53 12.51 -10.82 6.72
CA GLN B 53 11.94 -10.27 7.95
C GLN B 53 10.88 -9.24 7.60
N ALA B 54 11.07 -8.59 6.46
CA ALA B 54 10.13 -7.59 5.99
C ALA B 54 8.78 -8.23 5.67
N THR B 55 8.83 -9.43 5.11
CA THR B 55 7.62 -10.17 4.74
C THR B 55 6.73 -10.36 5.96
N ALA B 56 7.33 -10.69 7.09
CA ALA B 56 6.59 -10.90 8.33
C ALA B 56 5.92 -9.60 8.78
N ALA B 57 6.64 -8.51 8.65
CA ALA B 57 6.13 -7.20 9.05
C ALA B 57 4.94 -6.77 8.19
N LEU B 58 5.11 -6.82 6.87
CA LEU B 58 4.04 -6.44 5.95
C LEU B 58 2.86 -7.40 6.00
N ARG B 59 3.06 -8.55 6.62
CA ARG B 59 2.01 -9.55 6.76
C ARG B 59 1.14 -9.24 7.97
N LYS B 60 1.79 -8.99 9.11
CA LYS B 60 1.08 -8.70 10.36
C LYS B 60 0.36 -7.35 10.30
N ILE B 61 1.04 -6.34 9.78
CA ILE B 61 0.46 -5.00 9.67
C ILE B 61 -0.82 -5.01 8.83
N LYS B 62 -0.77 -5.67 7.69
CA LYS B 62 -1.91 -5.74 6.80
C LYS B 62 -3.09 -6.44 7.47
N ARG B 63 -2.81 -7.53 8.18
CA ARG B 63 -3.86 -8.27 8.87
C ARG B 63 -4.47 -7.42 9.97
N THR B 64 -3.66 -6.58 10.59
CA THR B 64 -4.12 -5.71 11.65
C THR B 64 -5.03 -4.61 11.11
N VAL B 65 -4.61 -3.97 10.02
CA VAL B 65 -5.39 -2.89 9.41
C VAL B 65 -6.68 -3.44 8.81
N SER B 66 -6.63 -4.65 8.27
CA SER B 66 -7.81 -5.28 7.68
C SER B 66 -8.89 -5.52 8.73
N ALA B 67 -8.44 -5.93 9.92
CA ALA B 67 -9.36 -6.20 11.02
C ALA B 67 -9.97 -4.91 11.56
N LEU B 68 -9.12 -3.93 11.83
CA LEU B 68 -9.56 -2.65 12.37
C LEU B 68 -10.47 -1.92 11.38
N MET B 69 -10.21 -2.09 10.09
CA MET B 69 -11.01 -1.44 9.05
C MET B 69 -12.46 -1.92 9.10
N VAL B 70 -12.65 -3.23 9.03
CA VAL B 70 -13.99 -3.80 9.08
C VAL B 70 -14.64 -3.54 10.44
N GLY B 71 -13.82 -3.57 11.48
CA GLY B 71 -14.33 -3.32 12.81
C GLY B 71 -14.86 -1.90 12.95
N LEU B 72 -14.21 -0.97 12.27
CA LEU B 72 -14.61 0.43 12.28
C LEU B 72 -15.92 0.62 11.52
N GLN B 73 -16.05 -0.12 10.42
CA GLN B 73 -17.23 -0.04 9.56
C GLN B 73 -18.48 -0.59 10.25
N LYS B 74 -18.28 -1.37 11.31
CA LYS B 74 -19.40 -1.96 12.05
C LYS B 74 -19.97 -0.97 13.07
N ARG B 75 -19.37 0.22 13.13
CA ARG B 75 -19.83 1.24 14.06
C ARG B 75 -19.60 2.63 13.48
N GLY B 76 -19.56 2.72 12.16
CA GLY B 76 -19.34 4.00 11.50
C GLY B 76 -20.59 4.84 11.45
N LYS B 77 -21.74 4.19 11.34
CA LYS B 77 -23.01 4.88 11.29
C LYS B 77 -24.02 4.24 12.22
N ARG B 78 -24.64 5.05 13.07
CA ARG B 78 -25.61 4.56 14.03
C ARG B 78 -26.98 5.16 13.76
N ARG B 79 -28.00 4.30 13.66
CA ARG B 79 -29.38 4.74 13.42
C ARG B 79 -29.50 5.53 12.11
N VAL A 1 1.31 8.91 -12.66
CA VAL A 1 1.19 9.26 -14.08
C VAL A 1 2.46 8.87 -14.84
N SER A 2 2.60 7.57 -15.09
CA SER A 2 3.77 7.06 -15.80
C SER A 2 3.36 5.92 -16.73
N LYS A 3 2.25 6.12 -17.44
CA LYS A 3 1.72 5.11 -18.37
C LYS A 3 1.45 3.79 -17.66
N GLU A 4 1.31 2.73 -18.46
CA GLU A 4 1.05 1.38 -17.96
C GLU A 4 -0.12 1.33 -16.98
N THR A 5 0.18 1.17 -15.71
CA THR A 5 -0.84 1.10 -14.68
C THR A 5 -0.72 2.26 -13.71
N ALA A 6 0.34 3.04 -13.85
CA ALA A 6 0.60 4.18 -12.98
C ALA A 6 -0.25 5.39 -13.37
N THR A 7 -0.97 5.27 -14.46
CA THR A 7 -1.83 6.35 -14.92
C THR A 7 -3.22 6.27 -14.31
N LYS A 8 -3.74 5.05 -14.20
CA LYS A 8 -5.08 4.84 -13.65
C LYS A 8 -5.15 5.12 -12.15
N THR A 9 -4.02 4.98 -11.47
CA THR A 9 -3.96 5.24 -10.04
C THR A 9 -4.18 6.73 -9.76
N ARG A 10 -5.22 7.02 -8.98
CA ARG A 10 -5.59 8.39 -8.61
C ARG A 10 -6.17 9.14 -9.81
N GLN A 11 -6.72 8.38 -10.75
CA GLN A 11 -7.32 8.96 -11.95
C GLN A 11 -8.84 8.86 -11.89
N PRO A 12 -9.55 9.94 -12.28
CA PRO A 12 -11.01 9.96 -12.31
C PRO A 12 -11.56 8.85 -13.22
N ARG A 13 -12.77 8.39 -12.92
CA ARG A 13 -13.41 7.31 -13.67
C ARG A 13 -12.59 6.03 -13.56
N VAL A 14 -12.30 5.64 -12.33
CA VAL A 14 -11.51 4.43 -12.07
C VAL A 14 -12.43 3.21 -11.98
N GLN A 15 -13.57 3.29 -12.63
CA GLN A 15 -14.55 2.20 -12.65
C GLN A 15 -13.96 0.97 -13.32
N MET A 16 -13.51 0.03 -12.50
CA MET A 16 -12.91 -1.20 -12.97
C MET A 16 -13.35 -2.33 -12.03
N PRO A 17 -12.92 -3.59 -12.28
CA PRO A 17 -13.28 -4.72 -11.41
C PRO A 17 -12.95 -4.41 -9.95
N ASN A 18 -13.83 -4.83 -9.04
CA ASN A 18 -13.64 -4.58 -7.61
C ASN A 18 -12.28 -5.04 -7.10
N GLY A 19 -11.82 -6.18 -7.61
CA GLY A 19 -10.52 -6.70 -7.21
C GLY A 19 -9.40 -5.71 -7.47
N LEU A 20 -9.53 -4.97 -8.56
CA LEU A 20 -8.53 -3.96 -8.93
C LEU A 20 -8.77 -2.67 -8.16
N VAL A 21 -10.04 -2.34 -7.96
CA VAL A 21 -10.42 -1.13 -7.23
C VAL A 21 -9.89 -1.17 -5.81
N LEU A 22 -10.13 -2.27 -5.10
CA LEU A 22 -9.68 -2.43 -3.72
C LEU A 22 -8.16 -2.33 -3.65
N MET A 23 -7.49 -2.88 -4.66
CA MET A 23 -6.03 -2.87 -4.73
C MET A 23 -5.51 -1.44 -4.88
N ARG A 24 -6.17 -0.66 -5.73
CA ARG A 24 -5.77 0.72 -5.95
C ARG A 24 -6.19 1.62 -4.80
N MET A 25 -7.36 1.34 -4.24
CA MET A 25 -7.89 2.13 -3.13
C MET A 25 -6.96 2.07 -1.93
N MET A 26 -6.33 0.92 -1.73
CA MET A 26 -5.41 0.74 -0.62
C MET A 26 -4.19 1.63 -0.80
N GLY A 27 -3.75 1.76 -2.06
CA GLY A 27 -2.60 2.60 -2.36
C GLY A 27 -2.91 4.07 -2.21
N ILE A 28 -4.17 4.43 -2.47
CA ILE A 28 -4.60 5.82 -2.34
C ILE A 28 -4.48 6.28 -0.89
N LEU A 29 -4.76 5.37 0.03
CA LEU A 29 -4.66 5.67 1.45
C LEU A 29 -3.21 5.89 1.84
N TRP A 30 -2.32 5.09 1.25
CA TRP A 30 -0.90 5.19 1.52
C TRP A 30 -0.34 6.44 0.87
N HIS A 31 -0.91 6.81 -0.27
CA HIS A 31 -0.48 7.99 -1.01
C HIS A 31 -0.69 9.25 -0.19
N ALA A 32 -1.74 9.24 0.63
CA ALA A 32 -2.05 10.38 1.49
C ALA A 32 -1.03 10.52 2.63
N VAL A 33 -0.27 9.46 2.85
CA VAL A 33 0.74 9.45 3.90
C VAL A 33 2.13 9.67 3.28
N ALA A 34 2.14 10.05 2.01
CA ALA A 34 3.36 10.33 1.28
C ALA A 34 3.28 11.70 0.65
N GLY A 35 2.12 11.99 0.09
CA GLY A 35 1.86 13.27 -0.54
C GLY A 35 0.44 13.70 -0.28
N THR A 36 -0.45 13.38 -1.21
CA THR A 36 -1.86 13.72 -1.08
C THR A 36 -2.71 12.94 -2.07
N ALA A 37 -3.91 12.59 -1.66
CA ALA A 37 -4.84 11.85 -2.50
C ALA A 37 -6.25 11.96 -1.92
N ARG A 38 -7.08 12.77 -2.56
CA ARG A 38 -8.45 12.97 -2.10
C ARG A 38 -9.39 13.29 -3.26
N ASN A 39 -9.22 12.57 -4.37
CA ASN A 39 -10.06 12.76 -5.54
C ASN A 39 -11.52 12.42 -5.24
N PRO A 40 -12.45 13.33 -5.58
CA PRO A 40 -13.88 13.14 -5.33
C PRO A 40 -14.43 11.83 -5.90
N VAL A 41 -14.04 11.49 -7.11
CA VAL A 41 -14.51 10.25 -7.74
C VAL A 41 -14.01 9.03 -6.98
N LEU A 42 -12.76 9.09 -6.55
CA LEU A 42 -12.14 7.99 -5.81
C LEU A 42 -12.78 7.82 -4.45
N LYS A 43 -13.25 8.93 -3.87
CA LYS A 43 -13.89 8.90 -2.56
C LYS A 43 -15.17 8.08 -2.60
N ALA A 44 -15.86 8.11 -3.74
CA ALA A 44 -17.09 7.36 -3.89
C ALA A 44 -16.84 5.86 -3.76
N PHE A 45 -15.74 5.40 -4.34
CA PHE A 45 -15.37 3.99 -4.29
C PHE A 45 -14.96 3.59 -2.87
N TRP A 46 -14.29 4.50 -2.18
CA TRP A 46 -13.83 4.27 -0.82
C TRP A 46 -14.99 4.30 0.18
N ASN A 47 -15.92 5.23 -0.04
CA ASN A 47 -17.08 5.38 0.84
C ASN A 47 -17.99 4.17 0.77
N SER A 48 -18.30 3.74 -0.44
CA SER A 48 -19.16 2.59 -0.64
C SER A 48 -18.35 1.30 -0.85
N VAL A 49 -17.17 1.27 -0.24
CA VAL A 49 -16.29 0.11 -0.35
C VAL A 49 -16.84 -1.06 0.47
N PRO A 50 -16.74 -2.29 -0.07
CA PRO A 50 -17.22 -3.51 0.61
C PRO A 50 -16.51 -3.75 1.94
N LEU A 51 -17.11 -4.59 2.77
CA LEU A 51 -16.54 -4.90 4.08
C LEU A 51 -15.70 -6.19 4.02
N LYS A 52 -16.36 -7.32 4.17
CA LYS A 52 -15.69 -8.62 4.14
C LYS A 52 -15.22 -8.95 2.74
N GLN A 53 -16.02 -8.54 1.75
CA GLN A 53 -15.70 -8.78 0.35
C GLN A 53 -14.45 -8.01 -0.09
N ALA A 54 -14.08 -7.02 0.71
CA ALA A 54 -12.91 -6.22 0.39
C ALA A 54 -11.65 -6.79 1.04
N THR A 55 -11.70 -6.97 2.35
CA THR A 55 -10.56 -7.49 3.10
C THR A 55 -10.14 -8.88 2.60
N ALA A 56 -11.09 -9.65 2.09
CA ALA A 56 -10.81 -10.98 1.58
C ALA A 56 -9.92 -10.91 0.35
N ALA A 57 -10.26 -10.01 -0.58
CA ALA A 57 -9.49 -9.85 -1.80
C ALA A 57 -8.12 -9.25 -1.51
N LEU A 58 -8.08 -8.37 -0.51
CA LEU A 58 -6.83 -7.72 -0.12
C LEU A 58 -5.82 -8.74 0.37
N ARG A 59 -6.30 -9.78 1.03
CA ARG A 59 -5.44 -10.83 1.56
C ARG A 59 -4.90 -11.72 0.44
N LYS A 60 -5.56 -11.69 -0.70
CA LYS A 60 -5.13 -12.47 -1.85
C LYS A 60 -3.92 -11.81 -2.50
N ILE A 61 -4.04 -10.50 -2.75
CA ILE A 61 -2.97 -9.74 -3.36
C ILE A 61 -1.77 -9.65 -2.41
N LYS A 62 -2.06 -9.63 -1.12
CA LYS A 62 -1.01 -9.56 -0.10
C LYS A 62 -0.15 -10.81 -0.18
N ARG A 63 -0.77 -11.94 -0.53
CA ARG A 63 -0.06 -13.20 -0.66
C ARG A 63 0.82 -13.20 -1.89
N THR A 64 0.37 -12.50 -2.94
CA THR A 64 1.10 -12.41 -4.18
C THR A 64 2.45 -11.72 -3.93
N VAL A 65 2.44 -10.70 -3.06
CA VAL A 65 3.64 -9.97 -2.73
C VAL A 65 4.62 -10.88 -1.98
N SER A 66 4.09 -11.60 -1.00
CA SER A 66 4.88 -12.51 -0.19
C SER A 66 5.49 -13.61 -1.07
N ALA A 67 4.68 -14.18 -1.96
CA ALA A 67 5.13 -15.24 -2.84
C ALA A 67 6.22 -14.76 -3.79
N LEU A 68 6.10 -13.51 -4.23
CA LEU A 68 7.08 -12.93 -5.13
C LEU A 68 8.46 -12.85 -4.50
N MET A 69 8.51 -12.39 -3.25
CA MET A 69 9.78 -12.28 -2.52
C MET A 69 10.45 -13.63 -2.36
N VAL A 70 9.64 -14.68 -2.13
CA VAL A 70 10.16 -16.03 -1.97
C VAL A 70 10.97 -16.44 -3.20
N GLY A 71 10.32 -16.37 -4.36
CA GLY A 71 10.96 -16.74 -5.60
C GLY A 71 12.13 -15.84 -5.95
N LEU A 72 12.00 -14.56 -5.66
CA LEU A 72 13.04 -13.58 -5.96
C LEU A 72 14.35 -13.90 -5.25
N GLN A 73 14.26 -14.37 -4.01
CA GLN A 73 15.46 -14.70 -3.25
C GLN A 73 15.90 -16.15 -3.44
N LYS A 74 14.95 -17.06 -3.58
CA LYS A 74 15.26 -18.48 -3.76
C LYS A 74 15.89 -18.73 -5.12
N ARG A 75 15.31 -18.13 -6.15
CA ARG A 75 15.81 -18.31 -7.51
C ARG A 75 16.67 -17.13 -7.91
N GLY A 76 17.26 -16.47 -6.91
CA GLY A 76 18.12 -15.33 -7.17
C GLY A 76 19.41 -15.76 -7.83
N LYS A 77 20.06 -16.76 -7.26
CA LYS A 77 21.30 -17.27 -7.81
C LYS A 77 21.03 -18.53 -8.63
N ARG A 78 20.86 -18.36 -9.92
CA ARG A 78 20.61 -19.47 -10.81
C ARG A 78 21.87 -20.27 -11.06
N ARG A 79 21.92 -21.48 -10.49
CA ARG A 79 23.07 -22.38 -10.63
C ARG A 79 24.33 -21.78 -10.00
N VAL B 1 5.55 15.02 1.49
CA VAL B 1 5.65 16.40 1.00
C VAL B 1 4.95 17.34 1.96
N SER B 2 4.02 16.78 2.72
CA SER B 2 3.25 17.57 3.68
C SER B 2 3.74 17.36 5.11
N LYS B 3 5.04 17.19 5.27
CA LYS B 3 5.66 17.00 6.59
C LYS B 3 5.17 15.73 7.28
N GLU B 4 5.25 15.72 8.61
CA GLU B 4 4.83 14.57 9.41
C GLU B 4 5.60 13.31 9.03
N THR B 5 4.94 12.42 8.29
CA THR B 5 5.56 11.18 7.85
C THR B 5 5.44 11.06 6.34
N ALA B 6 5.04 12.16 5.71
CA ALA B 6 4.86 12.19 4.26
C ALA B 6 6.18 12.47 3.54
N THR B 7 6.87 13.53 3.96
CA THR B 7 8.12 13.91 3.34
C THR B 7 9.19 12.83 3.50
N LYS B 8 9.14 12.14 4.63
CA LYS B 8 10.10 11.07 4.93
C LYS B 8 9.91 9.90 3.97
N THR B 9 8.69 9.74 3.46
CA THR B 9 8.38 8.67 2.55
C THR B 9 8.96 8.96 1.16
N ARG B 10 9.82 8.05 0.69
CA ARG B 10 10.49 8.15 -0.61
C ARG B 10 11.72 9.06 -0.54
N GLN B 11 11.96 9.65 0.62
CA GLN B 11 13.11 10.52 0.82
C GLN B 11 14.35 9.67 1.10
N PRO B 12 15.51 10.05 0.55
CA PRO B 12 16.77 9.32 0.76
C PRO B 12 17.08 9.16 2.25
N ARG B 13 17.69 8.03 2.60
CA ARG B 13 18.05 7.72 3.98
C ARG B 13 16.80 7.61 4.86
N VAL B 14 15.96 6.64 4.53
CA VAL B 14 14.73 6.42 5.29
C VAL B 14 14.93 5.33 6.35
N GLN B 15 16.02 5.49 7.11
CA GLN B 15 16.35 4.55 8.17
C GLN B 15 15.38 4.66 9.33
N MET B 16 14.47 3.70 9.41
CA MET B 16 13.46 3.66 10.46
C MET B 16 13.45 2.28 11.09
N PRO B 17 12.75 2.08 12.23
CA PRO B 17 12.66 0.77 12.88
C PRO B 17 11.99 -0.24 11.95
N ASN B 18 12.20 -1.54 12.20
CA ASN B 18 11.63 -2.60 11.38
C ASN B 18 10.14 -2.42 11.12
N GLY B 19 9.39 -2.14 12.19
CA GLY B 19 7.96 -1.95 12.07
C GLY B 19 7.59 -0.80 11.15
N LEU B 20 8.44 0.22 11.12
CA LEU B 20 8.19 1.39 10.28
C LEU B 20 8.66 1.14 8.86
N VAL B 21 9.76 0.39 8.72
CA VAL B 21 10.31 0.07 7.41
C VAL B 21 9.26 -0.65 6.55
N LEU B 22 8.68 -1.70 7.11
CA LEU B 22 7.67 -2.48 6.41
C LEU B 22 6.43 -1.63 6.14
N MET B 23 6.16 -0.71 7.05
CA MET B 23 5.01 0.19 6.95
C MET B 23 5.24 1.24 5.86
N ARG B 24 6.49 1.42 5.46
CA ARG B 24 6.83 2.39 4.43
C ARG B 24 7.13 1.70 3.11
N MET B 25 7.82 0.57 3.18
CA MET B 25 8.18 -0.21 1.99
C MET B 25 6.95 -0.60 1.18
N MET B 26 5.89 -1.00 1.90
CA MET B 26 4.63 -1.38 1.26
C MET B 26 4.06 -0.19 0.50
N GLY B 27 4.21 1.00 1.10
CA GLY B 27 3.72 2.21 0.48
C GLY B 27 4.53 2.59 -0.74
N ILE B 28 5.83 2.32 -0.69
CA ILE B 28 6.74 2.63 -1.80
C ILE B 28 6.42 1.73 -2.99
N LEU B 29 6.09 0.47 -2.70
CA LEU B 29 5.77 -0.49 -3.75
C LEU B 29 4.55 -0.02 -4.55
N TRP B 30 3.57 0.50 -3.83
CA TRP B 30 2.35 1.01 -4.44
C TRP B 30 2.57 2.40 -5.01
N HIS B 31 3.47 3.16 -4.37
CA HIS B 31 3.80 4.52 -4.80
C HIS B 31 4.34 4.50 -6.22
N ALA B 32 5.07 3.44 -6.55
CA ALA B 32 5.65 3.29 -7.89
C ALA B 32 4.54 3.17 -8.94
N VAL B 33 3.39 2.64 -8.52
CA VAL B 33 2.26 2.47 -9.42
C VAL B 33 1.35 3.71 -9.36
N ALA B 34 1.69 4.63 -8.46
CA ALA B 34 0.92 5.86 -8.32
C ALA B 34 1.70 7.02 -8.92
N GLY B 35 2.75 6.67 -9.65
CA GLY B 35 3.58 7.67 -10.29
C GLY B 35 4.97 7.13 -10.52
N THR B 36 5.84 7.30 -9.53
CA THR B 36 7.21 6.82 -9.62
C THR B 36 7.85 6.84 -8.23
N ALA B 37 8.55 5.75 -7.90
CA ALA B 37 9.22 5.64 -6.61
C ALA B 37 10.47 4.78 -6.73
N ARG B 38 11.53 5.37 -7.27
CA ARG B 38 12.78 4.67 -7.47
C ARG B 38 13.95 5.43 -6.85
N ASN B 39 14.48 4.88 -5.76
CA ASN B 39 15.60 5.50 -5.04
C ASN B 39 16.60 4.43 -4.63
N PRO B 40 17.90 4.68 -4.87
CA PRO B 40 18.98 3.75 -4.53
C PRO B 40 18.95 3.28 -3.08
N VAL B 41 18.82 4.22 -2.15
CA VAL B 41 18.78 3.90 -0.73
C VAL B 41 17.51 3.10 -0.39
N LEU B 42 16.42 3.42 -1.05
CA LEU B 42 15.15 2.74 -0.82
C LEU B 42 15.21 1.29 -1.29
N LYS B 43 15.78 1.08 -2.47
CA LYS B 43 15.91 -0.26 -3.02
C LYS B 43 16.87 -1.10 -2.17
N ALA B 44 17.80 -0.42 -1.51
CA ALA B 44 18.77 -1.09 -0.65
C ALA B 44 18.04 -1.79 0.49
N PHE B 45 17.03 -1.12 1.03
CA PHE B 45 16.24 -1.69 2.12
C PHE B 45 15.32 -2.77 1.57
N TRP B 46 14.89 -2.57 0.33
CA TRP B 46 14.00 -3.52 -0.34
C TRP B 46 14.71 -4.84 -0.59
N ASN B 47 16.00 -4.77 -0.87
CA ASN B 47 16.81 -5.95 -1.12
C ASN B 47 17.23 -6.60 0.20
N SER B 48 17.19 -5.82 1.27
CA SER B 48 17.58 -6.31 2.58
C SER B 48 16.36 -6.61 3.45
N VAL B 49 15.22 -6.83 2.82
CA VAL B 49 14.00 -7.12 3.54
C VAL B 49 13.84 -8.64 3.71
N PRO B 50 13.46 -9.10 4.92
CA PRO B 50 13.25 -10.52 5.19
C PRO B 50 12.03 -11.06 4.46
N LEU B 51 11.88 -12.38 4.46
CA LEU B 51 10.75 -13.00 3.81
C LEU B 51 9.71 -13.47 4.83
N LYS B 52 10.07 -14.48 5.61
CA LYS B 52 9.15 -15.02 6.62
C LYS B 52 8.87 -14.00 7.71
N GLN B 53 9.91 -13.32 8.18
CA GLN B 53 9.76 -12.33 9.23
C GLN B 53 8.90 -11.15 8.79
N ALA B 54 9.00 -10.79 7.51
CA ALA B 54 8.25 -9.67 6.97
C ALA B 54 6.79 -10.03 6.74
N THR B 55 6.55 -11.16 6.07
CA THR B 55 5.19 -11.59 5.78
C THR B 55 4.38 -11.83 7.05
N ALA B 56 5.05 -12.32 8.11
CA ALA B 56 4.38 -12.60 9.37
C ALA B 56 3.86 -11.31 10.00
N ALA B 57 4.69 -10.26 9.98
CA ALA B 57 4.30 -8.98 10.54
C ALA B 57 3.24 -8.31 9.69
N LEU B 58 3.41 -8.37 8.38
CA LEU B 58 2.46 -7.75 7.44
C LEU B 58 1.06 -8.32 7.60
N ARG B 59 0.98 -9.61 7.93
CA ARG B 59 -0.30 -10.27 8.13
C ARG B 59 -1.08 -9.63 9.28
N LYS B 60 -0.37 -9.38 10.38
CA LYS B 60 -0.97 -8.78 11.56
C LYS B 60 -1.39 -7.34 11.28
N ILE B 61 -0.52 -6.60 10.60
CA ILE B 61 -0.80 -5.20 10.26
C ILE B 61 -2.03 -5.09 9.38
N LYS B 62 -2.16 -6.00 8.42
CA LYS B 62 -3.31 -5.99 7.51
C LYS B 62 -4.57 -6.34 8.28
N ARG B 63 -4.43 -7.22 9.29
CA ARG B 63 -5.56 -7.62 10.11
C ARG B 63 -6.06 -6.46 10.95
N THR B 64 -5.15 -5.56 11.29
CA THR B 64 -5.49 -4.37 12.07
C THR B 64 -6.49 -3.51 11.30
N VAL B 65 -6.30 -3.46 9.98
CA VAL B 65 -7.16 -2.69 9.10
C VAL B 65 -8.53 -3.36 9.02
N SER B 66 -8.54 -4.68 8.96
CA SER B 66 -9.78 -5.45 8.89
C SER B 66 -10.62 -5.22 10.15
N ALA B 67 -9.95 -5.24 11.30
CA ALA B 67 -10.63 -5.04 12.58
C ALA B 67 -11.24 -3.64 12.65
N LEU B 68 -10.50 -2.64 12.17
CA LEU B 68 -10.97 -1.27 12.19
C LEU B 68 -12.14 -1.08 11.22
N MET B 69 -12.02 -1.66 10.03
CA MET B 69 -13.06 -1.55 9.00
C MET B 69 -14.41 -2.06 9.53
N VAL B 70 -14.40 -3.24 10.16
CA VAL B 70 -15.61 -3.82 10.70
C VAL B 70 -16.11 -3.01 11.90
N GLY B 71 -15.17 -2.44 12.64
CA GLY B 71 -15.52 -1.65 13.80
C GLY B 71 -16.20 -0.35 13.42
N LEU B 72 -15.67 0.33 12.41
CA LEU B 72 -16.22 1.59 11.95
C LEU B 72 -17.63 1.44 11.39
N GLN B 73 -17.89 0.33 10.72
CA GLN B 73 -19.21 0.08 10.14
C GLN B 73 -20.22 -0.39 11.19
N LYS B 74 -19.72 -0.74 12.36
CA LYS B 74 -20.58 -1.21 13.44
C LYS B 74 -20.76 -0.15 14.51
N ARG B 75 -19.69 0.58 14.78
CA ARG B 75 -19.72 1.62 15.80
C ARG B 75 -19.93 3.00 15.17
N GLY B 76 -20.53 3.02 13.98
CA GLY B 76 -20.80 4.27 13.31
C GLY B 76 -22.05 4.90 13.86
N LYS B 77 -23.12 4.11 13.91
CA LYS B 77 -24.39 4.57 14.44
C LYS B 77 -24.38 4.41 15.96
N ARG B 78 -23.72 5.33 16.63
CA ARG B 78 -23.62 5.29 18.08
C ARG B 78 -24.94 5.63 18.74
N ARG B 79 -25.37 4.77 19.65
CA ARG B 79 -26.62 4.93 20.40
C ARG B 79 -27.86 4.75 19.53
N VAL A 1 -2.43 10.44 -20.75
CA VAL A 1 -2.15 9.30 -21.63
C VAL A 1 -2.83 8.05 -21.08
N SER A 2 -2.99 7.99 -19.77
CA SER A 2 -3.62 6.85 -19.11
C SER A 2 -2.85 5.56 -19.36
N LYS A 3 -1.53 5.66 -19.41
CA LYS A 3 -0.67 4.51 -19.65
C LYS A 3 -0.66 3.57 -18.45
N GLU A 4 -1.12 2.35 -18.68
CA GLU A 4 -1.18 1.33 -17.63
C GLU A 4 -2.06 1.78 -16.46
N THR A 5 -1.98 1.07 -15.35
CA THR A 5 -2.77 1.40 -14.18
C THR A 5 -2.14 2.59 -13.43
N ALA A 6 -0.83 2.72 -13.53
CA ALA A 6 -0.10 3.80 -12.86
C ALA A 6 -0.65 5.17 -13.22
N THR A 7 -0.55 5.52 -14.51
CA THR A 7 -1.03 6.82 -14.98
C THR A 7 -2.55 6.94 -14.87
N LYS A 8 -3.24 5.80 -14.84
CA LYS A 8 -4.69 5.78 -14.72
C LYS A 8 -5.12 6.16 -13.30
N THR A 9 -4.35 5.71 -12.31
CA THR A 9 -4.66 6.00 -10.91
C THR A 9 -4.36 7.47 -10.61
N ARG A 10 -3.51 8.08 -11.44
CA ARG A 10 -3.15 9.47 -11.27
C ARG A 10 -3.97 10.38 -12.19
N GLN A 11 -5.08 9.84 -12.68
CA GLN A 11 -5.96 10.59 -13.57
C GLN A 11 -7.31 10.81 -12.90
N PRO A 12 -7.87 12.03 -13.00
CA PRO A 12 -9.17 12.35 -12.43
C PRO A 12 -10.29 11.49 -13.01
N ARG A 13 -11.29 11.19 -12.17
CA ARG A 13 -12.43 10.36 -12.56
C ARG A 13 -12.01 8.96 -12.96
N VAL A 14 -11.70 8.15 -11.96
CA VAL A 14 -11.28 6.77 -12.20
C VAL A 14 -12.48 5.84 -12.18
N GLN A 15 -13.16 5.74 -13.31
CA GLN A 15 -14.32 4.87 -13.41
C GLN A 15 -13.90 3.48 -13.88
N MET A 16 -13.75 2.57 -12.93
CA MET A 16 -13.35 1.20 -13.20
C MET A 16 -14.26 0.25 -12.45
N PRO A 17 -14.25 -1.05 -12.81
CA PRO A 17 -15.07 -2.07 -12.13
C PRO A 17 -14.83 -2.08 -10.63
N ASN A 18 -15.85 -2.49 -9.87
CA ASN A 18 -15.78 -2.53 -8.40
C ASN A 18 -14.58 -3.31 -7.87
N GLY A 19 -14.20 -4.38 -8.56
CA GLY A 19 -13.07 -5.18 -8.13
C GLY A 19 -11.74 -4.48 -8.34
N LEU A 20 -11.61 -3.79 -9.46
CA LEU A 20 -10.38 -3.06 -9.78
C LEU A 20 -10.32 -1.75 -9.00
N VAL A 21 -11.50 -1.24 -8.65
CA VAL A 21 -11.61 0.00 -7.91
C VAL A 21 -10.98 -0.14 -6.52
N LEU A 22 -10.92 -1.38 -6.03
CA LEU A 22 -10.34 -1.66 -4.72
C LEU A 22 -8.82 -1.49 -4.73
N MET A 23 -8.16 -2.00 -5.76
CA MET A 23 -6.71 -1.87 -5.87
C MET A 23 -6.36 -0.38 -6.03
N ARG A 24 -7.27 0.34 -6.66
CA ARG A 24 -7.11 1.77 -6.86
C ARG A 24 -7.29 2.48 -5.53
N MET A 25 -8.28 2.01 -4.76
CA MET A 25 -8.59 2.58 -3.46
C MET A 25 -7.40 2.48 -2.52
N MET A 26 -6.88 1.26 -2.37
CA MET A 26 -5.72 1.04 -1.50
C MET A 26 -4.51 1.82 -1.99
N GLY A 27 -4.44 2.04 -3.29
CA GLY A 27 -3.36 2.80 -3.87
C GLY A 27 -3.43 4.25 -3.44
N ILE A 28 -4.64 4.80 -3.45
CA ILE A 28 -4.87 6.18 -3.05
C ILE A 28 -4.55 6.36 -1.57
N LEU A 29 -4.87 5.34 -0.78
CA LEU A 29 -4.62 5.37 0.66
C LEU A 29 -3.13 5.52 0.96
N TRP A 30 -2.28 4.91 0.13
CA TRP A 30 -0.85 4.99 0.32
C TRP A 30 -0.27 6.22 -0.38
N HIS A 31 -0.82 6.53 -1.56
CA HIS A 31 -0.37 7.68 -2.34
C HIS A 31 -0.60 9.00 -1.61
N ALA A 32 -1.69 9.06 -0.85
CA ALA A 32 -2.05 10.27 -0.11
C ALA A 32 -1.19 10.45 1.15
N VAL A 33 -0.24 9.54 1.38
CA VAL A 33 0.63 9.64 2.54
C VAL A 33 1.86 10.49 2.24
N ALA A 34 2.67 10.04 1.29
CA ALA A 34 3.87 10.76 0.91
C ALA A 34 3.56 11.95 0.02
N GLY A 35 2.43 11.87 -0.68
CA GLY A 35 2.03 12.95 -1.57
C GLY A 35 0.62 13.42 -1.27
N THR A 36 -0.22 13.45 -2.31
CA THR A 36 -1.59 13.89 -2.16
C THR A 36 -2.48 13.27 -3.24
N ALA A 37 -3.71 12.93 -2.87
CA ALA A 37 -4.66 12.32 -3.80
C ALA A 37 -6.06 12.33 -3.20
N ARG A 38 -6.93 11.48 -3.74
CA ARG A 38 -8.31 11.35 -3.27
C ARG A 38 -9.20 12.51 -3.74
N ASN A 39 -9.53 12.49 -5.03
CA ASN A 39 -10.38 13.52 -5.62
C ASN A 39 -11.84 13.29 -5.24
N PRO A 40 -12.68 14.33 -5.29
CA PRO A 40 -14.11 14.24 -4.95
C PRO A 40 -14.83 13.11 -5.69
N VAL A 41 -14.56 12.99 -6.99
CA VAL A 41 -15.20 11.94 -7.81
C VAL A 41 -14.79 10.56 -7.32
N LEU A 42 -13.56 10.44 -6.84
CA LEU A 42 -13.06 9.17 -6.34
C LEU A 42 -13.78 8.79 -5.05
N LYS A 43 -14.11 9.80 -4.26
CA LYS A 43 -14.81 9.60 -2.99
C LYS A 43 -16.25 9.20 -3.27
N ALA A 44 -16.81 9.77 -4.34
CA ALA A 44 -18.18 9.48 -4.74
C ALA A 44 -18.31 8.00 -5.09
N PHE A 45 -17.28 7.46 -5.71
CA PHE A 45 -17.27 6.05 -6.09
C PHE A 45 -17.01 5.20 -4.85
N TRP A 46 -16.19 5.72 -3.94
CA TRP A 46 -15.85 5.03 -2.70
C TRP A 46 -17.08 4.80 -1.83
N ASN A 47 -17.99 5.77 -1.84
CA ASN A 47 -19.21 5.69 -1.07
C ASN A 47 -20.13 4.60 -1.61
N SER A 48 -20.01 4.32 -2.89
CA SER A 48 -20.84 3.32 -3.55
C SER A 48 -20.14 1.96 -3.62
N VAL A 49 -19.24 1.69 -2.68
CA VAL A 49 -18.52 0.43 -2.65
C VAL A 49 -19.15 -0.51 -1.61
N PRO A 50 -19.54 -1.73 -2.05
CA PRO A 50 -20.16 -2.73 -1.16
C PRO A 50 -19.20 -3.13 -0.04
N LEU A 51 -19.65 -2.91 1.20
CA LEU A 51 -18.86 -3.22 2.38
C LEU A 51 -18.37 -4.67 2.42
N LYS A 52 -19.29 -5.60 2.20
CA LYS A 52 -18.97 -7.01 2.23
C LYS A 52 -18.02 -7.42 1.12
N GLN A 53 -18.39 -7.10 -0.12
CA GLN A 53 -17.59 -7.45 -1.28
C GLN A 53 -16.19 -6.83 -1.24
N ALA A 54 -16.11 -5.59 -0.78
CA ALA A 54 -14.82 -4.91 -0.68
C ALA A 54 -13.88 -5.63 0.28
N THR A 55 -14.38 -5.91 1.48
CA THR A 55 -13.60 -6.58 2.50
C THR A 55 -13.15 -7.98 2.03
N ALA A 56 -14.04 -8.66 1.33
CA ALA A 56 -13.76 -10.01 0.83
C ALA A 56 -12.69 -10.00 -0.26
N ALA A 57 -12.75 -9.00 -1.15
CA ALA A 57 -11.80 -8.91 -2.24
C ALA A 57 -10.45 -8.34 -1.79
N LEU A 58 -10.49 -7.38 -0.86
CA LEU A 58 -9.27 -6.77 -0.35
C LEU A 58 -8.36 -7.80 0.33
N ARG A 59 -8.97 -8.73 1.05
CA ARG A 59 -8.21 -9.78 1.72
C ARG A 59 -7.51 -10.64 0.69
N LYS A 60 -8.21 -10.91 -0.41
CA LYS A 60 -7.68 -11.71 -1.50
C LYS A 60 -6.44 -11.04 -2.08
N ILE A 61 -6.54 -9.75 -2.34
CA ILE A 61 -5.44 -8.98 -2.90
C ILE A 61 -4.21 -9.05 -1.99
N LYS A 62 -4.39 -8.69 -0.72
CA LYS A 62 -3.30 -8.71 0.25
C LYS A 62 -2.68 -10.10 0.37
N ARG A 63 -3.54 -11.11 0.39
CA ARG A 63 -3.09 -12.50 0.50
C ARG A 63 -2.19 -12.86 -0.68
N THR A 64 -2.55 -12.36 -1.85
CA THR A 64 -1.78 -12.61 -3.07
C THR A 64 -0.40 -11.94 -3.00
N VAL A 65 -0.35 -10.78 -2.37
CA VAL A 65 0.91 -10.03 -2.22
C VAL A 65 1.89 -10.80 -1.34
N SER A 66 1.38 -11.30 -0.21
CA SER A 66 2.21 -12.06 0.72
C SER A 66 2.68 -13.37 0.08
N ALA A 67 1.81 -13.99 -0.71
CA ALA A 67 2.15 -15.24 -1.38
C ALA A 67 3.28 -15.03 -2.38
N LEU A 68 3.39 -13.81 -2.89
CA LEU A 68 4.44 -13.47 -3.84
C LEU A 68 5.78 -13.36 -3.11
N MET A 69 5.72 -12.86 -1.87
CA MET A 69 6.91 -12.72 -1.04
C MET A 69 7.49 -14.09 -0.72
N VAL A 70 6.60 -15.03 -0.45
CA VAL A 70 7.00 -16.40 -0.13
C VAL A 70 7.67 -17.05 -1.33
N GLY A 71 7.13 -16.78 -2.52
CA GLY A 71 7.67 -17.33 -3.74
C GLY A 71 9.11 -16.90 -3.95
N LEU A 72 9.36 -15.61 -3.78
CA LEU A 72 10.70 -15.07 -3.94
C LEU A 72 11.64 -15.62 -2.87
N GLN A 73 11.10 -15.85 -1.68
CA GLN A 73 11.88 -16.39 -0.57
C GLN A 73 12.38 -17.79 -0.90
N LYS A 74 11.49 -18.62 -1.43
CA LYS A 74 11.85 -20.00 -1.79
C LYS A 74 12.86 -20.01 -2.93
N ARG A 75 12.70 -19.08 -3.87
CA ARG A 75 13.61 -18.98 -5.00
C ARG A 75 15.01 -18.57 -4.52
N GLY A 76 15.04 -17.63 -3.59
CA GLY A 76 16.31 -17.16 -3.05
C GLY A 76 16.90 -16.05 -3.89
N LYS A 77 16.16 -15.60 -4.88
CA LYS A 77 16.62 -14.54 -5.76
C LYS A 77 15.65 -13.37 -5.72
N ARG A 78 16.21 -12.16 -5.69
CA ARG A 78 15.41 -10.95 -5.66
C ARG A 78 15.38 -10.32 -7.05
N ARG A 79 16.28 -10.80 -7.92
CA ARG A 79 16.39 -10.30 -9.29
C ARG A 79 16.73 -8.81 -9.30
N VAL B 1 10.06 20.06 3.80
CA VAL B 1 9.13 20.51 4.83
C VAL B 1 9.36 19.73 6.12
N SER B 2 9.54 18.42 5.98
CA SER B 2 9.76 17.52 7.11
C SER B 2 8.64 17.60 8.15
N LYS B 3 7.44 17.19 7.74
CA LYS B 3 6.29 17.19 8.62
C LYS B 3 5.74 15.78 8.76
N GLU B 4 5.81 15.23 9.97
CA GLU B 4 5.33 13.87 10.24
C GLU B 4 6.02 12.84 9.35
N THR B 5 5.40 11.68 9.20
CA THR B 5 5.93 10.63 8.36
C THR B 5 5.50 10.89 6.91
N ALA B 6 4.71 11.93 6.72
CA ALA B 6 4.20 12.30 5.41
C ALA B 6 5.31 12.82 4.51
N THR B 7 6.03 13.83 4.95
CA THR B 7 7.10 14.41 4.16
C THR B 7 8.38 13.58 4.28
N LYS B 8 8.53 12.88 5.39
CA LYS B 8 9.73 12.06 5.61
C LYS B 8 9.81 10.86 4.66
N THR B 9 8.68 10.46 4.10
CA THR B 9 8.65 9.33 3.18
C THR B 9 9.00 9.77 1.76
N ARG B 10 9.19 11.07 1.59
CA ARG B 10 9.53 11.63 0.29
C ARG B 10 10.77 12.51 0.38
N GLN B 11 11.24 12.73 1.61
CA GLN B 11 12.42 13.55 1.84
C GLN B 11 13.69 12.71 1.68
N PRO B 12 14.67 13.21 0.91
CA PRO B 12 15.94 12.51 0.69
C PRO B 12 16.62 12.14 2.00
N ARG B 13 17.31 11.01 1.99
CA ARG B 13 18.02 10.50 3.17
C ARG B 13 17.05 10.04 4.24
N VAL B 14 16.38 8.93 3.97
CA VAL B 14 15.44 8.35 4.91
C VAL B 14 16.15 7.35 5.82
N GLN B 15 17.09 7.87 6.61
CA GLN B 15 17.84 7.03 7.54
C GLN B 15 17.06 6.85 8.83
N MET B 16 16.32 5.76 8.92
CA MET B 16 15.52 5.46 10.09
C MET B 16 15.77 4.02 10.53
N PRO B 17 15.35 3.67 11.76
CA PRO B 17 15.51 2.30 12.28
C PRO B 17 14.87 1.27 11.35
N ASN B 18 15.47 0.08 11.30
CA ASN B 18 14.99 -1.00 10.43
C ASN B 18 13.49 -1.24 10.57
N GLY B 19 13.00 -1.31 11.81
CA GLY B 19 11.58 -1.54 12.04
C GLY B 19 10.70 -0.50 11.38
N LEU B 20 11.05 0.76 11.54
CA LEU B 20 10.29 1.85 10.95
C LEU B 20 10.39 1.81 9.43
N VAL B 21 11.56 1.44 8.93
CA VAL B 21 11.78 1.34 7.49
C VAL B 21 10.90 0.26 6.89
N LEU B 22 10.77 -0.86 7.59
CA LEU B 22 9.95 -1.98 7.13
C LEU B 22 8.51 -1.56 6.91
N MET B 23 8.01 -0.69 7.78
CA MET B 23 6.65 -0.20 7.68
C MET B 23 6.51 0.74 6.48
N ARG B 24 7.52 1.57 6.29
CA ARG B 24 7.54 2.51 5.19
C ARG B 24 7.74 1.82 3.84
N MET B 25 8.50 0.72 3.87
CA MET B 25 8.81 -0.06 2.67
C MET B 25 7.55 -0.48 1.93
N MET B 26 6.61 -1.08 2.65
CA MET B 26 5.36 -1.54 2.05
C MET B 26 4.49 -0.38 1.57
N GLY B 27 4.73 0.80 2.13
CA GLY B 27 3.96 1.96 1.75
C GLY B 27 4.45 2.58 0.46
N ILE B 28 5.77 2.70 0.33
CA ILE B 28 6.37 3.28 -0.86
C ILE B 28 6.27 2.32 -2.04
N LEU B 29 6.14 1.03 -1.74
CA LEU B 29 6.02 0.00 -2.77
C LEU B 29 4.81 0.25 -3.65
N TRP B 30 3.64 0.43 -3.03
CA TRP B 30 2.41 0.68 -3.77
C TRP B 30 2.44 2.06 -4.42
N HIS B 31 3.16 2.98 -3.80
CA HIS B 31 3.29 4.35 -4.30
C HIS B 31 3.96 4.35 -5.68
N ALA B 32 4.91 3.42 -5.87
CA ALA B 32 5.63 3.31 -7.12
C ALA B 32 4.77 2.67 -8.22
N VAL B 33 3.66 2.06 -7.83
CA VAL B 33 2.76 1.43 -8.80
C VAL B 33 1.64 2.40 -9.18
N ALA B 34 1.66 3.58 -8.58
CA ALA B 34 0.66 4.60 -8.86
C ALA B 34 1.34 5.93 -9.19
N GLY B 35 2.66 5.93 -9.23
CA GLY B 35 3.41 7.12 -9.53
C GLY B 35 4.90 6.86 -9.55
N THR B 36 5.69 7.86 -9.18
CA THR B 36 7.14 7.73 -9.16
C THR B 36 7.67 7.85 -7.73
N ALA B 37 8.59 6.96 -7.37
CA ALA B 37 9.19 6.95 -6.03
C ALA B 37 10.39 6.02 -6.00
N ARG B 38 10.76 5.58 -4.79
CA ARG B 38 11.90 4.67 -4.58
C ARG B 38 13.23 5.36 -4.84
N ASN B 39 13.60 6.25 -3.95
CA ASN B 39 14.88 6.97 -4.05
C ASN B 39 16.05 6.03 -3.74
N PRO B 40 17.26 6.37 -4.21
CA PRO B 40 18.47 5.55 -3.98
C PRO B 40 18.70 5.26 -2.49
N VAL B 41 18.33 6.20 -1.64
CA VAL B 41 18.49 6.04 -0.20
C VAL B 41 17.58 4.95 0.35
N LEU B 42 16.54 4.61 -0.41
CA LEU B 42 15.62 3.56 -0.03
C LEU B 42 16.14 2.22 -0.51
N LYS B 43 16.93 2.25 -1.58
CA LYS B 43 17.51 1.05 -2.15
C LYS B 43 18.65 0.55 -1.27
N ALA B 44 19.31 1.47 -0.59
CA ALA B 44 20.41 1.13 0.30
C ALA B 44 19.88 0.29 1.46
N PHE B 45 18.78 0.74 2.05
CA PHE B 45 18.16 0.04 3.16
C PHE B 45 17.47 -1.24 2.69
N TRP B 46 17.11 -1.25 1.41
CA TRP B 46 16.44 -2.41 0.81
C TRP B 46 17.42 -3.57 0.66
N ASN B 47 18.70 -3.25 0.53
CA ASN B 47 19.73 -4.27 0.40
C ASN B 47 20.24 -4.71 1.77
N SER B 48 20.33 -3.74 2.68
CA SER B 48 20.80 -4.01 4.04
C SER B 48 19.62 -4.31 4.97
N VAL B 49 18.79 -5.27 4.58
CA VAL B 49 17.63 -5.66 5.37
C VAL B 49 17.57 -7.17 5.54
N PRO B 50 17.28 -7.65 6.76
CA PRO B 50 17.16 -9.08 7.05
C PRO B 50 15.99 -9.70 6.28
N LEU B 51 16.32 -10.66 5.42
CA LEU B 51 15.33 -11.34 4.58
C LEU B 51 14.23 -12.01 5.39
N LYS B 52 14.62 -12.88 6.30
CA LYS B 52 13.66 -13.61 7.13
C LYS B 52 12.84 -12.66 8.00
N GLN B 53 13.50 -11.67 8.59
CA GLN B 53 12.81 -10.71 9.44
C GLN B 53 11.82 -9.86 8.67
N ALA B 54 12.22 -9.42 7.47
CA ALA B 54 11.34 -8.60 6.63
C ALA B 54 10.08 -9.38 6.26
N THR B 55 10.23 -10.69 6.08
CA THR B 55 9.09 -11.54 5.74
C THR B 55 8.08 -11.58 6.88
N ALA B 56 8.57 -11.53 8.11
CA ALA B 56 7.71 -11.57 9.29
C ALA B 56 7.09 -10.19 9.52
N ALA B 57 7.87 -9.15 9.25
CA ALA B 57 7.41 -7.78 9.43
C ALA B 57 6.18 -7.49 8.57
N LEU B 58 6.22 -7.91 7.32
CA LEU B 58 5.10 -7.69 6.40
C LEU B 58 3.86 -8.45 6.87
N ARG B 59 4.07 -9.64 7.40
CA ARG B 59 2.96 -10.46 7.87
C ARG B 59 2.39 -9.91 9.17
N LYS B 60 3.25 -9.30 9.98
CA LYS B 60 2.84 -8.72 11.24
C LYS B 60 1.80 -7.64 11.01
N ILE B 61 2.15 -6.67 10.16
CA ILE B 61 1.24 -5.58 9.85
C ILE B 61 0.03 -6.09 9.06
N LYS B 62 0.27 -7.11 8.23
CA LYS B 62 -0.79 -7.70 7.42
C LYS B 62 -1.97 -8.12 8.31
N ARG B 63 -1.65 -8.79 9.41
CA ARG B 63 -2.65 -9.25 10.35
C ARG B 63 -3.31 -8.07 11.07
N THR B 64 -2.50 -7.11 11.48
CA THR B 64 -3.00 -5.92 12.18
C THR B 64 -4.04 -5.19 11.33
N VAL B 65 -3.75 -5.04 10.04
CA VAL B 65 -4.66 -4.37 9.12
C VAL B 65 -5.98 -5.13 9.00
N SER B 66 -5.91 -6.46 9.04
CA SER B 66 -7.10 -7.30 8.95
C SER B 66 -8.02 -7.06 10.14
N ALA B 67 -7.43 -6.98 11.33
CA ALA B 67 -8.19 -6.77 12.55
C ALA B 67 -8.94 -5.44 12.49
N LEU B 68 -8.25 -4.41 12.01
CA LEU B 68 -8.85 -3.08 11.89
C LEU B 68 -9.92 -3.06 10.80
N MET B 69 -9.71 -3.86 9.76
CA MET B 69 -10.66 -3.93 8.65
C MET B 69 -11.95 -4.61 9.09
N VAL B 70 -11.81 -5.76 9.72
CA VAL B 70 -12.96 -6.51 10.21
C VAL B 70 -13.66 -5.74 11.32
N GLY B 71 -12.88 -4.99 12.09
CA GLY B 71 -13.44 -4.19 13.17
C GLY B 71 -14.46 -3.20 12.66
N LEU B 72 -14.18 -2.61 11.49
CA LEU B 72 -15.09 -1.64 10.89
C LEU B 72 -16.38 -2.32 10.45
N GLN B 73 -16.26 -3.55 9.99
CA GLN B 73 -17.41 -4.32 9.54
C GLN B 73 -18.32 -4.65 10.71
N LYS B 74 -17.73 -4.85 11.88
CA LYS B 74 -18.50 -5.16 13.08
C LYS B 74 -19.21 -3.91 13.59
N ARG B 75 -18.68 -2.75 13.22
CA ARG B 75 -19.27 -1.48 13.62
C ARG B 75 -20.41 -1.14 12.66
N GLY B 76 -20.16 -1.38 11.37
CA GLY B 76 -21.16 -1.11 10.36
C GLY B 76 -21.06 0.27 9.76
N LYS B 77 -20.50 1.20 10.50
CA LYS B 77 -20.36 2.57 10.04
C LYS B 77 -18.94 2.84 9.53
N ARG B 78 -18.83 3.75 8.58
CA ARG B 78 -17.54 4.12 8.00
C ARG B 78 -17.08 5.46 8.55
N ARG B 79 -17.92 6.08 9.37
CA ARG B 79 -17.63 7.38 9.99
C ARG B 79 -17.51 8.48 8.95
N VAL A 1 0.66 15.79 -12.00
CA VAL A 1 2.10 15.76 -12.23
C VAL A 1 2.57 14.33 -12.45
N SER A 2 1.92 13.39 -11.77
CA SER A 2 2.26 11.98 -11.87
C SER A 2 2.02 11.44 -13.28
N LYS A 3 0.93 11.90 -13.89
CA LYS A 3 0.56 11.47 -15.25
C LYS A 3 0.25 9.97 -15.29
N GLU A 4 0.28 9.40 -16.49
CA GLU A 4 0.01 7.97 -16.70
C GLU A 4 -1.37 7.59 -16.16
N THR A 5 -1.54 6.30 -15.85
CA THR A 5 -2.79 5.79 -15.33
C THR A 5 -2.97 6.24 -13.87
N ALA A 6 -1.90 6.77 -13.29
CA ALA A 6 -1.91 7.24 -11.91
C ALA A 6 -2.82 8.46 -11.75
N THR A 7 -3.10 9.14 -12.86
CA THR A 7 -3.98 10.29 -12.83
C THR A 7 -5.42 9.85 -12.59
N LYS A 8 -5.79 8.70 -13.15
CA LYS A 8 -7.13 8.17 -13.00
C LYS A 8 -7.36 7.69 -11.57
N THR A 9 -6.27 7.37 -10.88
CA THR A 9 -6.33 6.89 -9.50
C THR A 9 -6.97 7.94 -8.59
N ARG A 10 -6.82 9.21 -8.95
CA ARG A 10 -7.39 10.30 -8.19
C ARG A 10 -8.03 11.31 -9.14
N GLN A 11 -8.97 10.82 -9.93
CA GLN A 11 -9.67 11.65 -10.90
C GLN A 11 -11.16 11.35 -10.83
N PRO A 12 -12.02 12.38 -11.01
CA PRO A 12 -13.47 12.20 -11.00
C PRO A 12 -13.92 11.04 -11.88
N ARG A 13 -15.03 10.40 -11.50
CA ARG A 13 -15.55 9.25 -12.23
C ARG A 13 -14.50 8.15 -12.26
N VAL A 14 -14.02 7.79 -11.08
CA VAL A 14 -13.01 6.75 -10.94
C VAL A 14 -13.59 5.34 -11.07
N GLN A 15 -14.04 5.02 -12.27
CA GLN A 15 -14.60 3.71 -12.55
C GLN A 15 -13.51 2.75 -12.97
N MET A 16 -13.20 1.81 -12.08
CA MET A 16 -12.16 0.83 -12.33
C MET A 16 -12.68 -0.56 -11.99
N PRO A 17 -12.01 -1.61 -12.51
CA PRO A 17 -12.39 -3.00 -12.22
C PRO A 17 -12.36 -3.28 -10.72
N ASN A 18 -13.11 -4.29 -10.30
CA ASN A 18 -13.22 -4.66 -8.89
C ASN A 18 -11.87 -4.68 -8.16
N GLY A 19 -10.91 -5.42 -8.69
CA GLY A 19 -9.61 -5.50 -8.05
C GLY A 19 -8.89 -4.17 -7.97
N LEU A 20 -8.97 -3.39 -9.05
CA LEU A 20 -8.32 -2.08 -9.10
C LEU A 20 -8.91 -1.12 -8.08
N VAL A 21 -10.21 -1.23 -7.84
CA VAL A 21 -10.89 -0.36 -6.88
C VAL A 21 -10.28 -0.51 -5.49
N LEU A 22 -9.99 -1.74 -5.11
CA LEU A 22 -9.39 -2.00 -3.80
C LEU A 22 -7.91 -1.66 -3.80
N MET A 23 -7.24 -1.91 -4.93
CA MET A 23 -5.82 -1.63 -5.07
C MET A 23 -5.54 -0.14 -4.92
N ARG A 24 -6.29 0.68 -5.66
CA ARG A 24 -6.12 2.12 -5.61
C ARG A 24 -6.48 2.66 -4.22
N MET A 25 -7.45 2.02 -3.57
CA MET A 25 -7.89 2.42 -2.25
C MET A 25 -6.79 2.21 -1.21
N MET A 26 -6.07 1.12 -1.34
CA MET A 26 -4.97 0.80 -0.43
C MET A 26 -3.82 1.78 -0.60
N GLY A 27 -3.47 2.04 -1.85
CA GLY A 27 -2.39 2.97 -2.13
C GLY A 27 -2.73 4.39 -1.78
N ILE A 28 -3.97 4.79 -2.07
CA ILE A 28 -4.42 6.15 -1.78
C ILE A 28 -4.47 6.41 -0.28
N LEU A 29 -4.61 5.34 0.50
CA LEU A 29 -4.67 5.44 1.95
C LEU A 29 -3.33 5.95 2.49
N TRP A 30 -2.26 5.52 1.85
CA TRP A 30 -0.92 5.91 2.26
C TRP A 30 -0.46 7.15 1.50
N HIS A 31 -0.93 7.30 0.27
CA HIS A 31 -0.56 8.44 -0.57
C HIS A 31 -1.16 9.73 -0.01
N ALA A 32 -2.33 9.63 0.60
CA ALA A 32 -3.00 10.79 1.18
C ALA A 32 -2.24 11.33 2.39
N VAL A 33 -1.39 10.50 2.97
CA VAL A 33 -0.60 10.90 4.12
C VAL A 33 0.52 11.83 3.69
N ALA A 34 1.13 11.51 2.55
CA ALA A 34 2.21 12.32 2.02
C ALA A 34 1.69 13.53 1.25
N GLY A 35 0.47 13.41 0.74
CA GLY A 35 -0.12 14.51 0.00
C GLY A 35 -1.56 14.76 0.42
N THR A 36 -2.50 14.52 -0.51
CA THR A 36 -3.90 14.73 -0.25
C THR A 36 -4.75 13.99 -1.29
N ALA A 37 -5.92 13.53 -0.87
CA ALA A 37 -6.83 12.81 -1.76
C ALA A 37 -8.26 12.88 -1.24
N ARG A 38 -8.72 11.77 -0.65
CA ARG A 38 -10.08 11.65 -0.08
C ARG A 38 -11.18 12.27 -0.96
N ASN A 39 -11.08 12.03 -2.26
CA ASN A 39 -12.06 12.56 -3.21
C ASN A 39 -13.42 11.92 -2.98
N PRO A 40 -14.49 12.74 -2.92
CA PRO A 40 -15.86 12.27 -2.72
C PRO A 40 -16.23 11.14 -3.68
N VAL A 41 -15.79 11.25 -4.93
CA VAL A 41 -16.09 10.23 -5.93
C VAL A 41 -15.27 8.95 -5.70
N LEU A 42 -14.10 9.10 -5.11
CA LEU A 42 -13.22 7.95 -4.85
C LEU A 42 -13.85 7.00 -3.85
N LYS A 43 -14.53 7.59 -2.85
CA LYS A 43 -15.20 6.81 -1.81
C LYS A 43 -16.63 6.43 -2.23
N ALA A 44 -17.22 7.23 -3.10
CA ALA A 44 -18.58 6.96 -3.56
C ALA A 44 -18.65 5.64 -4.32
N PHE A 45 -17.56 5.31 -5.01
CA PHE A 45 -17.49 4.07 -5.76
C PHE A 45 -17.30 2.85 -4.85
N TRP A 46 -17.15 3.12 -3.56
CA TRP A 46 -16.96 2.05 -2.57
C TRP A 46 -18.32 1.63 -2.00
N ASN A 47 -19.29 2.54 -2.07
CA ASN A 47 -20.62 2.27 -1.56
C ASN A 47 -21.41 1.40 -2.54
N SER A 48 -21.08 1.51 -3.82
CA SER A 48 -21.76 0.75 -4.86
C SER A 48 -21.36 -0.72 -4.88
N VAL A 49 -20.26 -1.04 -4.22
CA VAL A 49 -19.78 -2.42 -4.19
C VAL A 49 -20.07 -3.07 -2.84
N PRO A 50 -20.22 -4.40 -2.82
CA PRO A 50 -20.49 -5.14 -1.60
C PRO A 50 -19.26 -5.13 -0.68
N LEU A 51 -19.41 -4.50 0.48
CA LEU A 51 -18.32 -4.39 1.45
C LEU A 51 -17.75 -5.75 1.81
N LYS A 52 -18.63 -6.74 1.94
CA LYS A 52 -18.22 -8.10 2.29
C LYS A 52 -17.33 -8.70 1.20
N GLN A 53 -17.65 -8.39 -0.05
CA GLN A 53 -16.89 -8.89 -1.17
C GLN A 53 -15.58 -8.13 -1.31
N ALA A 54 -15.59 -6.88 -0.82
CA ALA A 54 -14.41 -6.03 -0.86
C ALA A 54 -13.35 -6.55 0.10
N THR A 55 -13.79 -7.01 1.28
CA THR A 55 -12.89 -7.53 2.29
C THR A 55 -12.12 -8.73 1.72
N ALA A 56 -12.83 -9.59 1.00
CA ALA A 56 -12.21 -10.77 0.39
C ALA A 56 -11.13 -10.38 -0.60
N ALA A 57 -11.40 -9.34 -1.40
CA ALA A 57 -10.45 -8.86 -2.39
C ALA A 57 -9.23 -8.24 -1.72
N LEU A 58 -9.48 -7.49 -0.65
CA LEU A 58 -8.41 -6.85 0.10
C LEU A 58 -7.50 -7.88 0.77
N ARG A 59 -8.02 -9.08 0.97
CA ARG A 59 -7.24 -10.14 1.61
C ARG A 59 -6.53 -10.98 0.56
N LYS A 60 -7.07 -10.97 -0.66
CA LYS A 60 -6.49 -11.73 -1.76
C LYS A 60 -5.10 -11.21 -2.11
N ILE A 61 -4.98 -9.90 -2.25
CA ILE A 61 -3.70 -9.27 -2.59
C ILE A 61 -2.66 -9.51 -1.50
N LYS A 62 -3.12 -9.67 -0.27
CA LYS A 62 -2.24 -9.92 0.86
C LYS A 62 -1.55 -11.26 0.69
N ARG A 63 -2.30 -12.24 0.21
CA ARG A 63 -1.79 -13.58 -0.01
C ARG A 63 -0.79 -13.59 -1.16
N THR A 64 -1.07 -12.77 -2.16
CA THR A 64 -0.22 -12.66 -3.34
C THR A 64 1.18 -12.21 -2.96
N VAL A 65 1.26 -11.21 -2.09
CA VAL A 65 2.56 -10.69 -1.64
C VAL A 65 3.26 -11.69 -0.74
N SER A 66 2.50 -12.35 0.13
CA SER A 66 3.06 -13.32 1.04
C SER A 66 3.66 -14.52 0.28
N ALA A 67 2.94 -14.98 -0.74
CA ALA A 67 3.41 -16.11 -1.53
C ALA A 67 4.56 -15.70 -2.46
N LEU A 68 4.70 -14.41 -2.68
CA LEU A 68 5.76 -13.88 -3.53
C LEU A 68 7.12 -14.03 -2.85
N MET A 69 7.19 -13.66 -1.58
CA MET A 69 8.42 -13.75 -0.81
C MET A 69 8.92 -15.19 -0.73
N VAL A 70 8.03 -16.11 -0.35
CA VAL A 70 8.40 -17.52 -0.24
C VAL A 70 8.83 -18.08 -1.59
N GLY A 71 8.19 -17.60 -2.66
CA GLY A 71 8.52 -18.05 -3.99
C GLY A 71 9.88 -17.54 -4.42
N LEU A 72 10.16 -16.28 -4.11
CA LEU A 72 11.44 -15.65 -4.46
C LEU A 72 12.59 -16.32 -3.74
N GLN A 73 12.36 -16.72 -2.50
CA GLN A 73 13.39 -17.38 -1.70
C GLN A 73 13.66 -18.79 -2.19
N LYS A 74 12.68 -19.38 -2.86
CA LYS A 74 12.82 -20.74 -3.37
C LYS A 74 13.20 -20.72 -4.85
N ARG A 75 13.61 -19.56 -5.34
CA ARG A 75 13.99 -19.42 -6.74
C ARG A 75 15.29 -20.16 -7.02
N GLY A 76 16.31 -19.87 -6.23
CA GLY A 76 17.59 -20.51 -6.41
C GLY A 76 18.37 -19.92 -7.56
N LYS A 77 18.73 -18.66 -7.42
CA LYS A 77 19.48 -17.96 -8.47
C LYS A 77 20.96 -18.36 -8.43
N ARG A 78 21.25 -19.57 -8.90
CA ARG A 78 22.61 -20.08 -8.92
C ARG A 78 23.28 -19.82 -10.26
N ARG A 79 22.52 -19.29 -11.21
CA ARG A 79 23.04 -19.01 -12.54
C ARG A 79 23.50 -17.56 -12.66
N VAL B 1 8.81 19.30 -2.05
CA VAL B 1 8.06 20.19 -1.17
C VAL B 1 7.00 19.39 -0.42
N SER B 2 7.28 18.12 -0.18
CA SER B 2 6.36 17.24 0.52
C SER B 2 6.13 17.72 1.95
N LYS B 3 7.20 18.22 2.58
CA LYS B 3 7.16 18.72 3.95
C LYS B 3 6.92 17.61 4.97
N GLU B 4 7.02 17.95 6.25
CA GLU B 4 6.82 17.00 7.33
C GLU B 4 7.75 15.80 7.19
N THR B 5 7.28 14.63 7.60
CA THR B 5 8.07 13.41 7.51
C THR B 5 8.02 12.81 6.11
N ALA B 6 7.18 13.40 5.26
CA ALA B 6 7.04 12.90 3.88
C ALA B 6 8.35 13.05 3.10
N THR B 7 9.06 14.15 3.36
CA THR B 7 10.32 14.40 2.69
C THR B 7 11.43 13.54 3.30
N LYS B 8 11.14 12.94 4.44
CA LYS B 8 12.10 12.09 5.12
C LYS B 8 12.00 10.66 4.60
N THR B 9 10.80 10.28 4.18
CA THR B 9 10.55 8.94 3.65
C THR B 9 11.35 8.73 2.35
N ARG B 10 11.45 9.77 1.55
CA ARG B 10 12.19 9.70 0.31
C ARG B 10 13.44 10.56 0.38
N GLN B 11 14.47 10.02 1.01
CA GLN B 11 15.73 10.72 1.16
C GLN B 11 16.83 9.73 1.51
N PRO B 12 18.04 9.92 0.95
CA PRO B 12 19.19 9.06 1.24
C PRO B 12 19.47 9.05 2.74
N ARG B 13 20.04 7.96 3.23
CA ARG B 13 20.34 7.80 4.66
C ARG B 13 19.04 7.77 5.47
N VAL B 14 18.03 7.11 4.91
CA VAL B 14 16.74 6.99 5.57
C VAL B 14 16.80 5.95 6.69
N GLN B 15 17.41 6.36 7.80
CA GLN B 15 17.56 5.51 8.97
C GLN B 15 16.30 5.54 9.84
N MET B 16 15.36 4.65 9.53
CA MET B 16 14.12 4.56 10.27
C MET B 16 14.01 3.22 10.97
N PRO B 17 13.13 3.12 11.99
CA PRO B 17 12.92 1.86 12.72
C PRO B 17 12.32 0.77 11.83
N ASN B 18 12.43 -0.48 12.26
CA ASN B 18 11.92 -1.62 11.49
C ASN B 18 10.47 -1.42 11.06
N GLY B 19 9.64 -0.97 11.99
CA GLY B 19 8.24 -0.76 11.70
C GLY B 19 8.00 0.33 10.67
N LEU B 20 8.84 1.36 10.69
CA LEU B 20 8.70 2.46 9.75
C LEU B 20 9.25 2.09 8.37
N VAL B 21 10.36 1.34 8.35
CA VAL B 21 10.98 0.91 7.10
C VAL B 21 10.02 0.06 6.28
N LEU B 22 9.41 -0.93 6.92
CA LEU B 22 8.47 -1.80 6.24
C LEU B 22 7.24 -1.03 5.79
N MET B 23 6.84 -0.05 6.59
CA MET B 23 5.68 0.77 6.28
C MET B 23 5.97 1.67 5.07
N ARG B 24 7.14 2.30 5.07
CA ARG B 24 7.53 3.17 3.96
C ARG B 24 7.82 2.37 2.70
N MET B 25 8.16 1.09 2.89
CA MET B 25 8.44 0.19 1.77
C MET B 25 7.18 -0.06 0.96
N MET B 26 6.06 -0.24 1.67
CA MET B 26 4.79 -0.48 1.01
C MET B 26 4.24 0.81 0.41
N GLY B 27 4.42 1.90 1.14
CA GLY B 27 3.95 3.19 0.66
C GLY B 27 4.71 3.67 -0.55
N ILE B 28 6.03 3.46 -0.55
CA ILE B 28 6.87 3.88 -1.64
C ILE B 28 6.58 3.11 -2.93
N LEU B 29 5.96 1.94 -2.79
CA LEU B 29 5.60 1.12 -3.93
C LEU B 29 4.56 1.84 -4.78
N TRP B 30 3.60 2.47 -4.11
CA TRP B 30 2.56 3.21 -4.80
C TRP B 30 3.13 4.52 -5.34
N HIS B 31 4.14 5.05 -4.65
CA HIS B 31 4.78 6.29 -5.06
C HIS B 31 5.47 6.12 -6.42
N ALA B 32 6.04 4.94 -6.62
CA ALA B 32 6.73 4.63 -7.87
C ALA B 32 5.73 4.59 -9.03
N VAL B 33 4.51 4.16 -8.73
CA VAL B 33 3.47 4.07 -9.74
C VAL B 33 2.86 5.44 -9.97
N ALA B 34 2.48 6.11 -8.89
CA ALA B 34 1.90 7.43 -8.96
C ALA B 34 2.97 8.52 -8.89
N GLY B 35 3.90 8.46 -9.82
CA GLY B 35 4.97 9.44 -9.86
C GLY B 35 6.33 8.78 -10.07
N THR B 36 7.15 8.79 -9.03
CA THR B 36 8.47 8.20 -9.10
C THR B 36 9.03 7.98 -7.70
N ALA B 37 9.90 6.98 -7.56
CA ALA B 37 10.52 6.65 -6.29
C ALA B 37 11.65 5.66 -6.50
N ARG B 38 11.48 4.44 -5.97
CA ARG B 38 12.46 3.35 -6.08
C ARG B 38 13.91 3.81 -5.89
N ASN B 39 14.17 4.52 -4.80
CA ASN B 39 15.52 5.00 -4.50
C ASN B 39 16.47 3.84 -4.23
N PRO B 40 17.72 3.92 -4.74
CA PRO B 40 18.72 2.88 -4.54
C PRO B 40 19.03 2.64 -3.06
N VAL B 41 19.03 3.72 -2.30
CA VAL B 41 19.29 3.65 -0.86
C VAL B 41 18.16 2.93 -0.14
N LEU B 42 16.95 3.01 -0.70
CA LEU B 42 15.78 2.38 -0.11
C LEU B 42 15.85 0.86 -0.22
N LYS B 43 16.34 0.37 -1.36
CA LYS B 43 16.46 -1.06 -1.57
C LYS B 43 17.69 -1.62 -0.85
N ALA B 44 18.63 -0.74 -0.55
CA ALA B 44 19.86 -1.13 0.14
C ALA B 44 19.54 -1.68 1.53
N PHE B 45 18.66 -0.96 2.23
CA PHE B 45 18.24 -1.38 3.57
C PHE B 45 17.41 -2.66 3.50
N TRP B 46 16.73 -2.85 2.38
CA TRP B 46 15.89 -4.03 2.17
C TRP B 46 16.78 -5.27 2.02
N ASN B 47 17.88 -5.11 1.30
CA ASN B 47 18.83 -6.20 1.08
C ASN B 47 19.63 -6.48 2.35
N SER B 48 19.67 -5.50 3.24
CA SER B 48 20.39 -5.63 4.49
C SER B 48 19.57 -6.36 5.55
N VAL B 49 18.27 -6.09 5.59
CA VAL B 49 17.40 -6.73 6.58
C VAL B 49 17.00 -8.13 6.15
N PRO B 50 16.70 -9.02 7.11
CA PRO B 50 16.30 -10.40 6.82
C PRO B 50 14.96 -10.43 6.11
N LEU B 51 14.89 -11.21 5.03
CA LEU B 51 13.67 -11.33 4.24
C LEU B 51 12.57 -12.02 5.03
N LYS B 52 12.93 -12.99 5.85
CA LYS B 52 11.96 -13.72 6.66
C LYS B 52 11.30 -12.80 7.67
N GLN B 53 12.09 -11.86 8.20
CA GLN B 53 11.59 -10.91 9.18
C GLN B 53 10.68 -9.90 8.48
N ALA B 54 10.98 -9.63 7.21
CA ALA B 54 10.19 -8.70 6.42
C ALA B 54 8.77 -9.21 6.19
N THR B 55 8.66 -10.50 5.89
CA THR B 55 7.35 -11.12 5.68
C THR B 55 6.51 -11.03 6.94
N ALA B 56 7.15 -11.25 8.09
CA ALA B 56 6.47 -11.19 9.38
C ALA B 56 5.91 -9.79 9.61
N ALA B 57 6.70 -8.78 9.26
CA ALA B 57 6.28 -7.40 9.42
C ALA B 57 5.18 -7.05 8.42
N LEU B 58 5.36 -7.51 7.18
CA LEU B 58 4.39 -7.27 6.12
C LEU B 58 3.02 -7.83 6.48
N ARG B 59 3.01 -9.06 6.99
CA ARG B 59 1.76 -9.71 7.38
C ARG B 59 1.14 -8.98 8.56
N LYS B 60 1.98 -8.53 9.48
CA LYS B 60 1.54 -7.82 10.67
C LYS B 60 0.76 -6.56 10.29
N ILE B 61 1.32 -5.79 9.36
CA ILE B 61 0.69 -4.56 8.89
C ILE B 61 -0.60 -4.87 8.14
N LYS B 62 -0.53 -5.87 7.26
CA LYS B 62 -1.68 -6.28 6.47
C LYS B 62 -2.88 -6.65 7.34
N ARG B 63 -2.63 -7.42 8.39
CA ARG B 63 -3.68 -7.85 9.30
C ARG B 63 -4.45 -6.68 9.90
N THR B 64 -3.73 -5.60 10.23
CA THR B 64 -4.36 -4.42 10.81
C THR B 64 -5.34 -3.78 9.82
N VAL B 65 -5.06 -3.92 8.53
CA VAL B 65 -5.94 -3.36 7.52
C VAL B 65 -7.26 -4.10 7.48
N SER B 66 -7.18 -5.43 7.48
CA SER B 66 -8.37 -6.26 7.46
C SER B 66 -9.17 -6.09 8.75
N ALA B 67 -8.45 -5.93 9.86
CA ALA B 67 -9.09 -5.74 11.15
C ALA B 67 -9.79 -4.38 11.21
N LEU B 68 -9.14 -3.37 10.64
CA LEU B 68 -9.69 -2.01 10.63
C LEU B 68 -10.98 -1.95 9.82
N MET B 69 -10.99 -2.62 8.67
CA MET B 69 -12.17 -2.61 7.81
C MET B 69 -13.40 -3.15 8.55
N VAL B 70 -13.25 -4.33 9.14
CA VAL B 70 -14.35 -4.95 9.89
C VAL B 70 -14.69 -4.10 11.10
N GLY B 71 -13.67 -3.53 11.74
CA GLY B 71 -13.87 -2.69 12.90
C GLY B 71 -14.71 -1.46 12.57
N LEU B 72 -14.51 -0.92 11.37
CA LEU B 72 -15.26 0.24 10.92
C LEU B 72 -16.71 -0.14 10.65
N GLN B 73 -16.89 -1.28 10.00
CA GLN B 73 -18.23 -1.78 9.67
C GLN B 73 -19.00 -2.18 10.93
N LYS B 74 -18.25 -2.59 11.96
CA LYS B 74 -18.85 -3.01 13.21
C LYS B 74 -18.70 -1.91 14.27
N ARG B 75 -18.80 -0.66 13.84
CA ARG B 75 -18.67 0.46 14.76
C ARG B 75 -19.98 0.72 15.51
N GLY B 76 -21.07 0.74 14.77
CA GLY B 76 -22.37 0.97 15.38
C GLY B 76 -22.60 2.43 15.72
N LYS B 77 -22.08 3.32 14.89
CA LYS B 77 -22.25 4.74 15.10
C LYS B 77 -23.59 5.23 14.56
N ARG B 78 -24.61 5.21 15.41
CA ARG B 78 -25.95 5.62 15.03
C ARG B 78 -26.41 6.81 15.87
N ARG B 79 -25.53 7.25 16.77
CA ARG B 79 -25.84 8.38 17.64
C ARG B 79 -25.73 9.71 16.91
N VAL A 1 3.70 16.04 -10.08
CA VAL A 1 3.40 15.23 -11.27
C VAL A 1 1.96 15.47 -11.73
N SER A 2 1.78 15.65 -13.04
CA SER A 2 0.45 15.87 -13.60
C SER A 2 0.15 14.86 -14.69
N LYS A 3 0.85 13.74 -14.65
CA LYS A 3 0.68 12.68 -15.64
C LYS A 3 0.65 11.31 -14.95
N GLU A 4 0.59 10.26 -15.75
CA GLU A 4 0.56 8.89 -15.25
C GLU A 4 -0.75 8.61 -14.51
N THR A 5 -0.86 7.43 -13.93
CA THR A 5 -2.06 7.05 -13.20
C THR A 5 -2.09 7.67 -11.80
N ALA A 6 -0.93 8.12 -11.32
CA ALA A 6 -0.83 8.74 -9.99
C ALA A 6 -1.75 9.95 -9.88
N THR A 7 -1.61 10.88 -10.81
CA THR A 7 -2.44 12.08 -10.80
C THR A 7 -3.88 11.76 -11.22
N LYS A 8 -4.05 10.59 -11.84
CA LYS A 8 -5.37 10.16 -12.30
C LYS A 8 -6.20 9.65 -11.12
N THR A 9 -5.56 8.94 -10.19
CA THR A 9 -6.25 8.40 -9.03
C THR A 9 -6.59 9.51 -8.02
N ARG A 10 -5.99 10.67 -8.23
CA ARG A 10 -6.21 11.82 -7.37
C ARG A 10 -7.18 12.79 -8.06
N GLN A 11 -7.51 12.47 -9.30
CA GLN A 11 -8.40 13.30 -10.09
C GLN A 11 -9.87 13.01 -9.79
N PRO A 12 -10.69 14.05 -9.69
CA PRO A 12 -12.12 13.90 -9.42
C PRO A 12 -12.81 13.11 -10.54
N ARG A 13 -13.92 12.48 -10.21
CA ARG A 13 -14.70 11.68 -11.16
C ARG A 13 -13.91 10.44 -11.58
N VAL A 14 -13.17 9.86 -10.64
CA VAL A 14 -12.39 8.67 -10.92
C VAL A 14 -13.27 7.42 -10.88
N GLN A 15 -14.19 7.36 -11.83
CA GLN A 15 -15.13 6.25 -11.96
C GLN A 15 -14.51 5.11 -12.75
N MET A 16 -14.09 4.07 -12.06
CA MET A 16 -13.48 2.90 -12.70
C MET A 16 -13.98 1.63 -12.02
N PRO A 17 -13.70 0.44 -12.61
CA PRO A 17 -14.12 -0.85 -12.04
C PRO A 17 -13.72 -1.02 -10.58
N ASN A 18 -14.57 -1.72 -9.83
CA ASN A 18 -14.34 -1.97 -8.40
C ASN A 18 -12.94 -2.48 -8.11
N GLY A 19 -12.52 -3.49 -8.87
CA GLY A 19 -11.20 -4.08 -8.69
C GLY A 19 -10.08 -3.06 -8.79
N LEU A 20 -10.15 -2.22 -9.82
CA LEU A 20 -9.13 -1.20 -10.02
C LEU A 20 -9.17 -0.15 -8.90
N VAL A 21 -10.38 0.28 -8.58
CA VAL A 21 -10.59 1.28 -7.53
C VAL A 21 -10.02 0.80 -6.20
N LEU A 22 -10.39 -0.40 -5.79
CA LEU A 22 -9.92 -0.97 -4.53
C LEU A 22 -8.40 -1.08 -4.48
N MET A 23 -7.81 -1.50 -5.60
CA MET A 23 -6.37 -1.65 -5.70
C MET A 23 -5.64 -0.33 -5.49
N ARG A 24 -6.12 0.71 -6.16
CA ARG A 24 -5.48 2.03 -6.05
C ARG A 24 -5.87 2.74 -4.76
N MET A 25 -7.04 2.43 -4.24
CA MET A 25 -7.54 3.04 -3.00
C MET A 25 -6.57 2.79 -1.86
N MET A 26 -6.04 1.57 -1.79
CA MET A 26 -5.08 1.22 -0.73
C MET A 26 -3.80 2.03 -0.88
N GLY A 27 -3.51 2.46 -2.11
CA GLY A 27 -2.34 3.26 -2.37
C GLY A 27 -2.55 4.70 -1.93
N ILE A 28 -3.75 5.21 -2.18
CA ILE A 28 -4.08 6.58 -1.80
C ILE A 28 -4.06 6.70 -0.27
N LEU A 29 -4.62 5.71 0.40
CA LEU A 29 -4.66 5.68 1.85
C LEU A 29 -3.27 5.56 2.44
N TRP A 30 -2.33 5.02 1.67
CA TRP A 30 -0.96 4.89 2.13
C TRP A 30 -0.16 6.14 1.85
N HIS A 31 -0.58 6.88 0.84
CA HIS A 31 0.07 8.14 0.49
C HIS A 31 -0.23 9.18 1.56
N ALA A 32 -1.33 8.96 2.27
CA ALA A 32 -1.77 9.84 3.33
C ALA A 32 -0.89 9.67 4.58
N VAL A 33 -0.02 8.68 4.53
CA VAL A 33 0.89 8.41 5.64
C VAL A 33 2.18 9.19 5.45
N ALA A 34 2.32 9.80 4.27
CA ALA A 34 3.50 10.58 3.95
C ALA A 34 3.10 12.02 3.60
N GLY A 35 1.81 12.28 3.57
CA GLY A 35 1.32 13.60 3.24
C GLY A 35 -0.19 13.64 3.18
N THR A 36 -0.73 14.64 2.50
CA THR A 36 -2.17 14.78 2.37
C THR A 36 -2.69 14.01 1.16
N ALA A 37 -3.63 13.10 1.40
CA ALA A 37 -4.22 12.30 0.34
C ALA A 37 -5.64 11.87 0.70
N ARG A 38 -6.60 12.72 0.38
CA ARG A 38 -8.01 12.45 0.64
C ARG A 38 -8.92 13.45 -0.06
N ASN A 39 -9.19 13.20 -1.33
CA ASN A 39 -10.06 14.06 -2.12
C ASN A 39 -11.51 13.60 -1.94
N PRO A 40 -12.46 14.54 -1.80
CA PRO A 40 -13.89 14.22 -1.63
C PRO A 40 -14.39 13.08 -2.51
N VAL A 41 -13.98 13.07 -3.77
CA VAL A 41 -14.39 12.04 -4.72
C VAL A 41 -14.01 10.63 -4.24
N LEU A 42 -12.89 10.53 -3.54
CA LEU A 42 -12.41 9.25 -3.04
C LEU A 42 -13.26 8.72 -1.89
N LYS A 43 -13.55 9.59 -0.93
CA LYS A 43 -14.35 9.20 0.22
C LYS A 43 -15.84 9.07 -0.14
N ALA A 44 -16.24 9.76 -1.21
CA ALA A 44 -17.62 9.71 -1.66
C ALA A 44 -17.91 8.37 -2.34
N PHE A 45 -17.03 7.98 -3.25
CA PHE A 45 -17.18 6.71 -3.97
C PHE A 45 -17.01 5.52 -3.02
N TRP A 46 -16.42 5.79 -1.86
CA TRP A 46 -16.19 4.76 -0.86
C TRP A 46 -17.52 4.23 -0.31
N ASN A 47 -18.59 4.99 -0.48
CA ASN A 47 -19.91 4.58 -0.03
C ASN A 47 -20.42 3.43 -0.89
N SER A 48 -20.02 3.43 -2.15
CA SER A 48 -20.43 2.40 -3.09
C SER A 48 -19.41 1.25 -3.10
N VAL A 49 -18.36 1.40 -2.30
CA VAL A 49 -17.31 0.39 -2.21
C VAL A 49 -17.80 -0.82 -1.42
N PRO A 50 -17.49 -2.04 -1.89
CA PRO A 50 -17.88 -3.28 -1.20
C PRO A 50 -17.39 -3.31 0.24
N LEU A 51 -18.17 -3.92 1.12
CA LEU A 51 -17.82 -4.00 2.52
C LEU A 51 -16.84 -5.16 2.78
N LYS A 52 -17.37 -6.31 3.16
CA LYS A 52 -16.53 -7.47 3.45
C LYS A 52 -15.95 -8.06 2.17
N GLN A 53 -16.65 -7.83 1.06
CA GLN A 53 -16.21 -8.31 -0.24
C GLN A 53 -14.88 -7.67 -0.62
N ALA A 54 -14.68 -6.44 -0.19
CA ALA A 54 -13.45 -5.72 -0.47
C ALA A 54 -12.36 -6.18 0.48
N THR A 55 -12.74 -6.42 1.73
CA THR A 55 -11.80 -6.89 2.75
C THR A 55 -11.19 -8.21 2.33
N ALA A 56 -12.03 -9.12 1.83
CA ALA A 56 -11.58 -10.44 1.39
C ALA A 56 -10.63 -10.32 0.21
N ALA A 57 -10.97 -9.44 -0.74
CA ALA A 57 -10.16 -9.23 -1.93
C ALA A 57 -8.75 -8.73 -1.57
N LEU A 58 -8.69 -7.79 -0.64
CA LEU A 58 -7.41 -7.24 -0.21
C LEU A 58 -6.55 -8.28 0.50
N ARG A 59 -7.20 -9.21 1.18
CA ARG A 59 -6.49 -10.26 1.89
C ARG A 59 -6.01 -11.34 0.92
N LYS A 60 -6.76 -11.51 -0.17
CA LYS A 60 -6.42 -12.48 -1.19
C LYS A 60 -5.11 -12.10 -1.87
N ILE A 61 -4.96 -10.82 -2.21
CA ILE A 61 -3.76 -10.33 -2.85
C ILE A 61 -2.56 -10.47 -1.92
N LYS A 62 -2.80 -10.28 -0.62
CA LYS A 62 -1.75 -10.39 0.38
C LYS A 62 -1.19 -11.81 0.44
N ARG A 63 -2.05 -12.78 0.12
CA ARG A 63 -1.65 -14.18 0.12
C ARG A 63 -0.76 -14.48 -1.08
N THR A 64 -1.12 -13.88 -2.21
CA THR A 64 -0.38 -14.07 -3.45
C THR A 64 1.04 -13.54 -3.36
N VAL A 65 1.21 -12.32 -2.86
CA VAL A 65 2.53 -11.72 -2.73
C VAL A 65 3.41 -12.52 -1.75
N SER A 66 2.80 -13.09 -0.73
CA SER A 66 3.52 -13.87 0.25
C SER A 66 4.08 -15.15 -0.37
N ALA A 67 3.30 -15.74 -1.27
CA ALA A 67 3.72 -16.97 -1.95
C ALA A 67 4.94 -16.71 -2.83
N LEU A 68 4.88 -15.60 -3.57
CA LEU A 68 5.99 -15.23 -4.45
C LEU A 68 7.23 -14.88 -3.64
N MET A 69 7.02 -14.27 -2.48
CA MET A 69 8.12 -13.89 -1.60
C MET A 69 8.91 -15.12 -1.19
N VAL A 70 8.21 -16.18 -0.81
CA VAL A 70 8.85 -17.43 -0.40
C VAL A 70 9.61 -18.05 -1.57
N GLY A 71 8.98 -18.07 -2.74
CA GLY A 71 9.61 -18.65 -3.92
C GLY A 71 10.91 -17.95 -4.29
N LEU A 72 10.92 -16.63 -4.17
CA LEU A 72 12.12 -15.85 -4.48
C LEU A 72 13.24 -16.14 -3.49
N GLN A 73 12.89 -16.28 -2.22
CA GLN A 73 13.88 -16.54 -1.18
C GLN A 73 14.35 -18.00 -1.22
N LYS A 74 13.49 -18.88 -1.73
CA LYS A 74 13.81 -20.31 -1.83
C LYS A 74 15.00 -20.54 -2.75
N ARG A 75 15.24 -19.59 -3.64
CA ARG A 75 16.35 -19.69 -4.59
C ARG A 75 17.67 -19.34 -3.90
N GLY A 76 17.57 -18.72 -2.73
CA GLY A 76 18.75 -18.34 -1.97
C GLY A 76 19.63 -17.33 -2.69
N LYS A 77 19.02 -16.48 -3.50
CA LYS A 77 19.75 -15.48 -4.24
C LYS A 77 19.11 -14.11 -4.10
N ARG A 78 19.90 -13.13 -3.70
CA ARG A 78 19.40 -11.77 -3.53
C ARG A 78 20.29 -10.78 -4.26
N ARG A 79 19.88 -10.38 -5.46
CA ARG A 79 20.65 -9.45 -6.26
C ARG A 79 19.93 -8.10 -6.34
N VAL B 1 5.62 18.95 -5.28
CA VAL B 1 5.82 19.07 -3.84
C VAL B 1 7.29 18.85 -3.48
N SER B 2 7.84 19.71 -2.64
CA SER B 2 9.23 19.60 -2.24
C SER B 2 9.37 19.60 -0.71
N LYS B 3 8.29 19.21 -0.04
CA LYS B 3 8.29 19.15 1.42
C LYS B 3 7.51 17.93 1.91
N GLU B 4 7.28 17.85 3.21
CA GLU B 4 6.55 16.72 3.83
C GLU B 4 7.31 15.41 3.66
N THR B 5 6.66 14.31 4.00
CA THR B 5 7.28 12.99 3.87
C THR B 5 7.22 12.50 2.42
N ALA B 6 6.37 13.15 1.62
CA ALA B 6 6.20 12.81 0.22
C ALA B 6 7.50 13.04 -0.56
N THR B 7 8.33 13.91 -0.04
CA THR B 7 9.61 14.22 -0.67
C THR B 7 10.74 13.53 0.10
N LYS B 8 10.37 12.74 1.09
CA LYS B 8 11.34 12.01 1.90
C LYS B 8 11.37 10.55 1.50
N THR B 9 10.28 10.08 0.90
CA THR B 9 10.18 8.71 0.46
C THR B 9 11.19 8.43 -0.65
N ARG B 10 11.27 9.36 -1.59
CA ARG B 10 12.20 9.25 -2.70
C ARG B 10 13.26 10.34 -2.57
N GLN B 11 14.18 10.15 -1.64
CA GLN B 11 15.24 11.10 -1.39
C GLN B 11 16.48 10.35 -0.88
N PRO B 12 17.69 10.84 -1.20
CA PRO B 12 18.93 10.21 -0.73
C PRO B 12 18.93 10.09 0.79
N ARG B 13 19.67 9.12 1.32
CA ARG B 13 19.72 8.88 2.76
C ARG B 13 18.30 8.60 3.27
N VAL B 14 17.67 7.59 2.67
CA VAL B 14 16.32 7.20 3.04
C VAL B 14 16.33 6.20 4.20
N GLN B 15 17.40 6.23 4.98
CA GLN B 15 17.53 5.35 6.12
C GLN B 15 16.64 5.83 7.27
N MET B 16 15.45 5.26 7.34
CA MET B 16 14.49 5.62 8.38
C MET B 16 14.38 4.47 9.37
N PRO B 17 13.76 4.70 10.55
CA PRO B 17 13.59 3.66 11.57
C PRO B 17 13.11 2.33 10.97
N ASN B 18 13.64 1.24 11.50
CA ASN B 18 13.33 -0.11 11.04
C ASN B 18 11.84 -0.34 10.80
N GLY B 19 11.03 -0.10 11.81
CA GLY B 19 9.59 -0.30 11.69
C GLY B 19 8.90 0.72 10.80
N LEU B 20 9.52 1.88 10.64
CA LEU B 20 8.94 2.94 9.82
C LEU B 20 9.25 2.74 8.34
N VAL B 21 10.50 2.43 8.03
CA VAL B 21 10.93 2.25 6.65
C VAL B 21 10.20 1.09 5.97
N LEU B 22 9.95 0.03 6.73
CA LEU B 22 9.26 -1.14 6.20
C LEU B 22 7.78 -0.83 5.93
N MET B 23 7.15 -0.16 6.88
CA MET B 23 5.74 0.19 6.77
C MET B 23 5.48 1.04 5.53
N ARG B 24 6.33 2.02 5.29
CA ARG B 24 6.17 2.92 4.17
C ARG B 24 6.78 2.36 2.87
N MET B 25 7.61 1.33 2.99
CA MET B 25 8.27 0.73 1.84
C MET B 25 7.26 0.20 0.82
N MET B 26 6.18 -0.39 1.32
CA MET B 26 5.14 -0.92 0.44
C MET B 26 4.50 0.18 -0.39
N GLY B 27 4.55 1.41 0.11
CA GLY B 27 3.96 2.53 -0.60
C GLY B 27 4.79 2.91 -1.81
N ILE B 28 6.10 2.72 -1.71
CA ILE B 28 7.03 3.04 -2.79
C ILE B 28 6.76 2.14 -3.98
N LEU B 29 6.70 0.84 -3.72
CA LEU B 29 6.45 -0.14 -4.77
C LEU B 29 5.07 0.04 -5.37
N TRP B 30 4.13 0.50 -4.55
CA TRP B 30 2.77 0.72 -5.00
C TRP B 30 2.69 1.98 -5.87
N HIS B 31 3.44 3.00 -5.47
CA HIS B 31 3.48 4.26 -6.19
C HIS B 31 4.11 4.06 -7.57
N ALA B 32 5.07 3.14 -7.63
CA ALA B 32 5.76 2.83 -8.87
C ALA B 32 4.80 2.27 -9.93
N VAL B 33 3.70 1.68 -9.47
CA VAL B 33 2.70 1.13 -10.38
C VAL B 33 1.88 2.25 -11.01
N ALA B 34 1.79 3.36 -10.31
CA ALA B 34 1.03 4.51 -10.78
C ALA B 34 1.94 5.55 -11.43
N GLY B 35 3.20 5.18 -11.64
CA GLY B 35 4.15 6.07 -12.25
C GLY B 35 5.58 5.57 -12.13
N THR B 36 6.29 6.07 -11.13
CA THR B 36 7.67 5.67 -10.90
C THR B 36 8.12 6.13 -9.51
N ALA B 37 8.89 5.27 -8.84
CA ALA B 37 9.40 5.58 -7.51
C ALA B 37 10.70 4.83 -7.24
N ARG B 38 11.35 4.39 -8.31
CA ARG B 38 12.61 3.66 -8.20
C ARG B 38 13.78 4.60 -7.96
N ASN B 39 14.61 4.27 -6.98
CA ASN B 39 15.78 5.06 -6.66
C ASN B 39 16.91 4.13 -6.19
N PRO B 40 18.16 4.43 -6.57
CA PRO B 40 19.33 3.62 -6.21
C PRO B 40 19.47 3.37 -4.72
N VAL B 41 19.26 4.40 -3.93
CA VAL B 41 19.37 4.30 -2.48
C VAL B 41 18.27 3.40 -1.91
N LEU B 42 17.07 3.48 -2.49
CA LEU B 42 15.95 2.68 -2.05
C LEU B 42 16.17 1.19 -2.27
N LYS B 43 16.61 0.83 -3.48
CA LYS B 43 16.86 -0.58 -3.81
C LYS B 43 18.09 -1.11 -3.09
N ALA B 44 19.04 -0.23 -2.79
CA ALA B 44 20.26 -0.62 -2.09
C ALA B 44 19.95 -1.06 -0.67
N PHE B 45 19.17 -0.23 0.04
CA PHE B 45 18.80 -0.53 1.41
C PHE B 45 17.88 -1.75 1.48
N TRP B 46 17.00 -1.88 0.48
CA TRP B 46 16.07 -3.00 0.41
C TRP B 46 16.80 -4.34 0.34
N ASN B 47 17.97 -4.34 -0.29
CA ASN B 47 18.77 -5.55 -0.44
C ASN B 47 19.26 -6.07 0.91
N SER B 48 19.38 -5.17 1.88
CA SER B 48 19.84 -5.53 3.21
C SER B 48 18.66 -5.82 4.14
N VAL B 49 17.46 -5.50 3.68
CA VAL B 49 16.24 -5.72 4.45
C VAL B 49 15.92 -7.21 4.54
N PRO B 50 15.59 -7.71 5.74
CA PRO B 50 15.23 -9.12 5.96
C PRO B 50 14.14 -9.59 5.00
N LEU B 51 14.10 -10.89 4.76
CA LEU B 51 13.11 -11.45 3.85
C LEU B 51 11.79 -11.79 4.56
N LYS B 52 11.72 -12.98 5.14
CA LYS B 52 10.51 -13.44 5.80
C LYS B 52 10.14 -12.55 6.99
N GLN B 53 11.15 -11.99 7.64
CA GLN B 53 10.94 -11.12 8.79
C GLN B 53 10.18 -9.86 8.39
N ALA B 54 10.39 -9.40 7.17
CA ALA B 54 9.73 -8.20 6.68
C ALA B 54 8.30 -8.50 6.27
N THR B 55 8.13 -9.55 5.47
CA THR B 55 6.81 -9.96 4.99
C THR B 55 5.85 -10.22 6.15
N ALA B 56 6.38 -10.78 7.23
CA ALA B 56 5.56 -11.10 8.40
C ALA B 56 4.98 -9.83 9.01
N ALA B 57 5.81 -8.79 9.13
CA ALA B 57 5.38 -7.52 9.69
C ALA B 57 4.39 -6.84 8.76
N LEU B 58 4.64 -6.96 7.46
CA LEU B 58 3.78 -6.36 6.45
C LEU B 58 2.37 -6.95 6.50
N ARG B 59 2.28 -8.21 6.92
CA ARG B 59 0.99 -8.87 7.02
C ARG B 59 0.31 -8.55 8.36
N LYS B 60 1.13 -8.16 9.33
CA LYS B 60 0.63 -7.80 10.65
C LYS B 60 -0.17 -6.50 10.58
N ILE B 61 0.35 -5.56 9.81
CA ILE B 61 -0.32 -4.27 9.62
C ILE B 61 -1.67 -4.48 8.97
N LYS B 62 -1.68 -5.30 7.92
CA LYS B 62 -2.91 -5.59 7.19
C LYS B 62 -3.97 -6.22 8.09
N ARG B 63 -3.56 -7.18 8.92
CA ARG B 63 -4.49 -7.84 9.82
C ARG B 63 -5.12 -6.84 10.80
N THR B 64 -4.32 -5.87 11.21
CA THR B 64 -4.77 -4.86 12.14
C THR B 64 -5.71 -3.84 11.48
N VAL B 65 -5.35 -3.36 10.30
CA VAL B 65 -6.18 -2.39 9.59
C VAL B 65 -7.50 -3.00 9.13
N SER B 66 -7.47 -4.28 8.75
CA SER B 66 -8.66 -4.98 8.29
C SER B 66 -9.62 -5.18 9.44
N ALA B 67 -9.07 -5.30 10.66
CA ALA B 67 -9.88 -5.49 11.86
C ALA B 67 -10.80 -4.29 12.05
N LEU B 68 -10.32 -3.12 11.67
CA LEU B 68 -11.10 -1.90 11.79
C LEU B 68 -12.28 -1.95 10.83
N MET B 69 -12.01 -2.38 9.59
CA MET B 69 -13.05 -2.48 8.58
C MET B 69 -14.12 -3.50 9.00
N VAL B 70 -13.67 -4.61 9.55
CA VAL B 70 -14.58 -5.65 10.01
C VAL B 70 -15.42 -5.13 11.18
N GLY B 71 -14.76 -4.50 12.14
CA GLY B 71 -15.45 -3.96 13.30
C GLY B 71 -16.39 -2.83 12.93
N LEU B 72 -15.99 -2.01 11.97
CA LEU B 72 -16.81 -0.89 11.52
C LEU B 72 -18.12 -1.38 10.90
N GLN B 73 -18.06 -2.52 10.22
CA GLN B 73 -19.22 -3.09 9.55
C GLN B 73 -20.14 -3.83 10.52
N LYS B 74 -19.75 -3.88 11.78
CA LYS B 74 -20.53 -4.55 12.81
C LYS B 74 -21.76 -3.71 13.17
N ARG B 75 -21.63 -2.40 13.01
CA ARG B 75 -22.71 -1.48 13.31
C ARG B 75 -23.84 -1.61 12.30
N GLY B 76 -23.48 -1.70 11.02
CA GLY B 76 -24.47 -1.83 9.97
C GLY B 76 -24.91 -0.50 9.41
N LYS B 77 -24.35 0.57 9.94
CA LYS B 77 -24.69 1.92 9.51
C LYS B 77 -23.50 2.59 8.84
N ARG B 78 -23.69 3.01 7.60
CA ARG B 78 -22.64 3.68 6.85
C ARG B 78 -23.08 5.09 6.49
N ARG B 79 -22.23 6.06 6.77
CA ARG B 79 -22.54 7.45 6.48
C ARG B 79 -21.52 8.04 5.51
N VAL A 1 -0.48 5.23 -20.39
CA VAL A 1 -0.90 6.56 -19.97
C VAL A 1 0.30 7.51 -19.89
N SER A 2 1.50 6.94 -20.02
CA SER A 2 2.75 7.71 -19.98
C SER A 2 2.94 8.43 -18.64
N LYS A 3 2.31 7.94 -17.59
CA LYS A 3 2.41 8.57 -16.28
C LYS A 3 2.27 7.55 -15.15
N GLU A 4 2.17 6.28 -15.51
CA GLU A 4 2.03 5.19 -14.54
C GLU A 4 0.66 5.21 -13.84
N THR A 5 0.12 4.04 -13.56
CA THR A 5 -1.17 3.92 -12.90
C THR A 5 -1.11 4.38 -11.44
N ALA A 6 0.09 4.36 -10.87
CA ALA A 6 0.30 4.78 -9.50
C ALA A 6 -0.07 6.25 -9.31
N THR A 7 0.23 7.05 -10.32
CA THR A 7 -0.07 8.48 -10.27
C THR A 7 -1.57 8.72 -10.45
N LYS A 8 -2.25 7.76 -11.06
CA LYS A 8 -3.69 7.86 -11.30
C LYS A 8 -4.45 7.54 -10.01
N THR A 9 -3.76 6.88 -9.08
CA THR A 9 -4.36 6.51 -7.80
C THR A 9 -4.61 7.75 -6.94
N ARG A 10 -3.76 8.75 -7.11
CA ARG A 10 -3.88 9.99 -6.34
C ARG A 10 -4.31 11.13 -7.25
N GLN A 11 -5.18 10.82 -8.20
CA GLN A 11 -5.68 11.80 -9.14
C GLN A 11 -7.21 11.77 -9.17
N PRO A 12 -7.86 12.95 -9.24
CA PRO A 12 -9.33 13.04 -9.30
C PRO A 12 -9.88 12.29 -10.51
N ARG A 13 -11.17 11.95 -10.47
CA ARG A 13 -11.83 11.22 -11.55
C ARG A 13 -11.17 9.86 -11.71
N VAL A 14 -11.12 9.12 -10.61
CA VAL A 14 -10.51 7.80 -10.60
C VAL A 14 -11.51 6.71 -11.02
N GLN A 15 -12.12 6.91 -12.17
CA GLN A 15 -13.09 5.96 -12.70
C GLN A 15 -12.36 4.76 -13.30
N MET A 16 -12.25 3.72 -12.52
CA MET A 16 -11.57 2.50 -12.94
C MET A 16 -12.55 1.31 -12.92
N PRO A 17 -12.17 0.18 -13.55
CA PRO A 17 -13.01 -1.02 -13.57
C PRO A 17 -13.33 -1.50 -12.16
N ASN A 18 -14.35 -2.34 -12.04
CA ASN A 18 -14.81 -2.86 -10.76
C ASN A 18 -13.66 -3.37 -9.87
N GLY A 19 -12.86 -4.28 -10.42
CA GLY A 19 -11.75 -4.84 -9.65
C GLY A 19 -10.66 -3.84 -9.34
N LEU A 20 -10.55 -2.80 -10.15
CA LEU A 20 -9.52 -1.79 -9.94
C LEU A 20 -9.86 -0.87 -8.78
N VAL A 21 -11.14 -0.48 -8.69
CA VAL A 21 -11.60 0.39 -7.61
C VAL A 21 -11.33 -0.26 -6.26
N LEU A 22 -11.66 -1.55 -6.17
CA LEU A 22 -11.46 -2.31 -4.94
C LEU A 22 -9.99 -2.39 -4.58
N MET A 23 -9.13 -2.50 -5.58
CA MET A 23 -7.69 -2.59 -5.36
C MET A 23 -7.13 -1.24 -4.91
N ARG A 24 -7.49 -0.19 -5.63
CA ARG A 24 -7.01 1.16 -5.35
C ARG A 24 -7.47 1.64 -3.97
N MET A 25 -8.74 1.42 -3.64
CA MET A 25 -9.29 1.85 -2.36
C MET A 25 -8.57 1.17 -1.19
N MET A 26 -8.06 -0.03 -1.42
CA MET A 26 -7.35 -0.77 -0.39
C MET A 26 -5.97 -0.17 -0.17
N GLY A 27 -5.31 0.21 -1.26
CA GLY A 27 -3.99 0.80 -1.18
C GLY A 27 -4.04 2.19 -0.56
N ILE A 28 -5.12 2.93 -0.85
CA ILE A 28 -5.30 4.28 -0.31
C ILE A 28 -5.36 4.21 1.21
N LEU A 29 -5.94 3.14 1.74
CA LEU A 29 -6.06 2.96 3.16
C LEU A 29 -4.68 2.89 3.80
N TRP A 30 -3.73 2.31 3.08
CA TRP A 30 -2.37 2.18 3.56
C TRP A 30 -1.67 3.52 3.48
N HIS A 31 -1.90 4.23 2.38
CA HIS A 31 -1.29 5.55 2.14
C HIS A 31 -1.69 6.53 3.24
N ALA A 32 -2.91 6.41 3.73
CA ALA A 32 -3.42 7.28 4.79
C ALA A 32 -2.67 7.05 6.10
N VAL A 33 -2.11 5.86 6.26
CA VAL A 33 -1.37 5.53 7.47
C VAL A 33 0.09 5.97 7.33
N ALA A 34 0.59 5.99 6.10
CA ALA A 34 1.96 6.40 5.83
C ALA A 34 2.05 7.92 5.66
N GLY A 35 0.89 8.55 5.75
CA GLY A 35 0.81 10.00 5.62
C GLY A 35 -0.65 10.44 5.62
N THR A 36 -1.26 10.45 4.45
CA THR A 36 -2.66 10.84 4.30
C THR A 36 -3.11 10.65 2.85
N ALA A 37 -4.36 10.26 2.67
CA ALA A 37 -4.92 10.05 1.35
C ALA A 37 -6.44 10.16 1.40
N ARG A 38 -6.94 11.35 1.14
CA ARG A 38 -8.38 11.59 1.16
C ARG A 38 -8.76 12.65 0.13
N ASN A 39 -9.17 12.19 -1.04
CA ASN A 39 -9.57 13.09 -2.12
C ASN A 39 -11.09 13.13 -2.23
N PRO A 40 -11.65 14.31 -2.57
CA PRO A 40 -13.11 14.50 -2.70
C PRO A 40 -13.78 13.44 -3.58
N VAL A 41 -13.21 13.20 -4.76
CA VAL A 41 -13.75 12.22 -5.69
C VAL A 41 -13.63 10.80 -5.14
N LEU A 42 -12.51 10.53 -4.48
CA LEU A 42 -12.26 9.22 -3.89
C LEU A 42 -13.23 8.95 -2.75
N LYS A 43 -13.55 10.00 -2.01
CA LYS A 43 -14.48 9.92 -0.89
C LYS A 43 -15.88 9.57 -1.39
N ALA A 44 -16.26 10.17 -2.51
CA ALA A 44 -17.57 9.93 -3.11
C ALA A 44 -17.68 8.48 -3.57
N PHE A 45 -16.61 7.97 -4.15
CA PHE A 45 -16.57 6.59 -4.63
C PHE A 45 -16.70 5.62 -3.46
N TRP A 46 -16.11 5.98 -2.34
CA TRP A 46 -16.14 5.15 -1.13
C TRP A 46 -17.57 5.03 -0.62
N ASN A 47 -18.37 6.07 -0.80
CA ASN A 47 -19.76 6.06 -0.35
C ASN A 47 -20.62 5.19 -1.27
N SER A 48 -20.03 4.74 -2.36
CA SER A 48 -20.72 3.89 -3.30
C SER A 48 -20.06 2.52 -3.39
N VAL A 49 -19.13 2.27 -2.47
CA VAL A 49 -18.41 1.00 -2.43
C VAL A 49 -19.26 -0.10 -1.80
N PRO A 50 -19.30 -1.30 -2.42
CA PRO A 50 -20.07 -2.44 -1.91
C PRO A 50 -19.50 -2.97 -0.60
N LEU A 51 -20.19 -3.92 -0.01
CA LEU A 51 -19.76 -4.49 1.26
C LEU A 51 -19.22 -5.91 1.08
N LYS A 52 -20.13 -6.85 0.85
CA LYS A 52 -19.77 -8.26 0.70
C LYS A 52 -18.85 -8.50 -0.50
N GLN A 53 -19.22 -7.92 -1.64
CA GLN A 53 -18.44 -8.07 -2.86
C GLN A 53 -17.03 -7.53 -2.68
N ALA A 54 -16.92 -6.44 -1.92
CA ALA A 54 -15.63 -5.81 -1.66
C ALA A 54 -14.80 -6.66 -0.70
N THR A 55 -15.45 -7.19 0.33
CA THR A 55 -14.78 -8.02 1.32
C THR A 55 -14.11 -9.23 0.68
N ALA A 56 -14.80 -9.84 -0.28
CA ALA A 56 -14.28 -11.00 -0.99
C ALA A 56 -13.05 -10.64 -1.82
N ALA A 57 -13.09 -9.46 -2.43
CA ALA A 57 -12.00 -8.99 -3.27
C ALA A 57 -10.79 -8.61 -2.44
N LEU A 58 -11.03 -7.97 -1.29
CA LEU A 58 -9.94 -7.55 -0.40
C LEU A 58 -9.01 -8.70 -0.05
N ARG A 59 -9.58 -9.88 0.14
CA ARG A 59 -8.79 -11.06 0.48
C ARG A 59 -7.89 -11.46 -0.70
N LYS A 60 -8.45 -11.39 -1.90
CA LYS A 60 -7.73 -11.76 -3.12
C LYS A 60 -6.60 -10.76 -3.41
N ILE A 61 -6.89 -9.48 -3.21
CA ILE A 61 -5.90 -8.44 -3.44
C ILE A 61 -4.70 -8.59 -2.49
N LYS A 62 -4.98 -8.74 -1.20
CA LYS A 62 -3.93 -8.90 -0.20
C LYS A 62 -3.11 -10.15 -0.50
N ARG A 63 -3.78 -11.19 -0.98
CA ARG A 63 -3.13 -12.45 -1.31
C ARG A 63 -2.13 -12.24 -2.45
N THR A 64 -2.49 -11.34 -3.37
CA THR A 64 -1.64 -11.04 -4.50
C THR A 64 -0.40 -10.26 -4.07
N VAL A 65 -0.60 -9.27 -3.20
CA VAL A 65 0.51 -8.46 -2.71
C VAL A 65 1.49 -9.32 -1.91
N SER A 66 0.96 -10.20 -1.08
CA SER A 66 1.79 -11.08 -0.27
C SER A 66 2.55 -12.08 -1.14
N ALA A 67 2.00 -12.38 -2.31
CA ALA A 67 2.64 -13.31 -3.23
C ALA A 67 3.96 -12.76 -3.74
N LEU A 68 3.97 -11.46 -4.03
CA LEU A 68 5.17 -10.80 -4.50
C LEU A 68 6.17 -10.67 -3.36
N MET A 69 5.63 -10.46 -2.17
CA MET A 69 6.44 -10.32 -0.96
C MET A 69 7.26 -11.57 -0.70
N VAL A 70 6.62 -12.73 -0.83
CA VAL A 70 7.30 -14.01 -0.61
C VAL A 70 8.07 -14.45 -1.85
N GLY A 71 7.62 -13.99 -3.02
CA GLY A 71 8.25 -14.35 -4.27
C GLY A 71 9.64 -13.76 -4.41
N LEU A 72 9.79 -12.50 -4.02
CA LEU A 72 11.08 -11.82 -4.10
C LEU A 72 12.12 -12.51 -3.23
N GLN A 73 11.67 -13.07 -2.11
CA GLN A 73 12.55 -13.76 -1.18
C GLN A 73 13.04 -15.09 -1.78
N LYS A 74 12.24 -15.65 -2.67
CA LYS A 74 12.60 -16.91 -3.32
C LYS A 74 13.56 -16.64 -4.47
N ARG A 75 13.47 -15.45 -5.03
CA ARG A 75 14.33 -15.06 -6.14
C ARG A 75 15.76 -14.83 -5.67
N GLY A 76 15.89 -14.33 -4.44
CA GLY A 76 17.20 -14.08 -3.87
C GLY A 76 17.96 -15.37 -3.64
N LYS A 77 17.26 -16.37 -3.12
CA LYS A 77 17.85 -17.66 -2.85
C LYS A 77 17.34 -18.70 -3.83
N ARG A 78 18.03 -18.84 -4.95
CA ARG A 78 17.64 -19.80 -5.98
C ARG A 78 17.76 -21.23 -5.48
N ARG A 79 16.64 -21.93 -5.44
CA ARG A 79 16.63 -23.31 -5.00
C ARG A 79 16.79 -24.27 -6.17
N VAL B 1 7.42 17.80 7.86
CA VAL B 1 8.22 18.07 6.67
C VAL B 1 7.54 19.12 5.80
N SER B 2 6.30 19.47 6.16
CA SER B 2 5.50 20.47 5.43
C SER B 2 5.06 19.98 4.05
N LYS B 3 5.38 18.73 3.74
CA LYS B 3 5.01 18.16 2.45
C LYS B 3 4.42 16.76 2.60
N GLU B 4 3.95 16.47 3.81
CA GLU B 4 3.34 15.18 4.14
C GLU B 4 4.39 14.07 4.22
N THR B 5 4.22 13.18 5.19
CA THR B 5 5.15 12.07 5.38
C THR B 5 4.97 11.00 4.30
N ALA B 6 3.84 11.05 3.61
CA ALA B 6 3.55 10.10 2.54
C ALA B 6 4.52 10.26 1.38
N THR B 7 4.98 11.50 1.17
CA THR B 7 5.91 11.81 0.10
C THR B 7 7.32 11.27 0.42
N LYS B 8 7.58 11.03 1.71
CA LYS B 8 8.88 10.53 2.15
C LYS B 8 9.12 9.11 1.64
N THR B 9 8.03 8.41 1.34
CA THR B 9 8.12 7.03 0.84
C THR B 9 8.72 6.99 -0.56
N ARG B 10 8.79 8.15 -1.21
CA ARG B 10 9.35 8.24 -2.55
C ARG B 10 10.36 9.38 -2.62
N GLN B 11 11.01 9.64 -1.49
CA GLN B 11 12.01 10.70 -1.41
C GLN B 11 13.32 10.16 -0.88
N PRO B 12 14.46 10.61 -1.45
CA PRO B 12 15.79 10.18 -1.02
C PRO B 12 16.07 10.51 0.44
N ARG B 13 17.16 9.96 0.98
CA ARG B 13 17.55 10.18 2.36
C ARG B 13 16.48 9.61 3.29
N VAL B 14 16.16 8.34 3.07
CA VAL B 14 15.15 7.64 3.84
C VAL B 14 15.73 7.06 5.14
N GLN B 15 16.54 7.86 5.82
CA GLN B 15 17.18 7.44 7.06
C GLN B 15 16.18 7.53 8.22
N MET B 16 15.15 6.71 8.15
CA MET B 16 14.11 6.68 9.17
C MET B 16 14.40 5.57 10.17
N PRO B 17 13.72 5.56 11.34
CA PRO B 17 13.90 4.52 12.35
C PRO B 17 13.61 3.13 11.78
N ASN B 18 14.15 2.10 12.42
CA ASN B 18 13.98 0.72 11.97
C ASN B 18 12.52 0.36 11.70
N GLY B 19 11.63 0.73 12.61
CA GLY B 19 10.22 0.42 12.44
C GLY B 19 9.61 1.12 11.25
N LEU B 20 10.12 2.32 10.94
CA LEU B 20 9.61 3.09 9.82
C LEU B 20 10.18 2.59 8.49
N VAL B 21 11.43 2.15 8.52
CA VAL B 21 12.09 1.61 7.32
C VAL B 21 11.29 0.44 6.76
N LEU B 22 10.96 -0.50 7.64
CA LEU B 22 10.22 -1.68 7.26
C LEU B 22 8.80 -1.33 6.83
N MET B 23 8.31 -0.17 7.26
CA MET B 23 6.99 0.29 6.88
C MET B 23 6.99 0.92 5.49
N ARG B 24 7.96 1.79 5.25
CA ARG B 24 8.07 2.47 3.97
C ARG B 24 8.26 1.48 2.83
N MET B 25 9.08 0.46 3.06
CA MET B 25 9.35 -0.56 2.04
C MET B 25 8.09 -1.33 1.68
N MET B 26 7.15 -1.43 2.62
CA MET B 26 5.90 -2.13 2.38
C MET B 26 5.08 -1.42 1.32
N GLY B 27 5.05 -0.10 1.39
CA GLY B 27 4.33 0.69 0.42
C GLY B 27 4.97 0.60 -0.95
N ILE B 28 6.30 0.53 -0.96
CA ILE B 28 7.06 0.41 -2.20
C ILE B 28 6.67 -0.87 -2.92
N LEU B 29 6.42 -1.92 -2.14
CA LEU B 29 6.03 -3.20 -2.69
C LEU B 29 4.67 -3.07 -3.40
N TRP B 30 3.75 -2.36 -2.76
CA TRP B 30 2.42 -2.16 -3.32
C TRP B 30 2.51 -1.39 -4.64
N HIS B 31 3.37 -0.37 -4.65
CA HIS B 31 3.57 0.43 -5.85
C HIS B 31 4.19 -0.39 -6.97
N ALA B 32 4.98 -1.39 -6.59
CA ALA B 32 5.63 -2.27 -7.56
C ALA B 32 4.62 -3.23 -8.16
N VAL B 33 3.54 -3.49 -7.44
CA VAL B 33 2.48 -4.38 -7.90
C VAL B 33 1.72 -3.71 -9.05
N ALA B 34 1.37 -2.45 -8.86
CA ALA B 34 0.66 -1.69 -9.87
C ALA B 34 1.33 -0.35 -10.11
N GLY B 35 2.34 -0.35 -10.96
CA GLY B 35 3.07 0.87 -11.27
C GLY B 35 4.56 0.65 -11.29
N THR B 36 5.30 1.49 -10.59
CA THR B 36 6.74 1.38 -10.51
C THR B 36 7.29 2.25 -9.38
N ALA B 37 8.21 1.69 -8.60
CA ALA B 37 8.81 2.41 -7.48
C ALA B 37 10.24 1.94 -7.25
N ARG B 38 11.09 2.17 -8.24
CA ARG B 38 12.49 1.76 -8.14
C ARG B 38 13.38 2.97 -7.88
N ASN B 39 13.73 3.17 -6.62
CA ASN B 39 14.60 4.26 -6.23
C ASN B 39 15.93 3.70 -5.73
N PRO B 40 17.03 3.99 -6.45
CA PRO B 40 18.38 3.51 -6.11
C PRO B 40 18.75 3.72 -4.64
N VAL B 41 18.42 4.90 -4.13
CA VAL B 41 18.72 5.25 -2.73
C VAL B 41 18.08 4.26 -1.75
N LEU B 42 16.85 3.85 -2.04
CA LEU B 42 16.14 2.91 -1.19
C LEU B 42 16.51 1.48 -1.54
N LYS B 43 16.82 1.26 -2.81
CA LYS B 43 17.20 -0.04 -3.33
C LYS B 43 18.41 -0.59 -2.59
N ALA B 44 19.36 0.30 -2.30
CA ALA B 44 20.59 -0.07 -1.60
C ALA B 44 20.30 -0.60 -0.20
N PHE B 45 19.28 -0.04 0.44
CA PHE B 45 18.91 -0.45 1.80
C PHE B 45 18.32 -1.85 1.83
N TRP B 46 17.51 -2.17 0.81
CA TRP B 46 16.85 -3.47 0.71
C TRP B 46 17.83 -4.65 0.84
N ASN B 47 19.04 -4.46 0.34
CA ASN B 47 20.06 -5.50 0.40
C ASN B 47 20.53 -5.76 1.82
N SER B 48 20.48 -4.71 2.65
CA SER B 48 20.91 -4.80 4.03
C SER B 48 19.74 -5.05 4.98
N VAL B 49 18.53 -5.04 4.44
CA VAL B 49 17.33 -5.27 5.25
C VAL B 49 17.25 -6.73 5.67
N PRO B 50 17.20 -6.99 6.99
CA PRO B 50 17.12 -8.35 7.54
C PRO B 50 15.88 -9.10 7.03
N LEU B 51 16.12 -10.17 6.30
CA LEU B 51 15.05 -10.98 5.71
C LEU B 51 13.99 -11.41 6.72
N LYS B 52 14.39 -12.25 7.67
CA LYS B 52 13.46 -12.76 8.68
C LYS B 52 12.83 -11.66 9.52
N GLN B 53 13.64 -10.73 10.00
CA GLN B 53 13.15 -9.63 10.83
C GLN B 53 12.12 -8.78 10.08
N ALA B 54 12.36 -8.55 8.80
CA ALA B 54 11.45 -7.76 7.98
C ALA B 54 10.16 -8.56 7.73
N THR B 55 10.31 -9.86 7.53
CA THR B 55 9.17 -10.74 7.28
C THR B 55 8.17 -10.67 8.45
N ALA B 56 8.70 -10.66 9.66
CA ALA B 56 7.86 -10.59 10.86
C ALA B 56 7.15 -9.25 10.93
N ALA B 57 7.88 -8.18 10.64
CA ALA B 57 7.32 -6.84 10.68
C ALA B 57 6.24 -6.67 9.61
N LEU B 58 6.50 -7.22 8.43
CA LEU B 58 5.56 -7.16 7.32
C LEU B 58 4.22 -7.79 7.72
N ARG B 59 4.29 -8.88 8.46
CA ARG B 59 3.09 -9.57 8.92
C ARG B 59 2.38 -8.74 9.98
N LYS B 60 3.15 -8.12 10.86
CA LYS B 60 2.60 -7.29 11.92
C LYS B 60 1.85 -6.08 11.35
N ILE B 61 2.51 -5.34 10.47
CA ILE B 61 1.91 -4.17 9.86
C ILE B 61 0.70 -4.55 9.01
N LYS B 62 0.85 -5.63 8.22
CA LYS B 62 -0.23 -6.10 7.36
C LYS B 62 -1.47 -6.44 8.20
N ARG B 63 -1.22 -6.98 9.39
CA ARG B 63 -2.29 -7.35 10.30
C ARG B 63 -3.06 -6.11 10.77
N THR B 64 -2.31 -5.05 11.06
CA THR B 64 -2.89 -3.79 11.52
C THR B 64 -3.75 -3.15 10.43
N VAL B 65 -3.22 -3.13 9.20
CA VAL B 65 -3.93 -2.54 8.07
C VAL B 65 -5.20 -3.33 7.76
N SER B 66 -5.09 -4.66 7.76
CA SER B 66 -6.24 -5.51 7.50
C SER B 66 -7.30 -5.35 8.59
N ALA B 67 -6.83 -5.12 9.82
CA ALA B 67 -7.73 -4.95 10.95
C ALA B 67 -8.55 -3.67 10.80
N LEU B 68 -7.90 -2.63 10.28
CA LEU B 68 -8.57 -1.36 10.08
C LEU B 68 -9.58 -1.46 8.94
N MET B 69 -9.23 -2.23 7.91
CA MET B 69 -10.09 -2.43 6.74
C MET B 69 -11.41 -3.09 7.14
N VAL B 70 -11.34 -4.07 8.03
CA VAL B 70 -12.54 -4.76 8.48
C VAL B 70 -13.22 -3.99 9.61
N GLY B 71 -12.45 -3.18 10.32
CA GLY B 71 -12.98 -2.39 11.41
C GLY B 71 -13.98 -1.36 10.91
N LEU B 72 -13.74 -0.85 9.72
CA LEU B 72 -14.62 0.13 9.09
C LEU B 72 -16.01 -0.46 8.89
N GLN B 73 -16.05 -1.77 8.62
CA GLN B 73 -17.31 -2.47 8.40
C GLN B 73 -18.09 -2.59 9.70
N LYS B 74 -17.37 -2.70 10.80
CA LYS B 74 -17.99 -2.82 12.12
C LYS B 74 -18.57 -1.47 12.53
N ARG B 75 -18.09 -0.42 11.88
CA ARG B 75 -18.56 0.93 12.14
C ARG B 75 -19.76 1.24 11.26
N GLY B 76 -19.84 0.54 10.13
CA GLY B 76 -20.95 0.74 9.21
C GLY B 76 -22.16 -0.07 9.64
N LYS B 77 -21.92 -1.35 9.93
CA LYS B 77 -22.98 -2.24 10.35
C LYS B 77 -22.79 -2.64 11.82
N ARG B 78 -23.64 -2.11 12.67
CA ARG B 78 -23.57 -2.38 14.11
C ARG B 78 -24.23 -3.71 14.43
N ARG B 79 -23.58 -4.50 15.27
CA ARG B 79 -24.12 -5.80 15.66
C ARG B 79 -24.67 -5.76 17.08
N VAL A 1 1.64 17.05 -14.61
CA VAL A 1 1.17 15.75 -15.08
C VAL A 1 2.26 15.00 -15.84
N SER A 2 2.70 13.88 -15.28
CA SER A 2 3.74 13.07 -15.90
C SER A 2 3.13 11.98 -16.78
N LYS A 3 1.80 11.96 -16.85
CA LYS A 3 1.07 10.97 -17.65
C LYS A 3 1.23 9.57 -17.07
N GLU A 4 1.32 8.57 -17.94
CA GLU A 4 1.48 7.17 -17.52
C GLU A 4 0.39 6.77 -16.52
N THR A 5 0.73 5.90 -15.59
CA THR A 5 -0.21 5.47 -14.57
C THR A 5 -0.16 6.43 -13.38
N ALA A 6 0.80 7.35 -13.42
CA ALA A 6 0.96 8.33 -12.36
C ALA A 6 -0.24 9.27 -12.33
N THR A 7 -0.78 9.57 -13.50
CA THR A 7 -1.94 10.43 -13.60
C THR A 7 -3.22 9.68 -13.26
N LYS A 8 -3.08 8.38 -12.98
CA LYS A 8 -4.22 7.54 -12.62
C LYS A 8 -4.16 7.24 -11.13
N THR A 9 -3.24 7.90 -10.44
CA THR A 9 -3.05 7.73 -9.01
C THR A 9 -3.24 9.06 -8.29
N ARG A 10 -4.24 9.10 -7.41
CA ARG A 10 -4.56 10.29 -6.63
C ARG A 10 -5.00 11.43 -7.55
N GLN A 11 -5.76 11.08 -8.59
CA GLN A 11 -6.24 12.06 -9.55
C GLN A 11 -7.73 11.85 -9.79
N PRO A 12 -8.46 12.91 -10.15
CA PRO A 12 -9.90 12.83 -10.42
C PRO A 12 -10.20 11.91 -11.61
N ARG A 13 -11.45 11.44 -11.67
CA ARG A 13 -11.89 10.55 -12.74
C ARG A 13 -11.02 9.30 -12.79
N VAL A 14 -10.87 8.66 -11.63
CA VAL A 14 -10.04 7.47 -11.49
C VAL A 14 -10.82 6.20 -11.91
N GLN A 15 -11.65 6.34 -12.94
CA GLN A 15 -12.43 5.21 -13.46
C GLN A 15 -11.52 4.11 -14.00
N MET A 16 -11.49 2.99 -13.29
CA MET A 16 -10.66 1.86 -13.66
C MET A 16 -11.42 0.56 -13.39
N PRO A 17 -10.92 -0.58 -13.89
CA PRO A 17 -11.55 -1.88 -13.65
C PRO A 17 -11.69 -2.16 -12.14
N ASN A 18 -12.63 -3.02 -11.80
CA ASN A 18 -12.91 -3.38 -10.40
C ASN A 18 -11.64 -3.73 -9.63
N GLY A 19 -10.80 -4.59 -10.21
CA GLY A 19 -9.58 -5.00 -9.56
C GLY A 19 -8.59 -3.85 -9.39
N LEU A 20 -8.50 -3.02 -10.41
CA LEU A 20 -7.59 -1.88 -10.39
C LEU A 20 -8.01 -0.86 -9.33
N VAL A 21 -9.31 -0.63 -9.21
CA VAL A 21 -9.83 0.31 -8.22
C VAL A 21 -9.48 -0.15 -6.81
N LEU A 22 -9.66 -1.44 -6.56
CA LEU A 22 -9.36 -2.02 -5.25
C LEU A 22 -7.87 -1.89 -4.93
N MET A 23 -7.04 -2.19 -5.91
CA MET A 23 -5.59 -2.11 -5.75
C MET A 23 -5.13 -0.67 -5.55
N ARG A 24 -5.88 0.27 -6.12
CA ARG A 24 -5.54 1.69 -5.99
C ARG A 24 -6.07 2.24 -4.66
N MET A 25 -7.26 1.79 -4.28
CA MET A 25 -7.88 2.23 -3.03
C MET A 25 -7.02 1.88 -1.82
N MET A 26 -6.42 0.69 -1.84
CA MET A 26 -5.57 0.25 -0.74
C MET A 26 -4.36 1.17 -0.55
N GLY A 27 -3.83 1.68 -1.66
CA GLY A 27 -2.68 2.57 -1.58
C GLY A 27 -3.07 3.95 -1.12
N ILE A 28 -4.20 4.44 -1.64
CA ILE A 28 -4.69 5.76 -1.27
C ILE A 28 -5.04 5.82 0.21
N LEU A 29 -5.74 4.80 0.69
CA LEU A 29 -6.15 4.73 2.09
C LEU A 29 -4.94 4.64 3.03
N TRP A 30 -3.80 4.25 2.49
CA TRP A 30 -2.58 4.15 3.29
C TRP A 30 -1.86 5.49 3.34
N HIS A 31 -1.73 6.12 2.18
CA HIS A 31 -1.05 7.41 2.07
C HIS A 31 -1.88 8.52 2.72
N ALA A 32 -3.19 8.33 2.78
CA ALA A 32 -4.10 9.30 3.37
C ALA A 32 -3.75 9.61 4.82
N VAL A 33 -3.29 8.59 5.54
CA VAL A 33 -2.93 8.74 6.96
C VAL A 33 -1.67 9.57 7.13
N ALA A 34 -0.92 9.76 6.06
CA ALA A 34 0.31 10.54 6.11
C ALA A 34 0.05 11.99 5.74
N GLY A 35 -1.20 12.29 5.43
CA GLY A 35 -1.55 13.65 5.06
C GLY A 35 -1.72 13.80 3.57
N THR A 36 -2.54 12.94 2.98
CA THR A 36 -2.80 12.97 1.55
C THR A 36 -4.23 12.53 1.27
N ALA A 37 -4.62 12.50 -0.01
CA ALA A 37 -5.97 12.09 -0.44
C ALA A 37 -6.99 13.21 -0.24
N ARG A 38 -7.44 13.78 -1.34
CA ARG A 38 -8.41 14.86 -1.30
C ARG A 38 -9.44 14.71 -2.42
N ASN A 39 -9.51 13.52 -3.00
CA ASN A 39 -10.44 13.26 -4.09
C ASN A 39 -11.71 12.61 -3.58
N PRO A 40 -12.84 13.33 -3.63
CA PRO A 40 -14.14 12.84 -3.16
C PRO A 40 -14.61 11.63 -3.97
N VAL A 41 -14.11 11.51 -5.19
CA VAL A 41 -14.47 10.40 -6.07
C VAL A 41 -14.13 9.07 -5.43
N LEU A 42 -12.99 9.03 -4.74
CA LEU A 42 -12.55 7.81 -4.08
C LEU A 42 -13.48 7.44 -2.93
N LYS A 43 -14.05 8.46 -2.29
CA LYS A 43 -14.98 8.25 -1.19
C LYS A 43 -16.33 7.79 -1.74
N ALA A 44 -16.73 8.39 -2.85
CA ALA A 44 -17.99 8.04 -3.50
C ALA A 44 -17.92 6.61 -4.02
N PHE A 45 -16.77 6.25 -4.60
CA PHE A 45 -16.57 4.91 -5.13
C PHE A 45 -16.71 3.87 -4.02
N TRP A 46 -16.15 4.20 -2.85
CA TRP A 46 -16.20 3.31 -1.70
C TRP A 46 -17.65 3.11 -1.22
N ASN A 47 -18.48 4.11 -1.47
CA ASN A 47 -19.89 4.05 -1.09
C ASN A 47 -20.73 3.39 -2.18
N SER A 48 -20.17 3.30 -3.39
CA SER A 48 -20.87 2.69 -4.51
C SER A 48 -20.64 1.18 -4.54
N VAL A 49 -19.55 0.74 -3.93
CA VAL A 49 -19.21 -0.68 -3.87
C VAL A 49 -19.79 -1.31 -2.61
N PRO A 50 -20.45 -2.48 -2.76
CA PRO A 50 -21.04 -3.21 -1.62
C PRO A 50 -20.00 -3.58 -0.57
N LEU A 51 -20.33 -3.36 0.70
CA LEU A 51 -19.43 -3.65 1.81
C LEU A 51 -19.00 -5.11 1.81
N LYS A 52 -19.94 -6.00 1.54
CA LYS A 52 -19.68 -7.44 1.51
C LYS A 52 -18.67 -7.79 0.43
N GLN A 53 -18.89 -7.27 -0.76
CA GLN A 53 -18.01 -7.54 -1.90
C GLN A 53 -16.64 -6.90 -1.73
N ALA A 54 -16.62 -5.69 -1.18
CA ALA A 54 -15.38 -4.96 -0.96
C ALA A 54 -14.47 -5.68 0.01
N THR A 55 -15.03 -6.07 1.15
CA THR A 55 -14.25 -6.77 2.18
C THR A 55 -13.71 -8.09 1.64
N ALA A 56 -14.51 -8.78 0.82
CA ALA A 56 -14.09 -10.05 0.23
C ALA A 56 -12.89 -9.84 -0.70
N ALA A 57 -12.98 -8.82 -1.54
CA ALA A 57 -11.91 -8.50 -2.47
C ALA A 57 -10.66 -8.08 -1.73
N LEU A 58 -10.84 -7.26 -0.68
CA LEU A 58 -9.72 -6.80 0.12
C LEU A 58 -9.00 -7.96 0.81
N ARG A 59 -9.75 -8.96 1.21
CA ARG A 59 -9.19 -10.14 1.87
C ARG A 59 -8.41 -10.97 0.86
N LYS A 60 -8.94 -11.06 -0.36
CA LYS A 60 -8.31 -11.80 -1.43
C LYS A 60 -6.96 -11.20 -1.78
N ILE A 61 -6.89 -9.87 -1.77
CA ILE A 61 -5.67 -9.15 -2.06
C ILE A 61 -4.56 -9.53 -1.07
N LYS A 62 -4.93 -9.62 0.20
CA LYS A 62 -3.98 -9.98 1.26
C LYS A 62 -3.36 -11.35 1.01
N ARG A 63 -4.14 -12.25 0.42
CA ARG A 63 -3.67 -13.60 0.14
C ARG A 63 -2.61 -13.58 -0.97
N THR A 64 -2.87 -12.82 -2.03
CA THR A 64 -1.93 -12.72 -3.14
C THR A 64 -0.60 -12.16 -2.68
N VAL A 65 -0.65 -11.24 -1.72
CA VAL A 65 0.55 -10.62 -1.18
C VAL A 65 1.37 -11.65 -0.41
N SER A 66 0.69 -12.49 0.37
CA SER A 66 1.36 -13.53 1.13
C SER A 66 2.06 -14.52 0.21
N ALA A 67 1.38 -14.94 -0.85
CA ALA A 67 1.94 -15.88 -1.81
C ALA A 67 3.17 -15.28 -2.51
N LEU A 68 3.08 -13.99 -2.82
CA LEU A 68 4.17 -13.28 -3.48
C LEU A 68 5.36 -13.15 -2.53
N MET A 69 5.07 -12.84 -1.27
CA MET A 69 6.08 -12.67 -0.24
C MET A 69 6.94 -13.93 -0.09
N VAL A 70 6.28 -15.08 -0.05
CA VAL A 70 6.99 -16.35 0.09
C VAL A 70 7.77 -16.68 -1.18
N GLY A 71 7.16 -16.39 -2.33
CA GLY A 71 7.80 -16.64 -3.61
C GLY A 71 9.10 -15.88 -3.76
N LEU A 72 9.17 -14.70 -3.16
CA LEU A 72 10.36 -13.87 -3.22
C LEU A 72 11.53 -14.54 -2.50
N GLN A 73 11.22 -15.23 -1.41
CA GLN A 73 12.23 -15.92 -0.62
C GLN A 73 12.65 -17.24 -1.27
N LYS A 74 11.65 -18.02 -1.67
CA LYS A 74 11.90 -19.33 -2.29
C LYS A 74 12.72 -19.19 -3.58
N ARG A 75 12.26 -18.33 -4.48
CA ARG A 75 12.95 -18.13 -5.74
C ARG A 75 14.20 -17.27 -5.57
N GLY A 76 14.12 -16.27 -4.70
CA GLY A 76 15.25 -15.40 -4.47
C GLY A 76 15.43 -14.42 -5.61
N LYS A 77 14.38 -13.66 -5.89
CA LYS A 77 14.41 -12.70 -6.98
C LYS A 77 14.34 -11.28 -6.44
N ARG A 78 15.14 -10.40 -7.03
CA ARG A 78 15.17 -9.00 -6.63
C ARG A 78 14.74 -8.11 -7.79
N ARG A 79 13.59 -7.47 -7.65
CA ARG A 79 13.07 -6.58 -8.69
C ARG A 79 12.43 -5.35 -8.06
N VAL B 1 9.29 20.60 -1.11
CA VAL B 1 9.03 20.19 0.26
C VAL B 1 7.69 20.76 0.74
N SER B 2 6.81 19.88 1.20
CA SER B 2 5.49 20.29 1.68
C SER B 2 5.39 20.09 3.19
N LYS B 3 6.52 19.71 3.80
CA LYS B 3 6.60 19.47 5.24
C LYS B 3 5.81 18.23 5.65
N GLU B 4 5.58 18.08 6.96
CA GLU B 4 4.83 16.94 7.52
C GLU B 4 5.39 15.57 7.11
N THR B 5 4.67 14.50 7.44
CA THR B 5 5.10 13.15 7.13
C THR B 5 4.95 12.83 5.64
N ALA B 6 4.07 13.56 4.96
CA ALA B 6 3.82 13.35 3.54
C ALA B 6 5.08 13.57 2.70
N THR B 7 5.87 14.59 3.05
CA THR B 7 7.08 14.89 2.31
C THR B 7 8.19 13.87 2.60
N LYS B 8 8.12 13.25 3.78
CA LYS B 8 9.11 12.26 4.16
C LYS B 8 8.95 10.98 3.35
N THR B 9 7.80 10.83 2.72
CA THR B 9 7.53 9.67 1.88
C THR B 9 8.08 9.89 0.48
N ARG B 10 8.90 8.95 0.01
CA ARG B 10 9.52 9.03 -1.31
C ARG B 10 10.58 10.12 -1.35
N GLN B 11 11.07 10.48 -0.16
CA GLN B 11 12.07 11.53 -0.04
C GLN B 11 13.47 10.90 0.07
N PRO B 12 14.44 11.47 -0.65
CA PRO B 12 15.82 10.99 -0.63
C PRO B 12 16.42 11.15 0.77
N ARG B 13 17.20 10.15 1.19
CA ARG B 13 17.83 10.14 2.51
C ARG B 13 16.80 10.19 3.63
N VAL B 14 15.95 9.17 3.68
CA VAL B 14 14.92 9.09 4.68
C VAL B 14 15.20 7.97 5.67
N GLN B 15 15.25 8.31 6.95
CA GLN B 15 15.51 7.32 7.99
C GLN B 15 14.37 7.28 9.00
N MET B 16 13.90 6.09 9.27
CA MET B 16 12.81 5.86 10.21
C MET B 16 13.04 4.53 10.91
N PRO B 17 12.31 4.25 12.01
CA PRO B 17 12.43 2.99 12.72
C PRO B 17 12.16 1.79 11.80
N ASN B 18 12.70 0.64 12.16
CA ASN B 18 12.55 -0.59 11.38
C ASN B 18 11.10 -0.85 10.98
N GLY B 19 10.21 -0.87 11.97
CA GLY B 19 8.80 -1.13 11.72
C GLY B 19 8.14 -0.08 10.85
N LEU B 20 8.66 1.14 10.88
CA LEU B 20 8.11 2.23 10.09
C LEU B 20 8.58 2.15 8.64
N VAL B 21 9.85 1.85 8.43
CA VAL B 21 10.41 1.75 7.10
C VAL B 21 9.82 0.55 6.37
N LEU B 22 9.64 -0.55 7.10
CA LEU B 22 9.08 -1.77 6.55
C LEU B 22 7.73 -1.53 5.89
N MET B 23 6.89 -0.74 6.55
CA MET B 23 5.57 -0.43 6.03
C MET B 23 5.65 0.65 4.96
N ARG B 24 6.53 1.62 5.16
CA ARG B 24 6.69 2.72 4.21
C ARG B 24 7.17 2.19 2.86
N MET B 25 8.02 1.17 2.89
CA MET B 25 8.56 0.57 1.68
C MET B 25 7.45 0.01 0.79
N MET B 26 6.45 -0.63 1.41
CA MET B 26 5.33 -1.21 0.65
C MET B 26 4.54 -0.11 -0.06
N GLY B 27 4.52 1.08 0.53
CA GLY B 27 3.82 2.20 -0.06
C GLY B 27 4.62 2.81 -1.19
N ILE B 28 5.94 2.67 -1.11
CA ILE B 28 6.83 3.19 -2.14
C ILE B 28 6.78 2.27 -3.36
N LEU B 29 6.80 0.97 -3.11
CA LEU B 29 6.73 -0.02 -4.18
C LEU B 29 5.41 0.09 -4.92
N TRP B 30 4.40 0.61 -4.23
CA TRP B 30 3.09 0.80 -4.81
C TRP B 30 3.14 1.92 -5.84
N HIS B 31 3.94 2.94 -5.55
CA HIS B 31 4.12 4.08 -6.45
C HIS B 31 4.92 3.67 -7.68
N ALA B 32 5.74 2.64 -7.51
CA ALA B 32 6.57 2.14 -8.60
C ALA B 32 5.72 1.53 -9.69
N VAL B 33 4.57 0.99 -9.31
CA VAL B 33 3.66 0.37 -10.28
C VAL B 33 2.90 1.44 -11.07
N ALA B 34 2.96 2.68 -10.57
CA ALA B 34 2.29 3.79 -11.22
C ALA B 34 3.27 4.55 -12.12
N GLY B 35 4.55 4.25 -11.94
CA GLY B 35 5.58 4.92 -12.74
C GLY B 35 6.28 6.02 -11.96
N THR B 36 6.32 5.87 -10.65
CA THR B 36 6.98 6.85 -9.79
C THR B 36 8.06 6.17 -8.94
N ALA B 37 8.63 6.93 -8.00
CA ALA B 37 9.67 6.44 -7.08
C ALA B 37 11.05 6.40 -7.74
N ARG B 38 12.01 7.08 -7.12
CA ARG B 38 13.37 7.14 -7.62
C ARG B 38 14.35 7.44 -6.49
N ASN B 39 14.35 6.59 -5.47
CA ASN B 39 15.22 6.79 -4.32
C ASN B 39 16.27 5.68 -4.21
N PRO B 40 17.52 5.99 -4.60
CA PRO B 40 18.63 5.01 -4.56
C PRO B 40 18.96 4.56 -3.14
N VAL B 41 18.78 5.45 -2.18
CA VAL B 41 19.06 5.14 -0.77
C VAL B 41 18.09 4.07 -0.25
N LEU B 42 16.83 4.14 -0.69
CA LEU B 42 15.83 3.17 -0.26
C LEU B 42 16.21 1.77 -0.72
N LYS B 43 16.74 1.67 -1.94
CA LYS B 43 17.17 0.40 -2.49
C LYS B 43 18.38 -0.11 -1.74
N ALA B 44 19.29 0.80 -1.40
CA ALA B 44 20.50 0.45 -0.67
C ALA B 44 20.14 -0.09 0.71
N PHE B 45 19.24 0.60 1.40
CA PHE B 45 18.79 0.20 2.72
C PHE B 45 18.08 -1.15 2.64
N TRP B 46 17.28 -1.32 1.60
CA TRP B 46 16.54 -2.56 1.38
C TRP B 46 17.49 -3.73 1.14
N ASN B 47 18.63 -3.43 0.53
CA ASN B 47 19.65 -4.44 0.24
C ASN B 47 20.50 -4.72 1.48
N SER B 48 20.43 -3.84 2.47
CA SER B 48 21.19 -3.99 3.70
C SER B 48 20.39 -4.75 4.75
N VAL B 49 19.08 -4.58 4.71
CA VAL B 49 18.19 -5.25 5.66
C VAL B 49 17.97 -6.71 5.23
N PRO B 50 18.20 -7.65 6.15
CA PRO B 50 18.02 -9.08 5.88
C PRO B 50 16.60 -9.41 5.46
N LEU B 51 16.46 -10.12 4.35
CA LEU B 51 15.15 -10.49 3.83
C LEU B 51 14.36 -11.32 4.83
N LYS B 52 15.07 -12.12 5.61
CA LYS B 52 14.46 -12.96 6.62
C LYS B 52 13.77 -12.10 7.69
N GLN B 53 14.43 -11.01 8.07
CA GLN B 53 13.89 -10.11 9.07
C GLN B 53 12.80 -9.22 8.48
N ALA B 54 13.02 -8.78 7.25
CA ALA B 54 12.05 -7.94 6.56
C ALA B 54 10.74 -8.68 6.35
N THR B 55 10.83 -9.93 5.89
CA THR B 55 9.65 -10.75 5.66
C THR B 55 8.88 -10.98 6.96
N ALA B 56 9.61 -11.15 8.06
CA ALA B 56 9.00 -11.38 9.36
C ALA B 56 8.13 -10.18 9.77
N ALA B 57 8.60 -8.98 9.43
CA ALA B 57 7.88 -7.76 9.75
C ALA B 57 6.71 -7.54 8.78
N LEU B 58 6.86 -8.07 7.57
CA LEU B 58 5.82 -7.95 6.54
C LEU B 58 4.60 -8.81 6.90
N ARG B 59 4.83 -9.82 7.73
CA ARG B 59 3.74 -10.70 8.16
C ARG B 59 2.84 -9.99 9.16
N LYS B 60 3.44 -9.05 9.89
CA LYS B 60 2.71 -8.28 10.89
C LYS B 60 1.72 -7.33 10.24
N ILE B 61 2.21 -6.53 9.30
CA ILE B 61 1.39 -5.54 8.59
C ILE B 61 0.15 -6.17 7.96
N LYS B 62 0.30 -7.37 7.41
CA LYS B 62 -0.81 -8.07 6.76
C LYS B 62 -1.88 -8.52 7.75
N ARG B 63 -1.61 -8.37 9.04
CA ARG B 63 -2.56 -8.76 10.07
C ARG B 63 -3.26 -7.56 10.67
N THR B 64 -2.48 -6.55 11.05
CA THR B 64 -3.01 -5.33 11.66
C THR B 64 -4.01 -4.64 10.74
N VAL B 65 -3.68 -4.55 9.46
CA VAL B 65 -4.56 -3.91 8.48
C VAL B 65 -5.85 -4.69 8.30
N SER B 66 -5.76 -6.02 8.43
CA SER B 66 -6.94 -6.88 8.28
C SER B 66 -7.95 -6.57 9.38
N ALA B 67 -7.47 -6.40 10.60
CA ALA B 67 -8.34 -6.09 11.73
C ALA B 67 -9.01 -4.73 11.53
N LEU B 68 -8.27 -3.79 10.98
CA LEU B 68 -8.81 -2.45 10.72
C LEU B 68 -9.86 -2.48 9.62
N MET B 69 -9.62 -3.32 8.60
CA MET B 69 -10.53 -3.46 7.48
C MET B 69 -11.91 -3.91 7.97
N VAL B 70 -11.92 -4.92 8.85
CA VAL B 70 -13.16 -5.44 9.40
C VAL B 70 -13.77 -4.42 10.37
N GLY B 71 -12.91 -3.76 11.13
CA GLY B 71 -13.35 -2.77 12.10
C GLY B 71 -14.14 -1.64 11.47
N LEU B 72 -13.79 -1.29 10.22
CA LEU B 72 -14.49 -0.24 9.50
C LEU B 72 -15.95 -0.60 9.28
N GLN B 73 -16.21 -1.88 9.03
CA GLN B 73 -17.56 -2.36 8.80
C GLN B 73 -18.26 -2.62 10.13
N LYS B 74 -17.48 -3.03 11.11
CA LYS B 74 -17.99 -3.34 12.44
C LYS B 74 -18.54 -2.09 13.13
N ARG B 75 -17.78 -1.01 13.10
CA ARG B 75 -18.19 0.23 13.75
C ARG B 75 -18.92 1.17 12.79
N GLY B 76 -18.58 1.09 11.51
CA GLY B 76 -19.20 1.96 10.53
C GLY B 76 -18.70 3.39 10.66
N LYS B 77 -17.43 3.59 10.36
CA LYS B 77 -16.83 4.90 10.46
C LYS B 77 -16.22 5.35 9.15
N ARG B 78 -16.23 6.66 8.92
CA ARG B 78 -15.67 7.25 7.71
C ARG B 78 -14.82 8.46 8.07
N ARG B 79 -13.64 8.56 7.48
CA ARG B 79 -12.74 9.68 7.75
C ARG B 79 -12.03 10.15 6.48
#